data_6WA6
#
_entry.id   6WA6
#
_cell.length_a   66.650
_cell.length_b   280.440
_cell.length_c   290.410
_cell.angle_alpha   90.00
_cell.angle_beta   90.00
_cell.angle_gamma   90.00
#
_symmetry.space_group_name_H-M   'P 21 21 21'
#
loop_
_entity.id
_entity.type
_entity.pdbx_description
1 polymer 'Low calcium response locus protein D'
2 non-polymer GLYCEROL
3 water water
#
_entity_poly.entity_id   1
_entity_poly.type   'polypeptide(L)'
_entity_poly.pdbx_seq_one_letter_code
;MGSSHHHHHHSSGLVPRGSHMASTTVGAAGDGAATVGDNPDDYSLTLPVILELGKDLSKLIQHKTKSGQSFVDDMIPKMR
QALYQDIGIRYPGIHVRTDSPSLEGYDYMILLNEVPYVRGKIPPHHVLTNEVEDNLSRYNLPFITYKNAAGLPSAWVSED
AKAILEKAAIKYWTPLEVIILHLSYFFHKSSQEFLGIQEVRSMIEFMERSFPDLVKEVTRLIPLQKLTEIFKRLVQEQIS
IKDLRTILESLSEWAQTEKDTVLLTEYVRSSLKLYISFKFSQGQSAISVYLLDPEIEEMIRGAIKQTSAGSYLALDPDSV
NLILKSMRNTITPTPAGGQPPVLLTAIDVRRYVRKLIETEFPDIAVISYQEILPEIRIQPLGRIQIF
;
_entity_poly.pdbx_strand_id   A,B,C,D,E,F,G,H,I
#
# COMPACT_ATOMS: atom_id res chain seq x y z
N PRO A 40 -3.05 -11.49 -46.57
CA PRO A 40 -3.24 -12.82 -45.99
C PRO A 40 -4.39 -12.86 -44.96
N ASP A 41 -4.01 -13.02 -43.68
CA ASP A 41 -4.92 -12.85 -42.56
C ASP A 41 -4.81 -11.48 -41.92
N ASP A 42 -3.82 -10.68 -42.31
CA ASP A 42 -3.48 -9.48 -41.59
C ASP A 42 -4.19 -8.25 -42.11
N TYR A 43 -4.33 -7.27 -41.23
CA TYR A 43 -4.87 -5.97 -41.56
C TYR A 43 -3.79 -5.13 -42.24
N SER A 44 -4.22 -4.06 -42.90
CA SER A 44 -3.30 -3.20 -43.63
C SER A 44 -3.56 -1.78 -43.24
N LEU A 45 -2.49 -0.99 -43.22
CA LEU A 45 -2.65 0.41 -42.90
C LEU A 45 -3.04 1.15 -44.17
N THR A 46 -4.12 1.92 -44.12
CA THR A 46 -4.54 2.70 -45.28
C THR A 46 -3.50 3.73 -45.67
N LEU A 47 -3.18 3.78 -46.99
CA LEU A 47 -2.17 4.74 -47.50
C LEU A 47 -2.78 6.12 -47.65
N PRO A 48 -2.28 7.14 -46.95
CA PRO A 48 -2.93 8.46 -47.03
C PRO A 48 -2.89 9.13 -48.40
N VAL A 49 -1.78 9.08 -49.15
CA VAL A 49 -1.70 9.73 -50.47
C VAL A 49 -1.08 8.79 -51.50
N ILE A 50 -1.82 8.52 -52.56
CA ILE A 50 -1.30 7.76 -53.69
C ILE A 50 -1.36 8.65 -54.91
N LEU A 51 -0.29 8.63 -55.71
CA LEU A 51 -0.21 9.24 -57.03
C LEU A 51 -0.08 8.11 -58.04
N GLU A 52 -1.12 7.97 -58.88
CA GLU A 52 -1.17 6.93 -59.94
C GLU A 52 -0.75 7.60 -61.26
N LEU A 53 0.09 6.91 -62.04
CA LEU A 53 0.57 7.45 -63.30
C LEU A 53 0.34 6.48 -64.47
N GLY A 54 -0.09 7.02 -65.60
CA GLY A 54 -0.17 6.25 -66.81
C GLY A 54 1.22 5.95 -67.41
N LYS A 55 1.19 5.18 -68.50
CA LYS A 55 2.41 4.56 -69.01
C LYS A 55 3.47 5.59 -69.36
N ASP A 56 3.08 6.72 -69.96
CA ASP A 56 4.07 7.68 -70.43
C ASP A 56 4.61 8.53 -69.29
N LEU A 57 3.73 9.07 -68.45
CA LEU A 57 4.21 9.78 -67.28
C LEU A 57 5.09 8.87 -66.44
N SER A 58 4.69 7.59 -66.37
CA SER A 58 5.44 6.57 -65.60
C SER A 58 6.85 6.41 -66.20
N LYS A 59 7.02 6.83 -67.45
CA LYS A 59 8.33 6.74 -68.16
C LYS A 59 9.11 8.04 -67.95
N LEU A 60 8.41 9.10 -67.52
CA LEU A 60 9.05 10.43 -67.27
C LEU A 60 9.60 10.46 -65.84
N ILE A 61 9.22 9.48 -65.02
CA ILE A 61 9.68 9.41 -63.60
C ILE A 61 10.86 8.43 -63.51
N GLN A 62 11.40 8.03 -64.67
CA GLN A 62 12.54 7.08 -64.72
C GLN A 62 13.82 7.84 -65.07
N HIS A 63 13.67 9.03 -65.65
CA HIS A 63 14.85 9.80 -66.05
CA HIS A 63 14.87 9.78 -66.01
C HIS A 63 14.95 11.06 -65.17
N LYS A 64 16.17 11.43 -64.79
CA LYS A 64 16.32 12.65 -64.01
C LYS A 64 16.13 13.86 -64.90
N THR A 65 15.67 14.96 -64.32
CA THR A 65 15.49 16.22 -65.05
C THR A 65 16.82 16.78 -65.55
N LYS A 66 16.72 17.86 -66.32
CA LYS A 66 17.90 18.50 -66.91
C LYS A 66 18.89 18.95 -65.84
N SER A 67 18.37 19.49 -64.73
CA SER A 67 19.20 19.90 -63.61
C SER A 67 19.60 18.74 -62.71
N GLY A 68 19.34 17.51 -63.13
CA GLY A 68 19.73 16.35 -62.36
C GLY A 68 18.87 16.01 -61.17
N GLN A 69 17.65 16.55 -61.11
CA GLN A 69 16.74 16.29 -59.95
C GLN A 69 15.84 15.08 -60.23
N SER A 70 15.71 14.18 -59.25
CA SER A 70 14.85 13.01 -59.35
C SER A 70 13.48 13.38 -58.83
N PHE A 71 12.45 12.91 -59.53
CA PHE A 71 11.09 13.24 -59.15
C PHE A 71 10.78 12.70 -57.76
N VAL A 72 11.20 11.46 -57.50
CA VAL A 72 10.81 10.77 -56.28
C VAL A 72 11.69 11.15 -55.10
N ASP A 73 12.98 11.34 -55.35
CA ASP A 73 13.92 11.62 -54.27
C ASP A 73 14.13 13.10 -53.99
N ASP A 74 13.86 13.99 -54.96
CA ASP A 74 14.09 15.42 -54.75
C ASP A 74 12.81 16.25 -54.85
N MET A 75 12.08 16.14 -55.96
CA MET A 75 11.00 17.08 -56.21
C MET A 75 9.88 16.93 -55.19
N ILE A 76 9.48 15.69 -54.89
CA ILE A 76 8.41 15.44 -53.92
C ILE A 76 8.88 15.82 -52.51
N PRO A 77 10.04 15.33 -52.05
CA PRO A 77 10.56 15.81 -50.76
C PRO A 77 10.67 17.33 -50.65
N LYS A 78 11.18 18.02 -51.67
CA LYS A 78 11.30 19.47 -51.59
C LYS A 78 9.94 20.10 -51.41
N MET A 79 8.94 19.57 -52.12
CA MET A 79 7.60 20.12 -52.03
C MET A 79 7.03 19.92 -50.63
N ARG A 80 7.25 18.75 -50.05
CA ARG A 80 6.80 18.49 -48.70
C ARG A 80 7.45 19.46 -47.71
N GLN A 81 8.78 19.58 -47.78
CA GLN A 81 9.50 20.51 -46.90
C GLN A 81 8.94 21.91 -47.00
N ALA A 82 8.67 22.36 -48.22
CA ALA A 82 8.13 23.70 -48.42
C ALA A 82 6.76 23.85 -47.77
N LEU A 83 5.91 22.83 -47.90
CA LEU A 83 4.61 22.91 -47.25
C LEU A 83 4.75 22.96 -45.74
N TYR A 84 5.69 22.18 -45.19
CA TYR A 84 5.89 22.16 -43.74
C TYR A 84 6.33 23.53 -43.25
N GLN A 85 7.26 24.15 -43.97
CA GLN A 85 7.75 25.46 -43.56
C GLN A 85 6.64 26.50 -43.63
N ASP A 86 5.75 26.36 -44.61
CA ASP A 86 4.76 27.40 -44.85
C ASP A 86 3.59 27.34 -43.87
N ILE A 87 3.25 26.17 -43.32
CA ILE A 87 2.14 26.08 -42.39
C ILE A 87 2.42 25.24 -41.13
N GLY A 88 3.50 24.48 -41.05
CA GLY A 88 3.77 23.72 -39.85
C GLY A 88 3.19 22.33 -39.76
N ILE A 89 2.52 21.85 -40.78
CA ILE A 89 2.09 20.47 -40.87
C ILE A 89 3.16 19.66 -41.58
N ARG A 90 3.48 18.49 -41.04
CA ARG A 90 4.30 17.53 -41.76
C ARG A 90 3.37 16.69 -42.63
N TYR A 91 3.43 16.88 -43.94
CA TYR A 91 2.56 16.17 -44.85
C TYR A 91 3.09 14.76 -45.11
N PRO A 92 2.20 13.80 -45.34
CA PRO A 92 2.65 12.42 -45.51
C PRO A 92 3.40 12.23 -46.81
N GLY A 93 4.15 11.15 -46.86
CA GLY A 93 4.83 10.79 -48.08
C GLY A 93 3.85 10.32 -49.14
N ILE A 94 4.36 10.27 -50.36
CA ILE A 94 3.54 9.99 -51.53
C ILE A 94 3.90 8.62 -52.09
N HIS A 95 2.92 7.72 -52.13
CA HIS A 95 3.14 6.42 -52.73
CA HIS A 95 3.13 6.41 -52.73
C HIS A 95 2.84 6.53 -54.23
N VAL A 96 3.79 6.13 -55.05
CA VAL A 96 3.71 6.34 -56.50
C VAL A 96 3.45 5.01 -57.20
N ARG A 97 2.23 4.83 -57.72
CA ARG A 97 1.88 3.68 -58.53
CA ARG A 97 1.90 3.68 -58.53
C ARG A 97 2.12 4.03 -60.00
N THR A 98 3.04 3.32 -60.65
CA THR A 98 3.25 3.50 -62.08
C THR A 98 2.40 2.51 -62.88
N ASP A 99 2.40 2.68 -64.19
CA ASP A 99 1.64 1.88 -65.15
C ASP A 99 0.26 1.51 -64.61
N SER A 100 -0.52 2.54 -64.33
CA SER A 100 -1.84 2.33 -63.76
C SER A 100 -2.73 1.71 -64.83
N PRO A 101 -3.51 0.68 -64.49
CA PRO A 101 -4.39 0.07 -65.50
C PRO A 101 -5.53 0.97 -65.92
N SER A 102 -6.01 1.84 -65.06
CA SER A 102 -7.17 2.68 -65.31
C SER A 102 -6.83 4.05 -65.88
N LEU A 103 -5.58 4.28 -66.26
CA LEU A 103 -5.17 5.60 -66.70
C LEU A 103 -4.54 5.52 -68.07
N GLU A 104 -4.79 6.55 -68.87
CA GLU A 104 -4.08 6.66 -70.13
C GLU A 104 -2.63 7.07 -69.87
N GLY A 105 -1.81 7.02 -70.92
CA GLY A 105 -0.38 7.27 -70.81
C GLY A 105 0.00 8.62 -70.20
N TYR A 106 -0.81 9.65 -70.43
CA TYR A 106 -0.53 11.02 -70.00
C TYR A 106 -1.49 11.48 -68.91
N ASP A 107 -2.13 10.52 -68.25
CA ASP A 107 -3.07 10.77 -67.18
C ASP A 107 -2.41 10.50 -65.83
N TYR A 108 -2.89 11.18 -64.80
CA TYR A 108 -2.42 10.92 -63.45
C TYR A 108 -3.61 11.04 -62.50
N MET A 109 -3.49 10.42 -61.33
CA MET A 109 -4.58 10.44 -60.36
C MET A 109 -4.01 10.61 -58.96
N ILE A 110 -4.70 11.41 -58.14
CA ILE A 110 -4.34 11.60 -56.73
C ILE A 110 -5.47 10.97 -55.92
N LEU A 111 -5.10 10.00 -55.11
CA LEU A 111 -6.06 9.32 -54.23
C LEU A 111 -5.78 9.70 -52.80
N LEU A 112 -6.81 10.12 -52.10
CA LEU A 112 -6.68 10.50 -50.69
C LEU A 112 -7.30 9.38 -49.87
N ASN A 113 -6.50 8.62 -49.16
CA ASN A 113 -6.96 7.50 -48.33
C ASN A 113 -7.58 6.46 -49.22
N GLU A 114 -6.90 6.17 -50.33
CA GLU A 114 -7.24 5.14 -51.30
C GLU A 114 -8.59 5.35 -51.96
N VAL A 115 -9.15 6.55 -51.81
CA VAL A 115 -10.31 7.00 -52.57
C VAL A 115 -9.81 8.03 -53.60
N PRO A 116 -10.18 7.90 -54.87
CA PRO A 116 -9.75 8.88 -55.87
C PRO A 116 -10.24 10.29 -55.57
N TYR A 117 -9.29 11.22 -55.49
CA TYR A 117 -9.55 12.63 -55.25
C TYR A 117 -9.58 13.45 -56.54
N VAL A 118 -8.63 13.22 -57.46
CA VAL A 118 -8.65 13.97 -58.71
C VAL A 118 -7.92 13.21 -59.81
N ARG A 119 -8.45 13.33 -61.02
CA ARG A 119 -7.74 12.93 -62.23
C ARG A 119 -7.19 14.18 -62.90
N GLY A 120 -6.09 14.02 -63.61
CA GLY A 120 -5.52 15.12 -64.36
C GLY A 120 -4.84 14.63 -65.61
N LYS A 121 -4.75 15.50 -66.60
CA LYS A 121 -4.13 15.17 -67.87
C LYS A 121 -2.92 16.08 -68.08
N ILE A 122 -1.92 15.55 -68.77
CA ILE A 122 -0.78 16.34 -69.23
C ILE A 122 -0.76 16.35 -70.76
N PRO A 123 -0.89 17.51 -71.39
CA PRO A 123 -0.86 17.56 -72.87
C PRO A 123 0.46 17.06 -73.39
N PRO A 124 0.45 16.05 -74.25
CA PRO A 124 1.70 15.37 -74.61
C PRO A 124 2.71 16.31 -75.26
N HIS A 125 3.95 16.19 -74.81
CA HIS A 125 5.08 16.90 -75.40
C HIS A 125 4.91 18.42 -75.29
N HIS A 126 4.39 18.86 -74.16
CA HIS A 126 4.22 20.28 -73.91
C HIS A 126 4.83 20.62 -72.57
N VAL A 127 4.88 21.93 -72.30
CA VAL A 127 5.25 22.48 -71.00
C VAL A 127 4.23 23.56 -70.70
N LEU A 128 4.03 23.83 -69.42
CA LEU A 128 2.97 24.75 -68.99
C LEU A 128 3.52 26.17 -68.84
N THR A 129 2.68 27.15 -69.15
CA THR A 129 3.03 28.55 -68.94
C THR A 129 1.81 29.25 -68.39
N ASN A 130 2.05 30.44 -67.86
CA ASN A 130 0.99 31.32 -67.41
C ASN A 130 0.81 32.51 -68.34
N GLU A 131 1.27 32.41 -69.58
CA GLU A 131 1.24 33.55 -70.47
C GLU A 131 -0.15 33.77 -71.05
N VAL A 132 -0.28 34.86 -71.80
CA VAL A 132 -1.53 35.22 -72.45
C VAL A 132 -1.32 35.24 -73.97
N GLU A 133 -2.43 35.18 -74.70
CA GLU A 133 -2.36 35.00 -76.14
C GLU A 133 -1.59 36.11 -76.82
N ASP A 134 -1.74 37.35 -76.33
CA ASP A 134 -1.05 38.44 -76.99
C ASP A 134 0.43 38.43 -76.70
N ASN A 135 0.88 37.78 -75.63
CA ASN A 135 2.31 37.66 -75.47
C ASN A 135 2.86 36.43 -76.20
N LEU A 136 2.17 35.29 -76.15
CA LEU A 136 2.66 34.10 -76.84
C LEU A 136 2.65 34.27 -78.36
N SER A 137 1.66 34.97 -78.91
CA SER A 137 1.73 35.15 -80.36
C SER A 137 2.76 36.19 -80.76
N ARG A 138 3.31 36.99 -79.82
CA ARG A 138 4.47 37.81 -80.15
C ARG A 138 5.64 36.95 -80.59
N TYR A 139 5.75 35.76 -80.02
CA TYR A 139 6.80 34.81 -80.38
C TYR A 139 6.32 33.77 -81.38
N ASN A 140 5.13 33.96 -81.93
CA ASN A 140 4.53 33.07 -82.91
C ASN A 140 4.42 31.65 -82.39
N LEU A 141 3.89 31.52 -81.17
CA LEU A 141 3.73 30.25 -80.47
C LEU A 141 2.26 29.89 -80.30
N PRO A 142 1.78 28.81 -80.91
CA PRO A 142 0.40 28.38 -80.64
C PRO A 142 0.35 27.78 -79.25
N PHE A 143 -0.85 27.75 -78.68
CA PHE A 143 -0.99 27.17 -77.35
C PHE A 143 -2.25 26.31 -77.25
N ILE A 144 -2.24 25.48 -76.21
CA ILE A 144 -3.35 24.59 -75.84
C ILE A 144 -3.79 24.97 -74.43
N THR A 145 -5.07 25.18 -74.24
CA THR A 145 -5.60 25.54 -72.92
C THR A 145 -6.13 24.30 -72.21
N TYR A 146 -5.59 24.03 -71.01
CA TYR A 146 -6.06 22.95 -70.13
C TYR A 146 -5.67 23.28 -68.71
N LYS A 147 -6.65 23.51 -67.84
CA LYS A 147 -6.38 23.89 -66.45
C LYS A 147 -6.53 22.65 -65.56
N ASN A 148 -5.42 22.26 -64.91
CA ASN A 148 -5.44 21.05 -64.09
C ASN A 148 -6.22 21.25 -62.79
N ALA A 149 -5.99 22.36 -62.11
CA ALA A 149 -6.69 22.67 -60.88
C ALA A 149 -6.94 24.15 -60.83
N ALA A 150 -7.84 24.56 -59.94
CA ALA A 150 -8.13 25.96 -59.83
C ALA A 150 -6.87 26.71 -59.42
N GLY A 151 -6.72 27.92 -59.91
CA GLY A 151 -5.54 28.69 -59.56
C GLY A 151 -4.22 28.22 -60.12
N LEU A 152 -4.24 27.37 -61.13
CA LEU A 152 -3.00 26.94 -61.77
C LEU A 152 -2.95 27.47 -63.20
N PRO A 153 -1.78 27.62 -63.79
CA PRO A 153 -1.70 28.04 -65.18
C PRO A 153 -2.34 27.02 -66.11
N SER A 154 -2.69 27.48 -67.33
CA SER A 154 -3.35 26.62 -68.30
C SER A 154 -2.85 26.80 -69.73
N ALA A 155 -1.79 27.56 -69.98
CA ALA A 155 -1.38 27.84 -71.35
C ALA A 155 -0.21 26.93 -71.70
N TRP A 156 -0.51 25.81 -72.35
CA TRP A 156 0.53 24.85 -72.70
C TRP A 156 1.14 25.20 -74.04
N VAL A 157 2.43 24.97 -74.13
CA VAL A 157 3.26 25.34 -75.28
C VAL A 157 4.17 24.17 -75.61
N SER A 158 4.37 23.92 -76.88
CA SER A 158 5.24 22.83 -77.29
C SER A 158 6.60 22.92 -76.61
N GLU A 159 7.08 21.76 -76.15
CA GLU A 159 8.42 21.72 -75.54
C GLU A 159 9.50 22.15 -76.52
N ASP A 160 9.24 22.06 -77.83
CA ASP A 160 10.22 22.54 -78.80
C ASP A 160 10.51 24.03 -78.61
N ALA A 161 9.66 24.75 -77.89
CA ALA A 161 9.82 26.17 -77.68
C ALA A 161 10.57 26.54 -76.39
N LYS A 162 11.10 25.54 -75.65
CA LYS A 162 11.80 25.86 -74.40
C LYS A 162 12.79 26.99 -74.61
N ALA A 163 13.68 26.83 -75.60
CA ALA A 163 14.68 27.83 -75.91
C ALA A 163 14.05 29.22 -76.13
N ILE A 164 13.02 29.30 -76.96
CA ILE A 164 12.46 30.62 -77.21
C ILE A 164 11.88 31.17 -75.93
N LEU A 165 11.18 30.31 -75.16
CA LEU A 165 10.60 30.73 -73.89
C LEU A 165 11.66 31.25 -72.91
N GLU A 166 12.86 30.67 -72.95
CA GLU A 166 13.92 31.16 -72.08
C GLU A 166 14.36 32.55 -72.52
N LYS A 167 14.56 32.77 -73.83
CA LYS A 167 15.03 34.07 -74.31
C LYS A 167 14.03 35.19 -74.02
N ALA A 168 12.75 34.88 -74.03
CA ALA A 168 11.69 35.84 -73.77
C ALA A 168 11.38 35.98 -72.29
N ALA A 169 12.09 35.25 -71.43
CA ALA A 169 11.89 35.31 -69.99
C ALA A 169 10.47 34.89 -69.59
N ILE A 170 9.96 33.84 -70.23
CA ILE A 170 8.64 33.27 -69.90
C ILE A 170 8.81 32.06 -68.99
N LYS A 171 8.26 32.15 -67.78
CA LYS A 171 8.34 31.02 -66.87
C LYS A 171 7.55 29.85 -67.43
N TYR A 172 8.14 28.66 -67.35
CA TYR A 172 7.41 27.48 -67.76
C TYR A 172 7.65 26.32 -66.80
N TRP A 173 6.70 25.39 -66.82
CA TRP A 173 6.74 24.21 -65.98
C TRP A 173 6.85 22.96 -66.81
N THR A 174 7.79 22.12 -66.43
CA THR A 174 7.90 20.80 -66.97
C THR A 174 6.65 19.99 -66.58
N PRO A 175 6.31 18.93 -67.32
CA PRO A 175 5.13 18.12 -66.94
C PRO A 175 5.19 17.59 -65.51
N LEU A 176 6.35 17.06 -65.11
CA LEU A 176 6.56 16.64 -63.73
C LEU A 176 6.38 17.81 -62.77
N GLU A 177 6.91 18.99 -63.13
CA GLU A 177 6.76 20.12 -62.23
C GLU A 177 5.29 20.49 -62.10
N VAL A 178 4.49 20.23 -63.13
CA VAL A 178 3.06 20.49 -63.04
C VAL A 178 2.41 19.51 -62.09
N ILE A 179 2.79 18.24 -62.18
CA ILE A 179 2.23 17.29 -61.23
C ILE A 179 2.54 17.75 -59.81
N ILE A 180 3.76 18.25 -59.58
CA ILE A 180 4.08 18.77 -58.25
C ILE A 180 3.23 19.99 -57.91
N LEU A 181 2.95 20.83 -58.88
CA LEU A 181 2.16 22.03 -58.58
C LEU A 181 0.77 21.56 -58.18
N HIS A 182 0.30 20.50 -58.77
CA HIS A 182 -1.04 20.01 -58.46
C HIS A 182 -1.07 19.31 -57.11
N LEU A 183 -0.08 18.45 -56.84
CA LEU A 183 0.07 17.84 -55.53
C LEU A 183 0.10 18.89 -54.44
N SER A 184 0.82 19.99 -54.68
CA SER A 184 0.92 21.03 -53.68
C SER A 184 -0.44 21.69 -53.44
N TYR A 185 -1.16 21.99 -54.50
CA TYR A 185 -2.50 22.54 -54.35
C TYR A 185 -3.38 21.60 -53.53
N PHE A 186 -3.26 20.29 -53.81
CA PHE A 186 -4.03 19.26 -53.10
C PHE A 186 -3.72 19.24 -51.62
N PHE A 187 -2.44 19.11 -51.28
CA PHE A 187 -2.05 19.13 -49.87
C PHE A 187 -2.54 20.39 -49.18
N HIS A 188 -2.44 21.54 -49.85
CA HIS A 188 -2.90 22.75 -49.19
C HIS A 188 -4.40 22.69 -48.92
N LYS A 189 -5.21 22.28 -49.92
CA LYS A 189 -6.64 22.22 -49.69
C LYS A 189 -7.04 21.15 -48.68
N SER A 190 -6.17 20.18 -48.40
CA SER A 190 -6.49 19.03 -47.57
C SER A 190 -5.76 19.00 -46.23
N SER A 191 -5.35 20.16 -45.72
CA SER A 191 -4.48 20.16 -44.54
C SER A 191 -5.12 19.43 -43.36
N GLN A 192 -6.40 19.69 -43.07
CA GLN A 192 -7.04 19.03 -41.95
C GLN A 192 -6.96 17.50 -42.04
N GLU A 193 -6.97 16.94 -43.25
CA GLU A 193 -6.90 15.50 -43.36
C GLU A 193 -5.62 14.94 -42.77
N PHE A 194 -4.62 15.78 -42.53
CA PHE A 194 -3.32 15.26 -42.11
C PHE A 194 -2.90 15.77 -40.73
N LEU A 195 -3.78 16.49 -40.06
CA LEU A 195 -3.50 17.10 -38.77
C LEU A 195 -4.55 16.57 -37.82
N GLY A 196 -4.23 15.45 -37.17
CA GLY A 196 -5.05 14.88 -36.13
C GLY A 196 -4.31 14.58 -34.83
N ILE A 197 -4.95 13.80 -33.95
CA ILE A 197 -4.43 13.63 -32.61
C ILE A 197 -3.04 13.01 -32.62
N GLN A 198 -2.83 11.98 -33.42
CA GLN A 198 -1.53 11.34 -33.42
C GLN A 198 -0.47 12.28 -33.93
N GLU A 199 -0.83 13.10 -34.91
CA GLU A 199 0.17 13.94 -35.55
C GLU A 199 0.58 15.08 -34.63
N VAL A 200 -0.39 15.69 -33.95
CA VAL A 200 -0.09 16.68 -32.95
C VAL A 200 0.78 16.08 -31.84
N ARG A 201 0.49 14.85 -31.44
CA ARG A 201 1.37 14.23 -30.48
C ARG A 201 2.78 14.10 -31.02
N SER A 202 2.93 13.88 -32.32
CA SER A 202 4.29 13.79 -32.86
C SER A 202 4.99 15.13 -32.78
N MET A 203 4.25 16.21 -33.07
CA MET A 203 4.83 17.54 -32.96
C MET A 203 5.26 17.84 -31.53
N ILE A 204 4.39 17.59 -30.56
CA ILE A 204 4.75 17.84 -29.18
C ILE A 204 5.93 16.98 -28.75
N GLU A 205 5.96 15.69 -29.14
CA GLU A 205 7.09 14.85 -28.78
C GLU A 205 8.39 15.42 -29.30
N PHE A 206 8.35 16.08 -30.46
CA PHE A 206 9.59 16.68 -30.96
C PHE A 206 9.95 17.96 -30.21
N MET A 207 8.94 18.77 -29.91
CA MET A 207 9.12 19.95 -29.09
C MET A 207 9.71 19.58 -27.72
N GLU A 208 9.31 18.44 -27.16
CA GLU A 208 9.74 17.99 -25.82
C GLU A 208 11.25 17.87 -25.67
N ARG A 209 11.98 17.60 -26.76
CA ARG A 209 13.41 17.30 -26.63
C ARG A 209 14.19 18.49 -26.12
N SER A 210 13.87 19.69 -26.61
CA SER A 210 14.59 20.89 -26.19
C SER A 210 13.70 21.88 -25.42
N PHE A 211 12.40 21.64 -25.31
CA PHE A 211 11.51 22.48 -24.49
C PHE A 211 10.67 21.63 -23.54
N PRO A 212 11.28 20.69 -22.82
CA PRO A 212 10.45 19.77 -22.02
C PRO A 212 9.62 20.48 -20.97
N ASP A 213 10.13 21.54 -20.37
CA ASP A 213 9.36 22.19 -19.32
C ASP A 213 8.25 23.07 -19.87
N LEU A 214 8.50 23.78 -20.96
CA LEU A 214 7.41 24.51 -21.62
C LEU A 214 6.26 23.57 -22.02
N VAL A 215 6.61 22.43 -22.63
CA VAL A 215 5.60 21.45 -23.01
C VAL A 215 4.90 20.88 -21.78
N LYS A 216 5.67 20.57 -20.74
CA LYS A 216 5.09 20.06 -19.50
C LYS A 216 4.05 21.02 -18.94
N GLU A 217 4.35 22.33 -18.94
CA GLU A 217 3.38 23.30 -18.44
CA GLU A 217 3.36 23.26 -18.40
C GLU A 217 2.14 23.37 -19.33
N VAL A 218 2.32 23.23 -20.65
CA VAL A 218 1.15 23.32 -21.50
C VAL A 218 0.26 22.08 -21.36
N THR A 219 0.86 20.88 -21.42
CA THR A 219 0.06 19.67 -21.35
C THR A 219 -0.55 19.42 -19.96
N ARG A 220 0.00 20.02 -18.91
CA ARG A 220 -0.66 19.96 -17.60
C ARG A 220 -2.00 20.69 -17.62
N LEU A 221 -2.21 21.58 -18.59
CA LEU A 221 -3.40 22.42 -18.62
C LEU A 221 -4.33 22.14 -19.78
N ILE A 222 -3.80 21.63 -20.89
CA ILE A 222 -4.57 21.42 -22.10
C ILE A 222 -4.31 19.96 -22.47
N PRO A 223 -5.32 19.09 -22.43
CA PRO A 223 -5.10 17.72 -22.88
C PRO A 223 -4.94 17.69 -24.39
N LEU A 224 -4.26 16.64 -24.86
CA LEU A 224 -3.87 16.50 -26.26
C LEU A 224 -5.04 16.71 -27.23
N GLN A 225 -6.22 16.23 -26.91
CA GLN A 225 -7.34 16.37 -27.85
C GLN A 225 -7.73 17.85 -27.97
N LYS A 226 -7.65 18.57 -26.85
CA LYS A 226 -7.98 20.01 -26.82
C LYS A 226 -6.90 20.76 -27.63
N LEU A 227 -5.63 20.38 -27.41
CA LEU A 227 -4.50 20.97 -28.12
C LEU A 227 -4.68 20.79 -29.62
N THR A 228 -5.03 19.57 -30.03
CA THR A 228 -5.28 19.27 -31.42
C THR A 228 -6.41 20.12 -31.98
N GLU A 229 -7.51 20.26 -31.23
CA GLU A 229 -8.55 21.16 -31.70
C GLU A 229 -7.99 22.56 -31.98
N ILE A 230 -7.12 23.09 -31.09
CA ILE A 230 -6.64 24.45 -31.25
C ILE A 230 -5.75 24.56 -32.48
N PHE A 231 -4.80 23.64 -32.64
CA PHE A 231 -3.93 23.71 -33.82
C PHE A 231 -4.76 23.64 -35.10
N LYS A 232 -5.78 22.80 -35.09
CA LYS A 232 -6.61 22.67 -36.28
C LYS A 232 -7.36 23.97 -36.58
N ARG A 233 -7.90 24.64 -35.55
CA ARG A 233 -8.55 25.92 -35.78
C ARG A 233 -7.57 26.93 -36.37
N LEU A 234 -6.31 26.88 -35.92
CA LEU A 234 -5.32 27.80 -36.45
C LEU A 234 -5.09 27.59 -37.95
N VAL A 235 -4.74 26.36 -38.34
CA VAL A 235 -4.42 26.17 -39.76
C VAL A 235 -5.67 26.31 -40.62
N GLN A 236 -6.86 26.12 -40.04
CA GLN A 236 -8.09 26.29 -40.81
C GLN A 236 -8.23 27.71 -41.34
N GLU A 237 -7.64 28.70 -40.65
CA GLU A 237 -7.70 30.09 -41.11
C GLU A 237 -6.34 30.58 -41.60
N GLN A 238 -5.51 29.64 -42.09
CA GLN A 238 -4.22 29.91 -42.73
CA GLN A 238 -4.24 29.96 -42.74
C GLN A 238 -3.19 30.52 -41.78
N ILE A 239 -3.31 30.26 -40.48
CA ILE A 239 -2.31 30.66 -39.50
C ILE A 239 -1.37 29.49 -39.29
N SER A 240 -0.09 29.68 -39.64
CA SER A 240 0.90 28.61 -39.58
C SER A 240 1.14 28.17 -38.14
N ILE A 241 1.38 26.88 -37.93
CA ILE A 241 1.69 26.39 -36.59
C ILE A 241 3.14 25.93 -36.53
N LYS A 242 3.98 26.51 -37.40
CA LYS A 242 5.38 26.13 -37.44
C LYS A 242 6.14 26.68 -36.23
N ASP A 243 5.77 27.87 -35.74
CA ASP A 243 6.49 28.47 -34.62
C ASP A 243 5.87 27.94 -33.32
N LEU A 244 6.26 26.71 -32.97
CA LEU A 244 5.70 26.06 -31.79
C LEU A 244 6.08 26.77 -30.49
N ARG A 245 7.30 27.33 -30.39
CA ARG A 245 7.65 28.00 -29.13
C ARG A 245 6.73 29.17 -28.87
N THR A 246 6.44 29.98 -29.89
CA THR A 246 5.56 31.12 -29.63
C THR A 246 4.17 30.66 -29.20
N ILE A 247 3.63 29.66 -29.91
CA ILE A 247 2.26 29.20 -29.64
C ILE A 247 2.18 28.58 -28.25
N LEU A 248 3.13 27.71 -27.91
CA LEU A 248 3.11 27.06 -26.61
C LEU A 248 3.30 28.11 -25.51
N GLU A 249 4.21 29.06 -25.74
CA GLU A 249 4.47 30.15 -24.77
C GLU A 249 3.18 30.92 -24.51
N SER A 250 2.36 31.09 -25.54
CA SER A 250 1.08 31.81 -25.44
C SER A 250 0.08 31.02 -24.64
N LEU A 251 -0.06 29.72 -24.99
CA LEU A 251 -0.97 28.85 -24.27
C LEU A 251 -0.56 28.75 -22.80
N SER A 252 0.74 28.65 -22.52
CA SER A 252 1.19 28.52 -21.16
C SER A 252 0.78 29.73 -20.34
N GLU A 253 0.70 30.90 -20.99
CA GLU A 253 0.22 32.04 -20.23
C GLU A 253 -1.29 32.02 -20.06
N TRP A 254 -2.04 31.80 -21.14
CA TRP A 254 -3.48 32.06 -21.05
C TRP A 254 -4.29 30.88 -20.51
N ALA A 255 -3.80 29.66 -20.64
CA ALA A 255 -4.51 28.50 -20.12
C ALA A 255 -4.53 28.46 -18.61
N GLN A 256 -3.83 29.36 -17.91
CA GLN A 256 -3.94 29.36 -16.46
C GLN A 256 -5.30 29.86 -16.02
N THR A 257 -5.94 30.71 -16.82
CA THR A 257 -7.20 31.34 -16.44
C THR A 257 -8.37 31.01 -17.37
N GLU A 258 -8.11 30.72 -18.64
CA GLU A 258 -9.16 30.52 -19.63
C GLU A 258 -9.12 29.08 -20.12
N LYS A 259 -10.29 28.43 -20.14
CA LYS A 259 -10.33 27.06 -20.60
C LYS A 259 -10.99 26.88 -21.95
N ASP A 260 -11.76 27.88 -22.42
CA ASP A 260 -12.41 27.80 -23.73
C ASP A 260 -11.37 27.63 -24.82
N THR A 261 -11.56 26.65 -25.70
CA THR A 261 -10.56 26.46 -26.75
C THR A 261 -10.59 27.59 -27.79
N VAL A 262 -11.76 28.20 -28.01
CA VAL A 262 -11.83 29.28 -28.99
C VAL A 262 -11.08 30.50 -28.48
N LEU A 263 -11.26 30.84 -27.20
CA LEU A 263 -10.56 31.97 -26.62
C LEU A 263 -9.06 31.74 -26.54
N LEU A 264 -8.64 30.51 -26.22
CA LEU A 264 -7.22 30.22 -26.28
C LEU A 264 -6.70 30.44 -27.69
N THR A 265 -7.50 30.04 -28.68
CA THR A 265 -7.10 30.24 -30.06
C THR A 265 -6.98 31.72 -30.37
N GLU A 266 -7.90 32.56 -29.87
CA GLU A 266 -7.76 33.99 -30.14
C GLU A 266 -6.45 34.49 -29.58
N TYR A 267 -6.13 34.12 -28.33
CA TYR A 267 -4.91 34.62 -27.72
C TYR A 267 -3.69 34.22 -28.52
N VAL A 268 -3.63 32.95 -28.98
CA VAL A 268 -2.49 32.53 -29.82
C VAL A 268 -2.38 33.41 -31.05
N ARG A 269 -3.52 33.66 -31.70
CA ARG A 269 -3.51 34.50 -32.88
C ARG A 269 -2.92 35.87 -32.55
N SER A 270 -3.40 36.50 -31.49
CA SER A 270 -2.91 37.83 -31.14
C SER A 270 -1.45 37.79 -30.76
N SER A 271 -0.97 36.63 -30.38
CA SER A 271 0.43 36.47 -30.06
C SER A 271 1.29 36.30 -31.31
N LEU A 272 0.68 36.01 -32.46
CA LEU A 272 1.42 35.86 -33.72
C LEU A 272 1.43 37.12 -34.60
N LYS A 273 1.40 38.31 -33.98
CA LYS A 273 1.38 39.59 -34.71
C LYS A 273 2.41 39.67 -35.84
N LEU A 274 3.67 39.35 -35.54
CA LEU A 274 4.70 39.50 -36.57
C LEU A 274 4.38 38.64 -37.79
N TYR A 275 4.05 37.37 -37.57
CA TYR A 275 3.74 36.43 -38.65
C TYR A 275 2.52 36.90 -39.45
N ILE A 276 1.45 37.27 -38.74
CA ILE A 276 0.21 37.64 -39.41
C ILE A 276 0.40 38.90 -40.24
N SER A 277 1.03 39.92 -39.66
CA SER A 277 1.27 41.16 -40.41
C SER A 277 2.12 40.90 -41.64
N PHE A 278 3.19 40.13 -41.48
CA PHE A 278 4.03 39.88 -42.65
C PHE A 278 3.29 39.09 -43.71
N LYS A 279 2.54 38.07 -43.31
CA LYS A 279 1.89 37.19 -44.27
C LYS A 279 0.83 37.93 -45.07
N PHE A 280 -0.10 38.57 -44.36
CA PHE A 280 -1.28 39.11 -45.02
C PHE A 280 -1.07 40.48 -45.64
N SER A 281 0.00 41.15 -45.32
CA SER A 281 0.44 42.29 -46.08
C SER A 281 1.31 41.87 -47.25
N GLN A 282 1.51 40.57 -47.46
CA GLN A 282 2.39 40.08 -48.51
C GLN A 282 3.75 40.74 -48.45
N GLY A 283 4.17 41.11 -47.23
CA GLY A 283 5.52 41.59 -47.04
C GLY A 283 5.71 43.04 -47.39
N GLN A 284 4.64 43.83 -47.31
CA GLN A 284 4.65 45.19 -47.78
C GLN A 284 4.61 46.14 -46.59
N SER A 285 4.86 47.41 -46.87
CA SER A 285 4.89 48.41 -45.82
C SER A 285 3.49 48.80 -45.35
N ALA A 286 2.48 48.06 -45.79
CA ALA A 286 1.10 48.43 -45.56
C ALA A 286 0.22 47.26 -45.95
N ILE A 287 -0.65 46.88 -45.04
CA ILE A 287 -1.61 45.80 -45.26
C ILE A 287 -2.86 46.40 -45.90
N SER A 288 -3.34 45.79 -46.98
CA SER A 288 -4.54 46.26 -47.67
C SER A 288 -5.72 45.39 -47.27
N VAL A 289 -6.76 46.02 -46.75
CA VAL A 289 -7.85 45.33 -46.06
C VAL A 289 -9.18 45.96 -46.43
N TYR A 290 -10.25 45.21 -46.22
CA TYR A 290 -11.59 45.77 -46.22
C TYR A 290 -11.95 45.99 -44.76
N LEU A 291 -12.80 46.98 -44.51
CA LEU A 291 -13.19 47.31 -43.15
C LEU A 291 -14.69 47.13 -43.04
N LEU A 292 -15.20 47.14 -41.80
CA LEU A 292 -16.62 47.02 -41.54
C LEU A 292 -17.15 48.36 -41.08
N ASP A 293 -18.24 48.81 -41.67
CA ASP A 293 -18.89 50.02 -41.21
C ASP A 293 -19.18 49.88 -39.72
N PRO A 294 -19.00 50.93 -38.92
CA PRO A 294 -19.34 50.84 -37.49
C PRO A 294 -20.70 50.21 -37.21
N GLU A 295 -21.68 50.49 -38.06
CA GLU A 295 -23.02 49.96 -37.89
C GLU A 295 -23.01 48.44 -37.99
N ILE A 296 -22.24 47.88 -38.91
CA ILE A 296 -22.16 46.43 -39.02
C ILE A 296 -21.52 45.84 -37.76
N GLU A 297 -20.43 46.45 -37.26
CA GLU A 297 -19.77 45.94 -36.06
C GLU A 297 -20.71 45.96 -34.86
N GLU A 298 -21.40 47.09 -34.67
CA GLU A 298 -22.35 47.14 -33.55
C GLU A 298 -23.48 46.13 -33.76
N MET A 299 -23.89 45.94 -35.02
CA MET A 299 -24.98 45.00 -35.36
C MET A 299 -24.51 43.55 -35.13
N ILE A 300 -23.19 43.33 -35.18
CA ILE A 300 -22.61 41.96 -34.97
C ILE A 300 -22.10 41.86 -33.53
N ARG A 301 -22.51 42.78 -32.66
CA ARG A 301 -22.07 42.78 -31.24
C ARG A 301 -23.18 42.14 -30.38
N GLY A 302 -24.18 41.53 -31.02
CA GLY A 302 -25.30 40.89 -30.31
C GLY A 302 -24.96 39.45 -29.93
N ALA A 303 -23.73 39.21 -29.47
CA ALA A 303 -23.28 37.86 -29.08
C ALA A 303 -24.09 37.39 -27.87
N ILE A 304 -24.37 36.08 -27.80
CA ILE A 304 -25.14 35.50 -26.67
C ILE A 304 -24.21 35.36 -25.46
N LYS A 305 -23.12 34.61 -25.61
CA LYS A 305 -22.14 34.40 -24.52
C LYS A 305 -22.82 33.92 -23.24
N GLN A 306 -23.32 32.69 -23.32
CA GLN A 306 -24.07 32.09 -22.22
C GLN A 306 -23.18 31.76 -21.03
N THR A 307 -23.83 31.29 -19.96
CA THR A 307 -23.16 30.67 -18.83
C THR A 307 -22.86 29.22 -19.18
N SER A 308 -22.20 29.01 -20.32
CA SER A 308 -22.01 27.67 -20.89
C SER A 308 -20.61 27.63 -21.50
N ALA A 309 -20.38 26.63 -22.36
CA ALA A 309 -19.08 26.45 -23.01
C ALA A 309 -18.64 27.73 -23.72
N GLY A 310 -19.41 28.18 -24.70
CA GLY A 310 -19.01 29.31 -25.52
C GLY A 310 -20.11 30.33 -25.79
N SER A 311 -20.18 30.78 -27.05
CA SER A 311 -21.09 31.86 -27.43
C SER A 311 -21.61 31.63 -28.84
N TYR A 312 -22.91 31.84 -29.01
CA TYR A 312 -23.53 31.82 -30.33
C TYR A 312 -23.53 33.23 -30.90
N LEU A 313 -23.51 33.32 -32.23
CA LEU A 313 -23.80 34.58 -32.93
C LEU A 313 -25.27 34.52 -33.35
N ALA A 314 -26.13 35.07 -32.50
CA ALA A 314 -27.57 34.94 -32.71
C ALA A 314 -28.14 36.08 -33.54
N LEU A 315 -27.48 36.36 -34.66
CA LEU A 315 -27.93 37.40 -35.59
C LEU A 315 -28.94 36.78 -36.55
N ASP A 316 -30.06 37.47 -36.76
CA ASP A 316 -31.14 36.86 -37.51
C ASP A 316 -30.81 36.75 -39.00
N PRO A 317 -31.54 35.88 -39.73
CA PRO A 317 -31.25 35.69 -41.16
C PRO A 317 -31.16 36.94 -42.05
N ASP A 318 -32.16 37.83 -42.03
CA ASP A 318 -32.15 38.95 -42.98
C ASP A 318 -30.91 39.83 -42.83
N SER A 319 -30.38 39.98 -41.60
CA SER A 319 -29.17 40.79 -41.43
C SER A 319 -27.94 40.07 -41.99
N VAL A 320 -27.87 38.76 -41.78
CA VAL A 320 -26.77 37.99 -42.36
C VAL A 320 -26.76 38.11 -43.87
N ASN A 321 -27.95 38.09 -44.50
CA ASN A 321 -27.95 38.19 -45.95
C ASN A 321 -27.67 39.63 -46.41
N LEU A 322 -27.90 40.63 -45.56
CA LEU A 322 -27.52 41.97 -46.01
C LEU A 322 -26.02 42.17 -45.88
N ILE A 323 -25.39 41.55 -44.89
CA ILE A 323 -23.95 41.74 -44.77
C ILE A 323 -23.26 40.93 -45.87
N LEU A 324 -23.77 39.73 -46.15
CA LEU A 324 -23.23 38.94 -47.25
C LEU A 324 -23.38 39.66 -48.57
N LYS A 325 -24.51 40.35 -48.78
CA LYS A 325 -24.72 41.05 -50.06
C LYS A 325 -23.72 42.17 -50.22
N SER A 326 -23.58 43.01 -49.19
CA SER A 326 -22.58 44.07 -49.26
C SER A 326 -21.23 43.48 -49.59
N MET A 327 -20.92 42.32 -49.04
CA MET A 327 -19.63 41.72 -49.34
C MET A 327 -19.55 41.31 -50.81
N ARG A 328 -20.61 40.71 -51.34
CA ARG A 328 -20.58 40.32 -52.74
C ARG A 328 -20.33 41.52 -53.64
N ASN A 329 -20.92 42.65 -53.28
CA ASN A 329 -20.84 43.83 -54.12
C ASN A 329 -19.64 44.73 -53.84
N THR A 330 -18.83 44.43 -52.84
CA THR A 330 -17.70 45.31 -52.53
C THR A 330 -16.33 44.67 -52.68
N ILE A 331 -16.16 43.41 -52.28
CA ILE A 331 -14.85 42.76 -52.28
C ILE A 331 -14.58 42.24 -53.69
N THR A 332 -13.78 42.95 -54.49
CA THR A 332 -13.51 42.54 -55.86
C THR A 332 -13.10 41.06 -55.90
N PRO A 333 -13.83 40.22 -56.64
CA PRO A 333 -13.58 38.78 -56.60
C PRO A 333 -12.12 38.45 -56.89
N THR A 334 -11.68 37.31 -56.36
CA THR A 334 -10.29 36.93 -56.46
C THR A 334 -10.06 36.04 -57.69
N PRO A 335 -9.23 36.45 -58.64
CA PRO A 335 -8.94 35.60 -59.80
C PRO A 335 -8.26 34.29 -59.42
N ALA A 336 -7.98 33.46 -60.43
CA ALA A 336 -7.27 32.20 -60.23
C ALA A 336 -5.78 32.46 -60.18
N GLY A 337 -5.16 32.19 -59.03
CA GLY A 337 -3.76 32.44 -58.81
C GLY A 337 -3.46 33.72 -58.07
N GLY A 338 -4.46 34.35 -57.48
CA GLY A 338 -4.26 35.61 -56.78
C GLY A 338 -4.44 35.48 -55.29
N GLN A 339 -3.94 36.46 -54.56
CA GLN A 339 -4.10 36.47 -53.12
C GLN A 339 -5.56 36.68 -52.74
N PRO A 340 -6.06 35.97 -51.74
CA PRO A 340 -7.40 36.27 -51.23
C PRO A 340 -7.38 37.58 -50.46
N PRO A 341 -8.53 38.21 -50.30
CA PRO A 341 -8.58 39.49 -49.59
C PRO A 341 -8.59 39.32 -48.07
N VAL A 342 -8.34 40.45 -47.39
CA VAL A 342 -8.23 40.53 -45.94
C VAL A 342 -9.36 41.42 -45.45
N LEU A 343 -10.02 40.98 -44.38
CA LEU A 343 -11.11 41.72 -43.75
C LEU A 343 -10.65 42.02 -42.33
N LEU A 344 -10.42 43.30 -42.03
CA LEU A 344 -9.90 43.75 -40.74
C LEU A 344 -11.06 44.25 -39.89
N THR A 345 -11.26 43.63 -38.74
CA THR A 345 -12.40 43.93 -37.90
C THR A 345 -11.94 44.20 -36.49
N ALA A 346 -12.89 44.60 -35.67
CA ALA A 346 -12.61 44.80 -34.26
C ALA A 346 -12.24 43.48 -33.59
N ILE A 347 -11.57 43.59 -32.44
CA ILE A 347 -11.11 42.42 -31.72
C ILE A 347 -12.28 41.55 -31.31
N ASP A 348 -13.26 42.14 -30.62
CA ASP A 348 -14.32 41.36 -30.00
C ASP A 348 -15.32 40.78 -30.98
N VAL A 349 -15.26 41.07 -32.28
CA VAL A 349 -16.20 40.48 -33.22
C VAL A 349 -15.53 39.59 -34.26
N ARG A 350 -14.20 39.55 -34.33
CA ARG A 350 -13.51 38.89 -35.44
C ARG A 350 -13.96 37.44 -35.64
N ARG A 351 -13.90 36.61 -34.58
CA ARG A 351 -14.25 35.19 -34.74
C ARG A 351 -15.70 35.02 -35.20
N TYR A 352 -16.60 35.90 -34.75
CA TYR A 352 -17.99 35.81 -35.19
C TYR A 352 -18.13 36.18 -36.66
N VAL A 353 -17.45 37.23 -37.10
CA VAL A 353 -17.45 37.60 -38.52
C VAL A 353 -16.94 36.44 -39.36
N ARG A 354 -15.85 35.81 -38.93
CA ARG A 354 -15.37 34.64 -39.65
C ARG A 354 -16.45 33.57 -39.74
N LYS A 355 -17.17 33.32 -38.64
CA LYS A 355 -18.19 32.28 -38.67
C LYS A 355 -19.30 32.67 -39.63
N LEU A 356 -19.66 33.94 -39.63
CA LEU A 356 -20.74 34.48 -40.44
C LEU A 356 -20.44 34.37 -41.93
N ILE A 357 -19.18 34.52 -42.33
CA ILE A 357 -18.86 34.56 -43.76
C ILE A 357 -18.12 33.32 -44.24
N GLU A 358 -17.76 32.39 -43.34
CA GLU A 358 -16.91 31.28 -43.78
C GLU A 358 -17.59 30.41 -44.82
N THR A 359 -18.91 30.43 -44.89
CA THR A 359 -19.59 29.55 -45.82
C THR A 359 -19.59 30.12 -47.23
N GLU A 360 -19.88 31.40 -47.38
CA GLU A 360 -19.85 32.00 -48.70
C GLU A 360 -18.47 32.53 -49.08
N PHE A 361 -17.67 32.96 -48.11
CA PHE A 361 -16.37 33.56 -48.33
C PHE A 361 -15.29 32.77 -47.60
N PRO A 362 -15.08 31.52 -48.01
CA PRO A 362 -14.19 30.64 -47.23
C PRO A 362 -12.73 31.05 -47.27
N ASP A 363 -12.25 31.75 -48.30
CA ASP A 363 -10.82 32.04 -48.35
C ASP A 363 -10.45 33.42 -47.84
N ILE A 364 -11.44 34.23 -47.45
CA ILE A 364 -11.16 35.58 -46.93
C ILE A 364 -10.55 35.44 -45.56
N ALA A 365 -9.41 36.11 -45.33
CA ALA A 365 -8.80 36.12 -44.01
C ALA A 365 -9.45 37.21 -43.16
N VAL A 366 -10.02 36.82 -42.02
CA VAL A 366 -10.60 37.78 -41.09
C VAL A 366 -9.60 37.96 -39.95
N ILE A 367 -9.00 39.16 -39.86
CA ILE A 367 -8.03 39.46 -38.82
C ILE A 367 -8.47 40.68 -38.05
N SER A 368 -7.88 40.87 -36.86
CA SER A 368 -8.25 41.97 -35.98
C SER A 368 -7.04 42.82 -35.60
N TYR A 369 -7.34 44.00 -35.04
CA TYR A 369 -6.29 44.96 -34.68
C TYR A 369 -5.32 44.36 -33.67
N GLN A 370 -5.77 43.41 -32.90
CA GLN A 370 -4.97 42.69 -31.92
C GLN A 370 -3.93 41.79 -32.59
N GLU A 371 -4.02 41.60 -33.91
CA GLU A 371 -3.25 40.58 -34.59
C GLU A 371 -2.26 41.14 -35.60
N ILE A 372 -2.21 42.47 -35.75
CA ILE A 372 -1.26 43.14 -36.61
C ILE A 372 -0.36 44.03 -35.79
N LEU A 373 0.82 44.32 -36.35
CA LEU A 373 1.76 45.19 -35.68
C LEU A 373 1.14 46.57 -35.50
N PRO A 374 1.33 47.20 -34.35
CA PRO A 374 0.73 48.53 -34.14
C PRO A 374 1.19 49.58 -35.14
N GLU A 375 2.37 49.42 -35.73
CA GLU A 375 2.93 50.41 -36.63
C GLU A 375 2.71 50.10 -38.11
N ILE A 376 1.89 49.11 -38.45
CA ILE A 376 1.70 48.75 -39.85
C ILE A 376 0.70 49.74 -40.45
N ARG A 377 1.06 50.31 -41.60
CA ARG A 377 0.13 51.23 -42.28
C ARG A 377 -1.10 50.45 -42.72
N ILE A 378 -2.26 51.06 -42.64
CA ILE A 378 -3.49 50.37 -43.03
C ILE A 378 -4.04 51.03 -44.28
N GLN A 379 -4.15 50.23 -45.33
CA GLN A 379 -4.66 50.70 -46.61
C GLN A 379 -6.05 50.11 -46.83
N PRO A 380 -7.11 50.86 -46.58
CA PRO A 380 -8.46 50.39 -46.89
C PRO A 380 -8.64 50.14 -48.38
N LEU A 381 -9.37 49.07 -48.69
CA LEU A 381 -9.86 48.83 -50.04
C LEU A 381 -11.33 49.16 -50.16
N GLY A 382 -12.07 49.12 -49.07
CA GLY A 382 -13.49 49.41 -49.09
C GLY A 382 -14.11 49.16 -47.74
N ARG A 383 -15.34 49.66 -47.62
CA ARG A 383 -16.14 49.53 -46.42
C ARG A 383 -17.35 48.67 -46.73
N ILE A 384 -17.58 47.66 -45.90
CA ILE A 384 -18.78 46.87 -45.95
C ILE A 384 -19.86 47.62 -45.20
N GLN A 385 -20.92 48.02 -45.89
CA GLN A 385 -21.94 48.84 -45.26
C GLN A 385 -23.31 48.34 -45.65
N ILE A 386 -24.34 48.97 -45.09
CA ILE A 386 -25.71 48.65 -45.39
C ILE A 386 -26.39 49.93 -45.83
N PHE A 387 -26.97 49.93 -47.03
CA PHE A 387 -27.55 51.14 -47.55
C PHE A 387 -29.03 51.26 -47.25
N PRO B 40 -10.74 -36.93 -32.83
CA PRO B 40 -10.22 -36.46 -31.55
C PRO B 40 -11.22 -36.59 -30.39
N ASP B 41 -10.98 -35.84 -29.30
CA ASP B 41 -11.93 -35.76 -28.21
C ASP B 41 -11.97 -34.34 -27.60
N ASP B 42 -11.43 -33.35 -28.29
CA ASP B 42 -11.40 -31.96 -27.85
C ASP B 42 -12.51 -31.17 -28.51
N TYR B 43 -12.72 -29.94 -28.02
CA TYR B 43 -13.75 -29.12 -28.62
C TYR B 43 -13.30 -28.68 -30.01
N SER B 44 -14.26 -28.30 -30.83
CA SER B 44 -14.00 -27.89 -32.20
C SER B 44 -14.72 -26.59 -32.48
N LEU B 45 -14.06 -25.71 -33.22
CA LEU B 45 -14.64 -24.42 -33.56
C LEU B 45 -15.52 -24.52 -34.79
N THR B 46 -16.73 -23.98 -34.71
CA THR B 46 -17.66 -23.98 -35.84
C THR B 46 -17.04 -23.25 -37.04
N LEU B 47 -17.16 -23.84 -38.23
CA LEU B 47 -16.61 -23.20 -39.43
C LEU B 47 -17.53 -22.09 -39.91
N PRO B 48 -17.05 -20.85 -40.00
CA PRO B 48 -17.95 -19.76 -40.43
C PRO B 48 -18.51 -19.92 -41.83
N VAL B 49 -17.68 -20.26 -42.83
CA VAL B 49 -18.18 -20.39 -44.20
C VAL B 49 -17.67 -21.67 -44.86
N ILE B 50 -18.60 -22.48 -45.35
CA ILE B 50 -18.29 -23.67 -46.14
C ILE B 50 -18.92 -23.52 -47.52
N LEU B 51 -18.17 -23.92 -48.56
CA LEU B 51 -18.64 -24.00 -49.94
C LEU B 51 -18.63 -25.46 -50.35
N GLU B 52 -19.81 -26.04 -50.58
CA GLU B 52 -19.93 -27.40 -51.07
C GLU B 52 -20.19 -27.39 -52.57
N LEU B 53 -19.54 -28.31 -53.28
CA LEU B 53 -19.60 -28.37 -54.74
C LEU B 53 -20.11 -29.73 -55.18
N GLY B 54 -20.92 -29.73 -56.23
CA GLY B 54 -21.43 -30.96 -56.81
C GLY B 54 -20.36 -31.76 -57.53
N LYS B 55 -20.76 -32.95 -58.00
CA LYS B 55 -19.81 -33.86 -58.65
C LYS B 55 -19.08 -33.15 -59.80
N ASP B 56 -19.82 -32.38 -60.61
CA ASP B 56 -19.25 -31.79 -61.83
C ASP B 56 -18.50 -30.49 -61.56
N LEU B 57 -19.07 -29.58 -60.76
CA LEU B 57 -18.33 -28.35 -60.41
C LEU B 57 -17.01 -28.69 -59.76
N SER B 58 -16.99 -29.77 -58.97
CA SER B 58 -15.77 -30.20 -58.29
C SER B 58 -14.66 -30.50 -59.28
N LYS B 59 -14.99 -31.14 -60.41
CA LYS B 59 -13.99 -31.38 -61.45
C LYS B 59 -13.31 -30.10 -61.93
N LEU B 60 -14.03 -28.97 -61.93
CA LEU B 60 -13.43 -27.72 -62.40
C LEU B 60 -12.23 -27.29 -61.56
N ILE B 61 -12.12 -27.80 -60.34
CA ILE B 61 -11.00 -27.50 -59.46
C ILE B 61 -10.18 -28.73 -59.12
N GLN B 62 -10.51 -29.91 -59.67
CA GLN B 62 -9.75 -31.13 -59.39
C GLN B 62 -8.51 -31.24 -60.23
N HIS B 63 -8.33 -30.37 -61.21
CA HIS B 63 -7.12 -30.32 -62.01
C HIS B 63 -6.41 -29.01 -61.71
N LYS B 64 -5.07 -29.08 -61.70
CA LYS B 64 -4.25 -27.94 -61.33
C LYS B 64 -4.10 -27.03 -62.55
N THR B 65 -4.49 -25.76 -62.41
CA THR B 65 -4.39 -24.81 -63.49
C THR B 65 -3.07 -24.04 -63.39
N LYS B 66 -2.82 -23.19 -64.39
CA LYS B 66 -1.66 -22.33 -64.40
C LYS B 66 -1.55 -21.57 -63.08
N SER B 67 -0.31 -21.26 -62.70
CA SER B 67 -0.10 -20.50 -61.47
C SER B 67 -0.86 -19.18 -61.54
N GLY B 68 -1.41 -18.78 -60.41
CA GLY B 68 -2.25 -17.60 -60.38
C GLY B 68 -3.67 -17.85 -60.82
N GLN B 69 -3.95 -19.02 -61.38
CA GLN B 69 -5.26 -19.35 -61.91
C GLN B 69 -5.90 -20.50 -61.12
N SER B 70 -5.70 -20.54 -59.80
CA SER B 70 -6.29 -21.56 -58.95
C SER B 70 -7.48 -21.01 -58.19
N PHE B 71 -8.55 -21.80 -58.15
CA PHE B 71 -9.75 -21.35 -57.45
C PHE B 71 -9.50 -21.18 -55.94
N VAL B 72 -8.85 -22.16 -55.30
CA VAL B 72 -8.69 -22.06 -53.85
C VAL B 72 -7.44 -21.28 -53.46
N ASP B 73 -6.38 -21.35 -54.26
CA ASP B 73 -5.14 -20.71 -53.86
C ASP B 73 -5.04 -19.26 -54.32
N ASP B 74 -5.72 -18.88 -55.40
CA ASP B 74 -5.65 -17.53 -55.93
C ASP B 74 -6.98 -16.80 -55.93
N MET B 75 -8.02 -17.39 -56.54
CA MET B 75 -9.27 -16.67 -56.77
C MET B 75 -9.98 -16.32 -55.46
N ILE B 76 -10.04 -17.27 -54.53
CA ILE B 76 -10.70 -17.05 -53.25
C ILE B 76 -9.91 -16.05 -52.42
N PRO B 77 -8.59 -16.22 -52.25
CA PRO B 77 -7.83 -15.17 -51.55
C PRO B 77 -8.00 -13.80 -52.17
N LYS B 78 -7.94 -13.70 -53.51
CA LYS B 78 -8.11 -12.39 -54.15
C LYS B 78 -9.48 -11.82 -53.85
N MET B 79 -10.51 -12.66 -53.76
CA MET B 79 -11.82 -12.13 -53.42
C MET B 79 -11.82 -11.62 -51.99
N ARG B 80 -11.21 -12.38 -51.07
CA ARG B 80 -11.17 -11.92 -49.69
C ARG B 80 -10.46 -10.57 -49.59
N GLN B 81 -9.31 -10.45 -50.26
CA GLN B 81 -8.58 -9.19 -50.22
C GLN B 81 -9.42 -8.05 -50.80
N ALA B 82 -10.12 -8.30 -51.91
CA ALA B 82 -10.90 -7.21 -52.47
C ALA B 82 -12.02 -6.80 -51.53
N LEU B 83 -12.67 -7.76 -50.86
CA LEU B 83 -13.72 -7.38 -49.92
C LEU B 83 -13.15 -6.53 -48.78
N TYR B 84 -11.98 -6.93 -48.29
CA TYR B 84 -11.30 -6.19 -47.18
C TYR B 84 -10.83 -4.82 -47.69
N GLN B 85 -11.07 -4.55 -48.97
CA GLN B 85 -10.66 -3.25 -49.58
C GLN B 85 -11.88 -2.32 -49.65
N ASP B 86 -12.97 -2.79 -50.27
CA ASP B 86 -14.21 -1.99 -50.40
C ASP B 86 -14.73 -1.60 -49.01
N ILE B 87 -14.82 -2.58 -48.10
CA ILE B 87 -15.30 -2.33 -46.71
C ILE B 87 -14.19 -2.73 -45.73
N GLY B 88 -14.23 -2.18 -44.52
CA GLY B 88 -13.22 -2.50 -43.48
C GLY B 88 -13.61 -3.72 -42.67
N ILE B 89 -13.60 -4.91 -43.29
CA ILE B 89 -13.97 -6.17 -42.60
C ILE B 89 -13.19 -7.33 -43.23
N ARG B 90 -12.32 -7.94 -42.46
CA ARG B 90 -11.56 -9.10 -42.93
C ARG B 90 -12.48 -10.31 -42.77
N TYR B 91 -13.09 -10.75 -43.84
CA TYR B 91 -14.01 -11.89 -43.83
C TYR B 91 -13.24 -13.21 -43.64
N PRO B 92 -13.87 -14.19 -43.02
CA PRO B 92 -13.18 -15.46 -42.75
C PRO B 92 -12.85 -16.20 -44.03
N GLY B 93 -11.96 -17.18 -43.89
CA GLY B 93 -11.64 -18.04 -45.00
C GLY B 93 -12.80 -18.92 -45.41
N ILE B 94 -12.64 -19.57 -46.56
CA ILE B 94 -13.68 -20.40 -47.16
C ILE B 94 -13.23 -21.85 -47.11
N HIS B 95 -14.00 -22.71 -46.45
CA HIS B 95 -13.67 -24.14 -46.43
C HIS B 95 -14.46 -24.80 -47.55
N VAL B 96 -13.74 -25.45 -48.47
CA VAL B 96 -14.32 -25.93 -49.72
C VAL B 96 -14.45 -27.45 -49.63
N ARG B 97 -15.70 -27.92 -49.53
CA ARG B 97 -16.02 -29.35 -49.58
C ARG B 97 -16.35 -29.71 -51.02
N THR B 98 -15.63 -30.70 -51.56
CA THR B 98 -15.83 -31.17 -52.93
C THR B 98 -16.53 -32.53 -52.94
N ASP B 99 -17.23 -32.80 -54.04
CA ASP B 99 -17.99 -34.03 -54.25
C ASP B 99 -19.03 -34.22 -53.13
N SER B 100 -19.90 -33.21 -53.01
CA SER B 100 -20.88 -33.18 -51.95
C SER B 100 -21.91 -34.28 -52.11
N PRO B 101 -22.28 -34.96 -51.03
CA PRO B 101 -23.25 -36.06 -51.14
C PRO B 101 -24.65 -35.58 -51.46
N SER B 102 -25.02 -34.37 -51.04
CA SER B 102 -26.41 -33.94 -51.17
C SER B 102 -26.71 -33.19 -52.47
N LEU B 103 -25.71 -32.61 -53.13
CA LEU B 103 -25.94 -31.67 -54.21
C LEU B 103 -25.77 -32.34 -55.56
N GLU B 104 -26.58 -31.89 -56.52
CA GLU B 104 -26.47 -32.46 -57.86
C GLU B 104 -25.13 -32.09 -58.47
N GLY B 105 -24.85 -32.68 -59.63
CA GLY B 105 -23.55 -32.48 -60.26
C GLY B 105 -23.18 -31.03 -60.46
N TYR B 106 -24.15 -30.17 -60.78
CA TYR B 106 -23.85 -28.79 -61.12
C TYR B 106 -24.36 -27.81 -60.07
N ASP B 107 -24.58 -28.29 -58.86
CA ASP B 107 -25.05 -27.45 -57.77
C ASP B 107 -23.88 -27.05 -56.87
N TYR B 108 -24.04 -25.93 -56.19
CA TYR B 108 -23.13 -25.56 -55.12
C TYR B 108 -23.95 -24.96 -53.99
N MET B 109 -23.39 -25.02 -52.81
CA MET B 109 -24.07 -24.55 -51.63
C MET B 109 -23.12 -23.78 -50.73
N ILE B 110 -23.61 -22.70 -50.16
CA ILE B 110 -22.88 -21.90 -49.19
C ILE B 110 -23.53 -22.12 -47.85
N LEU B 111 -22.71 -22.57 -46.89
CA LEU B 111 -23.11 -22.85 -45.52
C LEU B 111 -22.52 -21.79 -44.60
N LEU B 112 -23.40 -21.17 -43.81
CA LEU B 112 -23.05 -20.17 -42.82
C LEU B 112 -23.06 -20.82 -41.44
N ASN B 113 -21.90 -20.96 -40.83
CA ASN B 113 -21.78 -21.59 -39.53
C ASN B 113 -22.32 -23.01 -39.58
N GLU B 114 -21.96 -23.71 -40.65
CA GLU B 114 -22.30 -25.11 -40.83
C GLU B 114 -23.78 -25.36 -40.99
N VAL B 115 -24.55 -24.31 -41.26
CA VAL B 115 -25.96 -24.42 -41.64
C VAL B 115 -26.09 -24.04 -43.11
N PRO B 116 -26.80 -24.83 -43.92
CA PRO B 116 -27.00 -24.44 -45.33
C PRO B 116 -27.73 -23.11 -45.38
N TYR B 117 -27.10 -22.15 -46.05
CA TYR B 117 -27.62 -20.81 -46.20
C TYR B 117 -28.20 -20.56 -47.59
N VAL B 118 -27.49 -20.97 -48.64
CA VAL B 118 -27.98 -20.68 -49.99
C VAL B 118 -27.47 -21.73 -50.98
N ARG B 119 -28.35 -22.14 -51.89
CA ARG B 119 -28.02 -23.04 -52.98
C ARG B 119 -27.94 -22.24 -54.28
N GLY B 120 -27.18 -22.78 -55.23
CA GLY B 120 -27.00 -22.12 -56.50
C GLY B 120 -26.64 -23.14 -57.56
N LYS B 121 -26.94 -22.79 -58.80
CA LYS B 121 -26.79 -23.72 -59.90
C LYS B 121 -25.82 -23.15 -60.93
N ILE B 122 -25.13 -24.03 -61.65
CA ILE B 122 -24.35 -23.64 -62.81
C ILE B 122 -24.91 -24.38 -64.01
N PRO B 123 -25.49 -23.70 -64.99
CA PRO B 123 -25.93 -24.39 -66.22
C PRO B 123 -24.72 -24.98 -66.93
N PRO B 124 -24.73 -26.28 -67.19
CA PRO B 124 -23.52 -26.95 -67.66
C PRO B 124 -23.00 -26.37 -68.97
N HIS B 125 -21.67 -26.21 -69.01
CA HIS B 125 -20.98 -25.83 -70.23
C HIS B 125 -21.40 -24.45 -70.74
N HIS B 126 -21.57 -23.50 -69.83
CA HIS B 126 -21.90 -22.14 -70.23
C HIS B 126 -20.96 -21.16 -69.54
N VAL B 127 -21.09 -19.90 -69.95
CA VAL B 127 -20.43 -18.79 -69.30
C VAL B 127 -21.47 -17.71 -69.10
N LEU B 128 -21.27 -16.87 -68.10
CA LEU B 128 -22.24 -15.87 -67.74
C LEU B 128 -21.94 -14.54 -68.41
N THR B 129 -22.99 -13.79 -68.77
CA THR B 129 -22.81 -12.46 -69.31
C THR B 129 -23.94 -11.56 -68.80
N ASN B 130 -23.68 -10.26 -68.91
CA ASN B 130 -24.64 -9.22 -68.59
C ASN B 130 -25.02 -8.57 -69.92
N GLU B 131 -25.93 -9.22 -70.65
CA GLU B 131 -26.38 -8.69 -71.93
C GLU B 131 -27.90 -8.62 -71.92
N VAL B 132 -28.50 -8.33 -73.07
CA VAL B 132 -29.94 -8.19 -73.17
C VAL B 132 -30.44 -9.01 -74.36
N GLU B 133 -31.75 -9.26 -74.37
CA GLU B 133 -32.34 -10.20 -75.31
C GLU B 133 -32.17 -9.73 -76.75
N ASP B 134 -32.49 -8.46 -77.03
CA ASP B 134 -32.44 -7.95 -78.39
C ASP B 134 -31.00 -7.65 -78.86
N ASN B 135 -30.06 -7.51 -77.93
CA ASN B 135 -28.66 -7.26 -78.27
C ASN B 135 -27.85 -8.55 -78.38
N LEU B 136 -28.17 -9.54 -77.55
CA LEU B 136 -27.57 -10.86 -77.69
C LEU B 136 -28.18 -11.62 -78.85
N SER B 137 -29.41 -11.24 -79.25
CA SER B 137 -30.09 -11.80 -80.42
C SER B 137 -29.40 -11.37 -81.70
N ARG B 138 -28.39 -10.50 -81.60
CA ARG B 138 -27.63 -10.08 -82.77
C ARG B 138 -26.82 -11.24 -83.34
N TYR B 139 -25.88 -11.77 -82.56
CA TYR B 139 -25.02 -12.88 -82.96
C TYR B 139 -25.73 -14.23 -82.88
N ASN B 140 -27.05 -14.20 -82.78
CA ASN B 140 -27.95 -15.36 -82.65
C ASN B 140 -27.29 -16.47 -81.83
N LEU B 141 -26.93 -16.11 -80.60
CA LEU B 141 -26.45 -17.07 -79.64
C LEU B 141 -27.59 -17.46 -78.74
N PRO B 142 -27.98 -18.74 -78.69
CA PRO B 142 -29.05 -19.14 -77.78
C PRO B 142 -28.58 -18.98 -76.32
N PHE B 143 -29.43 -18.34 -75.51
CA PHE B 143 -29.10 -17.99 -74.14
C PHE B 143 -30.00 -18.72 -73.15
N ILE B 144 -29.48 -18.88 -71.93
CA ILE B 144 -30.21 -19.40 -70.80
C ILE B 144 -30.28 -18.31 -69.74
N THR B 145 -31.46 -18.02 -69.23
CA THR B 145 -31.60 -17.06 -68.15
C THR B 145 -31.65 -17.81 -66.83
N TYR B 146 -30.69 -17.49 -65.96
CA TYR B 146 -30.59 -18.05 -64.61
C TYR B 146 -29.78 -17.06 -63.76
N LYS B 147 -30.43 -16.47 -62.76
CA LYS B 147 -29.82 -15.50 -61.86
C LYS B 147 -29.45 -16.21 -60.55
N ASN B 148 -28.15 -16.24 -60.23
CA ASN B 148 -27.71 -16.91 -59.00
C ASN B 148 -28.09 -16.11 -57.77
N ALA B 149 -27.89 -14.79 -57.81
CA ALA B 149 -28.26 -13.92 -56.71
C ALA B 149 -28.74 -12.59 -57.28
N ALA B 150 -29.36 -11.80 -56.42
CA ALA B 150 -29.86 -10.50 -56.86
C ALA B 150 -28.69 -9.65 -57.36
N GLY B 151 -28.98 -8.79 -58.32
CA GLY B 151 -27.91 -7.93 -58.82
C GLY B 151 -26.76 -8.64 -59.50
N LEU B 152 -26.94 -9.88 -59.91
CA LEU B 152 -25.90 -10.58 -60.64
C LEU B 152 -26.31 -10.77 -62.09
N PRO B 153 -25.37 -10.95 -63.00
CA PRO B 153 -25.77 -11.20 -64.38
C PRO B 153 -26.53 -12.51 -64.47
N SER B 154 -27.28 -12.66 -65.56
CA SER B 154 -28.13 -13.83 -65.72
C SER B 154 -28.17 -14.35 -67.15
N ALA B 155 -27.32 -13.88 -68.05
CA ALA B 155 -27.41 -14.29 -69.45
C ALA B 155 -26.32 -15.30 -69.76
N TRP B 156 -26.64 -16.58 -69.66
CA TRP B 156 -25.66 -17.62 -69.90
C TRP B 156 -25.63 -17.95 -71.38
N VAL B 157 -24.42 -18.20 -71.89
CA VAL B 157 -24.15 -18.44 -73.29
C VAL B 157 -23.23 -19.64 -73.39
N SER B 158 -23.44 -20.50 -74.39
CA SER B 158 -22.61 -21.69 -74.52
C SER B 158 -21.13 -21.32 -74.49
N GLU B 159 -20.35 -22.14 -73.78
CA GLU B 159 -18.92 -21.86 -73.67
C GLU B 159 -18.24 -21.91 -75.04
N ASP B 160 -18.81 -22.66 -75.99
CA ASP B 160 -18.22 -22.69 -77.33
C ASP B 160 -18.15 -21.30 -77.94
N ALA B 161 -18.91 -20.35 -77.41
CA ALA B 161 -18.99 -19.00 -77.96
C ALA B 161 -17.96 -18.04 -77.38
N LYS B 162 -17.04 -18.54 -76.54
CA LYS B 162 -16.03 -17.65 -75.96
C LYS B 162 -15.37 -16.80 -77.05
N ALA B 163 -14.85 -17.44 -78.09
CA ALA B 163 -14.18 -16.71 -79.18
C ALA B 163 -15.07 -15.58 -79.69
N ILE B 164 -16.34 -15.90 -79.99
CA ILE B 164 -17.24 -14.90 -80.54
C ILE B 164 -17.39 -13.73 -79.56
N LEU B 165 -17.61 -14.04 -78.28
CA LEU B 165 -17.75 -12.98 -77.28
C LEU B 165 -16.48 -12.15 -77.15
N GLU B 166 -15.30 -12.79 -77.31
CA GLU B 166 -14.09 -12.00 -77.23
C GLU B 166 -13.97 -11.11 -78.44
N LYS B 167 -14.48 -11.57 -79.60
CA LYS B 167 -14.46 -10.80 -80.84
C LYS B 167 -15.34 -9.54 -80.73
N ALA B 168 -16.36 -9.57 -79.88
CA ALA B 168 -17.29 -8.47 -79.68
C ALA B 168 -17.04 -7.71 -78.38
N ALA B 169 -16.03 -8.09 -77.60
CA ALA B 169 -15.71 -7.41 -76.34
C ALA B 169 -16.89 -7.48 -75.38
N ILE B 170 -17.53 -8.64 -75.30
CA ILE B 170 -18.59 -8.88 -74.34
C ILE B 170 -17.95 -9.59 -73.15
N LYS B 171 -17.94 -8.94 -71.98
CA LYS B 171 -17.32 -9.54 -70.81
C LYS B 171 -18.13 -10.75 -70.35
N TYR B 172 -17.42 -11.82 -69.98
CA TYR B 172 -18.08 -13.01 -69.47
C TYR B 172 -17.34 -13.56 -68.26
N TRP B 173 -18.08 -14.31 -67.45
CA TRP B 173 -17.57 -14.96 -66.26
C TRP B 173 -17.66 -16.47 -66.42
N THR B 174 -16.54 -17.16 -66.21
CA THR B 174 -16.57 -18.61 -66.18
C THR B 174 -17.34 -19.05 -64.94
N PRO B 175 -17.78 -20.32 -64.90
CA PRO B 175 -18.53 -20.78 -63.70
C PRO B 175 -17.81 -20.54 -62.38
N LEU B 176 -16.50 -20.83 -62.29
CA LEU B 176 -15.79 -20.54 -61.04
C LEU B 176 -15.85 -19.06 -60.70
N GLU B 177 -15.72 -18.20 -61.72
CA GLU B 177 -15.82 -16.77 -61.46
C GLU B 177 -17.23 -16.41 -61.02
N VAL B 178 -18.24 -17.13 -61.51
CA VAL B 178 -19.60 -16.84 -61.08
C VAL B 178 -19.76 -17.23 -59.62
N ILE B 179 -19.20 -18.38 -59.24
CA ILE B 179 -19.24 -18.75 -57.83
C ILE B 179 -18.58 -17.68 -56.99
N ILE B 180 -17.44 -17.15 -57.47
CA ILE B 180 -16.76 -16.08 -56.72
C ILE B 180 -17.68 -14.87 -56.60
N LEU B 181 -18.34 -14.49 -57.69
CA LEU B 181 -19.31 -13.39 -57.66
C LEU B 181 -20.37 -13.64 -56.58
N HIS B 182 -20.81 -14.90 -56.46
CA HIS B 182 -21.86 -15.21 -55.49
C HIS B 182 -21.34 -15.19 -54.05
N LEU B 183 -20.18 -15.82 -53.79
CA LEU B 183 -19.57 -15.73 -52.47
C LEU B 183 -19.38 -14.28 -52.07
N SER B 184 -18.98 -13.46 -53.03
CA SER B 184 -18.75 -12.05 -52.76
C SER B 184 -20.05 -11.34 -52.38
N TYR B 185 -21.11 -11.57 -53.14
CA TYR B 185 -22.40 -10.97 -52.78
C TYR B 185 -22.85 -11.44 -51.40
N PHE B 186 -22.65 -12.73 -51.09
CA PHE B 186 -23.01 -13.25 -49.79
C PHE B 186 -22.29 -12.51 -48.67
N PHE B 187 -20.95 -12.41 -48.79
CA PHE B 187 -20.18 -11.65 -47.80
C PHE B 187 -20.68 -10.21 -47.70
N HIS B 188 -20.96 -9.56 -48.82
CA HIS B 188 -21.48 -8.19 -48.76
C HIS B 188 -22.80 -8.12 -48.01
N LYS B 189 -23.67 -9.12 -48.16
CA LYS B 189 -24.95 -9.07 -47.46
C LYS B 189 -24.89 -9.60 -46.04
N SER B 190 -23.83 -10.34 -45.69
CA SER B 190 -23.72 -10.98 -44.39
C SER B 190 -22.65 -10.31 -43.52
N SER B 191 -22.41 -9.01 -43.71
CA SER B 191 -21.33 -8.37 -42.96
C SER B 191 -21.51 -8.56 -41.45
N GLN B 192 -22.72 -8.32 -40.93
CA GLN B 192 -22.97 -8.43 -39.49
C GLN B 192 -22.58 -9.81 -38.95
N GLU B 193 -22.69 -10.85 -39.78
CA GLU B 193 -22.32 -12.16 -39.32
C GLU B 193 -20.82 -12.30 -39.07
N PHE B 194 -19.98 -11.44 -39.63
CA PHE B 194 -18.55 -11.64 -39.55
C PHE B 194 -17.83 -10.50 -38.86
N LEU B 195 -18.55 -9.53 -38.33
CA LEU B 195 -17.97 -8.34 -37.72
C LEU B 195 -18.52 -8.23 -36.31
N GLY B 196 -17.78 -8.81 -35.36
CA GLY B 196 -18.14 -8.73 -33.96
C GLY B 196 -17.03 -8.21 -33.08
N ILE B 197 -17.20 -8.44 -31.78
CA ILE B 197 -16.34 -7.84 -30.77
C ILE B 197 -14.89 -8.25 -30.96
N GLN B 198 -14.63 -9.54 -31.17
CA GLN B 198 -13.23 -9.96 -31.32
C GLN B 198 -12.62 -9.38 -32.56
N GLU B 199 -13.41 -9.30 -33.63
CA GLU B 199 -12.89 -8.82 -34.90
C GLU B 199 -12.64 -7.31 -34.86
N VAL B 200 -13.58 -6.56 -34.28
CA VAL B 200 -13.38 -5.13 -34.07
C VAL B 200 -12.17 -4.88 -33.20
N ARG B 201 -12.06 -5.61 -32.08
CA ARG B 201 -10.89 -5.42 -31.24
C ARG B 201 -9.61 -5.71 -32.03
N SER B 202 -9.64 -6.68 -32.94
CA SER B 202 -8.41 -6.98 -33.67
C SER B 202 -8.04 -5.82 -34.56
N MET B 203 -9.03 -5.23 -35.23
CA MET B 203 -8.66 -4.12 -36.10
C MET B 203 -8.15 -2.93 -35.28
N ILE B 204 -8.83 -2.60 -34.16
CA ILE B 204 -8.35 -1.51 -33.31
C ILE B 204 -6.95 -1.80 -32.78
N GLU B 205 -6.67 -3.05 -32.45
CA GLU B 205 -5.33 -3.40 -31.98
C GLU B 205 -4.29 -3.10 -33.04
N PHE B 206 -4.57 -3.44 -34.30
CA PHE B 206 -3.60 -3.16 -35.36
C PHE B 206 -3.42 -1.66 -35.53
N MET B 207 -4.53 -0.93 -35.45
CA MET B 207 -4.50 0.53 -35.47
C MET B 207 -3.58 1.07 -34.37
N GLU B 208 -3.60 0.43 -33.18
CA GLU B 208 -2.81 0.91 -32.03
C GLU B 208 -1.33 1.02 -32.33
N ARG B 209 -0.80 0.20 -33.25
CA ARG B 209 0.65 0.13 -33.44
C ARG B 209 1.23 1.46 -33.93
N SER B 210 0.51 2.17 -34.79
CA SER B 210 0.98 3.47 -35.25
C SER B 210 0.06 4.63 -34.84
N PHE B 211 -1.08 4.36 -34.23
CA PHE B 211 -1.94 5.44 -33.74
C PHE B 211 -2.30 5.19 -32.27
N PRO B 212 -1.30 4.95 -31.41
CA PRO B 212 -1.60 4.60 -30.01
C PRO B 212 -2.37 5.68 -29.27
N ASP B 213 -2.06 6.95 -29.53
CA ASP B 213 -2.66 8.04 -28.80
C ASP B 213 -4.09 8.33 -29.25
N LEU B 214 -4.32 8.30 -30.58
CA LEU B 214 -5.68 8.45 -31.10
C LEU B 214 -6.59 7.31 -30.64
N VAL B 215 -6.08 6.10 -30.86
CA VAL B 215 -6.75 4.82 -30.49
C VAL B 215 -7.11 4.89 -29.01
N LYS B 216 -6.09 5.00 -28.14
CA LYS B 216 -6.29 5.07 -26.66
C LYS B 216 -7.39 6.09 -26.32
N GLU B 217 -7.30 7.31 -26.85
CA GLU B 217 -8.29 8.37 -26.58
C GLU B 217 -9.67 7.95 -27.12
N VAL B 218 -9.69 7.28 -28.28
CA VAL B 218 -10.97 6.83 -28.91
C VAL B 218 -11.42 5.51 -28.25
N THR B 219 -10.53 4.89 -27.48
CA THR B 219 -10.84 3.60 -26.78
C THR B 219 -11.21 3.88 -25.33
N ARG B 220 -11.05 5.14 -24.89
CA ARG B 220 -11.36 5.55 -23.49
C ARG B 220 -12.79 6.11 -23.42
N LEU B 221 -13.17 6.96 -24.38
CA LEU B 221 -14.50 7.55 -24.37
C LEU B 221 -15.58 6.58 -24.77
N ILE B 222 -15.23 5.56 -25.54
CA ILE B 222 -16.19 4.62 -26.11
C ILE B 222 -15.74 3.21 -25.76
N PRO B 223 -16.50 2.48 -24.96
CA PRO B 223 -16.12 1.09 -24.70
C PRO B 223 -16.28 0.21 -25.93
N LEU B 224 -15.46 -0.86 -25.94
CA LEU B 224 -15.32 -1.77 -27.08
C LEU B 224 -16.65 -2.27 -27.63
N GLN B 225 -17.60 -2.57 -26.76
CA GLN B 225 -18.87 -3.07 -27.27
C GLN B 225 -19.59 -1.95 -28.01
N LYS B 226 -19.51 -0.73 -27.49
CA LYS B 226 -20.13 0.41 -28.16
C LYS B 226 -19.44 0.72 -29.48
N LEU B 227 -18.11 0.64 -29.50
CA LEU B 227 -17.36 0.81 -30.73
C LEU B 227 -17.78 -0.22 -31.77
N THR B 228 -17.96 -1.46 -31.34
CA THR B 228 -18.41 -2.51 -32.25
C THR B 228 -19.80 -2.21 -32.80
N GLU B 229 -20.69 -1.75 -31.93
CA GLU B 229 -22.01 -1.37 -32.40
C GLU B 229 -21.91 -0.33 -33.51
N ILE B 230 -21.01 0.66 -33.34
CA ILE B 230 -20.89 1.73 -34.33
C ILE B 230 -20.35 1.21 -35.66
N PHE B 231 -19.27 0.42 -35.62
CA PHE B 231 -18.74 -0.11 -36.88
C PHE B 231 -19.78 -0.97 -37.59
N LYS B 232 -20.56 -1.74 -36.83
CA LYS B 232 -21.57 -2.57 -37.44
C LYS B 232 -22.64 -1.72 -38.11
N ARG B 233 -23.05 -0.61 -37.47
CA ARG B 233 -24.04 0.26 -38.12
C ARG B 233 -23.48 0.82 -39.42
N LEU B 234 -22.20 1.14 -39.44
CA LEU B 234 -21.62 1.67 -40.67
C LEU B 234 -21.67 0.61 -41.78
N VAL B 235 -21.13 -0.58 -41.54
CA VAL B 235 -21.10 -1.53 -42.67
C VAL B 235 -22.50 -2.03 -43.05
N GLN B 236 -23.47 -1.97 -42.14
CA GLN B 236 -24.85 -2.34 -42.46
C GLN B 236 -25.44 -1.47 -43.56
N GLU B 237 -25.00 -0.22 -43.67
CA GLU B 237 -25.50 0.67 -44.71
C GLU B 237 -24.43 0.88 -45.77
N GLN B 238 -23.54 -0.10 -45.88
CA GLN B 238 -22.53 -0.21 -46.92
C GLN B 238 -21.51 0.91 -46.86
N ILE B 239 -21.40 1.59 -45.73
CA ILE B 239 -20.31 2.54 -45.50
C ILE B 239 -19.05 1.81 -45.03
N SER B 240 -17.97 1.91 -45.80
CA SER B 240 -16.73 1.20 -45.50
C SER B 240 -16.10 1.65 -44.18
N ILE B 241 -15.49 0.70 -43.46
CA ILE B 241 -14.75 1.08 -42.26
C ILE B 241 -13.25 0.80 -42.45
N LYS B 242 -12.81 0.78 -43.71
CA LYS B 242 -11.39 0.53 -43.98
C LYS B 242 -10.51 1.71 -43.56
N ASP B 243 -11.06 2.93 -43.61
CA ASP B 243 -10.32 4.15 -43.24
C ASP B 243 -10.51 4.41 -41.73
N LEU B 244 -9.78 3.62 -40.94
CA LEU B 244 -9.90 3.71 -39.50
C LEU B 244 -9.44 5.05 -38.96
N ARG B 245 -8.40 5.66 -39.56
CA ARG B 245 -7.95 6.94 -39.04
C ARG B 245 -9.04 7.98 -39.15
N THR B 246 -9.73 8.07 -40.27
CA THR B 246 -10.75 9.09 -40.37
C THR B 246 -11.85 8.83 -39.35
N ILE B 247 -12.29 7.56 -39.25
CA ILE B 247 -13.39 7.23 -38.37
C ILE B 247 -13.01 7.52 -36.92
N LEU B 248 -11.81 7.10 -36.53
CA LEU B 248 -11.36 7.31 -35.15
C LEU B 248 -11.20 8.80 -34.87
N GLU B 249 -10.64 9.53 -35.84
CA GLU B 249 -10.44 11.00 -35.69
C GLU B 249 -11.79 11.67 -35.44
N SER B 250 -12.83 11.21 -36.13
CA SER B 250 -14.19 11.76 -35.99
C SER B 250 -14.76 11.44 -34.62
N LEU B 251 -14.66 10.17 -34.21
CA LEU B 251 -15.17 9.77 -32.91
C LEU B 251 -14.48 10.56 -31.79
N SER B 252 -13.15 10.69 -31.93
CA SER B 252 -12.39 11.41 -30.91
C SER B 252 -12.88 12.82 -30.80
N GLU B 253 -13.36 13.39 -31.90
CA GLU B 253 -13.92 14.72 -31.75
C GLU B 253 -15.32 14.71 -31.13
N TRP B 254 -16.23 13.85 -31.63
CA TRP B 254 -17.63 14.00 -31.22
C TRP B 254 -17.95 13.25 -29.94
N ALA B 255 -17.20 12.21 -29.62
CA ALA B 255 -17.48 11.48 -28.40
C ALA B 255 -17.17 12.29 -27.14
N GLN B 256 -16.36 13.35 -27.25
CA GLN B 256 -16.17 14.26 -26.12
C GLN B 256 -17.50 14.80 -25.62
N THR B 257 -18.44 15.06 -26.53
CA THR B 257 -19.70 15.72 -26.22
C THR B 257 -20.90 14.81 -26.35
N GLU B 258 -20.86 13.84 -27.25
CA GLU B 258 -22.02 13.03 -27.60
C GLU B 258 -21.81 11.58 -27.20
N LYS B 259 -22.77 11.01 -26.47
CA LYS B 259 -22.71 9.62 -26.05
C LYS B 259 -23.56 8.68 -26.90
N ASP B 260 -24.63 9.19 -27.53
CA ASP B 260 -25.52 8.32 -28.31
C ASP B 260 -24.79 7.63 -29.44
N THR B 261 -24.90 6.30 -29.52
CA THR B 261 -24.17 5.61 -30.58
C THR B 261 -24.73 5.94 -31.97
N VAL B 262 -26.04 6.23 -32.05
CA VAL B 262 -26.59 6.53 -33.38
C VAL B 262 -26.08 7.88 -33.88
N LEU B 263 -26.05 8.89 -33.00
CA LEU B 263 -25.51 10.20 -33.39
C LEU B 263 -24.03 10.10 -33.74
N LEU B 264 -23.28 9.31 -32.96
CA LEU B 264 -21.89 9.16 -33.30
C LEU B 264 -21.74 8.56 -34.68
N THR B 265 -22.59 7.58 -35.02
CA THR B 265 -22.49 6.99 -36.34
C THR B 265 -22.81 8.02 -37.41
N GLU B 266 -23.80 8.88 -37.16
CA GLU B 266 -24.10 9.94 -38.13
C GLU B 266 -22.88 10.80 -38.38
N TYR B 267 -22.21 11.23 -37.31
CA TYR B 267 -21.04 12.10 -37.46
C TYR B 267 -19.95 11.40 -38.27
N VAL B 268 -19.66 10.14 -37.96
CA VAL B 268 -18.65 9.42 -38.71
C VAL B 268 -18.99 9.39 -40.19
N ARG B 269 -20.27 9.16 -40.49
CA ARG B 269 -20.71 9.18 -41.88
C ARG B 269 -20.38 10.51 -42.53
N SER B 270 -20.75 11.61 -41.86
CA SER B 270 -20.56 12.92 -42.44
C SER B 270 -19.09 13.24 -42.61
N SER B 271 -18.25 12.48 -41.89
CA SER B 271 -16.78 12.66 -41.95
C SER B 271 -16.23 11.90 -43.17
N LEU B 272 -17.03 10.97 -43.70
CA LEU B 272 -16.62 10.19 -44.87
C LEU B 272 -17.18 10.73 -46.19
N LYS B 273 -17.35 12.06 -46.31
CA LYS B 273 -17.90 12.71 -47.52
C LYS B 273 -17.26 12.21 -48.80
N LEU B 274 -15.94 12.19 -48.87
CA LEU B 274 -15.26 11.78 -50.08
C LEU B 274 -15.59 10.33 -50.46
N TYR B 275 -15.45 9.38 -49.51
CA TYR B 275 -15.78 7.98 -49.81
C TYR B 275 -17.23 7.85 -50.25
N ILE B 276 -18.14 8.46 -49.50
CA ILE B 276 -19.56 8.30 -49.82
C ILE B 276 -19.84 8.89 -51.20
N SER B 277 -19.32 10.09 -51.48
CA SER B 277 -19.54 10.70 -52.78
C SER B 277 -19.05 9.80 -53.88
N PHE B 278 -17.83 9.28 -53.73
CA PHE B 278 -17.27 8.47 -54.81
C PHE B 278 -18.07 7.19 -55.00
N LYS B 279 -18.47 6.56 -53.91
CA LYS B 279 -19.16 5.27 -54.01
C LYS B 279 -20.49 5.46 -54.70
N PHE B 280 -21.29 6.40 -54.20
CA PHE B 280 -22.66 6.46 -54.68
C PHE B 280 -22.79 7.27 -55.95
N SER B 281 -21.77 8.05 -56.32
CA SER B 281 -21.72 8.63 -57.65
C SER B 281 -21.07 7.69 -58.66
N GLN B 282 -20.65 6.50 -58.22
CA GLN B 282 -19.94 5.53 -59.05
C GLN B 282 -18.76 6.16 -59.78
N GLY B 283 -18.13 7.16 -59.17
CA GLY B 283 -16.90 7.71 -59.71
C GLY B 283 -17.09 8.69 -60.83
N GLN B 284 -18.23 9.37 -60.87
CA GLN B 284 -18.63 10.29 -61.93
C GLN B 284 -18.72 11.73 -61.42
N SER B 285 -18.95 12.66 -62.34
CA SER B 285 -19.01 14.05 -61.95
C SER B 285 -20.32 14.42 -61.28
N ALA B 286 -21.17 13.47 -60.95
CA ALA B 286 -22.55 13.79 -60.57
C ALA B 286 -23.22 12.55 -59.99
N ILE B 287 -23.67 12.66 -58.75
CA ILE B 287 -24.43 11.58 -58.11
C ILE B 287 -25.90 11.70 -58.51
N SER B 288 -26.49 10.58 -58.96
CA SER B 288 -27.89 10.58 -59.39
C SER B 288 -28.76 10.04 -58.27
N VAL B 289 -29.76 10.82 -57.87
CA VAL B 289 -30.52 10.57 -56.65
C VAL B 289 -32.00 10.82 -56.83
N TYR B 290 -32.78 10.25 -55.90
CA TYR B 290 -34.17 10.61 -55.66
C TYR B 290 -34.24 11.53 -54.44
N LEU B 291 -35.28 12.36 -54.38
CA LEU B 291 -35.46 13.30 -53.29
C LEU B 291 -36.74 13.00 -52.53
N LEU B 292 -36.91 13.68 -51.40
CA LEU B 292 -38.14 13.61 -50.61
C LEU B 292 -38.86 14.95 -50.68
N ASP B 293 -40.18 14.91 -50.69
CA ASP B 293 -40.97 16.12 -50.58
C ASP B 293 -40.65 16.79 -49.26
N PRO B 294 -40.30 18.09 -49.25
CA PRO B 294 -39.99 18.74 -47.97
C PRO B 294 -41.08 18.56 -46.93
N GLU B 295 -42.33 18.47 -47.34
CA GLU B 295 -43.41 18.18 -46.39
C GLU B 295 -43.23 16.80 -45.76
N ILE B 296 -42.79 15.80 -46.53
CA ILE B 296 -42.51 14.49 -45.95
C ILE B 296 -41.40 14.61 -44.90
N GLU B 297 -40.35 15.35 -45.24
CA GLU B 297 -39.25 15.56 -44.30
C GLU B 297 -39.72 16.25 -43.03
N GLU B 298 -40.54 17.30 -43.15
CA GLU B 298 -41.08 17.94 -41.94
C GLU B 298 -41.94 16.97 -41.16
N MET B 299 -42.73 16.16 -41.85
CA MET B 299 -43.58 15.18 -41.20
C MET B 299 -42.76 14.21 -40.35
N ILE B 300 -41.63 13.77 -40.87
CA ILE B 300 -40.78 12.87 -40.11
C ILE B 300 -40.15 13.62 -38.94
N ARG B 301 -39.65 14.83 -39.21
CA ARG B 301 -39.03 15.68 -38.16
C ARG B 301 -40.02 15.87 -37.00
N GLY B 302 -41.32 15.93 -37.31
CA GLY B 302 -42.36 16.09 -36.33
C GLY B 302 -42.87 14.82 -35.74
N ALA B 303 -42.43 13.66 -36.26
CA ALA B 303 -42.84 12.39 -35.70
C ALA B 303 -41.76 11.76 -34.83
N ILE B 304 -40.77 12.53 -34.37
CA ILE B 304 -39.66 12.00 -33.59
C ILE B 304 -39.99 12.11 -32.10
N LYS B 305 -39.55 11.10 -31.33
CA LYS B 305 -39.88 11.00 -29.91
C LYS B 305 -38.75 11.47 -28.99
N GLN B 306 -37.55 10.90 -29.13
CA GLN B 306 -36.39 11.23 -28.28
C GLN B 306 -36.72 10.99 -26.80
N THR B 307 -36.94 9.71 -26.46
CA THR B 307 -37.45 9.32 -25.15
C THR B 307 -36.39 9.37 -24.05
N SER B 308 -35.34 8.57 -24.22
CA SER B 308 -34.28 8.47 -23.23
C SER B 308 -32.96 8.78 -23.92
N ALA B 309 -32.93 9.91 -24.64
CA ALA B 309 -31.87 10.24 -25.57
C ALA B 309 -31.79 9.17 -26.66
N GLY B 310 -32.96 8.82 -27.20
CA GLY B 310 -33.05 7.78 -28.21
C GLY B 310 -33.70 8.23 -29.51
N SER B 311 -33.02 7.99 -30.63
CA SER B 311 -33.62 8.26 -31.93
C SER B 311 -34.79 7.29 -32.13
N TYR B 312 -36.01 7.82 -32.06
CA TYR B 312 -37.23 7.01 -32.02
C TYR B 312 -38.25 7.60 -32.99
N LEU B 313 -38.33 7.06 -34.19
CA LEU B 313 -39.36 7.53 -35.12
C LEU B 313 -40.67 6.83 -34.80
N ALA B 314 -41.74 7.63 -34.63
CA ALA B 314 -43.08 7.08 -34.37
C ALA B 314 -44.06 7.78 -35.30
N LEU B 315 -44.11 7.32 -36.55
CA LEU B 315 -45.00 7.92 -37.52
C LEU B 315 -46.26 7.07 -37.60
N ASP B 316 -47.40 7.73 -37.77
CA ASP B 316 -48.66 6.99 -37.78
C ASP B 316 -48.70 6.03 -38.97
N PRO B 317 -49.39 4.90 -38.82
CA PRO B 317 -49.52 3.92 -39.90
C PRO B 317 -49.81 4.50 -41.29
N ASP B 318 -50.91 5.26 -41.39
CA ASP B 318 -51.38 5.75 -42.68
C ASP B 318 -50.34 6.59 -43.41
N SER B 319 -49.55 7.35 -42.67
CA SER B 319 -48.53 8.14 -43.36
C SER B 319 -47.41 7.24 -43.87
N VAL B 320 -47.02 6.24 -43.09
CA VAL B 320 -45.98 5.30 -43.55
C VAL B 320 -46.42 4.59 -44.81
N ASN B 321 -47.72 4.22 -44.90
CA ASN B 321 -48.13 3.55 -46.14
C ASN B 321 -48.21 4.54 -47.28
N LEU B 322 -48.44 5.82 -47.00
CA LEU B 322 -48.45 6.74 -48.13
C LEU B 322 -47.05 7.03 -48.61
N ILE B 323 -46.07 6.98 -47.72
CA ILE B 323 -44.71 7.24 -48.16
C ILE B 323 -44.16 6.04 -48.91
N LEU B 324 -44.44 4.83 -48.40
CA LEU B 324 -44.02 3.63 -49.12
C LEU B 324 -44.72 3.52 -50.46
N LYS B 325 -46.00 3.90 -50.54
CA LYS B 325 -46.68 3.88 -51.82
C LYS B 325 -46.00 4.81 -52.81
N SER B 326 -45.71 6.05 -52.39
CA SER B 326 -45.09 6.98 -53.32
C SER B 326 -43.75 6.44 -53.82
N MET B 327 -43.01 5.78 -52.92
CA MET B 327 -41.73 5.20 -53.33
C MET B 327 -41.93 4.07 -54.33
N ARG B 328 -42.95 3.22 -54.11
CA ARG B 328 -43.21 2.07 -55.00
C ARG B 328 -43.68 2.54 -56.38
N ASN B 329 -44.27 3.73 -56.45
CA ASN B 329 -44.79 4.30 -57.70
C ASN B 329 -43.85 5.32 -58.36
N THR B 330 -42.71 5.65 -57.76
CA THR B 330 -41.80 6.62 -58.37
C THR B 330 -40.40 6.08 -58.66
N ILE B 331 -39.85 5.18 -57.85
CA ILE B 331 -38.46 4.77 -58.01
C ILE B 331 -38.34 3.78 -59.17
N THR B 332 -37.72 4.23 -60.25
CA THR B 332 -37.42 3.40 -61.41
C THR B 332 -36.70 2.14 -60.97
N PRO B 333 -37.28 0.95 -61.18
CA PRO B 333 -36.64 -0.29 -60.75
C PRO B 333 -35.23 -0.39 -61.33
N THR B 334 -34.26 -0.68 -60.47
CA THR B 334 -32.88 -0.74 -60.94
C THR B 334 -32.66 -2.03 -61.74
N PRO B 335 -31.73 -2.00 -62.72
CA PRO B 335 -31.64 -3.12 -63.68
C PRO B 335 -31.21 -4.45 -63.10
N ALA B 336 -31.06 -5.46 -63.97
CA ALA B 336 -30.66 -6.81 -63.58
C ALA B 336 -29.14 -6.86 -63.51
N GLY B 337 -28.60 -6.50 -62.35
CA GLY B 337 -27.18 -6.43 -62.13
C GLY B 337 -26.59 -5.04 -62.02
N GLY B 338 -27.40 -4.03 -61.70
CA GLY B 338 -26.99 -2.65 -61.74
C GLY B 338 -26.89 -2.01 -60.36
N GLN B 339 -26.66 -0.70 -60.40
CA GLN B 339 -26.46 0.09 -59.19
C GLN B 339 -27.82 0.43 -58.56
N PRO B 340 -28.09 -0.02 -57.34
CA PRO B 340 -29.31 0.42 -56.63
C PRO B 340 -29.42 1.92 -56.58
N PRO B 341 -30.62 2.45 -56.37
CA PRO B 341 -30.81 3.90 -56.39
C PRO B 341 -30.36 4.51 -55.08
N VAL B 342 -30.27 5.82 -55.08
CA VAL B 342 -29.86 6.58 -53.93
C VAL B 342 -30.98 7.54 -53.55
N LEU B 343 -31.28 7.64 -52.26
CA LEU B 343 -32.31 8.52 -51.73
C LEU B 343 -31.59 9.57 -50.90
N LEU B 344 -31.61 10.82 -51.37
CA LEU B 344 -30.89 11.92 -50.73
C LEU B 344 -31.86 12.73 -49.88
N THR B 345 -31.58 12.85 -48.58
CA THR B 345 -32.53 13.52 -47.70
C THR B 345 -31.84 14.58 -46.87
N ALA B 346 -32.64 15.32 -46.12
CA ALA B 346 -32.12 16.30 -45.18
C ALA B 346 -31.38 15.60 -44.04
N ILE B 347 -30.53 16.37 -43.35
CA ILE B 347 -29.64 15.79 -42.33
C ILE B 347 -30.44 15.10 -41.24
N ASP B 348 -31.22 15.90 -40.51
CA ASP B 348 -32.01 15.48 -39.31
C ASP B 348 -32.96 14.30 -39.55
N VAL B 349 -33.23 13.90 -40.79
CA VAL B 349 -34.17 12.81 -41.04
C VAL B 349 -33.48 11.57 -41.59
N ARG B 350 -32.21 11.65 -42.01
CA ARG B 350 -31.68 10.56 -42.81
C ARG B 350 -31.83 9.22 -42.09
N ARG B 351 -31.33 9.11 -40.86
CA ARG B 351 -31.38 7.85 -40.14
C ARG B 351 -32.82 7.34 -39.99
N TYR B 352 -33.78 8.26 -39.82
CA TYR B 352 -35.17 7.81 -39.69
C TYR B 352 -35.71 7.29 -41.02
N VAL B 353 -35.40 7.99 -42.12
CA VAL B 353 -35.85 7.54 -43.42
C VAL B 353 -35.35 6.12 -43.69
N ARG B 354 -34.07 5.88 -43.44
CA ARG B 354 -33.54 4.52 -43.58
C ARG B 354 -34.37 3.53 -42.76
N LYS B 355 -34.63 3.86 -41.48
CA LYS B 355 -35.36 2.95 -40.60
C LYS B 355 -36.74 2.64 -41.17
N LEU B 356 -37.36 3.64 -41.78
CA LEU B 356 -38.72 3.49 -42.26
C LEU B 356 -38.77 2.61 -43.50
N ILE B 357 -37.74 2.63 -44.34
CA ILE B 357 -37.80 1.98 -45.64
C ILE B 357 -36.92 0.75 -45.72
N GLU B 358 -36.12 0.45 -44.69
CA GLU B 358 -35.15 -0.64 -44.82
C GLU B 358 -35.80 -2.01 -45.02
N THR B 359 -37.06 -2.19 -44.62
CA THR B 359 -37.64 -3.52 -44.74
C THR B 359 -38.08 -3.81 -46.17
N GLU B 360 -38.75 -2.83 -46.80
CA GLU B 360 -39.27 -3.02 -48.19
C GLU B 360 -38.21 -2.61 -49.23
N PHE B 361 -37.34 -1.65 -48.88
CA PHE B 361 -36.32 -1.14 -49.80
C PHE B 361 -34.96 -1.33 -49.15
N PRO B 362 -34.55 -2.59 -48.95
CA PRO B 362 -33.36 -2.83 -48.12
C PRO B 362 -32.07 -2.35 -48.75
N ASP B 363 -32.01 -2.27 -50.08
CA ASP B 363 -30.78 -1.96 -50.80
C ASP B 363 -30.67 -0.50 -51.23
N ILE B 364 -31.69 0.31 -50.95
CA ILE B 364 -31.64 1.72 -51.26
C ILE B 364 -30.74 2.41 -50.26
N ALA B 365 -29.73 3.13 -50.75
CA ALA B 365 -28.84 3.89 -49.89
C ALA B 365 -29.49 5.21 -49.55
N VAL B 366 -29.62 5.51 -48.27
CA VAL B 366 -30.15 6.79 -47.83
C VAL B 366 -28.95 7.61 -47.37
N ILE B 367 -28.65 8.69 -48.08
CA ILE B 367 -27.54 9.57 -47.74
C ILE B 367 -28.10 10.97 -47.52
N SER B 368 -27.27 11.82 -46.92
CA SER B 368 -27.67 13.19 -46.61
C SER B 368 -26.66 14.19 -47.17
N TYR B 369 -27.09 15.46 -47.21
CA TYR B 369 -26.26 16.53 -47.76
C TYR B 369 -24.93 16.66 -47.02
N GLN B 370 -24.91 16.26 -45.76
CA GLN B 370 -23.72 16.26 -44.92
C GLN B 370 -22.72 15.19 -45.34
N GLU B 371 -23.12 14.30 -46.26
CA GLU B 371 -22.32 13.15 -46.60
C GLU B 371 -21.80 13.18 -48.02
N ILE B 372 -22.13 14.22 -48.80
CA ILE B 372 -21.60 14.38 -50.15
C ILE B 372 -20.71 15.62 -50.15
N LEU B 373 -19.75 15.63 -51.08
CA LEU B 373 -18.88 16.80 -51.26
C LEU B 373 -19.72 18.00 -51.71
N PRO B 374 -19.39 19.22 -51.26
CA PRO B 374 -20.20 20.38 -51.65
C PRO B 374 -20.22 20.62 -53.15
N GLU B 375 -19.18 20.20 -53.87
CA GLU B 375 -19.04 20.50 -55.29
C GLU B 375 -19.55 19.38 -56.20
N ILE B 376 -20.24 18.37 -55.66
CA ILE B 376 -20.70 17.27 -56.48
C ILE B 376 -22.04 17.66 -57.13
N ARG B 377 -22.14 17.44 -58.44
CA ARG B 377 -23.36 17.75 -59.17
C ARG B 377 -24.47 16.83 -58.70
N ILE B 378 -25.66 17.37 -58.48
CA ILE B 378 -26.79 16.58 -57.97
C ILE B 378 -27.85 16.53 -59.05
N GLN B 379 -28.05 15.33 -59.60
CA GLN B 379 -29.09 15.11 -60.60
C GLN B 379 -30.29 14.45 -59.96
N PRO B 380 -31.40 15.16 -59.77
CA PRO B 380 -32.62 14.51 -59.27
C PRO B 380 -33.20 13.52 -60.28
N LEU B 381 -33.79 12.44 -59.75
CA LEU B 381 -34.48 11.43 -60.54
C LEU B 381 -35.95 11.33 -60.15
N GLY B 382 -36.51 12.38 -59.57
CA GLY B 382 -37.91 12.39 -59.17
C GLY B 382 -38.07 12.46 -57.67
N ARG B 383 -39.11 13.16 -57.23
CA ARG B 383 -39.41 13.41 -55.83
C ARG B 383 -40.48 12.45 -55.32
N ILE B 384 -40.33 12.05 -54.06
CA ILE B 384 -41.33 11.25 -53.35
C ILE B 384 -42.32 12.26 -52.76
N GLN B 385 -43.44 12.48 -53.44
CA GLN B 385 -44.43 13.46 -52.98
C GLN B 385 -45.66 12.76 -52.43
N ILE B 386 -46.46 13.52 -51.67
CA ILE B 386 -47.87 13.20 -51.34
C ILE B 386 -48.65 14.53 -51.27
N ASP C 38 -7.99 -49.93 -7.50
CA ASP C 38 -8.96 -50.23 -6.45
C ASP C 38 -8.31 -50.15 -5.07
N ASN C 39 -8.17 -48.92 -4.55
CA ASN C 39 -7.53 -48.69 -3.26
C ASN C 39 -8.56 -48.24 -2.24
N PRO C 40 -8.61 -48.85 -1.05
CA PRO C 40 -9.62 -48.42 -0.05
C PRO C 40 -9.30 -47.08 0.59
N ASP C 41 -8.01 -46.75 0.76
CA ASP C 41 -7.59 -45.46 1.31
C ASP C 41 -7.77 -44.30 0.32
N ASP C 42 -8.25 -44.57 -0.88
CA ASP C 42 -8.33 -43.54 -1.91
C ASP C 42 -9.78 -43.24 -2.25
N TYR C 43 -10.03 -42.01 -2.71
CA TYR C 43 -11.34 -41.69 -3.22
C TYR C 43 -11.44 -42.09 -4.69
N SER C 44 -12.67 -42.21 -5.16
CA SER C 44 -12.95 -42.61 -6.52
C SER C 44 -13.94 -41.64 -7.11
N LEU C 45 -13.77 -41.31 -8.38
CA LEU C 45 -14.75 -40.47 -9.00
C LEU C 45 -15.88 -41.36 -9.49
N THR C 46 -17.12 -40.99 -9.16
CA THR C 46 -18.26 -41.74 -9.68
C THR C 46 -18.25 -41.77 -11.20
N LEU C 47 -18.48 -42.95 -11.79
CA LEU C 47 -18.48 -43.06 -13.26
C LEU C 47 -19.79 -42.56 -13.83
N PRO C 48 -19.79 -41.54 -14.69
CA PRO C 48 -21.08 -40.98 -15.16
C PRO C 48 -21.96 -41.95 -15.93
N VAL C 49 -21.41 -42.74 -16.86
CA VAL C 49 -22.25 -43.66 -17.64
C VAL C 49 -21.61 -45.04 -17.68
N ILE C 50 -22.35 -46.04 -17.19
CA ILE C 50 -21.95 -47.44 -17.30
C ILE C 50 -23.00 -48.15 -18.14
N LEU C 51 -22.55 -49.02 -19.04
CA LEU C 51 -23.39 -49.92 -19.81
C LEU C 51 -23.03 -51.34 -19.40
N GLU C 52 -23.96 -52.03 -18.75
CA GLU C 52 -23.75 -53.42 -18.32
C GLU C 52 -24.43 -54.37 -19.29
N LEU C 53 -23.75 -55.47 -19.58
CA LEU C 53 -24.19 -56.42 -20.59
C LEU C 53 -24.27 -57.82 -20.01
N GLY C 54 -25.27 -58.57 -20.46
CA GLY C 54 -25.39 -59.94 -20.06
C GLY C 54 -24.34 -60.84 -20.70
N LYS C 55 -24.30 -62.08 -20.19
CA LYS C 55 -23.38 -63.11 -20.66
C LYS C 55 -23.24 -63.10 -22.18
N ASP C 56 -24.38 -63.15 -22.88
CA ASP C 56 -24.36 -63.33 -24.32
C ASP C 56 -24.07 -62.03 -25.07
N LEU C 57 -24.72 -60.91 -24.71
CA LEU C 57 -24.35 -59.66 -25.37
C LEU C 57 -22.88 -59.33 -25.15
N SER C 58 -22.35 -59.64 -23.95
CA SER C 58 -20.91 -59.46 -23.72
C SER C 58 -20.10 -60.33 -24.68
N LYS C 59 -20.53 -61.59 -24.87
CA LYS C 59 -19.89 -62.44 -25.88
C LYS C 59 -19.96 -61.80 -27.25
N LEU C 60 -21.03 -61.04 -27.52
CA LEU C 60 -21.29 -60.53 -28.86
C LEU C 60 -20.42 -59.33 -29.25
N ILE C 61 -19.88 -58.58 -28.28
CA ILE C 61 -19.17 -57.34 -28.61
C ILE C 61 -17.71 -57.57 -28.99
N GLN C 62 -17.23 -58.81 -29.03
CA GLN C 62 -15.83 -59.01 -29.40
C GLN C 62 -15.64 -59.07 -30.91
N HIS C 63 -16.68 -59.43 -31.66
CA HIS C 63 -16.59 -59.55 -33.11
C HIS C 63 -16.49 -58.15 -33.75
N LYS C 64 -16.45 -58.11 -35.08
CA LYS C 64 -16.08 -56.88 -35.78
C LYS C 64 -17.15 -56.35 -36.74
N THR C 65 -18.41 -56.78 -36.58
CA THR C 65 -19.59 -56.20 -37.25
C THR C 65 -19.53 -56.21 -38.79
N LYS C 66 -18.66 -57.02 -39.39
CA LYS C 66 -18.63 -57.28 -40.84
C LYS C 66 -18.13 -56.09 -41.68
N SER C 67 -17.96 -54.92 -41.06
CA SER C 67 -17.50 -53.73 -41.76
C SER C 67 -16.18 -53.20 -41.22
N GLY C 68 -15.48 -53.96 -40.39
CA GLY C 68 -14.20 -53.53 -39.86
C GLY C 68 -14.27 -52.44 -38.81
N GLN C 69 -15.41 -52.32 -38.14
CA GLN C 69 -15.55 -51.34 -37.06
C GLN C 69 -16.04 -52.06 -35.81
N SER C 70 -15.49 -51.66 -34.67
CA SER C 70 -15.70 -52.29 -33.38
C SER C 70 -16.65 -51.49 -32.51
N PHE C 71 -17.44 -52.20 -31.71
CA PHE C 71 -18.41 -51.55 -30.83
C PHE C 71 -17.73 -50.60 -29.85
N VAL C 72 -16.63 -51.03 -29.22
CA VAL C 72 -16.02 -50.20 -28.18
C VAL C 72 -15.09 -49.16 -28.79
N ASP C 73 -14.36 -49.50 -29.85
CA ASP C 73 -13.42 -48.54 -30.42
C ASP C 73 -14.01 -47.65 -31.50
N ASP C 74 -15.08 -48.07 -32.17
CA ASP C 74 -15.65 -47.26 -33.23
C ASP C 74 -17.10 -46.84 -33.00
N MET C 75 -18.01 -47.77 -32.72
CA MET C 75 -19.44 -47.41 -32.71
C MET C 75 -19.74 -46.39 -31.62
N ILE C 76 -19.20 -46.60 -30.43
CA ILE C 76 -19.45 -45.68 -29.32
C ILE C 76 -18.78 -44.33 -29.58
N PRO C 77 -17.48 -44.28 -29.93
CA PRO C 77 -16.87 -42.97 -30.24
C PRO C 77 -17.62 -42.22 -31.31
N LYS C 78 -18.04 -42.89 -32.39
CA LYS C 78 -18.78 -42.17 -33.42
C LYS C 78 -20.09 -41.62 -32.86
N MET C 79 -20.73 -42.36 -31.95
CA MET C 79 -21.95 -41.81 -31.35
C MET C 79 -21.65 -40.55 -30.55
N ARG C 80 -20.57 -40.57 -29.79
CA ARG C 80 -20.18 -39.37 -29.04
C ARG C 80 -19.87 -38.20 -29.97
N GLN C 81 -19.12 -38.45 -31.04
CA GLN C 81 -18.80 -37.39 -31.99
C GLN C 81 -20.07 -36.79 -32.57
N ALA C 82 -21.03 -37.66 -32.91
CA ALA C 82 -22.31 -37.18 -33.45
C ALA C 82 -23.07 -36.35 -32.44
N LEU C 83 -23.10 -36.81 -31.19
CA LEU C 83 -23.78 -36.03 -30.17
C LEU C 83 -23.17 -34.65 -30.02
N TYR C 84 -21.83 -34.55 -30.09
CA TYR C 84 -21.18 -33.24 -30.01
C TYR C 84 -21.49 -32.38 -31.24
N GLN C 85 -21.57 -32.95 -32.44
CA GLN C 85 -21.92 -32.09 -33.56
C GLN C 85 -23.37 -31.61 -33.46
N ASP C 86 -24.26 -32.48 -33.00
CA ASP C 86 -25.68 -32.18 -33.00
C ASP C 86 -26.07 -31.21 -31.89
N ILE C 87 -25.36 -31.24 -30.76
CA ILE C 87 -25.62 -30.40 -29.61
C ILE C 87 -24.26 -29.88 -29.14
N GLY C 88 -24.24 -28.81 -28.40
CA GLY C 88 -22.87 -28.39 -28.09
C GLY C 88 -22.05 -29.15 -27.05
N ILE C 89 -22.54 -30.24 -26.52
CA ILE C 89 -21.97 -30.92 -25.35
C ILE C 89 -20.96 -31.99 -25.71
N ARG C 90 -19.85 -32.02 -25.01
CA ARG C 90 -18.89 -33.13 -25.09
C ARG C 90 -19.32 -34.16 -24.05
N TYR C 91 -19.93 -35.22 -24.48
CA TYR C 91 -20.48 -36.17 -23.52
C TYR C 91 -19.41 -37.10 -22.94
N PRO C 92 -19.63 -37.60 -21.73
CA PRO C 92 -18.63 -38.46 -21.09
C PRO C 92 -18.47 -39.77 -21.82
N GLY C 93 -17.36 -40.44 -21.53
CA GLY C 93 -17.14 -41.76 -22.08
C GLY C 93 -18.09 -42.78 -21.47
N ILE C 94 -18.17 -43.94 -22.11
CA ILE C 94 -19.08 -44.99 -21.66
C ILE C 94 -18.25 -46.14 -21.13
N HIS C 95 -18.52 -46.54 -19.88
CA HIS C 95 -17.78 -47.63 -19.25
C HIS C 95 -18.61 -48.88 -19.40
N VAL C 96 -18.05 -49.91 -20.04
CA VAL C 96 -18.82 -51.11 -20.40
C VAL C 96 -18.40 -52.27 -19.52
N ARG C 97 -19.36 -52.84 -18.79
CA ARG C 97 -19.11 -53.97 -17.90
C ARG C 97 -19.70 -55.22 -18.54
N THR C 98 -18.82 -56.16 -18.88
CA THR C 98 -19.15 -57.44 -19.46
C THR C 98 -19.48 -58.46 -18.37
N ASP C 99 -20.15 -59.54 -18.78
CA ASP C 99 -20.57 -60.66 -17.93
C ASP C 99 -21.07 -60.19 -16.57
N SER C 100 -22.12 -59.38 -16.60
CA SER C 100 -22.63 -58.84 -15.36
C SER C 100 -23.31 -59.94 -14.55
N PRO C 101 -23.08 -59.99 -13.23
CA PRO C 101 -23.68 -61.08 -12.44
C PRO C 101 -25.19 -61.02 -12.37
N SER C 102 -25.78 -59.82 -12.36
CA SER C 102 -27.21 -59.66 -12.21
C SER C 102 -27.96 -59.51 -13.53
N LEU C 103 -27.30 -59.73 -14.66
CA LEU C 103 -27.94 -59.53 -15.95
C LEU C 103 -28.23 -60.86 -16.63
N GLU C 104 -29.35 -60.91 -17.36
CA GLU C 104 -29.68 -62.08 -18.16
C GLU C 104 -28.70 -62.20 -19.32
N GLY C 105 -28.87 -63.21 -20.17
CA GLY C 105 -27.92 -63.39 -21.25
C GLY C 105 -27.98 -62.29 -22.28
N TYR C 106 -29.19 -61.83 -22.60
CA TYR C 106 -29.40 -60.88 -23.69
C TYR C 106 -29.95 -59.54 -23.21
N ASP C 107 -29.72 -59.21 -21.93
CA ASP C 107 -30.16 -57.97 -21.31
C ASP C 107 -29.03 -56.93 -21.29
N TYR C 108 -29.42 -55.66 -21.20
CA TYR C 108 -28.44 -54.58 -21.03
C TYR C 108 -29.00 -53.52 -20.09
N MET C 109 -28.10 -52.75 -19.48
CA MET C 109 -28.51 -51.74 -18.53
C MET C 109 -27.68 -50.47 -18.68
N ILE C 110 -28.32 -49.32 -18.58
CA ILE C 110 -27.64 -48.02 -18.60
C ILE C 110 -27.75 -47.41 -17.20
N LEU C 111 -26.59 -47.15 -16.60
CA LEU C 111 -26.46 -46.59 -15.25
C LEU C 111 -25.92 -45.18 -15.34
N LEU C 112 -26.67 -44.25 -14.75
CA LEU C 112 -26.34 -42.85 -14.68
C LEU C 112 -25.79 -42.57 -13.30
N ASN C 113 -24.51 -42.22 -13.23
CA ASN C 113 -23.84 -41.95 -11.95
C ASN C 113 -23.94 -43.15 -11.02
N GLU C 114 -23.68 -44.34 -11.59
CA GLU C 114 -23.63 -45.60 -10.88
C GLU C 114 -24.98 -46.01 -10.28
N VAL C 115 -26.06 -45.36 -10.68
CA VAL C 115 -27.43 -45.75 -10.35
C VAL C 115 -28.10 -46.26 -11.62
N PRO C 116 -28.79 -47.39 -11.58
CA PRO C 116 -29.48 -47.88 -12.79
C PRO C 116 -30.54 -46.88 -13.24
N TYR C 117 -30.42 -46.45 -14.49
CA TYR C 117 -31.36 -45.51 -15.10
C TYR C 117 -32.39 -46.18 -16.01
N VAL C 118 -31.96 -47.10 -16.87
CA VAL C 118 -32.91 -47.71 -17.79
C VAL C 118 -32.43 -49.10 -18.19
N ARG C 119 -33.38 -50.02 -18.25
CA ARG C 119 -33.12 -51.41 -18.60
C ARG C 119 -33.58 -51.68 -20.03
N GLY C 120 -32.93 -52.64 -20.67
CA GLY C 120 -33.24 -52.98 -22.03
C GLY C 120 -33.09 -54.47 -22.26
N LYS C 121 -33.86 -54.96 -23.22
CA LYS C 121 -33.85 -56.35 -23.63
C LYS C 121 -33.57 -56.42 -25.12
N ILE C 122 -32.99 -57.54 -25.54
CA ILE C 122 -32.79 -57.81 -26.95
C ILE C 122 -33.30 -59.22 -27.24
N PRO C 123 -34.37 -59.37 -28.03
CA PRO C 123 -34.83 -60.70 -28.41
C PRO C 123 -33.77 -61.41 -29.22
N PRO C 124 -33.32 -62.58 -28.79
CA PRO C 124 -32.16 -63.22 -29.45
C PRO C 124 -32.41 -63.51 -30.92
N HIS C 125 -31.38 -63.18 -31.73
CA HIS C 125 -31.35 -63.51 -33.16
C HIS C 125 -32.44 -62.77 -33.95
N HIS C 126 -32.62 -61.48 -33.64
CA HIS C 126 -33.52 -60.59 -34.37
C HIS C 126 -32.75 -59.33 -34.77
N VAL C 127 -33.42 -58.50 -35.58
CA VAL C 127 -32.96 -57.17 -35.94
C VAL C 127 -34.17 -56.23 -35.86
N LEU C 128 -33.92 -54.96 -35.59
CA LEU C 128 -34.99 -53.98 -35.39
C LEU C 128 -35.29 -53.23 -36.68
N THR C 129 -36.57 -52.92 -36.89
CA THR C 129 -37.03 -52.13 -38.03
C THR C 129 -38.16 -51.22 -37.60
N ASN C 130 -38.37 -50.17 -38.41
CA ASN C 130 -39.38 -49.16 -38.18
C ASN C 130 -40.49 -49.21 -39.22
N ASN C 135 -46.92 -52.18 -42.61
CA ASN C 135 -47.03 -53.44 -43.37
C ASN C 135 -45.95 -54.42 -42.87
N LEU C 136 -46.26 -55.16 -41.80
CA LEU C 136 -45.30 -56.16 -41.23
C LEU C 136 -45.67 -57.56 -41.74
N SER C 137 -46.66 -57.64 -42.63
CA SER C 137 -47.11 -58.94 -43.20
C SER C 137 -46.89 -58.95 -44.72
N ARG C 138 -45.88 -58.21 -45.19
CA ARG C 138 -45.58 -58.14 -46.64
C ARG C 138 -44.86 -59.43 -47.07
N TYR C 139 -44.19 -60.08 -46.12
CA TYR C 139 -43.45 -61.35 -46.38
C TYR C 139 -43.92 -62.42 -45.39
N ASN C 140 -45.16 -62.29 -44.90
CA ASN C 140 -45.73 -63.24 -43.93
C ASN C 140 -44.77 -63.45 -42.77
N LEU C 141 -44.10 -62.37 -42.38
CA LEU C 141 -42.93 -62.44 -41.50
C LEU C 141 -43.35 -62.41 -40.03
N PRO C 142 -42.89 -63.38 -39.21
CA PRO C 142 -43.21 -63.35 -37.77
C PRO C 142 -42.44 -62.26 -37.05
N PHE C 143 -43.15 -61.25 -36.54
CA PHE C 143 -42.51 -60.10 -35.89
C PHE C 143 -42.81 -60.07 -34.40
N ILE C 144 -41.90 -59.46 -33.64
CA ILE C 144 -42.07 -59.23 -32.21
C ILE C 144 -42.11 -57.73 -31.98
N THR C 145 -43.08 -57.27 -31.20
CA THR C 145 -43.16 -55.86 -30.80
C THR C 145 -42.60 -55.71 -29.38
N TYR C 146 -41.62 -54.83 -29.23
CA TYR C 146 -41.01 -54.55 -27.93
C TYR C 146 -40.42 -53.15 -27.99
N LYS C 147 -40.91 -52.25 -27.14
CA LYS C 147 -40.43 -50.87 -27.10
C LYS C 147 -39.42 -50.71 -25.96
N ASN C 148 -38.15 -50.50 -26.32
CA ASN C 148 -37.13 -50.25 -25.31
C ASN C 148 -37.22 -48.82 -24.76
N ALA C 149 -37.40 -47.86 -25.65
CA ALA C 149 -37.50 -46.45 -25.28
C ALA C 149 -38.48 -45.75 -26.19
N ALA C 150 -38.85 -44.53 -25.79
CA ALA C 150 -39.79 -43.75 -26.58
C ALA C 150 -39.23 -43.46 -27.97
N GLY C 151 -38.01 -42.94 -28.03
CA GLY C 151 -37.37 -42.56 -29.29
C GLY C 151 -36.82 -43.68 -30.14
N LEU C 152 -37.25 -44.92 -29.91
CA LEU C 152 -36.73 -46.01 -30.72
C LEU C 152 -37.81 -46.75 -31.50
N PRO C 153 -37.42 -47.38 -32.62
CA PRO C 153 -38.33 -48.28 -33.33
C PRO C 153 -38.66 -49.49 -32.47
N SER C 154 -39.69 -50.23 -32.89
CA SER C 154 -40.17 -51.36 -32.10
C SER C 154 -40.57 -52.59 -32.91
N ALA C 155 -40.24 -52.67 -34.20
CA ALA C 155 -40.68 -53.80 -35.03
C ALA C 155 -39.51 -54.77 -35.22
N TRP C 156 -39.42 -55.79 -34.38
CA TRP C 156 -38.30 -56.73 -34.47
C TRP C 156 -38.65 -57.85 -35.42
N VAL C 157 -37.66 -58.26 -36.21
CA VAL C 157 -37.82 -59.26 -37.25
C VAL C 157 -36.64 -60.21 -37.13
N SER C 158 -36.90 -61.51 -37.21
CA SER C 158 -35.84 -62.50 -37.09
C SER C 158 -34.72 -62.20 -38.09
N GLU C 159 -33.47 -62.39 -37.64
CA GLU C 159 -32.32 -62.15 -38.50
C GLU C 159 -32.30 -63.05 -39.75
N ASP C 160 -32.95 -64.21 -39.71
CA ASP C 160 -32.99 -65.06 -40.90
C ASP C 160 -33.56 -64.33 -42.11
N ALA C 161 -34.26 -63.22 -41.90
CA ALA C 161 -34.91 -62.44 -42.94
C ALA C 161 -34.05 -61.31 -43.48
N LYS C 162 -32.77 -61.31 -43.15
CA LYS C 162 -31.85 -60.22 -43.56
C LYS C 162 -31.92 -60.01 -45.07
N ALA C 163 -31.73 -61.10 -45.80
CA ALA C 163 -31.76 -61.10 -47.27
C ALA C 163 -33.06 -60.54 -47.81
N ILE C 164 -34.17 -60.80 -47.11
CA ILE C 164 -35.46 -60.30 -47.56
C ILE C 164 -35.55 -58.79 -47.35
N LEU C 165 -35.21 -58.30 -46.15
CA LEU C 165 -35.36 -56.87 -45.88
C LEU C 165 -34.43 -56.04 -46.77
N GLU C 166 -33.23 -56.57 -47.04
CA GLU C 166 -32.30 -55.87 -47.91
C GLU C 166 -32.85 -55.78 -49.33
N LYS C 167 -33.72 -56.74 -49.70
CA LYS C 167 -34.41 -56.68 -50.98
C LYS C 167 -35.49 -55.60 -50.98
N ALA C 168 -36.18 -55.42 -49.85
CA ALA C 168 -37.27 -54.47 -49.78
C ALA C 168 -36.83 -53.08 -49.35
N ALA C 169 -35.53 -52.88 -49.11
CA ALA C 169 -34.98 -51.60 -48.69
C ALA C 169 -35.58 -51.14 -47.37
N ILE C 170 -35.78 -52.08 -46.46
CA ILE C 170 -36.24 -51.80 -45.10
C ILE C 170 -35.00 -51.77 -44.23
N LYS C 171 -34.53 -50.56 -43.92
CA LYS C 171 -33.33 -50.42 -43.08
C LYS C 171 -33.56 -51.08 -41.73
N TYR C 172 -32.55 -51.82 -41.28
CA TYR C 172 -32.60 -52.49 -40.01
C TYR C 172 -31.35 -52.20 -39.19
N TRP C 173 -31.47 -52.42 -37.89
CA TRP C 173 -30.38 -52.22 -36.94
C TRP C 173 -30.03 -53.56 -36.32
N THR C 174 -28.74 -53.88 -36.27
CA THR C 174 -28.25 -55.02 -35.50
C THR C 174 -28.41 -54.73 -33.99
N PRO C 175 -28.36 -55.76 -33.14
CA PRO C 175 -28.53 -55.50 -31.69
C PRO C 175 -27.60 -54.44 -31.14
N LEU C 176 -26.32 -54.47 -31.51
CA LEU C 176 -25.37 -53.45 -31.08
C LEU C 176 -25.79 -52.07 -31.57
N GLU C 177 -26.26 -51.97 -32.81
CA GLU C 177 -26.75 -50.69 -33.31
C GLU C 177 -27.95 -50.23 -32.50
N VAL C 178 -28.75 -51.18 -32.01
CA VAL C 178 -29.91 -50.81 -31.20
C VAL C 178 -29.46 -50.23 -29.87
N ILE C 179 -28.48 -50.87 -29.24
CA ILE C 179 -27.94 -50.34 -27.99
C ILE C 179 -27.36 -48.95 -28.23
N ILE C 180 -26.70 -48.75 -29.38
CA ILE C 180 -26.19 -47.42 -29.69
C ILE C 180 -27.34 -46.43 -29.80
N LEU C 181 -28.41 -46.82 -30.49
CA LEU C 181 -29.59 -45.96 -30.61
C LEU C 181 -30.10 -45.54 -29.24
N HIS C 182 -30.15 -46.51 -28.32
CA HIS C 182 -30.71 -46.27 -26.99
C HIS C 182 -29.78 -45.38 -26.16
N LEU C 183 -28.47 -45.62 -26.24
CA LEU C 183 -27.49 -44.72 -25.63
C LEU C 183 -27.67 -43.29 -26.14
N SER C 184 -27.89 -43.15 -27.46
CA SER C 184 -28.06 -41.83 -28.06
C SER C 184 -29.30 -41.13 -27.54
N TYR C 185 -30.43 -41.85 -27.54
CA TYR C 185 -31.64 -41.28 -26.97
C TYR C 185 -31.42 -40.85 -25.52
N PHE C 186 -30.75 -41.71 -24.73
CA PHE C 186 -30.49 -41.41 -23.33
C PHE C 186 -29.68 -40.12 -23.19
N PHE C 187 -28.58 -40.02 -23.93
CA PHE C 187 -27.77 -38.82 -23.91
C PHE C 187 -28.59 -37.60 -24.32
N HIS C 188 -29.43 -37.74 -25.35
CA HIS C 188 -30.24 -36.62 -25.81
C HIS C 188 -31.13 -36.08 -24.71
N LYS C 189 -31.79 -36.95 -23.97
CA LYS C 189 -32.76 -36.42 -23.03
C LYS C 189 -32.13 -36.10 -21.68
N SER C 190 -30.86 -36.46 -21.46
CA SER C 190 -30.16 -36.27 -20.20
C SER C 190 -29.09 -35.18 -20.25
N SER C 191 -29.23 -34.22 -21.16
CA SER C 191 -28.17 -33.22 -21.33
C SER C 191 -27.88 -32.48 -20.03
N GLN C 192 -28.93 -32.12 -19.29
CA GLN C 192 -28.74 -31.40 -18.02
C GLN C 192 -27.78 -32.13 -17.10
N GLU C 193 -27.76 -33.46 -17.17
CA GLU C 193 -26.92 -34.31 -16.32
C GLU C 193 -25.43 -34.24 -16.64
N PHE C 194 -25.04 -33.78 -17.83
CA PHE C 194 -23.63 -33.78 -18.22
C PHE C 194 -23.08 -32.38 -18.51
N LEU C 195 -23.85 -31.33 -18.26
CA LEU C 195 -23.43 -29.99 -18.61
C LEU C 195 -23.53 -29.19 -17.33
N GLY C 196 -22.43 -29.11 -16.60
CA GLY C 196 -22.41 -28.29 -15.43
C GLY C 196 -21.30 -27.27 -15.49
N ILE C 197 -20.99 -26.71 -14.32
CA ILE C 197 -20.09 -25.57 -14.25
C ILE C 197 -18.73 -25.92 -14.83
N GLN C 198 -18.18 -27.08 -14.48
CA GLN C 198 -16.84 -27.42 -14.95
C GLN C 198 -16.82 -27.61 -16.46
N GLU C 199 -17.87 -28.22 -16.99
CA GLU C 199 -17.90 -28.53 -18.41
C GLU C 199 -18.11 -27.27 -19.24
N VAL C 200 -18.98 -26.38 -18.75
CA VAL C 200 -19.19 -25.07 -19.36
C VAL C 200 -17.89 -24.27 -19.31
N ARG C 201 -17.24 -24.25 -18.16
CA ARG C 201 -15.96 -23.56 -18.07
C ARG C 201 -14.97 -24.11 -19.09
N SER C 202 -14.94 -25.43 -19.29
CA SER C 202 -13.94 -25.95 -20.22
C SER C 202 -14.24 -25.48 -21.63
N MET C 203 -15.52 -25.44 -22.00
CA MET C 203 -15.80 -24.97 -23.35
C MET C 203 -15.46 -23.48 -23.49
N ILE C 204 -15.77 -22.67 -22.46
CA ILE C 204 -15.39 -21.25 -22.49
C ILE C 204 -13.87 -21.12 -22.62
N GLU C 205 -13.11 -21.80 -21.76
CA GLU C 205 -11.66 -21.83 -21.87
C GLU C 205 -11.21 -22.06 -23.31
N PHE C 206 -11.83 -23.03 -23.98
CA PHE C 206 -11.46 -23.29 -25.37
C PHE C 206 -11.76 -22.10 -26.26
N MET C 207 -12.91 -21.46 -26.05
CA MET C 207 -13.26 -20.26 -26.81
C MET C 207 -12.21 -19.17 -26.62
N GLU C 208 -11.64 -19.08 -25.42
CA GLU C 208 -10.66 -18.05 -25.06
C GLU C 208 -9.44 -18.02 -25.99
N ARG C 209 -9.09 -19.16 -26.60
CA ARG C 209 -7.86 -19.21 -27.41
C ARG C 209 -7.96 -18.32 -28.65
N SER C 210 -9.13 -18.24 -29.28
CA SER C 210 -9.27 -17.39 -30.45
C SER C 210 -10.25 -16.23 -30.25
N PHE C 211 -10.99 -16.19 -29.14
CA PHE C 211 -11.93 -15.10 -28.87
C PHE C 211 -11.75 -14.55 -27.46
N PRO C 212 -10.52 -14.23 -27.07
CA PRO C 212 -10.31 -13.81 -25.68
C PRO C 212 -11.11 -12.58 -25.29
N ASP C 213 -11.24 -11.61 -26.19
CA ASP C 213 -11.94 -10.38 -25.87
C ASP C 213 -13.45 -10.55 -25.87
N LEU C 214 -13.97 -11.39 -26.77
CA LEU C 214 -15.39 -11.71 -26.72
C LEU C 214 -15.74 -12.40 -25.40
N VAL C 215 -14.91 -13.36 -24.97
CA VAL C 215 -15.14 -14.02 -23.69
C VAL C 215 -15.04 -13.02 -22.53
N LYS C 216 -14.02 -12.11 -22.57
CA LYS C 216 -13.91 -11.10 -21.53
C LYS C 216 -15.17 -10.26 -21.42
N GLU C 217 -15.66 -9.80 -22.58
CA GLU C 217 -16.89 -8.96 -22.64
C GLU C 217 -18.11 -9.84 -22.35
N VAL C 218 -17.90 -11.16 -22.25
CA VAL C 218 -19.01 -12.13 -21.97
C VAL C 218 -18.90 -12.58 -20.51
N THR C 219 -17.73 -12.39 -19.89
CA THR C 219 -17.51 -12.79 -18.47
C THR C 219 -17.50 -11.55 -17.58
N ARG C 220 -17.69 -10.36 -18.18
CA ARG C 220 -17.70 -9.09 -17.42
C ARG C 220 -19.14 -8.70 -17.08
N LEU C 221 -20.12 -9.48 -17.57
CA LEU C 221 -21.53 -9.20 -17.32
C LEU C 221 -22.30 -10.40 -16.81
N ILE C 222 -21.83 -11.61 -17.12
CA ILE C 222 -22.52 -12.84 -16.78
C ILE C 222 -21.55 -13.76 -16.05
N PRO C 223 -21.78 -14.06 -14.78
CA PRO C 223 -20.91 -14.99 -14.08
C PRO C 223 -21.06 -16.41 -14.61
N LEU C 224 -19.98 -17.19 -14.46
CA LEU C 224 -19.92 -18.55 -15.01
C LEU C 224 -21.14 -19.38 -14.63
N GLN C 225 -21.64 -19.25 -13.39
CA GLN C 225 -22.79 -20.06 -13.00
C GLN C 225 -24.02 -19.67 -13.80
N LYS C 226 -24.22 -18.36 -13.99
CA LYS C 226 -25.35 -17.87 -14.77
C LYS C 226 -25.20 -18.27 -16.25
N LEU C 227 -23.97 -18.22 -16.74
CA LEU C 227 -23.70 -18.69 -18.09
C LEU C 227 -24.09 -20.16 -18.24
N THR C 228 -23.74 -20.96 -17.23
CA THR C 228 -24.07 -22.38 -17.21
C THR C 228 -25.57 -22.59 -17.20
N GLU C 229 -26.28 -21.78 -16.41
CA GLU C 229 -27.74 -21.85 -16.41
C GLU C 229 -28.30 -21.61 -17.81
N ILE C 230 -27.74 -20.62 -18.51
CA ILE C 230 -28.22 -20.26 -19.84
C ILE C 230 -27.94 -21.39 -20.83
N PHE C 231 -26.70 -21.89 -20.84
CA PHE C 231 -26.39 -22.95 -21.78
C PHE C 231 -27.27 -24.16 -21.52
N LYS C 232 -27.53 -24.46 -20.24
CA LYS C 232 -28.35 -25.62 -19.92
C LYS C 232 -29.78 -25.45 -20.42
N ARG C 233 -30.39 -24.27 -20.27
CA ARG C 233 -31.74 -24.08 -20.82
C ARG C 233 -31.73 -24.31 -22.33
N LEU C 234 -30.66 -23.84 -23.00
CA LEU C 234 -30.58 -24.01 -24.45
C LEU C 234 -30.60 -25.48 -24.83
N VAL C 235 -29.71 -26.29 -24.25
CA VAL C 235 -29.72 -27.70 -24.64
C VAL C 235 -30.95 -28.41 -24.10
N GLN C 236 -31.54 -27.90 -23.02
CA GLN C 236 -32.76 -28.46 -22.48
C GLN C 236 -33.87 -28.46 -23.50
N GLU C 237 -33.81 -27.44 -24.38
CA GLU C 237 -34.81 -27.26 -25.47
C GLU C 237 -34.23 -27.72 -26.81
N GLN C 238 -33.26 -28.66 -26.77
CA GLN C 238 -32.65 -29.22 -27.98
C GLN C 238 -32.09 -28.13 -28.89
N ILE C 239 -31.64 -27.03 -28.31
CA ILE C 239 -30.99 -25.96 -29.06
C ILE C 239 -29.49 -26.20 -28.92
N SER C 240 -28.82 -26.47 -30.04
CA SER C 240 -27.39 -26.78 -29.94
C SER C 240 -26.61 -25.59 -29.40
N ILE C 241 -25.58 -25.85 -28.62
CA ILE C 241 -24.72 -24.74 -28.19
C ILE C 241 -23.33 -24.89 -28.80
N LYS C 242 -23.26 -25.56 -29.96
CA LYS C 242 -21.97 -25.75 -30.62
C LYS C 242 -21.42 -24.43 -31.16
N ASP C 243 -22.29 -23.54 -31.62
CA ASP C 243 -21.86 -22.29 -32.25
C ASP C 243 -21.63 -21.24 -31.16
N LEU C 244 -20.49 -21.38 -30.47
CA LEU C 244 -20.22 -20.50 -29.33
C LEU C 244 -20.07 -19.03 -29.75
N ARG C 245 -19.47 -18.74 -30.92
CA ARG C 245 -19.35 -17.33 -31.26
C ARG C 245 -20.71 -16.68 -31.40
N THR C 246 -21.67 -17.32 -32.07
CA THR C 246 -22.98 -16.69 -32.22
C THR C 246 -23.61 -16.45 -30.85
N ILE C 247 -23.53 -17.45 -29.97
CA ILE C 247 -24.18 -17.34 -28.67
C ILE C 247 -23.52 -16.26 -27.84
N LEU C 248 -22.19 -16.29 -27.74
CA LEU C 248 -21.46 -15.31 -26.92
C LEU C 248 -21.65 -13.89 -27.45
N GLU C 249 -21.63 -13.72 -28.77
CA GLU C 249 -21.92 -12.42 -29.36
C GLU C 249 -23.32 -11.94 -28.99
N SER C 250 -24.31 -12.83 -29.02
CA SER C 250 -25.66 -12.41 -28.68
C SER C 250 -25.74 -11.97 -27.22
N LEU C 251 -25.21 -12.80 -26.31
CA LEU C 251 -25.20 -12.44 -24.90
C LEU C 251 -24.47 -11.12 -24.66
N SER C 252 -23.31 -10.96 -25.30
CA SER C 252 -22.54 -9.74 -25.12
C SER C 252 -23.33 -8.52 -25.56
N GLU C 253 -24.25 -8.70 -26.52
CA GLU C 253 -25.10 -7.55 -26.84
C GLU C 253 -26.23 -7.37 -25.84
N TRP C 254 -26.91 -8.43 -25.46
CA TRP C 254 -28.11 -8.22 -24.67
C TRP C 254 -27.83 -8.12 -23.18
N ALA C 255 -26.73 -8.69 -22.67
CA ALA C 255 -26.44 -8.56 -21.25
C ALA C 255 -25.96 -7.17 -20.87
N GLN C 256 -25.64 -6.31 -21.84
CA GLN C 256 -25.44 -4.90 -21.52
C GLN C 256 -26.71 -4.35 -20.86
N THR C 257 -27.88 -4.79 -21.34
CA THR C 257 -29.19 -4.25 -20.99
C THR C 257 -30.01 -5.11 -20.05
N GLU C 258 -29.99 -6.43 -20.23
CA GLU C 258 -30.86 -7.33 -19.50
C GLU C 258 -30.10 -8.31 -18.61
N LYS C 259 -30.59 -8.48 -17.39
CA LYS C 259 -29.93 -9.38 -16.43
C LYS C 259 -30.64 -10.71 -16.27
N ASP C 260 -31.95 -10.75 -16.50
CA ASP C 260 -32.70 -11.99 -16.32
C ASP C 260 -32.21 -13.09 -17.27
N THR C 261 -31.87 -14.24 -16.69
CA THR C 261 -31.30 -15.32 -17.49
C THR C 261 -32.34 -15.90 -18.47
N VAL C 262 -33.63 -15.85 -18.14
CA VAL C 262 -34.64 -16.38 -19.05
C VAL C 262 -34.74 -15.52 -20.31
N LEU C 263 -34.72 -14.19 -20.14
CA LEU C 263 -34.73 -13.30 -21.29
C LEU C 263 -33.43 -13.40 -22.09
N LEU C 264 -32.29 -13.52 -21.41
CA LEU C 264 -31.05 -13.72 -22.15
C LEU C 264 -31.12 -15.00 -22.99
N THR C 265 -31.68 -16.07 -22.43
CA THR C 265 -31.82 -17.29 -23.21
C THR C 265 -32.76 -17.08 -24.40
N GLU C 266 -33.82 -16.29 -24.17
CA GLU C 266 -34.82 -15.97 -25.22
C GLU C 266 -34.11 -15.26 -26.39
N TYR C 267 -33.22 -14.32 -26.06
CA TYR C 267 -32.47 -13.58 -27.08
C TYR C 267 -31.50 -14.50 -27.82
N VAL C 268 -30.79 -15.37 -27.08
CA VAL C 268 -29.86 -16.29 -27.74
C VAL C 268 -30.60 -17.15 -28.75
N ARG C 269 -31.79 -17.62 -28.36
CA ARG C 269 -32.59 -18.40 -29.29
C ARG C 269 -32.88 -17.61 -30.56
N SER C 270 -33.40 -16.39 -30.41
CA SER C 270 -33.75 -15.61 -31.59
C SER C 270 -32.52 -15.27 -32.42
N SER C 271 -31.36 -15.27 -31.80
CA SER C 271 -30.18 -15.04 -32.60
C SER C 271 -29.80 -16.29 -33.38
N LEU C 272 -30.32 -17.44 -32.99
CA LEU C 272 -30.02 -18.66 -33.72
C LEU C 272 -31.08 -19.02 -34.77
N LYS C 273 -31.75 -17.99 -35.37
CA LYS C 273 -32.80 -18.18 -36.37
C LYS C 273 -32.46 -19.19 -37.46
N LEU C 274 -31.31 -19.04 -38.07
CA LEU C 274 -30.92 -19.93 -39.17
C LEU C 274 -30.83 -21.38 -38.69
N TYR C 275 -30.16 -21.62 -37.56
CA TYR C 275 -30.03 -22.99 -37.03
C TYR C 275 -31.39 -23.59 -36.68
N ILE C 276 -32.24 -22.82 -35.99
CA ILE C 276 -33.53 -23.33 -35.58
C ILE C 276 -34.39 -23.67 -36.79
N SER C 277 -34.43 -22.77 -37.80
CA SER C 277 -35.20 -23.04 -39.02
C SER C 277 -34.71 -24.28 -39.72
N PHE C 278 -33.40 -24.43 -39.88
CA PHE C 278 -32.92 -25.62 -40.57
C PHE C 278 -33.18 -26.89 -39.78
N LYS C 279 -33.02 -26.84 -38.45
CA LYS C 279 -33.23 -28.04 -37.64
C LYS C 279 -34.70 -28.47 -37.66
N PHE C 280 -35.61 -27.56 -37.33
CA PHE C 280 -36.99 -27.97 -37.17
C PHE C 280 -37.77 -28.01 -38.47
N SER C 281 -37.25 -27.44 -39.57
CA SER C 281 -37.83 -27.71 -40.87
C SER C 281 -37.26 -28.97 -41.49
N GLN C 282 -36.32 -29.62 -40.81
CA GLN C 282 -35.62 -30.79 -41.33
C GLN C 282 -35.00 -30.51 -42.70
N GLY C 283 -34.57 -29.27 -42.93
CA GLY C 283 -33.86 -28.94 -44.14
C GLY C 283 -34.74 -28.76 -45.35
N GLN C 284 -36.00 -28.37 -45.14
CA GLN C 284 -37.02 -28.27 -46.18
C GLN C 284 -37.38 -26.82 -46.46
N SER C 285 -38.19 -26.62 -47.49
CA SER C 285 -38.57 -25.30 -47.92
C SER C 285 -39.62 -24.68 -47.00
N ALA C 286 -40.10 -25.43 -46.01
CA ALA C 286 -41.28 -25.02 -45.27
C ALA C 286 -41.42 -25.88 -44.03
N ILE C 287 -41.44 -25.23 -42.88
CA ILE C 287 -41.61 -25.92 -41.61
C ILE C 287 -43.10 -26.22 -41.40
N SER C 288 -43.40 -27.45 -40.98
CA SER C 288 -44.76 -27.88 -40.67
C SER C 288 -44.95 -27.80 -39.16
N VAL C 289 -45.98 -27.09 -38.71
CA VAL C 289 -46.14 -26.74 -37.32
C VAL C 289 -47.60 -26.84 -36.89
N TYR C 290 -47.81 -26.90 -35.57
CA TYR C 290 -49.10 -26.65 -34.96
C TYR C 290 -49.10 -25.24 -34.41
N LEU C 291 -50.29 -24.63 -34.35
CA LEU C 291 -50.44 -23.27 -33.88
C LEU C 291 -51.37 -23.26 -32.67
N LEU C 292 -51.42 -22.10 -32.00
CA LEU C 292 -52.34 -21.87 -30.90
C LEU C 292 -53.39 -20.84 -31.30
N ASP C 293 -54.67 -21.17 -31.07
CA ASP C 293 -55.76 -20.20 -31.25
C ASP C 293 -55.40 -18.89 -30.55
N PRO C 294 -55.50 -17.75 -31.24
CA PRO C 294 -55.10 -16.46 -30.61
C PRO C 294 -55.74 -16.19 -29.25
N GLU C 295 -56.97 -16.63 -29.02
CA GLU C 295 -57.56 -16.46 -27.70
C GLU C 295 -56.77 -17.24 -26.65
N ILE C 296 -56.26 -18.42 -27.01
CA ILE C 296 -55.42 -19.18 -26.08
C ILE C 296 -54.14 -18.40 -25.75
N GLU C 297 -53.51 -17.80 -26.75
CA GLU C 297 -52.31 -17.01 -26.51
C GLU C 297 -52.60 -15.82 -25.59
N GLU C 298 -53.70 -15.10 -25.86
CA GLU C 298 -54.08 -13.96 -25.02
C GLU C 298 -54.45 -14.41 -23.61
N MET C 299 -54.98 -15.62 -23.46
CA MET C 299 -55.21 -16.20 -22.14
C MET C 299 -53.90 -16.48 -21.42
N ILE C 300 -52.90 -16.98 -22.14
CA ILE C 300 -51.61 -17.25 -21.52
C ILE C 300 -50.85 -15.97 -21.20
N ARG C 301 -51.18 -14.84 -21.84
CA ARG C 301 -50.42 -13.61 -21.63
C ARG C 301 -50.44 -13.11 -20.17
N GLY C 302 -51.29 -13.66 -19.29
CA GLY C 302 -51.30 -13.25 -17.89
C GLY C 302 -50.69 -14.28 -16.95
N ALA C 303 -49.50 -14.01 -16.44
CA ALA C 303 -48.83 -14.91 -15.50
C ALA C 303 -47.89 -14.11 -14.60
N ILE C 304 -47.64 -14.62 -13.38
CA ILE C 304 -46.90 -13.87 -12.37
C ILE C 304 -45.48 -13.59 -12.83
N LYS C 305 -45.01 -12.36 -12.57
CA LYS C 305 -43.65 -11.92 -12.89
C LYS C 305 -43.33 -10.74 -11.98
N GLN C 306 -42.22 -10.80 -11.26
CA GLN C 306 -41.95 -9.81 -10.22
C GLN C 306 -40.45 -9.57 -10.10
N THR C 307 -40.04 -8.99 -8.96
CA THR C 307 -38.65 -8.57 -8.74
C THR C 307 -37.67 -9.72 -8.95
N SER C 308 -37.79 -10.77 -8.12
CA SER C 308 -36.88 -11.91 -8.20
C SER C 308 -36.78 -12.44 -9.63
N ALA C 309 -35.61 -12.98 -9.96
CA ALA C 309 -35.34 -13.45 -11.31
C ALA C 309 -36.18 -14.69 -11.58
N GLY C 310 -37.31 -14.48 -12.25
CA GLY C 310 -38.25 -15.54 -12.53
C GLY C 310 -39.62 -14.98 -12.79
N SER C 311 -40.47 -15.84 -13.34
CA SER C 311 -41.85 -15.46 -13.65
C SER C 311 -42.71 -16.72 -13.73
N TYR C 312 -43.60 -16.89 -12.74
CA TYR C 312 -44.42 -18.09 -12.66
C TYR C 312 -45.45 -18.11 -13.80
N LEU C 313 -46.16 -19.24 -13.87
CA LEU C 313 -47.29 -19.40 -14.79
C LEU C 313 -48.55 -19.28 -13.95
N ALA C 314 -49.08 -18.06 -13.85
CA ALA C 314 -50.26 -17.83 -13.03
C ALA C 314 -51.52 -18.22 -13.77
N LEU C 315 -51.53 -19.43 -14.31
CA LEU C 315 -52.69 -19.99 -15.00
C LEU C 315 -53.22 -21.15 -14.19
N ASP C 316 -54.54 -21.14 -13.93
CA ASP C 316 -55.12 -22.07 -12.99
C ASP C 316 -55.26 -23.48 -13.58
N PRO C 317 -55.14 -24.53 -12.73
CA PRO C 317 -55.18 -25.92 -13.20
C PRO C 317 -56.19 -26.24 -14.29
N ASP C 318 -57.48 -25.97 -14.07
CA ASP C 318 -58.49 -26.33 -15.06
C ASP C 318 -58.24 -25.66 -16.41
N SER C 319 -57.65 -24.46 -16.42
CA SER C 319 -57.33 -23.84 -17.70
C SER C 319 -56.18 -24.58 -18.37
N VAL C 320 -55.20 -24.99 -17.56
CA VAL C 320 -54.11 -25.82 -18.07
C VAL C 320 -54.66 -27.12 -18.62
N ASN C 321 -55.69 -27.69 -17.99
CA ASN C 321 -56.23 -28.95 -18.46
C ASN C 321 -57.12 -28.78 -19.68
N LEU C 322 -57.64 -27.58 -19.91
CA LEU C 322 -58.35 -27.40 -21.18
C LEU C 322 -57.36 -27.17 -22.30
N ILE C 323 -56.20 -26.58 -21.99
CA ILE C 323 -55.19 -26.40 -23.03
C ILE C 323 -54.55 -27.75 -23.35
N LEU C 324 -54.33 -28.55 -22.31
CA LEU C 324 -53.85 -29.92 -22.48
C LEU C 324 -54.87 -30.76 -23.22
N LYS C 325 -56.17 -30.50 -23.01
CA LYS C 325 -57.21 -31.26 -23.69
C LYS C 325 -57.21 -30.97 -25.18
N SER C 326 -57.20 -29.69 -25.56
CA SER C 326 -57.13 -29.36 -26.99
C SER C 326 -55.85 -29.89 -27.61
N MET C 327 -54.74 -29.86 -26.86
CA MET C 327 -53.50 -30.43 -27.39
C MET C 327 -53.62 -31.93 -27.52
N ARG C 328 -54.22 -32.59 -26.53
CA ARG C 328 -54.45 -34.03 -26.55
C ARG C 328 -55.28 -34.44 -27.76
N ASN C 329 -56.21 -33.61 -28.19
CA ASN C 329 -57.05 -34.00 -29.32
C ASN C 329 -56.41 -33.67 -30.65
N THR C 330 -55.27 -33.00 -30.66
CA THR C 330 -54.56 -32.68 -31.90
C THR C 330 -53.09 -33.13 -31.79
N ILE C 331 -52.86 -34.38 -31.38
CA ILE C 331 -51.48 -34.84 -31.18
C ILE C 331 -50.88 -35.38 -32.48
N THR C 332 -51.48 -36.45 -33.01
CA THR C 332 -50.94 -37.20 -34.14
C THR C 332 -49.47 -37.61 -33.94
N PRO C 333 -49.14 -38.26 -32.79
CA PRO C 333 -47.73 -38.63 -32.53
C PRO C 333 -47.18 -39.60 -33.57
N THR C 334 -45.90 -39.98 -33.43
CA THR C 334 -45.30 -40.96 -34.33
C THR C 334 -45.11 -42.30 -33.63
N GLY C 338 -39.71 -42.18 -34.69
CA GLY C 338 -40.09 -41.15 -35.63
C GLY C 338 -39.44 -39.79 -35.39
N GLN C 339 -40.17 -38.73 -35.70
CA GLN C 339 -39.77 -37.34 -35.59
C GLN C 339 -40.77 -36.58 -34.72
N PRO C 340 -40.32 -35.54 -34.02
CA PRO C 340 -41.20 -34.88 -33.05
C PRO C 340 -41.99 -33.76 -33.70
N PRO C 341 -43.12 -33.38 -33.12
CA PRO C 341 -43.90 -32.26 -33.65
C PRO C 341 -43.35 -30.93 -33.16
N VAL C 342 -43.78 -29.87 -33.83
CA VAL C 342 -43.37 -28.51 -33.54
C VAL C 342 -44.59 -27.68 -33.20
N LEU C 343 -44.49 -26.87 -32.15
CA LEU C 343 -45.57 -25.99 -31.72
C LEU C 343 -45.08 -24.57 -31.92
N LEU C 344 -45.74 -23.86 -32.83
CA LEU C 344 -45.36 -22.50 -33.19
C LEU C 344 -46.26 -21.53 -32.45
N THR C 345 -45.64 -20.61 -31.68
CA THR C 345 -46.37 -19.68 -30.83
C THR C 345 -45.86 -18.27 -31.08
N ALA C 346 -46.56 -17.29 -30.50
CA ALA C 346 -46.11 -15.91 -30.53
C ALA C 346 -44.90 -15.75 -29.62
N ILE C 347 -44.18 -14.63 -29.79
CA ILE C 347 -42.90 -14.44 -29.11
C ILE C 347 -43.07 -14.48 -27.60
N ASP C 348 -43.85 -13.54 -27.07
CA ASP C 348 -43.91 -13.28 -25.63
C ASP C 348 -44.51 -14.42 -24.84
N VAL C 349 -44.95 -15.51 -25.48
CA VAL C 349 -45.52 -16.63 -24.75
C VAL C 349 -44.72 -17.92 -24.88
N ARG C 350 -43.73 -18.00 -25.79
CA ARG C 350 -43.19 -19.33 -26.12
C ARG C 350 -42.67 -20.05 -24.88
N ARG C 351 -41.76 -19.41 -24.12
CA ARG C 351 -41.17 -20.07 -22.97
C ARG C 351 -42.23 -20.51 -21.98
N TYR C 352 -43.26 -19.68 -21.77
CA TYR C 352 -44.29 -20.05 -20.83
C TYR C 352 -45.08 -21.24 -21.37
N VAL C 353 -45.38 -21.23 -22.66
CA VAL C 353 -46.03 -22.42 -23.24
C VAL C 353 -45.19 -23.64 -22.93
N ARG C 354 -43.87 -23.51 -23.05
CA ARG C 354 -42.97 -24.60 -22.71
C ARG C 354 -43.21 -25.09 -21.29
N LYS C 355 -43.10 -24.18 -20.31
CA LYS C 355 -43.30 -24.58 -18.91
C LYS C 355 -44.69 -25.16 -18.71
N LEU C 356 -45.64 -24.76 -19.55
CA LEU C 356 -47.01 -25.20 -19.37
C LEU C 356 -47.21 -26.63 -19.85
N ILE C 357 -46.46 -27.06 -20.86
CA ILE C 357 -46.65 -28.35 -21.49
C ILE C 357 -45.50 -29.31 -21.26
N GLU C 358 -44.42 -28.86 -20.61
CA GLU C 358 -43.17 -29.63 -20.59
C GLU C 358 -43.29 -31.00 -19.90
N THR C 359 -44.26 -31.19 -19.00
CA THR C 359 -44.33 -32.48 -18.30
C THR C 359 -45.03 -33.54 -19.15
N GLU C 360 -46.16 -33.20 -19.80
CA GLU C 360 -46.89 -34.15 -20.64
C GLU C 360 -46.35 -34.23 -22.05
N PHE C 361 -45.81 -33.12 -22.57
CA PHE C 361 -45.31 -33.03 -23.94
C PHE C 361 -43.84 -32.66 -23.89
N PRO C 362 -43.00 -33.56 -23.39
CA PRO C 362 -41.60 -33.20 -23.18
C PRO C 362 -40.84 -33.04 -24.48
N ASP C 363 -41.27 -33.71 -25.55
CA ASP C 363 -40.54 -33.72 -26.80
C ASP C 363 -41.07 -32.73 -27.82
N ILE C 364 -42.16 -32.02 -27.50
CA ILE C 364 -42.69 -31.02 -28.42
C ILE C 364 -41.80 -29.79 -28.34
N ALA C 365 -41.27 -29.37 -29.49
CA ALA C 365 -40.43 -28.18 -29.58
C ALA C 365 -41.31 -26.94 -29.66
N VAL C 366 -41.13 -26.01 -28.73
CA VAL C 366 -41.87 -24.75 -28.74
C VAL C 366 -40.95 -23.67 -29.28
N ILE C 367 -41.24 -23.18 -30.49
CA ILE C 367 -40.45 -22.14 -31.13
C ILE C 367 -41.38 -20.97 -31.43
N SER C 368 -40.79 -19.83 -31.79
CA SER C 368 -41.55 -18.63 -32.04
C SER C 368 -41.23 -18.04 -33.42
N TYR C 369 -42.09 -17.10 -33.85
CA TYR C 369 -41.90 -16.43 -35.13
C TYR C 369 -40.55 -15.71 -35.19
N GLN C 370 -40.03 -15.28 -34.04
CA GLN C 370 -38.73 -14.64 -33.91
C GLN C 370 -37.58 -15.60 -34.13
N GLU C 371 -37.84 -16.90 -34.20
CA GLU C 371 -36.80 -17.92 -34.21
C GLU C 371 -36.74 -18.67 -35.53
N ILE C 372 -37.60 -18.33 -36.48
CA ILE C 372 -37.53 -18.89 -37.81
C ILE C 372 -37.22 -17.75 -38.77
N LEU C 373 -36.63 -18.12 -39.91
CA LEU C 373 -36.31 -17.14 -40.94
C LEU C 373 -37.58 -16.55 -41.55
N PRO C 374 -37.59 -15.25 -41.84
CA PRO C 374 -38.79 -14.65 -42.45
C PRO C 374 -39.17 -15.27 -43.77
N GLU C 375 -38.21 -15.85 -44.50
CA GLU C 375 -38.44 -16.34 -45.85
C GLU C 375 -38.88 -17.81 -45.92
N ILE C 376 -39.08 -18.47 -44.79
CA ILE C 376 -39.54 -19.86 -44.81
C ILE C 376 -41.07 -19.88 -44.70
N ARG C 377 -41.70 -20.77 -45.47
CA ARG C 377 -43.15 -20.86 -45.50
C ARG C 377 -43.65 -21.79 -44.39
N ILE C 378 -44.87 -21.54 -43.94
CA ILE C 378 -45.43 -22.14 -42.73
C ILE C 378 -46.66 -22.97 -43.11
N GLN C 379 -46.58 -24.29 -42.89
CA GLN C 379 -47.62 -25.26 -43.20
C GLN C 379 -48.37 -25.65 -41.95
N PRO C 380 -49.49 -24.99 -41.62
CA PRO C 380 -50.21 -25.30 -40.38
C PRO C 380 -50.91 -26.65 -40.43
N LEU C 381 -50.77 -27.41 -39.33
CA LEU C 381 -51.41 -28.70 -39.15
C LEU C 381 -52.66 -28.62 -38.28
N GLY C 382 -52.63 -27.82 -37.21
CA GLY C 382 -53.79 -27.66 -36.37
C GLY C 382 -53.73 -26.42 -35.50
N ARG C 383 -54.82 -25.66 -35.45
CA ARG C 383 -54.92 -24.48 -34.58
C ARG C 383 -55.56 -24.94 -33.27
N ILE C 384 -54.73 -25.13 -32.24
CA ILE C 384 -55.19 -25.55 -30.92
C ILE C 384 -56.21 -24.55 -30.42
N GLN C 385 -57.45 -25.01 -30.23
CA GLN C 385 -58.60 -24.16 -29.94
C GLN C 385 -59.32 -24.63 -28.66
N ILE C 386 -60.52 -24.08 -28.43
CA ILE C 386 -61.38 -24.23 -27.23
C ILE C 386 -61.00 -23.16 -26.21
N PRO D 40 6.87 -41.89 25.40
CA PRO D 40 8.01 -41.01 25.68
C PRO D 40 7.59 -39.64 26.25
N ASP D 41 7.93 -38.55 25.57
CA ASP D 41 7.42 -37.23 25.87
C ASP D 41 6.34 -36.78 24.90
N ASP D 42 5.98 -37.62 23.94
CA ASP D 42 5.16 -37.22 22.80
C ASP D 42 3.76 -37.82 22.85
N TYR D 43 2.87 -37.15 22.12
CA TYR D 43 1.47 -37.51 22.01
C TYR D 43 1.25 -38.61 20.97
N SER D 44 0.10 -39.24 21.06
CA SER D 44 -0.31 -40.26 20.11
C SER D 44 -1.70 -39.94 19.61
N LEU D 45 -1.93 -40.26 18.35
CA LEU D 45 -3.25 -40.04 17.77
C LEU D 45 -4.13 -41.22 18.17
N THR D 46 -5.31 -40.92 18.67
CA THR D 46 -6.27 -41.95 19.06
C THR D 46 -6.65 -42.81 17.85
N LEU D 47 -6.65 -44.13 18.04
CA LEU D 47 -7.01 -45.06 16.95
C LEU D 47 -8.53 -45.14 16.82
N PRO D 48 -9.10 -44.80 15.67
CA PRO D 48 -10.56 -44.85 15.54
C PRO D 48 -11.17 -46.24 15.68
N VAL D 49 -10.57 -47.28 15.09
CA VAL D 49 -11.17 -48.61 15.14
C VAL D 49 -10.12 -49.65 15.50
N ILE D 50 -10.33 -50.35 16.60
CA ILE D 50 -9.49 -51.47 16.99
C ILE D 50 -10.36 -52.72 17.00
N LEU D 51 -9.83 -53.81 16.45
CA LEU D 51 -10.43 -55.13 16.53
C LEU D 51 -9.49 -56.01 17.34
N GLU D 52 -9.90 -56.40 18.54
CA GLU D 52 -9.11 -57.27 19.41
C GLU D 52 -9.61 -58.70 19.30
N LEU D 53 -8.69 -59.65 19.24
CA LEU D 53 -9.01 -61.04 19.02
C LEU D 53 -8.40 -61.90 20.09
N GLY D 54 -9.15 -62.89 20.56
CA GLY D 54 -8.61 -63.88 21.46
C GLY D 54 -7.62 -64.81 20.75
N LYS D 55 -7.06 -65.76 21.52
CA LYS D 55 -5.98 -66.59 21.01
C LYS D 55 -6.40 -67.35 19.75
N ASP D 56 -7.58 -67.95 19.76
CA ASP D 56 -7.96 -68.84 18.65
C ASP D 56 -8.32 -68.04 17.40
N LEU D 57 -9.11 -66.98 17.55
CA LEU D 57 -9.40 -66.16 16.39
C LEU D 57 -8.13 -65.56 15.82
N SER D 58 -7.16 -65.24 16.68
CA SER D 58 -5.88 -64.76 16.20
C SER D 58 -5.20 -65.80 15.33
N LYS D 59 -5.18 -67.06 15.79
CA LYS D 59 -4.67 -68.13 14.95
C LYS D 59 -5.45 -68.21 13.64
N LEU D 60 -6.75 -67.92 13.70
CA LEU D 60 -7.62 -68.12 12.55
C LEU D 60 -7.31 -67.12 11.44
N ILE D 61 -7.02 -65.87 11.81
CA ILE D 61 -6.73 -64.88 10.77
C ILE D 61 -5.36 -65.06 10.13
N GLN D 62 -4.61 -66.07 10.55
CA GLN D 62 -3.31 -66.39 9.94
C GLN D 62 -3.44 -67.39 8.79
N HIS D 63 -4.64 -67.67 8.30
CA HIS D 63 -4.81 -68.65 7.25
C HIS D 63 -5.67 -68.07 6.14
N LYS D 64 -5.16 -68.16 4.92
CA LYS D 64 -5.92 -67.69 3.77
C LYS D 64 -7.15 -68.56 3.56
N THR D 65 -8.21 -67.96 3.03
CA THR D 65 -9.46 -68.68 2.85
C THR D 65 -9.30 -69.72 1.72
N LYS D 66 -10.42 -70.39 1.41
CA LYS D 66 -10.42 -71.39 0.34
C LYS D 66 -9.92 -70.78 -0.97
N SER D 67 -10.38 -69.57 -1.28
CA SER D 67 -10.00 -68.85 -2.50
C SER D 67 -8.76 -67.97 -2.32
N GLY D 68 -8.00 -68.16 -1.24
CA GLY D 68 -6.71 -67.52 -1.10
C GLY D 68 -6.69 -66.06 -0.70
N GLN D 69 -7.79 -65.52 -0.20
CA GLN D 69 -7.80 -64.15 0.28
C GLN D 69 -7.50 -64.10 1.78
N SER D 70 -6.88 -63.01 2.20
CA SER D 70 -6.41 -62.76 3.54
C SER D 70 -7.40 -61.92 4.33
N PHE D 71 -7.60 -62.24 5.61
CA PHE D 71 -8.53 -61.45 6.42
C PHE D 71 -8.10 -59.98 6.47
N VAL D 72 -6.81 -59.72 6.71
CA VAL D 72 -6.34 -58.35 6.88
C VAL D 72 -6.06 -57.67 5.54
N ASP D 73 -5.55 -58.42 4.58
CA ASP D 73 -5.16 -57.85 3.30
C ASP D 73 -6.29 -57.81 2.26
N ASP D 74 -7.30 -58.68 2.37
CA ASP D 74 -8.37 -58.68 1.39
C ASP D 74 -9.75 -58.40 1.98
N MET D 75 -10.17 -59.13 3.01
CA MET D 75 -11.55 -59.06 3.47
C MET D 75 -11.91 -57.68 4.03
N ILE D 76 -11.06 -57.13 4.91
CA ILE D 76 -11.33 -55.84 5.53
C ILE D 76 -11.25 -54.73 4.49
N PRO D 77 -10.21 -54.66 3.66
CA PRO D 77 -10.22 -53.65 2.58
C PRO D 77 -11.45 -53.75 1.70
N LYS D 78 -11.85 -54.95 1.25
CA LYS D 78 -13.03 -55.01 0.39
C LYS D 78 -14.29 -54.55 1.13
N MET D 79 -14.39 -54.83 2.43
CA MET D 79 -15.55 -54.32 3.17
C MET D 79 -15.56 -52.81 3.22
N ARG D 80 -14.39 -52.21 3.47
CA ARG D 80 -14.26 -50.76 3.46
C ARG D 80 -14.62 -50.18 2.10
N GLN D 81 -14.11 -50.79 1.02
CA GLN D 81 -14.48 -50.33 -0.30
C GLN D 81 -15.97 -50.40 -0.53
N ALA D 82 -16.62 -51.47 -0.06
CA ALA D 82 -18.05 -51.58 -0.28
C ALA D 82 -18.80 -50.48 0.47
N LEU D 83 -18.41 -50.26 1.73
CA LEU D 83 -19.07 -49.23 2.52
C LEU D 83 -18.91 -47.87 1.86
N TYR D 84 -17.71 -47.63 1.32
CA TYR D 84 -17.40 -46.35 0.62
C TYR D 84 -18.14 -46.32 -0.72
N GLN D 85 -18.69 -47.47 -1.12
CA GLN D 85 -19.44 -47.58 -2.40
C GLN D 85 -20.93 -47.35 -2.12
N ASP D 86 -21.39 -47.73 -0.92
CA ASP D 86 -22.82 -47.55 -0.53
C ASP D 86 -22.99 -46.14 0.07
N ILE D 87 -22.21 -45.82 1.11
CA ILE D 87 -22.26 -44.49 1.77
C ILE D 87 -21.12 -43.63 1.22
N GLY D 88 -21.28 -42.30 1.27
CA GLY D 88 -20.26 -41.37 0.76
C GLY D 88 -19.15 -41.13 1.78
N ILE D 89 -18.75 -42.17 2.50
CA ILE D 89 -17.70 -42.04 3.51
C ILE D 89 -16.52 -42.99 3.25
N ARG D 90 -15.32 -42.46 3.46
CA ARG D 90 -14.11 -43.27 3.49
C ARG D 90 -13.93 -43.73 4.93
N TYR D 91 -14.02 -45.03 5.16
CA TYR D 91 -13.95 -45.50 6.52
C TYR D 91 -12.51 -45.80 6.92
N PRO D 92 -12.20 -45.60 8.20
CA PRO D 92 -10.82 -45.78 8.63
C PRO D 92 -10.40 -47.22 8.51
N GLY D 93 -9.09 -47.41 8.55
CA GLY D 93 -8.53 -48.74 8.61
C GLY D 93 -8.80 -49.35 9.97
N ILE D 94 -8.60 -50.64 10.06
CA ILE D 94 -8.84 -51.37 11.29
C ILE D 94 -7.50 -51.80 11.83
N HIS D 95 -7.19 -51.42 13.08
CA HIS D 95 -5.99 -51.90 13.75
CA HIS D 95 -5.99 -51.90 13.75
C HIS D 95 -6.35 -53.19 14.48
N VAL D 96 -5.61 -54.26 14.18
CA VAL D 96 -5.93 -55.59 14.71
C VAL D 96 -4.96 -55.97 15.82
N ARG D 97 -5.50 -56.20 17.01
CA ARG D 97 -4.74 -56.55 18.20
C ARG D 97 -4.98 -58.03 18.46
N THR D 98 -3.96 -58.86 18.26
CA THR D 98 -4.07 -60.30 18.45
C THR D 98 -3.72 -60.69 19.89
N ASP D 99 -3.97 -61.95 20.20
CA ASP D 99 -3.76 -62.54 21.52
C ASP D 99 -4.06 -61.55 22.66
N SER D 100 -5.31 -61.09 22.69
CA SER D 100 -5.70 -60.12 23.69
C SER D 100 -5.73 -60.77 25.07
N PRO D 101 -5.23 -60.09 26.10
CA PRO D 101 -5.25 -60.67 27.44
C PRO D 101 -6.65 -60.78 28.04
N SER D 102 -7.55 -59.87 27.71
CA SER D 102 -8.86 -59.82 28.33
C SER D 102 -9.93 -60.60 27.57
N LEU D 103 -9.55 -61.37 26.55
CA LEU D 103 -10.50 -62.09 25.72
C LEU D 103 -10.25 -63.59 25.72
N GLU D 104 -11.35 -64.34 25.69
CA GLU D 104 -11.34 -65.78 25.49
C GLU D 104 -10.82 -66.10 24.08
N GLY D 105 -10.35 -67.34 23.91
CA GLY D 105 -9.80 -67.75 22.62
C GLY D 105 -10.69 -67.43 21.43
N TYR D 106 -12.01 -67.53 21.60
CA TYR D 106 -12.98 -67.39 20.52
C TYR D 106 -13.83 -66.11 20.65
N ASP D 107 -13.35 -65.13 21.41
CA ASP D 107 -14.02 -63.85 21.61
C ASP D 107 -13.33 -62.77 20.78
N TYR D 108 -14.07 -61.71 20.47
CA TYR D 108 -13.51 -60.53 19.82
C TYR D 108 -14.17 -59.28 20.37
N MET D 109 -13.48 -58.16 20.23
CA MET D 109 -13.99 -56.89 20.72
C MET D 109 -13.70 -55.81 19.71
N ILE D 110 -14.65 -54.90 19.54
CA ILE D 110 -14.51 -53.75 18.68
C ILE D 110 -14.50 -52.49 19.55
N LEU D 111 -13.42 -51.72 19.43
CA LEU D 111 -13.25 -50.46 20.14
C LEU D 111 -13.34 -49.28 19.18
N LEU D 112 -14.18 -48.31 19.54
CA LEU D 112 -14.37 -47.07 18.81
C LEU D 112 -13.61 -45.99 19.60
N ASN D 113 -12.54 -45.47 19.00
CA ASN D 113 -11.71 -44.46 19.65
C ASN D 113 -11.17 -44.95 20.99
N GLU D 114 -10.73 -46.19 21.00
CA GLU D 114 -10.07 -46.84 22.12
C GLU D 114 -11.00 -47.07 23.32
N VAL D 115 -12.30 -46.93 23.14
CA VAL D 115 -13.32 -47.33 24.11
C VAL D 115 -14.02 -48.57 23.57
N PRO D 116 -14.19 -49.61 24.37
CA PRO D 116 -14.87 -50.81 23.84
C PRO D 116 -16.29 -50.49 23.36
N TYR D 117 -16.57 -50.86 22.12
CA TYR D 117 -17.90 -50.64 21.57
C TYR D 117 -18.76 -51.87 21.78
N VAL D 118 -18.23 -53.05 21.45
CA VAL D 118 -19.01 -54.27 21.55
C VAL D 118 -18.09 -55.48 21.67
N ARG D 119 -18.63 -56.56 22.25
CA ARG D 119 -17.96 -57.83 22.48
C ARG D 119 -18.74 -58.92 21.74
N GLY D 120 -18.04 -59.93 21.25
CA GLY D 120 -18.66 -60.96 20.45
C GLY D 120 -17.96 -62.29 20.59
N LYS D 121 -18.70 -63.35 20.26
CA LYS D 121 -18.22 -64.73 20.35
C LYS D 121 -18.34 -65.41 18.99
N ILE D 122 -17.50 -66.42 18.78
CA ILE D 122 -17.55 -67.27 17.60
C ILE D 122 -17.65 -68.71 18.11
N PRO D 123 -18.73 -69.44 17.82
CA PRO D 123 -18.81 -70.87 18.23
C PRO D 123 -17.74 -71.68 17.56
N PRO D 124 -16.92 -72.38 18.33
CA PRO D 124 -15.71 -73.02 17.76
C PRO D 124 -16.06 -74.02 16.67
N HIS D 125 -15.34 -73.92 15.55
CA HIS D 125 -15.45 -74.90 14.46
C HIS D 125 -16.87 -74.97 13.89
N HIS D 126 -17.50 -73.82 13.74
CA HIS D 126 -18.83 -73.73 13.17
C HIS D 126 -18.81 -72.74 12.03
N VAL D 127 -19.93 -72.68 11.31
CA VAL D 127 -20.20 -71.71 10.25
C VAL D 127 -21.60 -71.17 10.52
N LEU D 128 -21.85 -69.95 10.08
CA LEU D 128 -23.12 -69.32 10.40
C LEU D 128 -24.10 -69.58 9.25
N THR D 129 -25.38 -69.69 9.57
CA THR D 129 -26.39 -69.81 8.53
C THR D 129 -27.61 -69.01 8.96
N ASN D 130 -28.44 -68.72 7.94
CA ASN D 130 -29.72 -68.06 8.15
C ASN D 130 -30.88 -69.03 8.02
N GLU D 131 -30.59 -70.34 8.03
CA GLU D 131 -31.65 -71.32 7.90
C GLU D 131 -32.62 -71.22 9.07
N VAL D 132 -33.88 -71.57 8.78
CA VAL D 132 -34.85 -71.78 9.84
C VAL D 132 -34.30 -72.85 10.75
N GLU D 133 -34.37 -72.62 12.06
CA GLU D 133 -33.90 -73.62 13.00
C GLU D 133 -34.65 -74.95 12.83
N ASP D 134 -35.98 -74.87 12.68
CA ASP D 134 -36.76 -76.10 12.52
C ASP D 134 -36.32 -76.89 11.30
N ASN D 135 -35.96 -76.20 10.22
CA ASN D 135 -35.49 -76.92 9.04
C ASN D 135 -34.17 -77.62 9.33
N LEU D 136 -33.23 -76.92 9.97
CA LEU D 136 -31.98 -77.56 10.35
C LEU D 136 -32.25 -78.84 11.13
N SER D 137 -33.06 -78.73 12.18
CA SER D 137 -33.42 -79.92 12.95
C SER D 137 -33.90 -81.03 12.03
N ARG D 138 -34.74 -80.67 11.06
CA ARG D 138 -35.24 -81.69 10.14
C ARG D 138 -34.15 -82.29 9.26
N TYR D 139 -33.03 -81.60 9.07
CA TYR D 139 -31.92 -82.15 8.30
C TYR D 139 -30.91 -82.88 9.17
N ASN D 140 -31.32 -83.29 10.37
CA ASN D 140 -30.43 -83.86 11.41
C ASN D 140 -29.16 -83.04 11.65
N LEU D 141 -29.29 -81.70 11.64
CA LEU D 141 -28.14 -80.83 11.88
C LEU D 141 -28.27 -80.13 13.22
N PRO D 142 -27.52 -80.54 14.23
CA PRO D 142 -27.57 -79.80 15.49
C PRO D 142 -27.03 -78.40 15.27
N PHE D 143 -27.68 -77.43 15.90
CA PHE D 143 -27.37 -76.03 15.69
C PHE D 143 -27.18 -75.32 17.02
N ILE D 144 -26.35 -74.29 16.99
CA ILE D 144 -26.13 -73.41 18.13
C ILE D 144 -26.72 -72.07 17.78
N THR D 145 -27.52 -71.50 18.69
CA THR D 145 -28.14 -70.20 18.47
C THR D 145 -27.30 -69.11 19.11
N TYR D 146 -26.87 -68.13 18.30
CA TYR D 146 -26.11 -66.98 18.78
C TYR D 146 -26.23 -65.83 17.80
N LYS D 147 -26.85 -64.71 18.21
CA LYS D 147 -27.01 -63.53 17.33
C LYS D 147 -25.92 -62.54 17.69
N ASN D 148 -25.01 -62.29 16.75
CA ASN D 148 -23.86 -61.41 17.04
C ASN D 148 -24.28 -59.96 17.14
N ALA D 149 -25.07 -59.48 16.19
CA ALA D 149 -25.56 -58.11 16.18
C ALA D 149 -26.97 -58.09 15.63
N ALA D 150 -27.63 -56.95 15.78
CA ALA D 150 -28.99 -56.85 15.27
C ALA D 150 -28.97 -57.12 13.76
N GLY D 151 -30.03 -57.77 13.29
CA GLY D 151 -30.20 -58.12 11.89
C GLY D 151 -29.23 -59.11 11.29
N LEU D 152 -28.45 -59.83 12.10
CA LEU D 152 -27.55 -60.81 11.53
C LEU D 152 -28.08 -62.21 11.80
N PRO D 153 -27.69 -63.20 11.01
CA PRO D 153 -28.15 -64.57 11.26
C PRO D 153 -27.66 -65.10 12.61
N SER D 154 -28.31 -66.18 13.07
CA SER D 154 -27.99 -66.75 14.37
C SER D 154 -27.96 -68.28 14.39
N ALA D 155 -28.06 -68.97 13.27
CA ALA D 155 -28.12 -70.43 13.31
C ALA D 155 -26.75 -70.99 12.93
N TRP D 156 -25.94 -71.31 13.93
CA TRP D 156 -24.60 -71.85 13.69
C TRP D 156 -24.63 -73.36 13.55
N VAL D 157 -23.80 -73.87 12.64
CA VAL D 157 -23.76 -75.28 12.26
C VAL D 157 -22.32 -75.74 12.16
N SER D 158 -22.05 -76.98 12.56
CA SER D 158 -20.69 -77.50 12.49
C SER D 158 -20.09 -77.31 11.11
N GLU D 159 -18.81 -76.91 11.07
CA GLU D 159 -18.13 -76.77 9.79
C GLU D 159 -18.09 -78.10 9.04
N ASP D 160 -18.22 -79.22 9.74
CA ASP D 160 -18.29 -80.52 9.08
C ASP D 160 -19.45 -80.62 8.09
N ALA D 161 -20.44 -79.73 8.17
CA ALA D 161 -21.62 -79.79 7.31
C ALA D 161 -21.50 -78.98 6.02
N LYS D 162 -20.35 -78.36 5.76
CA LYS D 162 -20.19 -77.53 4.56
C LYS D 162 -20.68 -78.24 3.29
N ALA D 163 -20.16 -79.44 3.02
CA ALA D 163 -20.57 -80.17 1.83
C ALA D 163 -22.09 -80.26 1.74
N ILE D 164 -22.73 -80.74 2.81
CA ILE D 164 -24.18 -80.85 2.82
C ILE D 164 -24.80 -79.49 2.51
N LEU D 165 -24.35 -78.46 3.22
CA LEU D 165 -24.90 -77.12 3.03
C LEU D 165 -24.69 -76.64 1.60
N GLU D 166 -23.57 -77.03 0.99
CA GLU D 166 -23.33 -76.60 -0.38
C GLU D 166 -24.30 -77.29 -1.33
N LYS D 167 -24.48 -78.61 -1.20
CA LYS D 167 -25.32 -79.32 -2.16
C LYS D 167 -26.76 -78.85 -2.07
N ALA D 168 -27.20 -78.46 -0.87
CA ALA D 168 -28.54 -77.96 -0.63
C ALA D 168 -28.68 -76.48 -0.94
N ALA D 169 -27.60 -75.82 -1.35
CA ALA D 169 -27.62 -74.38 -1.65
C ALA D 169 -28.01 -73.58 -0.43
N ILE D 170 -27.49 -73.95 0.74
CA ILE D 170 -27.72 -73.18 1.96
C ILE D 170 -26.53 -72.24 2.16
N LYS D 171 -26.84 -70.95 2.30
CA LYS D 171 -25.78 -69.97 2.44
C LYS D 171 -25.13 -70.11 3.81
N TYR D 172 -23.80 -70.00 3.84
CA TYR D 172 -23.12 -69.93 5.12
C TYR D 172 -21.94 -68.95 5.10
N TRP D 173 -21.65 -68.43 6.28
CA TRP D 173 -20.55 -67.49 6.50
C TRP D 173 -19.55 -68.16 7.44
N THR D 174 -18.28 -68.14 7.07
CA THR D 174 -17.21 -68.58 7.95
C THR D 174 -17.04 -67.61 9.13
N PRO D 175 -16.35 -68.03 10.19
CA PRO D 175 -16.13 -67.10 11.32
C PRO D 175 -15.53 -65.77 10.90
N LEU D 176 -14.51 -65.79 10.06
CA LEU D 176 -13.93 -64.53 9.58
C LEU D 176 -14.96 -63.69 8.84
N GLU D 177 -15.79 -64.32 8.03
CA GLU D 177 -16.85 -63.60 7.35
C GLU D 177 -17.87 -63.03 8.33
N VAL D 178 -18.10 -63.70 9.46
CA VAL D 178 -19.05 -63.17 10.43
C VAL D 178 -18.46 -61.95 11.12
N ILE D 179 -17.19 -61.99 11.45
CA ILE D 179 -16.54 -60.81 12.02
C ILE D 179 -16.65 -59.64 11.04
N ILE D 180 -16.44 -59.90 9.75
CA ILE D 180 -16.61 -58.84 8.76
C ILE D 180 -18.04 -58.33 8.75
N LEU D 181 -19.04 -59.23 8.83
CA LEU D 181 -20.44 -58.79 8.88
C LEU D 181 -20.69 -57.85 10.06
N HIS D 182 -20.13 -58.19 11.23
CA HIS D 182 -20.35 -57.38 12.43
C HIS D 182 -19.61 -56.06 12.32
N LEU D 183 -18.37 -56.09 11.82
CA LEU D 183 -17.64 -54.87 11.54
C LEU D 183 -18.43 -53.94 10.62
N SER D 184 -19.06 -54.51 9.59
CA SER D 184 -19.82 -53.70 8.65
C SER D 184 -21.03 -53.08 9.35
N TYR D 185 -21.74 -53.86 10.16
CA TYR D 185 -22.84 -53.29 10.92
C TYR D 185 -22.36 -52.13 11.79
N PHE D 186 -21.20 -52.31 12.44
CA PHE D 186 -20.61 -51.28 13.30
C PHE D 186 -20.30 -50.00 12.53
N PHE D 187 -19.53 -50.12 11.44
CA PHE D 187 -19.21 -48.96 10.59
C PHE D 187 -20.48 -48.24 10.13
N HIS D 188 -21.50 -48.99 9.69
CA HIS D 188 -22.77 -48.40 9.28
CA HIS D 188 -22.72 -48.35 9.26
C HIS D 188 -23.36 -47.57 10.41
N LYS D 189 -23.49 -48.16 11.61
CA LYS D 189 -24.09 -47.44 12.72
C LYS D 189 -23.23 -46.28 13.21
N SER D 190 -21.94 -46.26 12.86
CA SER D 190 -21.02 -45.28 13.41
C SER D 190 -20.55 -44.28 12.36
N SER D 191 -21.32 -44.09 11.29
CA SER D 191 -20.82 -43.30 10.17
C SER D 191 -20.44 -41.88 10.59
N GLN D 192 -21.30 -41.22 11.36
CA GLN D 192 -21.01 -39.85 11.76
C GLN D 192 -19.67 -39.75 12.50
N GLU D 193 -19.22 -40.84 13.13
CA GLU D 193 -17.95 -40.83 13.84
C GLU D 193 -16.76 -40.61 12.92
N PHE D 194 -16.93 -40.80 11.60
CA PHE D 194 -15.81 -40.70 10.68
C PHE D 194 -16.01 -39.58 9.66
N LEU D 195 -17.02 -38.73 9.84
CA LEU D 195 -17.35 -37.71 8.87
C LEU D 195 -17.36 -36.38 9.58
N GLY D 196 -16.18 -35.73 9.58
CA GLY D 196 -15.99 -34.41 10.14
C GLY D 196 -15.26 -33.45 9.23
N ILE D 197 -14.76 -32.36 9.83
CA ILE D 197 -14.22 -31.24 9.06
C ILE D 197 -13.03 -31.66 8.22
N GLN D 198 -12.08 -32.37 8.83
CA GLN D 198 -10.92 -32.77 8.06
C GLN D 198 -11.31 -33.75 6.97
N GLU D 199 -12.28 -34.61 7.24
CA GLU D 199 -12.64 -35.62 6.25
C GLU D 199 -13.40 -35.01 5.08
N VAL D 200 -14.34 -34.10 5.36
CA VAL D 200 -15.03 -33.42 4.28
C VAL D 200 -14.04 -32.61 3.45
N ARG D 201 -13.12 -31.91 4.10
CA ARG D 201 -12.07 -31.22 3.36
C ARG D 201 -11.32 -32.19 2.45
N SER D 202 -11.02 -33.38 2.95
CA SER D 202 -10.31 -34.36 2.13
C SER D 202 -11.12 -34.71 0.86
N MET D 203 -12.45 -34.84 1.01
CA MET D 203 -13.29 -35.10 -0.14
C MET D 203 -13.22 -33.94 -1.14
N ILE D 204 -13.47 -32.73 -0.65
CA ILE D 204 -13.44 -31.55 -1.51
C ILE D 204 -12.09 -31.43 -2.21
N GLU D 205 -11.02 -31.83 -1.53
CA GLU D 205 -9.72 -31.81 -2.18
C GLU D 205 -9.75 -32.74 -3.39
N PHE D 206 -10.10 -34.01 -3.18
CA PHE D 206 -10.11 -34.95 -4.30
C PHE D 206 -10.97 -34.44 -5.45
N MET D 207 -12.11 -33.85 -5.11
CA MET D 207 -12.97 -33.26 -6.11
C MET D 207 -12.25 -32.12 -6.88
N GLU D 208 -11.44 -31.32 -6.17
CA GLU D 208 -10.72 -30.20 -6.78
C GLU D 208 -9.84 -30.65 -7.96
N ARG D 209 -9.37 -31.89 -7.97
CA ARG D 209 -8.40 -32.29 -8.99
C ARG D 209 -9.00 -32.22 -10.41
N SER D 210 -10.26 -32.63 -10.57
CA SER D 210 -10.89 -32.61 -11.87
C SER D 210 -12.03 -31.62 -11.97
N PHE D 211 -12.47 -31.03 -10.87
CA PHE D 211 -13.55 -30.05 -10.88
C PHE D 211 -13.14 -28.79 -10.15
N PRO D 212 -12.01 -28.18 -10.55
CA PRO D 212 -11.50 -27.01 -9.82
C PRO D 212 -12.51 -25.89 -9.74
N ASP D 213 -13.22 -25.63 -10.84
CA ASP D 213 -14.08 -24.47 -10.88
C ASP D 213 -15.39 -24.70 -10.13
N LEU D 214 -15.93 -25.93 -10.20
CA LEU D 214 -17.14 -26.25 -9.44
C LEU D 214 -16.87 -26.15 -7.95
N VAL D 215 -15.73 -26.68 -7.51
CA VAL D 215 -15.37 -26.56 -6.10
C VAL D 215 -15.20 -25.10 -5.74
N LYS D 216 -14.49 -24.34 -6.60
CA LYS D 216 -14.27 -22.93 -6.32
C LYS D 216 -15.59 -22.19 -6.15
N GLU D 217 -16.60 -22.53 -6.96
CA GLU D 217 -17.91 -21.89 -6.84
C GLU D 217 -18.63 -22.26 -5.55
N VAL D 218 -18.57 -23.54 -5.14
CA VAL D 218 -19.28 -23.93 -3.94
C VAL D 218 -18.59 -23.37 -2.70
N THR D 219 -17.26 -23.53 -2.63
CA THR D 219 -16.52 -23.08 -1.45
C THR D 219 -16.48 -21.56 -1.36
N ARG D 220 -16.69 -20.85 -2.46
CA ARG D 220 -16.84 -19.41 -2.36
C ARG D 220 -18.13 -19.02 -1.64
N LEU D 221 -19.11 -19.91 -1.60
CA LEU D 221 -20.43 -19.60 -1.05
C LEU D 221 -20.73 -20.31 0.25
N ILE D 222 -20.10 -21.45 0.48
CA ILE D 222 -20.35 -22.27 1.66
C ILE D 222 -19.02 -22.54 2.35
N PRO D 223 -18.83 -22.09 3.59
CA PRO D 223 -17.60 -22.44 4.30
C PRO D 223 -17.56 -23.92 4.63
N LEU D 224 -16.32 -24.42 4.79
CA LEU D 224 -16.07 -25.84 5.03
C LEU D 224 -16.91 -26.40 6.18
N GLN D 225 -17.10 -25.63 7.25
CA GLN D 225 -17.85 -26.16 8.39
C GLN D 225 -19.32 -26.36 8.02
N LYS D 226 -19.88 -25.39 7.27
CA LYS D 226 -21.26 -25.50 6.82
C LYS D 226 -21.40 -26.65 5.82
N LEU D 227 -20.40 -26.80 4.96
CA LEU D 227 -20.40 -27.92 4.04
C LEU D 227 -20.43 -29.25 4.79
N THR D 228 -19.60 -29.36 5.83
CA THR D 228 -19.57 -30.56 6.66
C THR D 228 -20.92 -30.83 7.30
N GLU D 229 -21.58 -29.79 7.80
CA GLU D 229 -22.92 -29.97 8.35
C GLU D 229 -23.86 -30.58 7.33
N ILE D 230 -23.80 -30.08 6.08
CA ILE D 230 -24.72 -30.54 5.04
C ILE D 230 -24.47 -32.01 4.71
N PHE D 231 -23.19 -32.37 4.50
CA PHE D 231 -22.91 -33.77 4.20
C PHE D 231 -23.36 -34.68 5.33
N LYS D 232 -23.14 -34.23 6.57
CA LYS D 232 -23.53 -35.04 7.72
C LYS D 232 -25.04 -35.21 7.76
N ARG D 233 -25.81 -34.15 7.45
CA ARG D 233 -27.27 -34.29 7.41
C ARG D 233 -27.66 -35.30 6.37
N LEU D 234 -26.98 -35.29 5.23
CA LEU D 234 -27.34 -36.25 4.20
C LEU D 234 -27.15 -37.68 4.71
N VAL D 235 -25.96 -38.01 5.21
CA VAL D 235 -25.79 -39.42 5.56
C VAL D 235 -26.60 -39.80 6.81
N GLN D 236 -26.93 -38.82 7.64
CA GLN D 236 -27.70 -39.12 8.84
C GLN D 236 -29.03 -39.73 8.48
N GLU D 237 -29.56 -39.42 7.32
CA GLU D 237 -30.81 -39.98 6.82
C GLU D 237 -30.57 -40.95 5.66
N GLN D 238 -29.44 -41.65 5.66
CA GLN D 238 -29.17 -42.73 4.70
C GLN D 238 -29.10 -42.26 3.24
N ILE D 239 -28.78 -40.98 2.98
CA ILE D 239 -28.58 -40.49 1.61
C ILE D 239 -27.09 -40.53 1.32
N SER D 240 -26.71 -41.27 0.29
CA SER D 240 -25.29 -41.40 -0.03
C SER D 240 -24.69 -40.07 -0.48
N ILE D 241 -23.44 -39.83 -0.08
CA ILE D 241 -22.74 -38.64 -0.57
C ILE D 241 -21.61 -39.07 -1.50
N LYS D 242 -21.74 -40.26 -2.12
CA LYS D 242 -20.73 -40.73 -3.06
C LYS D 242 -20.71 -39.91 -4.36
N ASP D 243 -21.85 -39.39 -4.79
CA ASP D 243 -21.91 -38.62 -6.04
C ASP D 243 -21.62 -37.14 -5.76
N LEU D 244 -20.33 -36.85 -5.57
CA LEU D 244 -19.95 -35.48 -5.20
C LEU D 244 -20.27 -34.47 -6.31
N ARG D 245 -20.18 -34.88 -7.59
CA ARG D 245 -20.50 -33.92 -8.65
C ARG D 245 -21.95 -33.47 -8.57
N THR D 246 -22.88 -34.41 -8.35
CA THR D 246 -24.27 -33.98 -8.30
C THR D 246 -24.51 -33.09 -7.09
N ILE D 247 -24.01 -33.49 -5.93
CA ILE D 247 -24.22 -32.70 -4.72
C ILE D 247 -23.62 -31.30 -4.88
N LEU D 248 -22.37 -31.23 -5.38
CA LEU D 248 -21.73 -29.92 -5.51
C LEU D 248 -22.45 -29.06 -6.53
N GLU D 249 -22.82 -29.64 -7.67
CA GLU D 249 -23.54 -28.90 -8.69
C GLU D 249 -24.85 -28.34 -8.14
N SER D 250 -25.56 -29.14 -7.32
CA SER D 250 -26.81 -28.68 -6.71
C SER D 250 -26.57 -27.49 -5.80
N LEU D 251 -25.58 -27.63 -4.90
CA LEU D 251 -25.23 -26.55 -4.02
C LEU D 251 -24.80 -25.31 -4.82
N SER D 252 -24.03 -25.52 -5.91
CA SER D 252 -23.58 -24.37 -6.69
C SER D 252 -24.77 -23.62 -7.25
N GLU D 253 -25.86 -24.32 -7.56
CA GLU D 253 -27.03 -23.59 -8.02
C GLU D 253 -27.72 -22.88 -6.86
N TRP D 254 -27.98 -23.59 -5.76
CA TRP D 254 -28.89 -23.01 -4.77
C TRP D 254 -28.23 -22.10 -3.73
N ALA D 255 -26.93 -22.22 -3.52
CA ALA D 255 -26.25 -21.32 -2.59
C ALA D 255 -26.13 -19.89 -3.12
N GLN D 256 -26.40 -19.64 -4.40
CA GLN D 256 -26.47 -18.25 -4.85
C GLN D 256 -27.58 -17.52 -4.12
N THR D 257 -28.72 -18.17 -3.92
CA THR D 257 -29.94 -17.54 -3.43
C THR D 257 -30.25 -17.87 -1.97
N GLU D 258 -29.96 -19.09 -1.51
CA GLU D 258 -30.36 -19.55 -0.18
C GLU D 258 -29.14 -19.87 0.67
N LYS D 259 -29.14 -19.40 1.93
CA LYS D 259 -28.02 -19.65 2.82
C LYS D 259 -28.31 -20.68 3.90
N ASP D 260 -29.58 -20.91 4.26
CA ASP D 260 -29.93 -21.89 5.28
C ASP D 260 -29.41 -23.27 4.92
N THR D 261 -28.64 -23.86 5.84
CA THR D 261 -28.03 -25.15 5.53
C THR D 261 -29.09 -26.25 5.42
N VAL D 262 -30.19 -26.13 6.16
CA VAL D 262 -31.22 -27.16 6.09
C VAL D 262 -31.91 -27.11 4.74
N LEU D 263 -32.25 -25.91 4.27
CA LEU D 263 -32.88 -25.79 2.96
C LEU D 263 -31.92 -26.20 1.84
N LEU D 264 -30.64 -25.83 1.96
CA LEU D 264 -29.68 -26.35 0.98
C LEU D 264 -29.69 -27.88 0.98
N THR D 265 -29.78 -28.48 2.17
CA THR D 265 -29.80 -29.94 2.24
C THR D 265 -31.04 -30.51 1.56
N GLU D 266 -32.21 -29.89 1.76
CA GLU D 266 -33.41 -30.34 1.08
C GLU D 266 -33.21 -30.31 -0.43
N TYR D 267 -32.64 -29.21 -0.94
CA TYR D 267 -32.42 -29.09 -2.38
C TYR D 267 -31.50 -30.20 -2.88
N VAL D 268 -30.42 -30.49 -2.16
CA VAL D 268 -29.53 -31.57 -2.57
C VAL D 268 -30.29 -32.89 -2.64
N ARG D 269 -31.17 -33.10 -1.65
CA ARG D 269 -32.01 -34.32 -1.57
C ARG D 269 -32.89 -34.41 -2.82
N SER D 270 -33.46 -33.29 -3.25
CA SER D 270 -34.31 -33.29 -4.44
C SER D 270 -33.48 -33.44 -5.70
N SER D 271 -32.22 -33.09 -5.63
CA SER D 271 -31.37 -33.28 -6.79
C SER D 271 -30.93 -34.73 -6.94
N LEU D 272 -31.06 -35.52 -5.89
CA LEU D 272 -30.71 -36.94 -5.96
C LEU D 272 -31.93 -37.84 -6.23
N LYS D 273 -32.94 -37.35 -6.97
CA LYS D 273 -34.18 -38.10 -7.25
C LYS D 273 -33.89 -39.52 -7.69
N LEU D 274 -33.01 -39.68 -8.68
CA LEU D 274 -32.71 -41.02 -9.18
C LEU D 274 -32.18 -41.91 -8.07
N TYR D 275 -31.20 -41.42 -7.28
CA TYR D 275 -30.63 -42.22 -6.21
C TYR D 275 -31.71 -42.62 -5.20
N ILE D 276 -32.49 -41.64 -4.77
CA ILE D 276 -33.47 -41.89 -3.71
C ILE D 276 -34.55 -42.85 -4.18
N SER D 277 -35.08 -42.65 -5.40
CA SER D 277 -36.10 -43.55 -5.93
C SER D 277 -35.58 -44.96 -6.03
N PHE D 278 -34.39 -45.13 -6.60
CA PHE D 278 -33.87 -46.48 -6.72
C PHE D 278 -33.68 -47.12 -5.35
N LYS D 279 -33.15 -46.34 -4.39
CA LYS D 279 -32.83 -46.91 -3.08
C LYS D 279 -34.08 -47.35 -2.34
N PHE D 280 -35.02 -46.43 -2.13
CA PHE D 280 -36.16 -46.74 -1.28
C PHE D 280 -37.27 -47.48 -1.99
N SER D 281 -37.27 -47.52 -3.32
CA SER D 281 -38.13 -48.47 -4.00
C SER D 281 -37.47 -49.84 -4.09
N GLN D 282 -36.25 -49.95 -3.59
CA GLN D 282 -35.43 -51.17 -3.67
C GLN D 282 -35.33 -51.69 -5.09
N GLY D 283 -35.44 -50.80 -6.08
CA GLY D 283 -35.23 -51.16 -7.46
C GLY D 283 -36.43 -51.72 -8.20
N GLN D 284 -37.64 -51.35 -7.80
CA GLN D 284 -38.86 -51.90 -8.37
C GLN D 284 -39.60 -50.81 -9.14
N SER D 285 -40.63 -51.19 -9.88
CA SER D 285 -41.33 -50.16 -10.63
C SER D 285 -42.27 -49.35 -9.76
N ALA D 286 -42.13 -49.42 -8.44
CA ALA D 286 -43.12 -48.87 -7.52
C ALA D 286 -42.61 -48.88 -6.08
N ILE D 287 -42.60 -47.70 -5.47
CA ILE D 287 -42.19 -47.55 -4.08
C ILE D 287 -43.39 -47.74 -3.14
N SER D 288 -43.20 -48.55 -2.09
CA SER D 288 -44.27 -48.84 -1.13
C SER D 288 -44.09 -47.98 0.11
N VAL D 289 -45.12 -47.19 0.45
CA VAL D 289 -44.99 -46.11 1.43
C VAL D 289 -46.18 -46.03 2.37
N TYR D 290 -45.98 -45.34 3.48
CA TYR D 290 -47.07 -44.86 4.32
C TYR D 290 -47.30 -43.38 4.03
N LEU D 291 -48.54 -42.93 4.18
CA LEU D 291 -48.89 -41.53 3.93
C LEU D 291 -49.42 -40.88 5.20
N LEU D 292 -49.57 -39.55 5.13
CA LEU D 292 -50.11 -38.75 6.22
C LEU D 292 -51.51 -38.25 5.91
N ASP D 293 -52.34 -38.21 6.95
CA ASP D 293 -53.63 -37.52 6.85
C ASP D 293 -53.40 -36.07 6.47
N PRO D 294 -54.19 -35.50 5.56
CA PRO D 294 -54.09 -34.05 5.33
C PRO D 294 -54.20 -33.26 6.64
N GLU D 295 -54.97 -33.78 7.60
CA GLU D 295 -55.06 -33.13 8.91
C GLU D 295 -53.71 -33.08 9.60
N ILE D 296 -52.94 -34.17 9.53
CA ILE D 296 -51.61 -34.16 10.14
C ILE D 296 -50.69 -33.20 9.42
N GLU D 297 -50.70 -33.20 8.08
CA GLU D 297 -49.84 -32.28 7.34
C GLU D 297 -50.15 -30.83 7.66
N GLU D 298 -51.44 -30.47 7.70
CA GLU D 298 -51.82 -29.12 8.07
C GLU D 298 -51.39 -28.78 9.49
N MET D 299 -51.48 -29.75 10.40
CA MET D 299 -51.15 -29.49 11.80
C MET D 299 -49.64 -29.28 11.98
N ILE D 300 -48.83 -30.02 11.23
CA ILE D 300 -47.39 -29.82 11.32
C ILE D 300 -47.03 -28.46 10.75
N ARG D 301 -47.77 -28.05 9.71
CA ARG D 301 -47.47 -26.84 8.93
C ARG D 301 -47.39 -25.60 9.80
N GLY D 302 -47.88 -25.66 11.05
CA GLY D 302 -47.61 -24.60 11.99
C GLY D 302 -46.26 -24.85 12.64
N ALA D 303 -45.24 -24.21 12.08
CA ALA D 303 -43.83 -24.46 12.41
C ALA D 303 -43.16 -23.13 12.67
N ILE D 304 -42.39 -23.05 13.77
CA ILE D 304 -41.65 -21.83 14.08
C ILE D 304 -40.52 -21.68 13.06
N LYS D 305 -40.65 -20.69 12.18
CA LYS D 305 -39.61 -20.37 11.19
C LYS D 305 -39.20 -18.93 11.44
N GLN D 306 -38.27 -18.74 12.38
CA GLN D 306 -37.71 -17.44 12.68
C GLN D 306 -36.37 -17.29 11.97
N THR D 307 -35.82 -16.08 12.03
CA THR D 307 -34.54 -15.77 11.40
C THR D 307 -33.39 -16.32 12.25
N SER D 308 -33.40 -17.65 12.43
CA SER D 308 -32.50 -18.33 13.34
C SER D 308 -31.75 -19.47 12.64
N ALA D 309 -31.24 -19.20 11.43
CA ALA D 309 -30.40 -20.13 10.67
C ALA D 309 -30.86 -21.57 10.77
N GLY D 310 -32.18 -21.78 10.71
CA GLY D 310 -32.78 -23.09 10.95
C GLY D 310 -34.04 -22.92 11.77
N SER D 311 -35.14 -23.45 11.26
CA SER D 311 -36.45 -23.21 11.84
C SER D 311 -36.83 -24.31 12.82
N TYR D 312 -37.45 -23.91 13.94
CA TYR D 312 -37.94 -24.85 14.93
C TYR D 312 -39.28 -25.43 14.47
N LEU D 313 -39.90 -26.24 15.32
CA LEU D 313 -41.21 -26.82 15.03
C LEU D 313 -41.98 -26.91 16.34
N ALA D 314 -42.80 -25.90 16.61
CA ALA D 314 -43.51 -25.79 17.88
C ALA D 314 -44.88 -26.45 17.75
N LEU D 315 -44.93 -27.74 18.05
CA LEU D 315 -46.19 -28.47 18.13
C LEU D 315 -46.45 -28.88 19.58
N ASP D 316 -47.71 -28.88 19.95
CA ASP D 316 -48.11 -29.21 21.32
C ASP D 316 -47.58 -30.59 21.69
N PRO D 317 -46.89 -30.74 22.84
CA PRO D 317 -46.47 -32.07 23.33
C PRO D 317 -47.52 -33.16 23.14
N ASP D 318 -48.73 -32.96 23.65
CA ASP D 318 -49.77 -33.97 23.49
C ASP D 318 -50.08 -34.23 22.02
N SER D 319 -49.88 -33.23 21.15
CA SER D 319 -50.10 -33.46 19.73
C SER D 319 -48.99 -34.31 19.12
N VAL D 320 -47.74 -34.07 19.54
CA VAL D 320 -46.65 -34.95 19.12
C VAL D 320 -46.92 -36.38 19.59
N ASN D 321 -47.48 -36.53 20.80
CA ASN D 321 -47.75 -37.86 21.31
C ASN D 321 -48.97 -38.49 20.64
N LEU D 322 -49.86 -37.67 20.08
CA LEU D 322 -50.98 -38.25 19.36
C LEU D 322 -50.55 -38.67 17.96
N ILE D 323 -49.59 -37.98 17.38
CA ILE D 323 -49.12 -38.40 16.06
C ILE D 323 -48.24 -39.64 16.22
N LEU D 324 -47.43 -39.68 17.27
CA LEU D 324 -46.62 -40.86 17.54
C LEU D 324 -47.50 -42.07 17.84
N LYS D 325 -48.60 -41.87 18.57
CA LYS D 325 -49.53 -42.97 18.87
C LYS D 325 -50.20 -43.47 17.60
N SER D 326 -50.67 -42.57 16.74
CA SER D 326 -51.30 -43.00 15.50
C SER D 326 -50.29 -43.76 14.63
N MET D 327 -49.03 -43.32 14.62
CA MET D 327 -48.01 -44.04 13.86
C MET D 327 -47.76 -45.43 14.43
N ARG D 328 -47.64 -45.54 15.76
CA ARG D 328 -47.44 -46.85 16.37
C ARG D 328 -48.59 -47.78 16.03
N ASN D 329 -49.81 -47.27 16.00
CA ASN D 329 -50.98 -48.09 15.76
C ASN D 329 -51.27 -48.26 14.28
N THR D 330 -50.46 -47.65 13.41
CA THR D 330 -50.65 -47.82 11.98
C THR D 330 -49.46 -48.46 11.26
N ILE D 331 -48.24 -48.36 11.78
CA ILE D 331 -47.06 -48.90 11.11
C ILE D 331 -46.87 -50.34 11.56
N THR D 332 -47.26 -51.28 10.70
CA THR D 332 -46.99 -52.70 10.86
C THR D 332 -45.49 -52.94 10.77
N PRO D 333 -44.83 -53.46 11.83
CA PRO D 333 -43.37 -53.62 11.80
C PRO D 333 -42.88 -54.39 10.59
N THR D 334 -41.58 -54.23 10.27
CA THR D 334 -41.08 -54.78 9.02
C THR D 334 -40.16 -55.96 9.26
N PRO D 335 -40.27 -57.03 8.44
CA PRO D 335 -39.43 -58.23 8.50
C PRO D 335 -38.00 -57.98 8.00
N GLN D 339 -35.72 -54.87 5.78
CA GLN D 339 -35.86 -53.59 5.10
C GLN D 339 -36.70 -52.63 5.93
N PRO D 340 -36.40 -51.34 5.84
CA PRO D 340 -37.12 -50.34 6.64
C PRO D 340 -38.30 -49.76 5.89
N PRO D 341 -39.30 -49.23 6.58
CA PRO D 341 -40.45 -48.64 5.89
C PRO D 341 -40.15 -47.22 5.44
N VAL D 342 -40.99 -46.74 4.52
CA VAL D 342 -40.85 -45.41 3.95
C VAL D 342 -42.12 -44.62 4.23
N LEU D 343 -41.94 -43.38 4.67
CA LEU D 343 -43.03 -42.46 4.96
C LEU D 343 -42.93 -41.32 3.96
N LEU D 344 -43.92 -41.19 3.10
CA LEU D 344 -43.94 -40.18 2.04
C LEU D 344 -44.76 -38.97 2.49
N THR D 345 -44.15 -37.78 2.46
CA THR D 345 -44.80 -36.58 2.98
C THR D 345 -44.74 -35.46 1.96
N ALA D 346 -45.47 -34.39 2.24
CA ALA D 346 -45.44 -33.19 1.40
C ALA D 346 -44.10 -32.48 1.54
N ILE D 347 -43.81 -31.64 0.53
CA ILE D 347 -42.47 -31.04 0.42
C ILE D 347 -42.13 -30.22 1.66
N ASP D 348 -43.00 -29.26 1.99
CA ASP D 348 -42.72 -28.28 3.04
C ASP D 348 -42.77 -28.86 4.46
N VAL D 349 -43.12 -30.13 4.68
CA VAL D 349 -43.17 -30.69 6.03
C VAL D 349 -42.16 -31.80 6.25
N ARG D 350 -41.53 -32.33 5.20
CA ARG D 350 -40.72 -33.54 5.32
C ARG D 350 -39.67 -33.41 6.41
N ARG D 351 -38.83 -32.37 6.33
CA ARG D 351 -37.76 -32.21 7.31
C ARG D 351 -38.32 -32.12 8.72
N TYR D 352 -39.48 -31.47 8.87
CA TYR D 352 -40.06 -31.37 10.20
C TYR D 352 -40.57 -32.73 10.66
N VAL D 353 -41.23 -33.47 9.75
CA VAL D 353 -41.73 -34.80 10.12
C VAL D 353 -40.58 -35.64 10.65
N ARG D 354 -39.45 -35.62 9.96
CA ARG D 354 -38.28 -36.34 10.45
C ARG D 354 -37.92 -35.91 11.86
N LYS D 355 -37.69 -34.61 12.09
CA LYS D 355 -37.28 -34.14 13.40
C LYS D 355 -38.34 -34.38 14.46
N LEU D 356 -39.50 -34.89 14.06
CA LEU D 356 -40.59 -35.20 14.97
C LEU D 356 -40.65 -36.68 15.33
N ILE D 357 -40.23 -37.56 14.42
CA ILE D 357 -40.34 -39.00 14.63
C ILE D 357 -39.01 -39.71 14.81
N GLU D 358 -37.88 -39.01 14.64
CA GLU D 358 -36.58 -39.68 14.57
C GLU D 358 -36.17 -40.40 15.86
N THR D 359 -36.72 -40.02 17.01
CA THR D 359 -36.30 -40.65 18.26
C THR D 359 -36.95 -42.01 18.45
N GLU D 360 -38.27 -42.10 18.22
CA GLU D 360 -38.97 -43.37 18.40
C GLU D 360 -38.94 -44.24 17.16
N PHE D 361 -38.87 -43.63 15.97
CA PHE D 361 -38.87 -44.34 14.69
C PHE D 361 -37.59 -43.96 13.95
N PRO D 362 -36.43 -44.42 14.43
CA PRO D 362 -35.16 -43.89 13.90
C PRO D 362 -34.83 -44.34 12.49
N ASP D 363 -35.25 -45.52 12.05
CA ASP D 363 -34.84 -46.05 10.77
C ASP D 363 -35.88 -45.85 9.67
N ILE D 364 -36.98 -45.16 9.96
CA ILE D 364 -37.97 -44.88 8.93
C ILE D 364 -37.43 -43.79 8.02
N ALA D 365 -37.39 -44.08 6.72
CA ALA D 365 -36.96 -43.09 5.75
C ALA D 365 -38.11 -42.14 5.46
N VAL D 366 -37.92 -40.85 5.67
CA VAL D 366 -38.95 -39.86 5.41
C VAL D 366 -38.59 -39.19 4.07
N ILE D 367 -39.41 -39.40 3.05
CA ILE D 367 -39.14 -38.83 1.72
C ILE D 367 -40.32 -37.98 1.26
N SER D 368 -40.08 -37.19 0.22
CA SER D 368 -41.11 -36.29 -0.31
C SER D 368 -41.29 -36.50 -1.80
N TYR D 369 -42.40 -35.97 -2.31
CA TYR D 369 -42.70 -36.09 -3.74
C TYR D 369 -41.60 -35.46 -4.59
N GLN D 370 -40.88 -34.48 -4.04
CA GLN D 370 -39.75 -33.81 -4.67
C GLN D 370 -38.55 -34.71 -4.83
N GLU D 371 -38.55 -35.90 -4.20
CA GLU D 371 -37.33 -36.75 -4.23
C GLU D 371 -37.53 -38.03 -5.06
N ILE D 372 -38.76 -38.36 -5.46
CA ILE D 372 -38.98 -39.57 -6.22
C ILE D 372 -39.17 -39.22 -7.69
N LEU D 373 -38.88 -40.19 -8.55
CA LEU D 373 -39.10 -40.00 -9.98
C LEU D 373 -40.59 -39.89 -10.25
N PRO D 374 -41.01 -39.03 -11.19
CA PRO D 374 -42.44 -38.87 -11.46
C PRO D 374 -43.13 -40.16 -11.91
N GLU D 375 -42.41 -41.10 -12.51
CA GLU D 375 -42.98 -42.34 -13.02
C GLU D 375 -42.88 -43.51 -12.04
N ILE D 376 -42.44 -43.27 -10.81
CA ILE D 376 -42.33 -44.36 -9.84
C ILE D 376 -43.70 -44.49 -9.18
N ARG D 377 -44.33 -45.65 -9.34
CA ARG D 377 -45.71 -45.80 -8.90
C ARG D 377 -45.79 -45.86 -7.37
N ILE D 378 -46.72 -45.11 -6.81
CA ILE D 378 -46.82 -44.92 -5.36
C ILE D 378 -47.83 -45.92 -4.80
N GLN D 379 -47.35 -46.95 -4.11
CA GLN D 379 -48.23 -47.94 -3.49
C GLN D 379 -48.50 -47.54 -2.04
N PRO D 380 -49.73 -47.12 -1.69
CA PRO D 380 -49.99 -46.61 -0.32
C PRO D 380 -50.42 -47.67 0.68
N LEU D 381 -49.73 -47.76 1.82
CA LEU D 381 -50.11 -48.66 2.92
C LEU D 381 -50.83 -47.93 4.06
N GLY D 382 -51.91 -47.22 3.74
CA GLY D 382 -52.73 -46.60 4.77
C GLY D 382 -52.19 -45.31 5.38
N ARG D 383 -53.07 -44.35 5.62
CA ARG D 383 -52.72 -43.03 6.14
C ARG D 383 -52.37 -43.12 7.63
N ILE D 384 -52.16 -41.97 8.27
CA ILE D 384 -51.91 -41.86 9.71
C ILE D 384 -53.02 -41.00 10.31
N GLN D 385 -53.88 -41.61 11.14
CA GLN D 385 -55.05 -40.92 11.74
C GLN D 385 -54.69 -39.65 12.50
N PRO E 40 26.63 -22.22 34.43
CA PRO E 40 27.24 -21.55 35.59
C PRO E 40 26.29 -20.58 36.30
N ASP E 41 25.90 -19.49 35.62
CA ASP E 41 24.97 -18.53 36.21
C ASP E 41 23.90 -18.09 35.21
N ASP E 42 23.45 -19.01 34.36
CA ASP E 42 22.21 -18.83 33.64
C ASP E 42 21.05 -19.16 34.57
N TYR E 43 19.84 -18.88 34.10
CA TYR E 43 18.68 -19.29 34.86
C TYR E 43 18.50 -20.80 34.75
N SER E 44 17.70 -21.35 35.64
CA SER E 44 17.34 -22.75 35.59
C SER E 44 15.83 -22.87 35.73
N LEU E 45 15.24 -23.81 35.01
CA LEU E 45 13.80 -24.03 35.10
C LEU E 45 13.46 -24.87 36.33
N THR E 46 12.45 -24.44 37.08
CA THR E 46 11.99 -25.18 38.25
C THR E 46 11.52 -26.57 37.83
N LEU E 47 11.96 -27.60 38.56
CA LEU E 47 11.57 -28.98 38.24
C LEU E 47 10.17 -29.26 38.76
N PRO E 48 9.22 -29.69 37.90
CA PRO E 48 7.84 -29.90 38.36
C PRO E 48 7.63 -31.01 39.39
N VAL E 49 8.23 -32.20 39.27
CA VAL E 49 8.01 -33.24 40.29
C VAL E 49 9.35 -33.87 40.72
N ILE E 50 9.59 -33.85 42.03
CA ILE E 50 10.73 -34.49 42.65
C ILE E 50 10.22 -35.63 43.52
N LEU E 51 10.90 -36.78 43.44
CA LEU E 51 10.69 -37.90 44.35
C LEU E 51 11.98 -38.06 45.14
N GLU E 52 11.94 -37.74 46.43
CA GLU E 52 13.10 -37.93 47.29
C GLU E 52 12.93 -39.18 48.14
N LEU E 53 14.02 -39.94 48.29
CA LEU E 53 13.98 -41.23 48.95
C LEU E 53 14.99 -41.30 50.08
N GLY E 54 14.58 -41.97 51.17
CA GLY E 54 15.47 -42.24 52.30
C GLY E 54 16.52 -43.26 51.95
N LYS E 55 17.50 -43.41 52.85
CA LYS E 55 18.68 -44.22 52.54
C LYS E 55 18.31 -45.63 52.12
N ASP E 56 17.29 -46.22 52.75
CA ASP E 56 16.96 -47.63 52.47
C ASP E 56 16.18 -47.79 51.17
N LEU E 57 15.15 -46.96 50.93
CA LEU E 57 14.45 -47.01 49.64
C LEU E 57 15.39 -46.70 48.49
N SER E 58 16.35 -45.79 48.73
CA SER E 58 17.37 -45.51 47.73
C SER E 58 18.20 -46.76 47.46
N LYS E 59 18.60 -47.46 48.52
CA LYS E 59 19.25 -48.76 48.35
C LYS E 59 18.32 -49.74 47.62
N LEU E 60 17.01 -49.51 47.72
CA LEU E 60 16.00 -50.42 47.20
C LEU E 60 15.77 -50.30 45.70
N ILE E 61 15.95 -49.10 45.13
CA ILE E 61 15.67 -48.95 43.70
C ILE E 61 16.76 -49.53 42.81
N GLN E 62 17.78 -50.19 43.39
CA GLN E 62 18.85 -50.82 42.62
C GLN E 62 18.52 -52.22 42.09
N HIS E 63 17.56 -52.92 42.70
CA HIS E 63 17.21 -54.26 42.26
C HIS E 63 16.32 -54.18 41.01
N LYS E 64 15.73 -55.30 40.63
CA LYS E 64 14.73 -55.33 39.58
C LYS E 64 13.63 -56.30 40.01
N THR E 65 12.41 -56.04 39.53
CA THR E 65 11.28 -56.87 39.87
C THR E 65 11.49 -58.30 39.36
N LYS E 66 10.60 -59.20 39.77
CA LYS E 66 10.66 -60.57 39.27
C LYS E 66 10.51 -60.64 37.75
N SER E 67 10.13 -59.54 37.11
CA SER E 67 10.04 -59.46 35.65
C SER E 67 11.21 -58.73 35.02
N GLY E 68 12.29 -58.48 35.78
CA GLY E 68 13.49 -57.84 35.27
C GLY E 68 13.27 -56.46 34.69
N GLN E 69 12.54 -55.62 35.41
CA GLN E 69 12.25 -54.26 34.97
C GLN E 69 12.84 -53.26 35.97
N SER E 70 13.12 -52.06 35.49
CA SER E 70 13.73 -51.01 36.31
C SER E 70 12.68 -50.05 36.83
N PHE E 71 12.81 -49.65 38.08
CA PHE E 71 11.89 -48.69 38.67
C PHE E 71 11.91 -47.39 37.89
N VAL E 72 13.11 -46.91 37.56
CA VAL E 72 13.23 -45.60 36.93
C VAL E 72 13.04 -45.67 35.42
N ASP E 73 13.48 -46.76 34.80
CA ASP E 73 13.42 -46.90 33.36
C ASP E 73 12.16 -47.59 32.86
N ASP E 74 11.50 -48.38 33.70
CA ASP E 74 10.28 -49.10 33.28
C ASP E 74 9.05 -48.72 34.09
N MET E 75 9.11 -48.78 35.42
CA MET E 75 7.87 -48.59 36.19
C MET E 75 7.34 -47.17 36.05
N ILE E 76 8.21 -46.17 36.19
CA ILE E 76 7.79 -44.78 36.13
C ILE E 76 7.33 -44.42 34.70
N PRO E 77 8.08 -44.74 33.64
CA PRO E 77 7.55 -44.52 32.29
C PRO E 77 6.21 -45.19 32.04
N LYS E 78 6.04 -46.44 32.46
CA LYS E 78 4.74 -47.09 32.26
C LYS E 78 3.65 -46.36 33.03
N MET E 79 3.96 -45.81 34.20
CA MET E 79 2.95 -45.04 34.93
C MET E 79 2.57 -43.78 34.15
N ARG E 80 3.57 -43.07 33.64
CA ARG E 80 3.28 -41.89 32.83
C ARG E 80 2.44 -42.28 31.61
N GLN E 81 2.79 -43.38 30.95
CA GLN E 81 2.01 -43.84 29.82
C GLN E 81 0.57 -44.15 30.21
N ALA E 82 0.37 -44.84 31.34
CA ALA E 82 -0.99 -45.16 31.76
C ALA E 82 -1.78 -43.90 32.07
N LEU E 83 -1.15 -42.92 32.72
CA LEU E 83 -1.83 -41.67 33.00
C LEU E 83 -2.24 -40.95 31.72
N TYR E 84 -1.35 -40.98 30.71
CA TYR E 84 -1.71 -40.34 29.45
C TYR E 84 -2.87 -41.08 28.79
N GLN E 85 -3.04 -42.36 29.07
CA GLN E 85 -4.22 -43.01 28.47
C GLN E 85 -5.44 -42.70 29.33
N ASP E 86 -5.32 -42.56 30.64
CA ASP E 86 -6.53 -42.32 31.46
C ASP E 86 -7.24 -40.98 31.38
N ILE E 87 -6.50 -39.89 31.13
CA ILE E 87 -7.05 -38.52 30.90
C ILE E 87 -6.25 -37.83 29.80
N GLY E 88 -6.51 -36.60 29.44
CA GLY E 88 -5.77 -36.05 28.29
C GLY E 88 -4.29 -35.86 28.46
N ILE E 89 -3.89 -35.40 29.64
CA ILE E 89 -2.55 -34.91 30.02
C ILE E 89 -1.38 -35.83 29.73
N ARG E 90 -0.26 -35.22 29.41
CA ARG E 90 1.04 -35.88 29.24
C ARG E 90 1.88 -35.26 30.35
N TYR E 91 2.06 -36.01 31.41
CA TYR E 91 2.59 -35.52 32.67
C TYR E 91 4.11 -35.49 32.63
N PRO E 92 4.73 -34.58 33.38
CA PRO E 92 6.19 -34.45 33.34
C PRO E 92 6.89 -35.65 33.94
N GLY E 93 8.17 -35.77 33.59
CA GLY E 93 8.99 -36.83 34.14
C GLY E 93 9.27 -36.63 35.62
N ILE E 94 9.74 -37.69 36.27
CA ILE E 94 9.92 -37.68 37.71
C ILE E 94 11.40 -37.61 37.99
N HIS E 95 11.85 -36.54 38.65
CA HIS E 95 13.26 -36.41 39.01
C HIS E 95 13.45 -37.09 40.36
N VAL E 96 14.26 -38.14 40.35
CA VAL E 96 14.42 -38.98 41.56
C VAL E 96 15.73 -38.66 42.28
N ARG E 97 15.63 -38.15 43.49
CA ARG E 97 16.76 -37.84 44.36
C ARG E 97 16.93 -38.94 45.39
N THR E 98 18.07 -39.60 45.32
CA THR E 98 18.42 -40.75 46.16
C THR E 98 19.26 -40.30 47.36
N ASP E 99 19.19 -41.10 48.43
CA ASP E 99 19.88 -40.79 49.70
C ASP E 99 19.58 -39.38 50.15
N SER E 100 18.31 -39.14 50.43
CA SER E 100 17.89 -37.81 50.87
C SER E 100 18.41 -37.58 52.28
N PRO E 101 19.00 -36.41 52.56
CA PRO E 101 19.53 -36.17 53.92
C PRO E 101 18.44 -35.97 54.95
N SER E 102 17.32 -35.37 54.56
CA SER E 102 16.24 -35.07 55.49
C SER E 102 15.19 -36.16 55.56
N LEU E 103 15.57 -37.43 55.62
CA LEU E 103 14.58 -38.49 55.38
C LEU E 103 15.02 -39.80 56.01
N GLU E 104 14.04 -40.63 56.34
CA GLU E 104 14.16 -41.64 57.38
C GLU E 104 14.62 -43.01 56.87
N GLY E 105 15.14 -43.09 55.65
CA GLY E 105 15.56 -44.36 55.10
C GLY E 105 14.41 -45.15 54.51
N TYR E 106 13.25 -45.15 55.17
CA TYR E 106 12.06 -45.82 54.66
C TYR E 106 10.95 -44.82 54.36
N ASP E 107 11.31 -43.54 54.29
CA ASP E 107 10.37 -42.47 53.98
C ASP E 107 10.58 -42.00 52.55
N TYR E 108 9.52 -41.41 51.99
CA TYR E 108 9.64 -40.80 50.68
C TYR E 108 8.85 -39.51 50.67
N MET E 109 9.24 -38.62 49.77
CA MET E 109 8.63 -37.31 49.71
C MET E 109 8.42 -36.92 48.25
N ILE E 110 7.29 -36.29 47.99
CA ILE E 110 6.95 -35.77 46.66
C ILE E 110 6.92 -34.25 46.75
N LEU E 111 7.73 -33.62 45.90
CA LEU E 111 7.85 -32.16 45.83
C LEU E 111 7.26 -31.68 44.51
N LEU E 112 6.32 -30.74 44.62
CA LEU E 112 5.67 -30.13 43.48
C LEU E 112 6.31 -28.77 43.25
N ASN E 113 7.02 -28.64 42.15
CA ASN E 113 7.69 -27.40 41.82
C ASN E 113 8.66 -27.04 42.93
N GLU E 114 9.44 -28.04 43.36
CA GLU E 114 10.52 -27.91 44.33
C GLU E 114 10.04 -27.49 45.72
N VAL E 115 8.75 -27.58 45.98
CA VAL E 115 8.16 -27.41 47.31
C VAL E 115 7.60 -28.77 47.76
N PRO E 116 7.88 -29.23 48.99
CA PRO E 116 7.34 -30.53 49.44
C PRO E 116 5.82 -30.54 49.49
N TYR E 117 5.24 -31.49 48.75
CA TYR E 117 3.80 -31.67 48.65
C TYR E 117 3.27 -32.75 49.57
N VAL E 118 3.93 -33.90 49.64
CA VAL E 118 3.45 -34.97 50.52
C VAL E 118 4.62 -35.83 50.95
N ARG E 119 4.60 -36.21 52.23
CA ARG E 119 5.51 -37.19 52.79
C ARG E 119 4.75 -38.50 52.91
N GLY E 120 5.49 -39.60 52.91
CA GLY E 120 4.92 -40.92 53.07
C GLY E 120 5.93 -41.86 53.68
N LYS E 121 5.42 -42.96 54.22
CA LYS E 121 6.26 -43.94 54.91
C LYS E 121 5.96 -45.33 54.38
N ILE E 122 6.99 -46.16 54.31
CA ILE E 122 6.87 -47.56 53.92
C ILE E 122 7.19 -48.43 55.13
N PRO E 123 6.25 -49.20 55.67
CA PRO E 123 6.59 -50.11 56.77
C PRO E 123 7.59 -51.15 56.31
N PRO E 124 8.74 -51.24 56.98
CA PRO E 124 9.84 -52.08 56.47
C PRO E 124 9.48 -53.55 56.34
N HIS E 125 9.96 -54.16 55.25
CA HIS E 125 9.87 -55.60 55.00
C HIS E 125 8.42 -56.06 54.89
N HIS E 126 7.59 -55.25 54.24
CA HIS E 126 6.19 -55.60 54.05
C HIS E 126 5.80 -55.44 52.58
N VAL E 127 4.56 -55.80 52.29
CA VAL E 127 3.88 -55.51 51.04
C VAL E 127 2.51 -54.97 51.43
N LEU E 128 1.95 -54.15 50.56
CA LEU E 128 0.70 -53.45 50.86
C LEU E 128 -0.48 -54.27 50.37
N THR E 129 -1.62 -54.12 51.04
CA THR E 129 -2.84 -54.83 50.73
C THR E 129 -4.03 -53.89 50.92
N ASN E 130 -5.11 -54.21 50.21
CA ASN E 130 -6.37 -53.48 50.28
C ASN E 130 -7.48 -54.29 50.95
N GLU E 131 -7.13 -55.18 51.86
CA GLU E 131 -8.11 -56.14 52.37
C GLU E 131 -8.97 -55.57 53.47
N VAL E 132 -10.15 -56.16 53.62
CA VAL E 132 -11.14 -55.78 54.62
C VAL E 132 -10.63 -56.16 55.99
N GLU E 133 -11.30 -55.69 57.04
CA GLU E 133 -10.86 -55.95 58.40
C GLU E 133 -11.47 -57.21 59.00
N ASP E 134 -12.54 -57.74 58.41
CA ASP E 134 -13.06 -59.05 58.79
C ASP E 134 -12.46 -60.18 57.97
N ASN E 135 -12.05 -59.89 56.73
CA ASN E 135 -11.41 -60.92 55.90
C ASN E 135 -9.98 -61.18 56.39
N LEU E 136 -9.27 -60.13 56.83
CA LEU E 136 -7.94 -60.32 57.39
C LEU E 136 -7.98 -61.17 58.65
N SER E 137 -9.14 -61.31 59.29
CA SER E 137 -9.29 -62.27 60.37
C SER E 137 -9.41 -63.67 59.75
N ARG E 138 -8.45 -64.00 58.90
CA ARG E 138 -8.24 -65.32 58.33
C ARG E 138 -6.81 -65.74 58.61
N TYR E 139 -6.43 -65.61 59.88
CA TYR E 139 -5.13 -65.94 60.47
C TYR E 139 -4.00 -65.08 59.93
N ASN E 140 -4.30 -64.06 59.12
CA ASN E 140 -3.24 -63.21 58.59
C ASN E 140 -2.80 -62.24 59.67
N LEU E 141 -1.61 -62.48 60.22
CA LEU E 141 -1.16 -61.73 61.39
C LEU E 141 -0.99 -60.25 61.09
N PRO E 142 -0.15 -59.84 60.13
CA PRO E 142 0.15 -58.40 60.00
C PRO E 142 -1.04 -57.59 59.52
N PHE E 143 -1.62 -56.86 60.47
CA PHE E 143 -2.77 -56.00 60.27
C PHE E 143 -2.36 -54.56 60.59
N ILE E 144 -1.17 -54.16 60.12
CA ILE E 144 -0.73 -52.78 60.33
C ILE E 144 -1.57 -51.87 59.45
N THR E 145 -2.21 -50.88 60.06
CA THR E 145 -2.92 -49.84 59.32
C THR E 145 -2.06 -48.59 59.32
N TYR E 146 -1.73 -48.10 58.13
CA TYR E 146 -0.99 -46.85 57.96
C TYR E 146 -1.37 -46.36 56.56
N LYS E 147 -2.09 -45.24 56.52
CA LYS E 147 -2.61 -44.72 55.28
C LYS E 147 -1.69 -43.62 54.77
N ASN E 148 -1.02 -43.88 53.64
CA ASN E 148 -0.16 -42.86 53.07
C ASN E 148 -1.00 -41.76 52.44
N ALA E 149 -2.05 -42.14 51.72
CA ALA E 149 -2.94 -41.19 51.07
C ALA E 149 -4.37 -41.68 51.15
N ALA E 150 -5.31 -40.80 50.81
CA ALA E 150 -6.72 -41.12 50.85
C ALA E 150 -7.07 -42.28 49.90
N GLY E 151 -6.74 -42.14 48.62
CA GLY E 151 -7.07 -43.15 47.65
C GLY E 151 -6.17 -44.37 47.62
N LEU E 152 -5.42 -44.60 48.69
CA LEU E 152 -4.52 -45.73 48.68
C LEU E 152 -4.92 -46.79 49.72
N PRO E 153 -4.53 -48.04 49.50
CA PRO E 153 -4.71 -49.06 50.54
C PRO E 153 -3.85 -48.79 51.77
N SER E 154 -4.20 -49.47 52.87
CA SER E 154 -3.49 -49.25 54.12
C SER E 154 -3.24 -50.52 54.94
N ALA E 155 -3.49 -51.71 54.40
CA ALA E 155 -3.38 -52.94 55.19
C ALA E 155 -2.07 -53.64 54.83
N TRP E 156 -1.02 -53.39 55.61
CA TRP E 156 0.29 -53.92 55.29
C TRP E 156 0.51 -55.30 55.90
N VAL E 157 1.20 -56.17 55.15
CA VAL E 157 1.38 -57.57 55.51
C VAL E 157 2.83 -57.94 55.25
N SER E 158 3.39 -58.79 56.11
CA SER E 158 4.77 -59.24 55.95
C SER E 158 5.05 -59.78 54.55
N GLU E 159 6.23 -59.42 54.02
CA GLU E 159 6.64 -59.94 52.72
C GLU E 159 6.82 -61.45 52.74
N ASP E 160 7.15 -62.02 53.91
CA ASP E 160 7.28 -63.47 54.04
C ASP E 160 5.98 -64.18 53.69
N ALA E 161 4.85 -63.47 53.66
CA ALA E 161 3.55 -64.06 53.40
C ALA E 161 3.15 -64.02 51.93
N LYS E 162 4.03 -63.54 51.03
CA LYS E 162 3.68 -63.46 49.61
C LYS E 162 3.01 -64.73 49.14
N ALA E 163 3.61 -65.88 49.44
CA ALA E 163 3.07 -67.18 49.04
C ALA E 163 1.59 -67.30 49.40
N ILE E 164 1.26 -67.15 50.69
CA ILE E 164 -0.14 -67.31 51.09
C ILE E 164 -1.01 -66.23 50.45
N LEU E 165 -0.46 -65.02 50.30
CA LEU E 165 -1.23 -63.96 49.65
C LEU E 165 -1.61 -64.39 48.23
N GLU E 166 -0.69 -65.06 47.54
CA GLU E 166 -0.95 -65.54 46.18
C GLU E 166 -1.88 -66.74 46.15
N LYS E 167 -2.04 -67.45 47.28
CA LYS E 167 -2.91 -68.61 47.36
C LYS E 167 -4.35 -68.26 47.76
N ALA E 168 -4.58 -67.03 48.24
CA ALA E 168 -5.91 -66.58 48.63
C ALA E 168 -6.48 -65.56 47.66
N ALA E 169 -5.78 -65.30 46.55
CA ALA E 169 -6.18 -64.30 45.57
C ALA E 169 -6.18 -62.91 46.19
N ILE E 170 -5.19 -62.65 47.03
CA ILE E 170 -4.97 -61.34 47.64
C ILE E 170 -3.91 -60.63 46.80
N LYS E 171 -4.28 -59.54 46.14
CA LYS E 171 -3.26 -58.81 45.43
C LYS E 171 -2.49 -57.95 46.42
N TYR E 172 -1.21 -57.78 46.12
CA TYR E 172 -0.34 -57.00 46.96
C TYR E 172 0.58 -56.17 46.07
N TRP E 173 1.07 -55.08 46.64
CA TRP E 173 2.00 -54.18 45.96
C TRP E 173 3.30 -54.17 46.74
N THR E 174 4.42 -54.35 46.03
CA THR E 174 5.71 -54.19 46.66
C THR E 174 5.90 -52.73 47.04
N PRO E 175 6.84 -52.43 47.94
CA PRO E 175 7.07 -51.03 48.32
C PRO E 175 7.27 -50.09 47.12
N LEU E 176 8.07 -50.50 46.12
CA LEU E 176 8.23 -49.68 44.92
C LEU E 176 6.90 -49.47 44.21
N GLU E 177 6.09 -50.53 44.12
CA GLU E 177 4.77 -50.41 43.52
C GLU E 177 3.88 -49.49 44.35
N VAL E 178 4.07 -49.45 45.67
CA VAL E 178 3.31 -48.53 46.50
C VAL E 178 3.72 -47.09 46.20
N ILE E 179 5.03 -46.87 46.00
CA ILE E 179 5.49 -45.54 45.61
C ILE E 179 4.83 -45.15 44.30
N ILE E 180 4.76 -46.09 43.36
CA ILE E 180 4.13 -45.81 42.06
C ILE E 180 2.64 -45.49 42.25
N LEU E 181 1.95 -46.26 43.09
CA LEU E 181 0.56 -45.95 43.38
C LEU E 181 0.42 -44.53 43.87
N HIS E 182 1.33 -44.11 44.74
CA HIS E 182 1.18 -42.79 45.34
C HIS E 182 1.47 -41.70 44.32
N LEU E 183 2.53 -41.88 43.52
CA LEU E 183 2.82 -40.95 42.43
C LEU E 183 1.63 -40.81 41.49
N SER E 184 1.02 -41.94 41.13
CA SER E 184 -0.11 -41.92 40.23
C SER E 184 -1.29 -41.20 40.86
N TYR E 185 -1.58 -41.50 42.13
CA TYR E 185 -2.65 -40.77 42.81
C TYR E 185 -2.38 -39.28 42.83
N PHE E 186 -1.12 -38.91 43.08
CA PHE E 186 -0.73 -37.51 43.15
C PHE E 186 -1.05 -36.83 41.83
N PHE E 187 -0.58 -37.42 40.74
CA PHE E 187 -0.89 -36.88 39.41
C PHE E 187 -2.39 -36.79 39.19
N HIS E 188 -3.14 -37.80 39.63
CA HIS E 188 -4.60 -37.80 39.41
C HIS E 188 -5.27 -36.63 40.12
N LYS E 189 -4.87 -36.33 41.33
CA LYS E 189 -5.58 -35.28 42.06
C LYS E 189 -5.15 -33.88 41.64
N SER E 190 -4.00 -33.74 41.00
CA SER E 190 -3.41 -32.44 40.72
C SER E 190 -3.30 -32.09 39.23
N SER E 191 -4.23 -32.56 38.40
CA SER E 191 -4.06 -32.35 36.97
C SER E 191 -3.88 -30.87 36.62
N GLN E 192 -4.62 -29.97 37.28
CA GLN E 192 -4.57 -28.54 36.94
C GLN E 192 -3.14 -27.99 37.00
N GLU E 193 -2.29 -28.57 37.84
CA GLU E 193 -0.92 -28.14 37.95
C GLU E 193 -0.08 -28.42 36.70
N PHE E 194 -0.48 -29.35 35.84
CA PHE E 194 0.38 -29.72 34.71
C PHE E 194 -0.25 -29.50 33.35
N LEU E 195 -1.43 -28.88 33.30
CA LEU E 195 -2.19 -28.69 32.08
C LEU E 195 -2.41 -27.19 31.98
N GLY E 196 -1.49 -26.52 31.31
CA GLY E 196 -1.61 -25.10 31.11
C GLY E 196 -1.49 -24.72 29.65
N ILE E 197 -1.25 -23.42 29.42
CA ILE E 197 -1.32 -22.87 28.08
C ILE E 197 -0.28 -23.53 27.16
N GLN E 198 0.95 -23.68 27.63
CA GLN E 198 1.98 -24.28 26.80
C GLN E 198 1.69 -25.75 26.51
N GLU E 199 1.16 -26.47 27.50
CA GLU E 199 0.94 -27.92 27.33
C GLU E 199 -0.23 -28.18 26.39
N VAL E 200 -1.31 -27.42 26.55
CA VAL E 200 -2.43 -27.51 25.62
C VAL E 200 -1.99 -27.14 24.22
N ARG E 201 -1.19 -26.07 24.09
CA ARG E 201 -0.72 -25.71 22.76
C ARG E 201 0.09 -26.83 22.15
N SER E 202 0.91 -27.50 22.94
CA SER E 202 1.71 -28.58 22.40
C SER E 202 0.82 -29.71 21.87
N MET E 203 -0.23 -30.02 22.61
CA MET E 203 -1.11 -31.06 22.11
C MET E 203 -1.86 -30.61 20.86
N ILE E 204 -2.41 -29.38 20.84
CA ILE E 204 -3.11 -28.87 19.65
C ILE E 204 -2.19 -28.88 18.43
N GLU E 205 -0.93 -28.50 18.62
CA GLU E 205 -0.04 -28.50 17.48
C GLU E 205 0.15 -29.92 16.96
N PHE E 206 0.26 -30.90 17.86
CA PHE E 206 0.37 -32.27 17.40
C PHE E 206 -0.87 -32.68 16.60
N MET E 207 -2.04 -32.22 17.05
CA MET E 207 -3.27 -32.44 16.30
C MET E 207 -3.19 -31.82 14.89
N GLU E 208 -2.57 -30.64 14.78
CA GLU E 208 -2.46 -29.93 13.49
C GLU E 208 -1.84 -30.78 12.39
N ARG E 209 -0.99 -31.75 12.74
CA ARG E 209 -0.26 -32.48 11.70
C ARG E 209 -1.20 -33.26 10.80
N SER E 210 -2.23 -33.87 11.36
CA SER E 210 -3.21 -34.60 10.57
C SER E 210 -4.61 -33.96 10.55
N PHE E 211 -4.86 -32.91 11.32
CA PHE E 211 -6.16 -32.25 11.29
C PHE E 211 -6.01 -30.74 11.16
N PRO E 212 -5.28 -30.30 10.14
CA PRO E 212 -5.00 -28.86 10.02
C PRO E 212 -6.26 -28.03 9.90
N ASP E 213 -7.28 -28.55 9.24
CA ASP E 213 -8.45 -27.73 8.97
C ASP E 213 -9.40 -27.72 10.15
N LEU E 214 -9.53 -28.86 10.84
CA LEU E 214 -10.34 -28.87 12.07
C LEU E 214 -9.72 -27.97 13.12
N VAL E 215 -8.41 -28.06 13.29
CA VAL E 215 -7.74 -27.16 14.21
C VAL E 215 -7.93 -25.72 13.78
N LYS E 216 -7.79 -25.45 12.48
CA LYS E 216 -7.99 -24.08 12.02
C LYS E 216 -9.38 -23.58 12.38
N GLU E 217 -10.40 -24.43 12.15
CA GLU E 217 -11.81 -24.08 12.45
C GLU E 217 -12.00 -23.98 13.96
N VAL E 218 -11.10 -24.59 14.74
CA VAL E 218 -11.20 -24.57 16.23
C VAL E 218 -10.36 -23.40 16.76
N THR E 219 -9.37 -22.95 15.99
CA THR E 219 -8.50 -21.82 16.41
C THR E 219 -9.09 -20.50 15.87
N ARG E 220 -10.08 -20.59 14.98
CA ARG E 220 -10.71 -19.38 14.39
C ARG E 220 -11.95 -19.00 15.21
N LEU E 221 -12.24 -19.76 16.28
CA LEU E 221 -13.40 -19.48 17.12
C LEU E 221 -13.08 -19.41 18.60
N ILE E 222 -12.09 -20.17 19.06
CA ILE E 222 -11.77 -20.26 20.48
C ILE E 222 -10.28 -19.96 20.59
N PRO E 223 -9.91 -18.85 21.21
CA PRO E 223 -8.49 -18.57 21.37
C PRO E 223 -7.85 -19.56 22.34
N LEU E 224 -6.54 -19.73 22.17
CA LEU E 224 -5.80 -20.74 22.91
C LEU E 224 -6.06 -20.70 24.42
N GLN E 225 -6.13 -19.53 25.02
CA GLN E 225 -6.32 -19.49 26.47
C GLN E 225 -7.69 -20.05 26.84
N LYS E 226 -8.73 -19.71 26.06
CA LYS E 226 -10.07 -20.24 26.31
C LYS E 226 -10.12 -21.75 26.08
N LEU E 227 -9.40 -22.21 25.06
CA LEU E 227 -9.31 -23.64 24.81
C LEU E 227 -8.72 -24.38 25.99
N THR E 228 -7.60 -23.87 26.53
CA THR E 228 -7.00 -24.53 27.69
C THR E 228 -7.95 -24.48 28.89
N GLU E 229 -8.66 -23.37 29.07
CA GLU E 229 -9.64 -23.35 30.16
C GLU E 229 -10.64 -24.48 30.00
N ILE E 230 -11.08 -24.75 28.76
CA ILE E 230 -12.06 -25.80 28.53
C ILE E 230 -11.45 -27.17 28.82
N PHE E 231 -10.25 -27.44 28.32
CA PHE E 231 -9.62 -28.74 28.62
C PHE E 231 -9.39 -28.89 30.14
N LYS E 232 -9.03 -27.81 30.82
CA LYS E 232 -8.82 -27.88 32.26
C LYS E 232 -10.11 -28.25 32.98
N ARG E 233 -11.24 -27.64 32.58
CA ARG E 233 -12.50 -28.01 33.19
C ARG E 233 -12.84 -29.47 32.93
N LEU E 234 -12.54 -29.97 31.73
CA LEU E 234 -12.82 -31.36 31.45
C LEU E 234 -12.06 -32.26 32.41
N VAL E 235 -10.72 -32.11 32.46
CA VAL E 235 -9.95 -33.06 33.29
C VAL E 235 -10.14 -32.83 34.79
N GLN E 236 -10.60 -31.64 35.20
CA GLN E 236 -10.91 -31.43 36.61
C GLN E 236 -11.95 -32.41 37.09
N GLU E 237 -12.84 -32.87 36.20
CA GLU E 237 -13.88 -33.82 36.54
C GLU E 237 -13.63 -35.20 35.97
N GLN E 238 -12.37 -35.54 35.69
CA GLN E 238 -11.99 -36.88 35.22
C GLN E 238 -12.62 -37.24 33.88
N ILE E 239 -12.83 -36.25 33.01
CA ILE E 239 -13.21 -36.48 31.63
C ILE E 239 -11.93 -36.43 30.81
N SER E 240 -11.55 -37.56 30.21
CA SER E 240 -10.29 -37.62 29.50
C SER E 240 -10.30 -36.66 28.31
N ILE E 241 -9.16 -36.05 28.03
CA ILE E 241 -9.09 -35.21 26.85
C ILE E 241 -8.17 -35.88 25.85
N LYS E 242 -8.03 -37.20 25.95
CA LYS E 242 -7.19 -37.96 25.03
C LYS E 242 -7.79 -38.02 23.62
N ASP E 243 -9.13 -38.05 23.49
CA ASP E 243 -9.78 -38.15 22.18
C ASP E 243 -9.97 -36.75 21.59
N LEU E 244 -8.87 -36.18 21.10
CA LEU E 244 -8.90 -34.79 20.64
C LEU E 244 -9.78 -34.62 19.41
N ARG E 245 -9.83 -35.61 18.51
CA ARG E 245 -10.65 -35.39 17.32
C ARG E 245 -12.11 -35.21 17.71
N THR E 246 -12.59 -36.00 18.67
CA THR E 246 -13.99 -35.88 19.08
C THR E 246 -14.26 -34.55 19.75
N ILE E 247 -13.41 -34.16 20.69
CA ILE E 247 -13.60 -32.93 21.44
C ILE E 247 -13.55 -31.73 20.50
N LEU E 248 -12.54 -31.70 19.61
CA LEU E 248 -12.42 -30.59 18.66
C LEU E 248 -13.60 -30.54 17.71
N GLU E 249 -14.01 -31.70 17.17
CA GLU E 249 -15.16 -31.71 16.28
C GLU E 249 -16.39 -31.17 17.00
N SER E 250 -16.52 -31.48 18.29
CA SER E 250 -17.62 -30.97 19.07
C SER E 250 -17.58 -29.46 19.19
N LEU E 251 -16.41 -28.93 19.58
CA LEU E 251 -16.23 -27.49 19.70
C LEU E 251 -16.43 -26.81 18.36
N SER E 252 -15.95 -27.42 17.27
CA SER E 252 -16.11 -26.79 15.98
C SER E 252 -17.58 -26.62 15.65
N GLU E 253 -18.41 -27.55 16.15
CA GLU E 253 -19.85 -27.39 15.95
C GLU E 253 -20.47 -26.36 16.89
N TRP E 254 -20.19 -26.47 18.18
CA TRP E 254 -20.96 -25.67 19.13
C TRP E 254 -20.42 -24.26 19.31
N ALA E 255 -19.15 -24.02 18.98
CA ALA E 255 -18.54 -22.71 19.05
C ALA E 255 -19.02 -21.76 17.94
N GLN E 256 -19.74 -22.23 16.94
CA GLN E 256 -20.27 -21.28 15.97
C GLN E 256 -21.35 -20.41 16.62
N THR E 257 -22.08 -20.93 17.60
CA THR E 257 -23.22 -20.23 18.19
C THR E 257 -22.98 -19.76 19.61
N GLU E 258 -22.21 -20.51 20.42
CA GLU E 258 -22.01 -20.24 21.85
C GLU E 258 -20.55 -19.90 22.14
N LYS E 259 -20.32 -18.91 22.98
CA LYS E 259 -18.96 -18.56 23.32
C LYS E 259 -18.60 -18.87 24.76
N ASP E 260 -19.60 -19.10 25.63
CA ASP E 260 -19.36 -19.39 27.04
C ASP E 260 -18.51 -20.64 27.19
N THR E 261 -17.38 -20.52 27.90
CA THR E 261 -16.49 -21.67 28.03
C THR E 261 -17.12 -22.78 28.86
N VAL E 262 -17.97 -22.44 29.83
CA VAL E 262 -18.61 -23.47 30.64
C VAL E 262 -19.61 -24.24 29.80
N LEU E 263 -20.41 -23.53 29.00
CA LEU E 263 -21.37 -24.21 28.14
C LEU E 263 -20.67 -25.05 27.07
N LEU E 264 -19.61 -24.51 26.47
CA LEU E 264 -18.84 -25.30 25.51
C LEU E 264 -18.34 -26.58 26.16
N THR E 265 -17.92 -26.48 27.43
CA THR E 265 -17.48 -27.67 28.17
C THR E 265 -18.61 -28.68 28.33
N GLU E 266 -19.81 -28.20 28.66
CA GLU E 266 -20.97 -29.09 28.78
C GLU E 266 -21.22 -29.84 27.48
N TYR E 267 -21.15 -29.12 26.35
CA TYR E 267 -21.36 -29.73 25.03
C TYR E 267 -20.31 -30.78 24.75
N VAL E 268 -19.04 -30.49 25.02
CA VAL E 268 -17.98 -31.49 24.83
C VAL E 268 -18.30 -32.73 25.65
N ARG E 269 -18.76 -32.53 26.88
CA ARG E 269 -19.17 -33.65 27.71
C ARG E 269 -20.24 -34.46 27.00
N SER E 270 -21.29 -33.79 26.52
CA SER E 270 -22.37 -34.49 25.84
C SER E 270 -21.88 -35.17 24.58
N SER E 271 -20.74 -34.74 24.05
CA SER E 271 -20.13 -35.39 22.89
C SER E 271 -19.40 -36.66 23.27
N LEU E 272 -19.09 -36.82 24.54
CA LEU E 272 -18.36 -38.01 24.96
C LEU E 272 -19.25 -39.16 25.46
N LYS E 273 -20.49 -39.31 24.94
CA LYS E 273 -21.44 -40.32 25.44
C LYS E 273 -20.83 -41.72 25.59
N LEU E 274 -20.14 -42.24 24.57
CA LEU E 274 -19.57 -43.57 24.69
C LEU E 274 -18.53 -43.64 25.82
N TYR E 275 -17.61 -42.66 25.86
CA TYR E 275 -16.55 -42.66 26.89
C TYR E 275 -17.12 -42.55 28.28
N ILE E 276 -18.02 -41.59 28.50
CA ILE E 276 -18.54 -41.38 29.84
C ILE E 276 -19.33 -42.60 30.30
N SER E 277 -20.19 -43.15 29.41
CA SER E 277 -20.95 -44.34 29.79
C SER E 277 -20.04 -45.49 30.17
N PHE E 278 -19.01 -45.74 29.34
CA PHE E 278 -18.13 -46.86 29.63
C PHE E 278 -17.36 -46.64 30.92
N LYS E 279 -16.85 -45.42 31.14
CA LYS E 279 -16.03 -45.14 32.31
C LYS E 279 -16.85 -45.30 33.58
N PHE E 280 -17.97 -44.57 33.67
CA PHE E 280 -18.70 -44.50 34.92
C PHE E 280 -19.64 -45.66 35.15
N SER E 281 -19.92 -46.45 34.14
CA SER E 281 -20.54 -47.72 34.42
C SER E 281 -19.51 -48.79 34.74
N GLN E 282 -18.22 -48.42 34.74
CA GLN E 282 -17.11 -49.36 34.94
C GLN E 282 -17.19 -50.57 34.01
N GLY E 283 -17.70 -50.37 32.79
CA GLY E 283 -17.63 -51.43 31.81
C GLY E 283 -18.68 -52.49 32.00
N GLN E 284 -19.79 -52.14 32.63
CA GLN E 284 -20.85 -53.08 32.99
C GLN E 284 -22.06 -52.82 32.11
N SER E 285 -23.03 -53.72 32.20
CA SER E 285 -24.21 -53.62 31.37
C SER E 285 -25.17 -52.53 31.85
N ALA E 286 -24.80 -51.74 32.85
CA ALA E 286 -25.73 -50.83 33.52
C ALA E 286 -24.96 -49.88 34.41
N ILE E 287 -25.20 -48.59 34.26
CA ILE E 287 -24.58 -47.63 35.15
C ILE E 287 -25.41 -47.55 36.42
N SER E 288 -24.75 -47.68 37.56
CA SER E 288 -25.39 -47.63 38.86
C SER E 288 -25.14 -46.24 39.43
N VAL E 289 -26.21 -45.52 39.74
CA VAL E 289 -26.11 -44.10 40.04
C VAL E 289 -27.02 -43.75 41.19
N TYR E 290 -26.74 -42.61 41.80
CA TYR E 290 -27.68 -41.98 42.73
C TYR E 290 -28.43 -40.90 41.98
N LEU E 291 -29.63 -40.61 42.44
CA LEU E 291 -30.47 -39.62 41.80
C LEU E 291 -30.76 -38.49 42.76
N LEU E 292 -31.32 -37.42 42.21
CA LEU E 292 -31.77 -36.30 43.00
C LEU E 292 -33.29 -36.26 43.00
N ASP E 293 -33.87 -36.05 44.15
CA ASP E 293 -35.30 -35.83 44.21
C ASP E 293 -35.64 -34.64 43.31
N PRO E 294 -36.60 -34.75 42.40
CA PRO E 294 -36.99 -33.61 41.56
C PRO E 294 -37.18 -32.31 42.33
N GLU E 295 -37.59 -32.40 43.61
CA GLU E 295 -37.71 -31.21 44.44
C GLU E 295 -36.36 -30.49 44.59
N ILE E 296 -35.29 -31.25 44.84
CA ILE E 296 -33.96 -30.66 44.95
C ILE E 296 -33.53 -30.05 43.63
N GLU E 297 -33.79 -30.74 42.52
CA GLU E 297 -33.41 -30.22 41.21
C GLU E 297 -34.10 -28.90 40.93
N GLU E 298 -35.43 -28.83 41.09
CA GLU E 298 -36.13 -27.58 40.83
C GLU E 298 -35.69 -26.48 41.78
N MET E 299 -35.40 -26.83 43.03
CA MET E 299 -34.90 -25.84 43.97
C MET E 299 -33.57 -25.25 43.51
N ILE E 300 -32.69 -26.08 42.96
CA ILE E 300 -31.42 -25.58 42.44
C ILE E 300 -31.67 -24.72 41.21
N ARG E 301 -32.55 -25.21 40.32
CA ARG E 301 -32.93 -24.51 39.08
C ARG E 301 -33.36 -23.08 39.43
N GLY E 302 -34.01 -22.89 40.58
CA GLY E 302 -34.41 -21.56 41.01
C GLY E 302 -33.35 -20.73 41.72
N ALA E 303 -32.08 -20.96 41.38
CA ALA E 303 -30.99 -20.21 42.03
C ALA E 303 -29.92 -19.80 41.03
N ILE E 304 -30.30 -19.56 39.78
CA ILE E 304 -29.37 -19.15 38.74
C ILE E 304 -29.13 -17.64 38.85
N LYS E 305 -28.14 -17.13 38.12
CA LYS E 305 -27.75 -15.71 38.16
C LYS E 305 -27.79 -15.08 36.78
N GLN E 306 -27.84 -13.75 36.79
CA GLN E 306 -27.71 -12.96 35.56
C GLN E 306 -26.27 -13.02 35.08
N THR E 307 -26.09 -13.30 33.79
CA THR E 307 -24.80 -13.69 33.22
C THR E 307 -24.07 -12.52 32.57
N SER E 308 -24.11 -11.33 33.18
CA SER E 308 -23.28 -10.22 32.68
C SER E 308 -21.83 -10.66 32.57
N ALA E 309 -21.34 -11.39 33.57
CA ALA E 309 -20.04 -12.05 33.50
C ALA E 309 -20.19 -13.56 33.46
N GLY E 310 -20.89 -14.13 34.45
CA GLY E 310 -21.23 -15.55 34.48
C GLY E 310 -22.49 -15.72 35.30
N SER E 311 -23.05 -16.92 35.29
CA SER E 311 -24.22 -17.25 36.10
C SER E 311 -23.82 -18.29 37.16
N TYR E 312 -23.95 -17.91 38.41
CA TYR E 312 -23.51 -18.70 39.55
C TYR E 312 -24.72 -19.26 40.30
N LEU E 313 -24.43 -20.03 41.34
CA LEU E 313 -25.45 -20.65 42.18
C LEU E 313 -25.77 -19.72 43.36
N ALA E 314 -27.06 -19.39 43.53
CA ALA E 314 -27.49 -18.63 44.71
C ALA E 314 -27.75 -19.63 45.84
N LEU E 315 -26.65 -20.20 46.34
CA LEU E 315 -26.67 -21.27 47.34
C LEU E 315 -27.32 -20.79 48.62
N ASP E 316 -28.55 -21.22 48.89
CA ASP E 316 -29.14 -20.96 50.19
C ASP E 316 -28.35 -21.74 51.23
N PRO E 317 -27.63 -21.08 52.16
CA PRO E 317 -26.80 -21.80 53.14
C PRO E 317 -27.46 -23.05 53.71
N ASP E 318 -28.62 -22.86 54.34
CA ASP E 318 -29.31 -23.97 54.98
C ASP E 318 -29.72 -25.04 53.96
N SER E 319 -30.05 -24.66 52.73
CA SER E 319 -30.43 -25.67 51.74
C SER E 319 -29.22 -26.47 51.27
N VAL E 320 -28.08 -25.81 51.10
CA VAL E 320 -26.85 -26.53 50.74
C VAL E 320 -26.47 -27.49 51.85
N ASN E 321 -26.64 -27.08 53.12
CA ASN E 321 -26.26 -28.01 54.17
C ASN E 321 -27.29 -29.10 54.34
N LEU E 322 -28.52 -28.90 53.84
CA LEU E 322 -29.52 -29.97 53.86
C LEU E 322 -29.28 -30.96 52.75
N ILE E 323 -28.78 -30.50 51.61
CA ILE E 323 -28.51 -31.42 50.51
C ILE E 323 -27.25 -32.22 50.83
N LEU E 324 -26.25 -31.57 51.43
CA LEU E 324 -25.07 -32.30 51.87
C LEU E 324 -25.45 -33.35 52.92
N LYS E 325 -26.33 -33.00 53.86
CA LYS E 325 -26.73 -33.94 54.90
C LYS E 325 -27.43 -35.15 54.30
N SER E 326 -28.36 -34.90 53.37
CA SER E 326 -29.06 -36.01 52.74
C SER E 326 -28.08 -36.89 51.97
N MET E 327 -27.07 -36.28 51.36
CA MET E 327 -26.07 -37.06 50.65
C MET E 327 -25.25 -37.91 51.60
N ARG E 328 -24.82 -37.34 52.74
CA ARG E 328 -24.07 -38.11 53.71
C ARG E 328 -24.87 -39.30 54.22
N ASN E 329 -26.17 -39.11 54.43
CA ASN E 329 -27.04 -40.14 55.01
C ASN E 329 -27.67 -41.06 53.97
N THR E 330 -27.40 -40.85 52.68
CA THR E 330 -27.94 -41.70 51.61
C THR E 330 -26.87 -42.44 50.83
N ILE E 331 -25.75 -41.81 50.49
CA ILE E 331 -24.71 -42.47 49.70
C ILE E 331 -23.83 -43.33 50.59
N THR E 332 -23.84 -44.64 50.36
CA THR E 332 -23.03 -45.54 51.17
C THR E 332 -21.55 -45.34 50.85
N PRO E 333 -20.69 -45.32 51.88
CA PRO E 333 -19.25 -45.12 51.64
C PRO E 333 -18.71 -46.20 50.71
N THR E 334 -17.45 -46.03 50.31
CA THR E 334 -16.92 -46.91 49.29
C THR E 334 -15.51 -47.37 49.65
N PRO E 335 -15.08 -48.56 49.14
CA PRO E 335 -13.76 -49.18 49.29
C PRO E 335 -12.57 -48.21 49.29
N GLN E 339 -13.95 -47.66 44.29
CA GLN E 339 -14.78 -46.94 43.33
C GLN E 339 -15.49 -45.75 43.97
N PRO E 340 -15.57 -44.62 43.26
CA PRO E 340 -16.36 -43.49 43.75
C PRO E 340 -17.77 -43.59 43.21
N PRO E 341 -18.75 -42.99 43.87
CA PRO E 341 -20.13 -43.09 43.40
C PRO E 341 -20.43 -42.10 42.29
N VAL E 342 -21.53 -42.35 41.60
CA VAL E 342 -21.95 -41.55 40.46
C VAL E 342 -23.32 -40.97 40.76
N LEU E 343 -23.48 -39.68 40.47
CA LEU E 343 -24.73 -38.96 40.70
C LEU E 343 -25.28 -38.49 39.36
N LEU E 344 -26.44 -39.00 38.98
CA LEU E 344 -27.06 -38.68 37.70
C LEU E 344 -28.10 -37.59 37.93
N THR E 345 -27.98 -36.49 37.18
CA THR E 345 -28.85 -35.34 37.36
C THR E 345 -29.41 -34.87 36.04
N ALA E 346 -30.32 -33.91 36.11
CA ALA E 346 -30.87 -33.32 34.89
C ALA E 346 -29.80 -32.48 34.19
N ILE E 347 -30.02 -32.25 32.89
CA ILE E 347 -29.01 -31.59 32.06
C ILE E 347 -28.68 -30.21 32.59
N ASP E 348 -29.72 -29.40 32.81
CA ASP E 348 -29.61 -27.96 33.17
C ASP E 348 -29.10 -27.68 34.59
N VAL E 349 -28.90 -28.70 35.43
CA VAL E 349 -28.43 -28.44 36.79
C VAL E 349 -27.09 -29.11 37.12
N ARG E 350 -26.60 -29.99 36.25
CA ARG E 350 -25.46 -30.83 36.57
C ARG E 350 -24.26 -30.01 37.03
N ARG E 351 -23.83 -29.03 36.22
CA ARG E 351 -22.66 -28.25 36.58
C ARG E 351 -22.87 -27.57 37.93
N TYR E 352 -24.10 -27.15 38.21
CA TYR E 352 -24.36 -26.54 39.50
C TYR E 352 -24.26 -27.57 40.62
N VAL E 353 -24.83 -28.76 40.42
CA VAL E 353 -24.74 -29.79 41.47
C VAL E 353 -23.29 -30.08 41.80
N ARG E 354 -22.46 -30.25 40.77
CA ARG E 354 -21.03 -30.45 40.99
C ARG E 354 -20.45 -29.37 41.89
N LYS E 355 -20.64 -28.09 41.55
CA LYS E 355 -20.01 -27.04 42.34
C LYS E 355 -20.65 -26.94 43.72
N LEU E 356 -21.91 -27.34 43.83
CA LEU E 356 -22.53 -27.35 45.14
C LEU E 356 -21.94 -28.44 46.03
N ILE E 357 -21.53 -29.56 45.44
CA ILE E 357 -21.08 -30.70 46.23
C ILE E 357 -19.59 -30.95 46.16
N GLU E 358 -18.85 -30.23 45.31
CA GLU E 358 -17.45 -30.60 45.07
C GLU E 358 -16.58 -30.49 46.32
N THR E 359 -17.02 -29.75 47.34
CA THR E 359 -16.18 -29.50 48.51
C THR E 359 -16.11 -30.69 49.46
N GLU E 360 -17.26 -31.29 49.80
CA GLU E 360 -17.27 -32.42 50.72
C GLU E 360 -17.12 -33.76 50.00
N PHE E 361 -17.58 -33.84 48.75
CA PHE E 361 -17.58 -35.07 47.95
C PHE E 361 -16.77 -34.80 46.69
N PRO E 362 -15.46 -34.61 46.83
CA PRO E 362 -14.69 -34.15 45.66
C PRO E 362 -14.57 -35.18 44.57
N ASP E 363 -14.64 -36.47 44.88
CA ASP E 363 -14.41 -37.50 43.88
C ASP E 363 -15.70 -38.08 43.29
N ILE E 364 -16.87 -37.60 43.74
CA ILE E 364 -18.13 -38.07 43.20
C ILE E 364 -18.33 -37.48 41.81
N ALA E 365 -18.58 -38.34 40.83
CA ALA E 365 -18.86 -37.94 39.46
C ALA E 365 -20.32 -37.55 39.28
N VAL E 366 -20.56 -36.33 38.82
CA VAL E 366 -21.90 -35.83 38.50
C VAL E 366 -22.04 -35.88 36.99
N ILE E 367 -22.93 -36.72 36.47
CA ILE E 367 -23.13 -36.83 35.04
C ILE E 367 -24.60 -36.52 34.76
N SER E 368 -24.92 -36.27 33.50
CA SER E 368 -26.29 -35.90 33.11
C SER E 368 -26.79 -36.81 31.98
N TYR E 369 -28.12 -36.78 31.77
CA TYR E 369 -28.73 -37.63 30.74
C TYR E 369 -28.16 -37.35 29.36
N GLN E 370 -27.71 -36.11 29.13
CA GLN E 370 -27.09 -35.72 27.88
C GLN E 370 -25.74 -36.38 27.65
N GLU E 371 -25.20 -37.08 28.67
CA GLU E 371 -23.83 -37.58 28.64
C GLU E 371 -23.74 -39.11 28.69
N ILE E 372 -24.85 -39.82 28.74
CA ILE E 372 -24.85 -41.27 28.72
C ILE E 372 -25.51 -41.73 27.42
N LEU E 373 -25.18 -42.95 27.00
CA LEU E 373 -25.71 -43.49 25.75
C LEU E 373 -27.25 -43.56 25.77
N PRO E 374 -27.91 -43.28 24.65
CA PRO E 374 -29.39 -43.25 24.66
C PRO E 374 -30.04 -44.53 25.13
N GLU E 375 -29.38 -45.67 24.94
CA GLU E 375 -29.92 -47.00 25.23
C GLU E 375 -29.41 -47.56 26.55
N ILE E 376 -28.78 -46.75 27.41
CA ILE E 376 -28.04 -47.26 28.56
C ILE E 376 -28.98 -47.68 29.67
N ARG E 377 -28.62 -48.78 30.32
CA ARG E 377 -29.41 -49.26 31.44
C ARG E 377 -28.95 -48.55 32.71
N ILE E 378 -29.92 -48.12 33.50
CA ILE E 378 -29.66 -47.33 34.70
C ILE E 378 -30.21 -48.07 35.91
N GLN E 379 -29.35 -48.33 36.89
CA GLN E 379 -29.70 -49.03 38.12
C GLN E 379 -29.78 -48.00 39.24
N PRO E 380 -30.95 -47.45 39.54
CA PRO E 380 -31.03 -46.44 40.61
C PRO E 380 -30.73 -47.05 41.97
N LEU E 381 -29.95 -46.33 42.76
CA LEU E 381 -29.47 -46.78 44.06
C LEU E 381 -30.08 -46.04 45.23
N GLY E 382 -30.44 -44.78 45.03
CA GLY E 382 -30.99 -43.95 46.08
C GLY E 382 -31.52 -42.66 45.49
N ARG E 383 -32.31 -41.96 46.29
CA ARG E 383 -32.82 -40.65 45.89
C ARG E 383 -32.52 -39.69 47.02
N ILE E 384 -31.65 -38.71 46.75
CA ILE E 384 -31.26 -37.74 47.77
C ILE E 384 -32.46 -36.87 48.09
N GLN E 385 -32.87 -36.85 49.38
CA GLN E 385 -34.01 -36.04 49.83
C GLN E 385 -33.69 -35.23 51.08
N PRO F 40 41.61 5.42 27.42
CA PRO F 40 40.27 4.89 27.67
C PRO F 40 39.19 5.92 27.34
N ASP F 41 39.29 6.51 26.15
CA ASP F 41 38.45 7.65 25.78
C ASP F 41 36.96 7.32 25.67
N ASP F 42 36.59 6.05 25.57
CA ASP F 42 35.21 5.66 25.31
C ASP F 42 34.39 5.67 26.59
N TYR F 43 33.16 5.17 26.52
CA TYR F 43 32.30 4.97 27.68
C TYR F 43 32.63 3.62 28.34
N SER F 44 32.14 3.44 29.56
CA SER F 44 32.42 2.21 30.27
C SER F 44 31.24 1.89 31.18
N LEU F 45 30.86 0.62 31.19
CA LEU F 45 29.70 0.20 31.95
C LEU F 45 30.01 0.22 33.44
N THR F 46 29.02 0.61 34.24
CA THR F 46 29.16 0.59 35.69
C THR F 46 29.17 -0.85 36.21
N LEU F 47 30.20 -1.19 36.99
CA LEU F 47 30.30 -2.53 37.59
C LEU F 47 29.31 -2.65 38.76
N PRO F 48 28.34 -3.56 38.71
CA PRO F 48 27.32 -3.59 39.77
C PRO F 48 27.84 -3.89 41.18
N VAL F 49 28.60 -4.96 41.42
CA VAL F 49 28.99 -5.30 42.79
C VAL F 49 30.49 -5.55 42.89
N ILE F 50 31.19 -4.72 43.67
CA ILE F 50 32.63 -4.92 43.88
C ILE F 50 32.89 -5.17 45.36
N LEU F 51 33.82 -6.10 45.64
CA LEU F 51 34.29 -6.38 47.00
C LEU F 51 35.79 -6.08 47.04
N GLU F 52 36.17 -5.03 47.78
CA GLU F 52 37.56 -4.58 47.93
C GLU F 52 38.11 -5.03 49.27
N LEU F 53 39.32 -5.58 49.26
CA LEU F 53 39.91 -6.15 50.46
C LEU F 53 41.24 -5.49 50.78
N GLY F 54 41.46 -5.18 52.05
CA GLY F 54 42.76 -4.81 52.52
C GLY F 54 43.78 -5.93 52.36
N LYS F 55 45.05 -5.59 52.59
CA LYS F 55 46.14 -6.50 52.23
C LYS F 55 46.03 -7.85 52.93
N ASP F 56 45.63 -7.84 54.21
CA ASP F 56 45.59 -9.08 54.99
C ASP F 56 44.41 -9.98 54.61
N LEU F 57 43.21 -9.41 54.45
CA LEU F 57 42.11 -10.22 53.95
C LEU F 57 42.41 -10.71 52.54
N SER F 58 43.07 -9.87 51.74
CA SER F 58 43.51 -10.31 50.42
C SER F 58 44.42 -11.53 50.51
N LYS F 59 45.34 -11.55 51.49
CA LYS F 59 46.11 -12.76 51.74
C LYS F 59 45.20 -13.92 52.14
N LEU F 60 44.22 -13.67 53.01
CA LEU F 60 43.44 -14.77 53.56
C LEU F 60 42.58 -15.48 52.51
N ILE F 61 42.17 -14.78 51.45
CA ILE F 61 41.32 -15.47 50.46
C ILE F 61 42.17 -16.28 49.49
N GLN F 62 43.46 -16.44 49.79
CA GLN F 62 44.33 -17.26 48.95
C GLN F 62 44.41 -18.72 49.42
N HIS F 63 44.24 -18.97 50.71
CA HIS F 63 44.25 -20.33 51.25
C HIS F 63 42.80 -20.85 51.30
N LYS F 64 42.60 -22.05 50.79
CA LYS F 64 41.30 -22.69 50.91
C LYS F 64 40.99 -23.00 52.38
N THR F 65 39.70 -23.21 52.67
CA THR F 65 39.29 -23.57 54.02
C THR F 65 39.64 -25.03 54.33
N LYS F 66 39.44 -25.42 55.59
CA LYS F 66 39.81 -26.77 56.03
C LYS F 66 39.02 -27.88 55.33
N SER F 67 37.96 -27.54 54.60
CA SER F 67 37.20 -28.51 53.83
C SER F 67 37.42 -28.33 52.33
N GLY F 68 38.58 -27.78 51.95
CA GLY F 68 38.94 -27.57 50.56
C GLY F 68 37.99 -26.70 49.76
N GLN F 69 37.64 -25.53 50.30
CA GLN F 69 36.75 -24.60 49.63
C GLN F 69 37.50 -23.31 49.30
N SER F 70 37.29 -22.81 48.09
CA SER F 70 37.85 -21.52 47.68
C SER F 70 36.84 -20.42 47.91
N PHE F 71 37.34 -19.27 48.35
CA PHE F 71 36.46 -18.14 48.58
C PHE F 71 35.83 -17.68 47.27
N VAL F 72 36.65 -17.48 46.24
CA VAL F 72 36.14 -16.95 44.98
C VAL F 72 35.41 -18.03 44.21
N ASP F 73 36.02 -19.21 44.07
CA ASP F 73 35.48 -20.23 43.18
C ASP F 73 34.38 -21.08 43.82
N ASP F 74 34.33 -21.16 45.15
CA ASP F 74 33.38 -22.06 45.82
C ASP F 74 32.39 -21.34 46.71
N MET F 75 32.85 -20.47 47.62
CA MET F 75 31.93 -19.85 48.56
C MET F 75 31.02 -18.84 47.86
N ILE F 76 31.60 -17.90 47.09
CA ILE F 76 30.78 -16.89 46.42
C ILE F 76 29.76 -17.49 45.47
N PRO F 77 30.12 -18.40 44.54
CA PRO F 77 29.09 -18.99 43.69
C PRO F 77 28.04 -19.77 44.45
N LYS F 78 28.42 -20.60 45.42
CA LYS F 78 27.40 -21.28 46.22
C LYS F 78 26.44 -20.28 46.87
N MET F 79 26.94 -19.11 47.29
CA MET F 79 26.06 -18.13 47.90
C MET F 79 25.11 -17.54 46.88
N ARG F 80 25.66 -17.18 45.73
CA ARG F 80 24.86 -16.59 44.62
C ARG F 80 23.78 -17.58 44.19
N GLN F 81 24.13 -18.88 44.15
CA GLN F 81 23.18 -19.91 43.75
C GLN F 81 22.14 -20.12 44.84
N ALA F 82 22.55 -20.08 46.11
CA ALA F 82 21.56 -20.17 47.18
C ALA F 82 20.57 -19.02 47.11
N LEU F 83 21.07 -17.80 46.87
CA LEU F 83 20.20 -16.63 46.79
C LEU F 83 19.23 -16.75 45.62
N TYR F 84 19.68 -17.34 44.51
CA TYR F 84 18.78 -17.51 43.37
C TYR F 84 17.76 -18.61 43.62
N GLN F 85 18.17 -19.72 44.20
CA GLN F 85 17.15 -20.74 44.44
C GLN F 85 16.23 -20.27 45.55
N ASP F 86 16.56 -19.18 46.21
CA ASP F 86 15.75 -18.87 47.41
C ASP F 86 14.71 -17.81 47.15
N ILE F 87 14.90 -17.04 46.10
CA ILE F 87 13.98 -15.95 45.69
C ILE F 87 14.19 -15.78 44.20
N GLY F 88 13.22 -15.39 43.40
CA GLY F 88 13.40 -15.39 41.93
C GLY F 88 14.65 -14.82 41.30
N ILE F 89 15.28 -13.82 41.91
CA ILE F 89 16.40 -13.01 41.35
C ILE F 89 17.71 -13.70 41.14
N ARG F 90 18.33 -13.43 39.99
CA ARG F 90 19.70 -13.79 39.67
C ARG F 90 20.62 -12.66 40.15
N TYR F 91 21.66 -13.00 40.95
CA TYR F 91 22.40 -11.80 41.37
C TYR F 91 23.70 -11.65 40.59
N PRO F 92 24.15 -10.41 40.39
CA PRO F 92 25.38 -10.19 39.62
C PRO F 92 26.59 -10.82 40.28
N GLY F 93 27.57 -11.16 39.47
CA GLY F 93 28.82 -11.62 40.01
C GLY F 93 29.56 -10.53 40.78
N ILE F 94 30.46 -10.96 41.64
CA ILE F 94 31.19 -10.07 42.51
C ILE F 94 32.59 -9.90 41.97
N HIS F 95 32.95 -8.67 41.62
CA HIS F 95 34.32 -8.36 41.19
C HIS F 95 35.17 -8.12 42.43
N VAL F 96 36.17 -8.98 42.65
CA VAL F 96 37.03 -8.86 43.83
C VAL F 96 38.28 -8.06 43.49
N ARG F 97 38.51 -6.97 44.23
CA ARG F 97 39.72 -6.15 44.10
C ARG F 97 40.53 -6.28 45.38
N THR F 98 41.72 -6.85 45.27
CA THR F 98 42.57 -7.07 46.43
C THR F 98 43.56 -5.91 46.61
N ASP F 99 44.14 -5.85 47.81
CA ASP F 99 45.14 -4.83 48.15
C ASP F 99 44.63 -3.43 47.82
N SER F 100 43.43 -3.15 48.31
CA SER F 100 42.83 -1.84 48.16
C SER F 100 43.71 -0.77 48.79
N PRO F 101 43.94 0.35 48.11
CA PRO F 101 44.75 1.41 48.73
C PRO F 101 44.02 2.11 49.86
N SER F 102 42.68 2.16 49.83
CA SER F 102 41.94 2.92 50.82
C SER F 102 41.71 2.16 52.13
N LEU F 103 41.95 0.85 52.18
CA LEU F 103 41.54 0.05 53.32
C LEU F 103 42.70 -0.54 54.09
N GLU F 104 42.53 -0.58 55.40
CA GLU F 104 43.45 -1.26 56.29
C GLU F 104 43.51 -2.74 55.95
N GLY F 105 44.55 -3.39 56.46
CA GLY F 105 44.83 -4.77 56.10
C GLY F 105 43.68 -5.73 56.38
N TYR F 106 42.97 -5.51 57.49
CA TYR F 106 41.88 -6.41 57.87
C TYR F 106 40.50 -5.85 57.53
N ASP F 107 40.42 -4.88 56.62
CA ASP F 107 39.19 -4.23 56.22
C ASP F 107 38.68 -4.73 54.87
N TYR F 108 37.38 -4.64 54.67
CA TYR F 108 36.79 -4.93 53.38
C TYR F 108 35.72 -3.89 53.14
N MET F 109 35.38 -3.71 51.86
CA MET F 109 34.41 -2.73 51.41
C MET F 109 33.53 -3.33 50.33
N ILE F 110 32.23 -3.12 50.45
CA ILE F 110 31.25 -3.54 49.45
C ILE F 110 30.77 -2.29 48.73
N LEU F 111 31.04 -2.25 47.42
CA LEU F 111 30.67 -1.14 46.55
C LEU F 111 29.48 -1.56 45.69
N LEU F 112 28.41 -0.78 45.76
CA LEU F 112 27.22 -0.96 44.95
C LEU F 112 27.23 0.07 43.82
N ASN F 113 27.44 -0.41 42.59
CA ASN F 113 27.53 0.50 41.45
C ASN F 113 28.70 1.45 41.64
N GLU F 114 29.82 0.92 42.11
CA GLU F 114 31.05 1.67 42.26
C GLU F 114 30.94 2.80 43.30
N VAL F 115 29.84 2.87 44.01
CA VAL F 115 29.70 3.69 45.21
C VAL F 115 29.85 2.78 46.43
N PRO F 116 30.72 3.12 47.38
CA PRO F 116 30.93 2.25 48.55
C PRO F 116 29.69 2.16 49.42
N TYR F 117 29.21 0.92 49.59
CA TYR F 117 27.97 0.67 50.34
C TYR F 117 28.24 0.35 51.80
N VAL F 118 29.24 -0.49 52.10
CA VAL F 118 29.61 -0.62 53.50
C VAL F 118 31.08 -1.03 53.64
N ARG F 119 31.77 -0.35 54.55
CA ARG F 119 33.06 -0.81 55.04
C ARG F 119 32.82 -1.72 56.22
N GLY F 120 33.54 -2.83 56.24
CA GLY F 120 33.50 -3.75 57.37
C GLY F 120 34.92 -4.05 57.82
N LYS F 121 35.04 -4.39 59.10
CA LYS F 121 36.33 -4.73 59.69
C LYS F 121 36.30 -6.16 60.21
N ILE F 122 37.43 -6.82 60.13
CA ILE F 122 37.65 -8.13 60.75
C ILE F 122 38.67 -7.92 61.88
N PRO F 123 38.29 -8.08 63.15
CA PRO F 123 39.32 -8.12 64.21
C PRO F 123 40.30 -9.26 63.94
N PRO F 124 41.59 -8.99 64.00
CA PRO F 124 42.57 -9.96 63.50
C PRO F 124 42.74 -11.19 64.39
N HIS F 125 42.96 -12.33 63.72
CA HIS F 125 43.17 -13.63 64.37
C HIS F 125 42.00 -13.96 65.30
N HIS F 126 40.79 -13.60 64.89
CA HIS F 126 39.57 -13.77 65.67
C HIS F 126 38.55 -14.52 64.85
N VAL F 127 37.46 -14.92 65.53
CA VAL F 127 36.32 -15.59 64.91
C VAL F 127 35.06 -15.03 65.54
N LEU F 128 33.99 -14.94 64.75
CA LEU F 128 32.72 -14.37 65.19
C LEU F 128 31.87 -15.43 65.87
N THR F 129 31.15 -15.07 66.94
CA THR F 129 30.27 -16.04 67.59
C THR F 129 28.88 -15.45 67.74
N ASN F 130 27.89 -16.35 67.88
CA ASN F 130 26.50 -15.97 68.03
C ASN F 130 26.09 -15.85 69.49
N GLU F 131 27.04 -15.58 70.38
CA GLU F 131 26.77 -15.57 71.80
C GLU F 131 26.45 -14.16 72.28
N VAL F 132 25.64 -14.08 73.33
CA VAL F 132 25.24 -12.81 73.91
C VAL F 132 26.35 -12.29 74.81
N GLU F 133 26.39 -10.97 74.96
CA GLU F 133 27.51 -10.31 75.62
C GLU F 133 27.65 -10.78 77.06
N ASP F 134 26.63 -10.51 77.88
CA ASP F 134 26.71 -10.85 79.30
C ASP F 134 26.88 -12.34 79.55
N ASN F 135 26.75 -13.16 78.50
CA ASN F 135 27.16 -14.56 78.57
C ASN F 135 28.68 -14.69 78.49
N LEU F 136 29.26 -14.23 77.36
CA LEU F 136 30.69 -14.38 77.09
C LEU F 136 31.58 -13.87 78.21
N SER F 137 31.04 -13.06 79.14
CA SER F 137 31.82 -12.64 80.29
C SER F 137 31.87 -13.73 81.37
N ARG F 138 31.46 -14.94 81.03
CA ARG F 138 31.85 -16.13 81.77
C ARG F 138 33.30 -16.44 81.39
N TYR F 139 34.21 -15.50 81.67
CA TYR F 139 35.64 -15.71 81.51
C TYR F 139 36.00 -16.12 80.08
N ASN F 140 35.77 -15.19 79.16
CA ASN F 140 36.23 -15.32 77.76
C ASN F 140 36.89 -14.00 77.39
N LEU F 141 38.17 -13.89 77.76
CA LEU F 141 38.94 -12.65 77.61
C LEU F 141 38.83 -12.03 76.23
N PRO F 142 38.98 -12.78 75.12
CA PRO F 142 38.76 -12.17 73.82
C PRO F 142 37.28 -11.97 73.56
N PHE F 143 36.83 -10.73 73.72
CA PHE F 143 35.44 -10.35 73.58
C PHE F 143 35.37 -9.00 72.86
N ILE F 144 36.04 -8.91 71.70
CA ILE F 144 35.93 -7.72 70.87
C ILE F 144 34.54 -7.65 70.27
N THR F 145 33.93 -6.46 70.31
CA THR F 145 32.61 -6.22 69.73
C THR F 145 32.74 -5.24 68.58
N TYR F 146 32.40 -5.69 67.38
CA TYR F 146 32.29 -4.79 66.23
C TYR F 146 31.02 -5.18 65.50
N LYS F 147 30.06 -4.27 65.47
CA LYS F 147 28.76 -4.53 64.84
C LYS F 147 28.89 -4.31 63.34
N ASN F 148 29.32 -5.35 62.62
CA ASN F 148 29.60 -5.25 61.19
C ASN F 148 28.35 -4.84 60.40
N ALA F 149 27.29 -5.64 60.51
CA ALA F 149 26.04 -5.40 59.81
C ALA F 149 24.90 -5.28 60.83
N ALA F 150 23.72 -4.95 60.30
CA ALA F 150 22.56 -4.85 61.18
C ALA F 150 21.98 -6.21 61.53
N GLY F 151 22.30 -7.25 60.76
CA GLY F 151 21.73 -8.56 61.00
C GLY F 151 22.65 -9.60 61.63
N LEU F 152 23.97 -9.35 61.60
CA LEU F 152 24.91 -10.38 62.00
C LEU F 152 25.21 -10.32 63.49
N PRO F 153 25.68 -11.42 64.08
CA PRO F 153 26.18 -11.35 65.45
C PRO F 153 27.43 -10.47 65.51
N SER F 154 27.76 -10.01 66.73
CA SER F 154 28.77 -8.95 66.89
C SER F 154 29.68 -9.18 68.07
N ALA F 155 30.18 -10.40 68.27
CA ALA F 155 31.00 -10.71 69.45
C ALA F 155 32.12 -11.66 69.05
N TRP F 156 33.30 -11.09 68.82
CA TRP F 156 34.43 -11.83 68.29
C TRP F 156 35.36 -12.29 69.41
N VAL F 157 35.96 -13.45 69.17
CA VAL F 157 36.65 -14.25 70.18
C VAL F 157 37.96 -14.71 69.55
N SER F 158 39.01 -14.82 70.35
CA SER F 158 40.28 -15.25 69.80
C SER F 158 40.13 -16.65 69.20
N GLU F 159 40.84 -16.91 68.10
CA GLU F 159 40.91 -18.28 67.63
C GLU F 159 41.64 -19.20 68.61
N ASP F 160 42.36 -18.64 69.60
CA ASP F 160 42.88 -19.46 70.69
C ASP F 160 41.79 -20.27 71.37
N ALA F 161 40.52 -19.89 71.20
CA ALA F 161 39.40 -20.57 71.83
C ALA F 161 38.76 -21.65 70.96
N LYS F 162 39.31 -21.92 69.76
CA LYS F 162 38.67 -22.91 68.88
C LYS F 162 38.57 -24.27 69.56
N ALA F 163 39.49 -24.59 70.45
CA ALA F 163 39.34 -25.78 71.26
C ALA F 163 38.08 -25.68 72.12
N ILE F 164 38.08 -24.72 73.06
CA ILE F 164 37.05 -24.71 74.09
C ILE F 164 35.68 -24.51 73.47
N LEU F 165 35.57 -23.62 72.47
CA LEU F 165 34.29 -23.37 71.82
C LEU F 165 33.73 -24.64 71.20
N GLU F 166 34.58 -25.44 70.55
CA GLU F 166 34.07 -26.68 69.96
C GLU F 166 33.57 -27.62 71.03
N LYS F 167 34.19 -27.59 72.22
CA LYS F 167 33.78 -28.46 73.30
C LYS F 167 32.49 -27.97 73.98
N ALA F 168 32.26 -26.66 74.02
CA ALA F 168 31.11 -26.08 74.69
C ALA F 168 29.90 -25.91 73.79
N ALA F 169 29.95 -26.46 72.57
CA ALA F 169 28.89 -26.36 71.57
C ALA F 169 28.52 -24.91 71.25
N ILE F 170 29.55 -24.06 71.13
CA ILE F 170 29.40 -22.68 70.67
C ILE F 170 29.88 -22.63 69.22
N LYS F 171 29.05 -22.11 68.33
CA LYS F 171 29.50 -22.06 66.95
C LYS F 171 30.14 -20.70 66.67
N TYR F 172 31.16 -20.74 65.81
CA TYR F 172 31.87 -19.59 65.32
C TYR F 172 31.90 -19.61 63.79
N TRP F 173 32.36 -18.50 63.23
CA TRP F 173 32.54 -18.36 61.80
C TRP F 173 33.99 -17.93 61.53
N THR F 174 34.63 -18.56 60.55
CA THR F 174 35.91 -18.05 60.06
C THR F 174 35.68 -16.67 59.46
N PRO F 175 36.70 -15.81 59.43
CA PRO F 175 36.47 -14.45 58.88
C PRO F 175 35.95 -14.46 57.46
N LEU F 176 36.44 -15.36 56.61
CA LEU F 176 35.91 -15.46 55.25
C LEU F 176 34.42 -15.82 55.27
N GLU F 177 34.01 -16.65 56.21
CA GLU F 177 32.59 -16.95 56.37
C GLU F 177 31.80 -15.72 56.78
N VAL F 178 32.39 -14.87 57.62
CA VAL F 178 31.70 -13.65 58.00
C VAL F 178 31.54 -12.76 56.78
N ILE F 179 32.50 -12.79 55.85
CA ILE F 179 32.38 -12.00 54.64
C ILE F 179 31.27 -12.56 53.74
N ILE F 180 31.26 -13.87 53.55
CA ILE F 180 30.19 -14.49 52.76
C ILE F 180 28.83 -14.18 53.38
N LEU F 181 28.75 -14.24 54.72
CA LEU F 181 27.52 -13.88 55.43
C LEU F 181 27.11 -12.43 55.17
N HIS F 182 28.08 -11.51 55.20
CA HIS F 182 27.78 -10.10 55.01
C HIS F 182 27.34 -9.84 53.58
N LEU F 183 27.94 -10.54 52.63
CA LEU F 183 27.53 -10.41 51.24
C LEU F 183 26.11 -10.94 51.03
N SER F 184 25.78 -12.09 51.62
CA SER F 184 24.40 -12.57 51.54
C SER F 184 23.44 -11.53 52.10
N TYR F 185 23.74 -11.00 53.27
CA TYR F 185 22.87 -9.97 53.82
C TYR F 185 22.72 -8.80 52.85
N PHE F 186 23.82 -8.35 52.25
CA PHE F 186 23.79 -7.20 51.36
C PHE F 186 22.89 -7.46 50.15
N PHE F 187 23.11 -8.58 49.45
CA PHE F 187 22.24 -8.95 48.35
C PHE F 187 20.77 -8.98 48.78
N HIS F 188 20.44 -9.63 49.92
CA HIS F 188 19.04 -9.72 50.31
CA HIS F 188 19.07 -9.72 50.42
C HIS F 188 18.45 -8.33 50.60
N LYS F 189 19.12 -7.49 51.40
CA LYS F 189 18.56 -6.20 51.77
C LYS F 189 18.31 -5.32 50.56
N SER F 190 19.06 -5.53 49.47
CA SER F 190 18.95 -4.60 48.36
C SER F 190 18.61 -5.35 47.07
N SER F 191 17.60 -6.20 47.15
CA SER F 191 17.22 -7.00 45.99
C SER F 191 16.69 -6.13 44.87
N GLN F 192 15.85 -5.14 45.21
CA GLN F 192 15.22 -4.33 44.18
C GLN F 192 16.23 -3.64 43.27
N GLU F 193 17.46 -3.45 43.75
CA GLU F 193 18.51 -2.85 42.96
C GLU F 193 18.99 -3.77 41.83
N PHE F 194 18.63 -5.04 41.85
CA PHE F 194 19.04 -5.99 40.83
C PHE F 194 17.88 -6.55 40.04
N LEU F 195 16.66 -6.09 40.29
CA LEU F 195 15.48 -6.60 39.61
C LEU F 195 14.79 -5.41 38.96
N GLY F 196 15.19 -5.12 37.71
CA GLY F 196 14.57 -4.11 36.91
C GLY F 196 14.13 -4.58 35.54
N ILE F 197 13.86 -3.63 34.64
CA ILE F 197 13.22 -3.93 33.37
C ILE F 197 14.06 -4.89 32.53
N GLN F 198 15.36 -4.63 32.44
CA GLN F 198 16.26 -5.47 31.64
C GLN F 198 16.39 -6.86 32.24
N GLU F 199 16.38 -6.96 33.56
CA GLU F 199 16.56 -8.27 34.18
C GLU F 199 15.29 -9.10 34.09
N VAL F 200 14.13 -8.44 34.26
CA VAL F 200 12.85 -9.10 34.06
C VAL F 200 12.76 -9.64 32.64
N ARG F 201 13.12 -8.81 31.65
CA ARG F 201 13.19 -9.28 30.27
C ARG F 201 14.12 -10.49 30.15
N SER F 202 15.28 -10.46 30.79
CA SER F 202 16.18 -11.60 30.67
C SER F 202 15.51 -12.89 31.16
N MET F 203 14.80 -12.78 32.29
CA MET F 203 14.06 -13.92 32.83
C MET F 203 13.04 -14.42 31.82
N ILE F 204 12.22 -13.51 31.30
CA ILE F 204 11.18 -13.87 30.33
C ILE F 204 11.80 -14.54 29.12
N GLU F 205 12.93 -14.01 28.65
CA GLU F 205 13.58 -14.59 27.50
C GLU F 205 13.96 -16.03 27.77
N PHE F 206 14.48 -16.30 28.96
CA PHE F 206 14.76 -17.68 29.31
C PHE F 206 13.50 -18.53 29.26
N MET F 207 12.39 -18.01 29.81
CA MET F 207 11.14 -18.78 29.81
C MET F 207 10.65 -19.07 28.39
N GLU F 208 10.69 -18.07 27.50
CA GLU F 208 10.37 -18.19 26.09
C GLU F 208 10.93 -19.46 25.45
N ARG F 209 12.17 -19.82 25.81
CA ARG F 209 12.79 -20.98 25.16
C ARG F 209 11.92 -22.23 25.25
N SER F 210 11.23 -22.42 26.37
CA SER F 210 10.40 -23.61 26.57
C SER F 210 8.92 -23.32 26.74
N PHE F 211 8.53 -22.08 26.97
CA PHE F 211 7.13 -21.69 27.06
C PHE F 211 6.89 -20.51 26.12
N PRO F 212 7.20 -20.67 24.83
CA PRO F 212 6.97 -19.59 23.87
C PRO F 212 5.56 -19.04 23.93
N ASP F 213 4.55 -19.92 23.91
CA ASP F 213 3.15 -19.50 23.85
C ASP F 213 2.60 -19.01 25.18
N LEU F 214 3.00 -19.58 26.32
CA LEU F 214 2.64 -18.99 27.61
C LEU F 214 3.16 -17.56 27.74
N VAL F 215 4.46 -17.37 27.43
CA VAL F 215 5.05 -16.03 27.45
C VAL F 215 4.31 -15.10 26.50
N LYS F 216 4.01 -15.59 25.29
CA LYS F 216 3.31 -14.78 24.30
C LYS F 216 1.97 -14.31 24.85
N GLU F 217 1.24 -15.21 25.51
CA GLU F 217 -0.05 -14.87 26.09
C GLU F 217 0.10 -13.82 27.18
N VAL F 218 1.11 -13.94 28.02
CA VAL F 218 1.23 -12.97 29.10
C VAL F 218 1.65 -11.61 28.54
N THR F 219 2.71 -11.59 27.72
CA THR F 219 3.18 -10.29 27.22
C THR F 219 2.18 -9.63 26.28
N ARG F 220 1.17 -10.38 25.85
CA ARG F 220 0.10 -9.83 24.96
C ARG F 220 -0.97 -9.13 25.82
N LEU F 221 -0.77 -9.12 27.15
CA LEU F 221 -1.71 -8.49 28.06
C LEU F 221 -1.06 -7.58 29.08
N ILE F 222 0.21 -7.84 29.40
CA ILE F 222 0.93 -7.08 30.42
C ILE F 222 2.20 -6.56 29.77
N PRO F 223 2.41 -5.26 29.67
CA PRO F 223 3.69 -4.76 29.13
C PRO F 223 4.85 -5.12 30.04
N LEU F 224 6.07 -5.00 29.49
CA LEU F 224 7.25 -5.40 30.23
C LEU F 224 7.42 -4.61 31.53
N GLN F 225 7.19 -3.30 31.48
CA GLN F 225 7.32 -2.49 32.69
C GLN F 225 6.31 -2.93 33.75
N LYS F 226 5.08 -3.25 33.34
CA LYS F 226 4.04 -3.65 34.27
C LYS F 226 4.36 -5.01 34.89
N LEU F 227 4.87 -5.92 34.07
CA LEU F 227 5.35 -7.20 34.56
C LEU F 227 6.45 -7.01 35.60
N THR F 228 7.35 -6.05 35.35
CA THR F 228 8.41 -5.74 36.29
C THR F 228 7.85 -5.22 37.61
N GLU F 229 6.89 -4.30 37.54
CA GLU F 229 6.28 -3.83 38.77
C GLU F 229 5.71 -4.98 39.57
N ILE F 230 5.06 -5.94 38.89
CA ILE F 230 4.49 -7.10 39.59
C ILE F 230 5.57 -7.92 40.28
N PHE F 231 6.64 -8.29 39.53
CA PHE F 231 7.69 -9.08 40.15
C PHE F 231 8.31 -8.34 41.34
N LYS F 232 8.45 -7.02 41.24
CA LYS F 232 9.06 -6.32 42.35
C LYS F 232 8.12 -6.30 43.54
N ARG F 233 6.81 -6.16 43.31
CA ARG F 233 5.89 -6.22 44.43
C ARG F 233 5.93 -7.59 45.10
N LEU F 234 6.23 -8.63 44.33
CA LEU F 234 6.32 -9.96 44.93
C LEU F 234 7.59 -10.09 45.78
N VAL F 235 8.74 -9.67 45.25
CA VAL F 235 9.95 -9.87 46.03
C VAL F 235 9.97 -8.98 47.27
N GLN F 236 9.32 -7.82 47.21
CA GLN F 236 9.37 -6.90 48.35
C GLN F 236 8.75 -7.51 49.59
N GLU F 237 7.77 -8.41 49.40
CA GLU F 237 7.18 -9.16 50.50
C GLU F 237 7.73 -10.58 50.56
N GLN F 238 8.97 -10.75 50.12
CA GLN F 238 9.74 -11.99 50.30
C GLN F 238 9.04 -13.20 49.69
N ILE F 239 8.36 -13.00 48.55
CA ILE F 239 7.66 -14.06 47.83
C ILE F 239 8.51 -14.41 46.60
N SER F 240 9.01 -15.65 46.55
CA SER F 240 9.98 -15.99 45.51
C SER F 240 9.36 -15.87 44.11
N ILE F 241 10.20 -15.52 43.14
CA ILE F 241 9.72 -15.58 41.75
C ILE F 241 10.54 -16.61 41.00
N LYS F 242 10.98 -17.64 41.71
CA LYS F 242 11.72 -18.72 41.06
C LYS F 242 10.78 -19.55 40.18
N ASP F 243 9.55 -19.82 40.65
CA ASP F 243 8.60 -20.64 39.87
C ASP F 243 7.85 -19.78 38.83
N LEU F 244 8.50 -19.56 37.70
CA LEU F 244 7.95 -18.67 36.68
C LEU F 244 6.75 -19.29 35.97
N ARG F 245 6.68 -20.63 35.80
CA ARG F 245 5.51 -21.17 35.11
C ARG F 245 4.24 -20.90 35.91
N THR F 246 4.31 -21.04 37.24
CA THR F 246 3.14 -20.80 38.08
C THR F 246 2.72 -19.35 38.05
N ILE F 247 3.69 -18.44 38.07
CA ILE F 247 3.36 -17.02 38.06
C ILE F 247 2.81 -16.62 36.69
N LEU F 248 3.44 -17.06 35.61
CA LEU F 248 2.96 -16.71 34.28
C LEU F 248 1.58 -17.31 34.03
N GLU F 249 1.36 -18.55 34.47
CA GLU F 249 0.05 -19.17 34.30
C GLU F 249 -1.02 -18.39 35.08
N SER F 250 -0.68 -17.95 36.30
CA SER F 250 -1.64 -17.14 37.05
C SER F 250 -1.98 -15.85 36.29
N LEU F 251 -0.95 -15.08 35.90
CA LEU F 251 -1.19 -13.84 35.17
C LEU F 251 -1.97 -14.09 33.89
N SER F 252 -1.61 -15.14 33.14
CA SER F 252 -2.28 -15.39 31.88
C SER F 252 -3.75 -15.70 32.09
N GLU F 253 -4.11 -16.25 33.25
CA GLU F 253 -5.53 -16.45 33.48
C GLU F 253 -6.21 -15.18 33.97
N TRP F 254 -5.55 -14.43 34.86
CA TRP F 254 -6.28 -13.36 35.52
C TRP F 254 -6.25 -12.04 34.77
N ALA F 255 -5.23 -11.78 33.93
CA ALA F 255 -5.14 -10.55 33.16
C ALA F 255 -6.09 -10.51 31.98
N GLN F 256 -6.84 -11.58 31.71
CA GLN F 256 -7.91 -11.48 30.72
C GLN F 256 -8.97 -10.50 31.19
N THR F 257 -9.18 -10.39 32.50
CA THR F 257 -10.24 -9.56 33.05
C THR F 257 -9.76 -8.45 33.98
N GLU F 258 -8.58 -8.57 34.59
CA GLU F 258 -8.10 -7.58 35.54
C GLU F 258 -6.76 -6.99 35.09
N LYS F 259 -6.62 -5.68 35.25
CA LYS F 259 -5.42 -5.01 34.81
C LYS F 259 -4.71 -4.23 35.91
N ASP F 260 -5.33 -4.00 37.07
CA ASP F 260 -4.62 -3.39 38.18
C ASP F 260 -3.42 -4.26 38.54
N THR F 261 -2.27 -3.61 38.78
CA THR F 261 -1.07 -4.39 39.05
C THR F 261 -1.02 -4.91 40.49
N VAL F 262 -1.54 -4.15 41.45
CA VAL F 262 -1.56 -4.66 42.81
C VAL F 262 -2.53 -5.83 42.93
N LEU F 263 -3.64 -5.78 42.18
CA LEU F 263 -4.58 -6.89 42.22
C LEU F 263 -4.01 -8.11 41.50
N LEU F 264 -3.33 -7.92 40.37
CA LEU F 264 -2.71 -9.07 39.71
C LEU F 264 -1.67 -9.72 40.61
N THR F 265 -0.92 -8.90 41.35
CA THR F 265 -0.02 -9.45 42.36
C THR F 265 -0.80 -10.26 43.39
N GLU F 266 -1.94 -9.72 43.84
CA GLU F 266 -2.80 -10.39 44.85
C GLU F 266 -3.17 -11.80 44.35
N TYR F 267 -3.48 -11.93 43.05
CA TYR F 267 -3.86 -13.20 42.46
C TYR F 267 -2.67 -14.15 42.37
N VAL F 268 -1.50 -13.66 41.91
CA VAL F 268 -0.32 -14.51 41.86
C VAL F 268 -0.02 -15.08 43.25
N ARG F 269 -0.14 -14.22 44.26
CA ARG F 269 0.09 -14.66 45.63
C ARG F 269 -0.85 -15.80 45.98
N SER F 270 -2.15 -15.60 45.77
CA SER F 270 -3.12 -16.65 46.08
C SER F 270 -2.89 -17.91 45.26
N SER F 271 -2.22 -17.80 44.11
CA SER F 271 -1.90 -18.96 43.30
C SER F 271 -0.60 -19.63 43.72
N LEU F 272 0.18 -19.02 44.60
CA LEU F 272 1.39 -19.64 45.12
C LEU F 272 1.19 -20.27 46.51
N LYS F 273 -0.01 -20.83 46.76
CA LYS F 273 -0.41 -21.31 48.08
C LYS F 273 0.62 -22.26 48.71
N LEU F 274 1.07 -23.26 47.94
CA LEU F 274 2.02 -24.24 48.49
C LEU F 274 3.32 -23.57 48.91
N TYR F 275 3.89 -22.73 48.06
CA TYR F 275 5.12 -22.04 48.42
C TYR F 275 4.93 -21.21 49.69
N ILE F 276 3.84 -20.44 49.74
CA ILE F 276 3.64 -19.52 50.86
C ILE F 276 3.46 -20.30 52.16
N SER F 277 2.58 -21.30 52.15
CA SER F 277 2.37 -22.12 53.34
C SER F 277 3.67 -22.78 53.79
N PHE F 278 4.39 -23.42 52.88
CA PHE F 278 5.60 -24.10 53.29
C PHE F 278 6.66 -23.13 53.77
N LYS F 279 6.72 -21.93 53.19
CA LYS F 279 7.73 -20.95 53.58
C LYS F 279 7.47 -20.44 54.99
N PHE F 280 6.28 -19.89 55.23
CA PHE F 280 6.00 -19.25 56.51
C PHE F 280 5.55 -20.22 57.58
N SER F 281 5.43 -21.51 57.29
CA SER F 281 5.24 -22.49 58.34
C SER F 281 6.55 -23.13 58.75
N GLN F 282 7.68 -22.66 58.22
CA GLN F 282 8.99 -23.26 58.43
C GLN F 282 9.05 -24.72 57.98
N GLY F 283 8.02 -25.21 57.30
CA GLY F 283 7.95 -26.61 56.90
C GLY F 283 7.35 -27.55 57.93
N GLN F 284 6.79 -27.03 59.03
CA GLN F 284 6.25 -27.84 60.11
C GLN F 284 4.89 -28.43 59.73
N SER F 285 4.32 -29.21 60.66
CA SER F 285 3.00 -29.80 60.44
C SER F 285 1.90 -28.74 60.53
N ALA F 286 2.09 -27.76 61.39
CA ALA F 286 1.20 -26.61 61.54
C ALA F 286 2.00 -25.34 61.25
N ILE F 287 1.35 -24.19 61.45
CA ILE F 287 1.95 -22.91 61.10
C ILE F 287 1.64 -21.90 62.21
N SER F 288 2.66 -21.51 62.97
CA SER F 288 2.45 -20.57 64.05
C SER F 288 2.44 -19.15 63.49
N VAL F 289 1.33 -18.43 63.72
CA VAL F 289 1.12 -17.08 63.20
C VAL F 289 0.30 -16.29 64.21
N TYR F 290 0.31 -14.96 64.06
CA TYR F 290 -0.52 -14.08 64.87
C TYR F 290 -1.85 -13.86 64.15
N LEU F 291 -2.65 -12.90 64.63
CA LEU F 291 -3.98 -12.70 64.05
C LEU F 291 -4.44 -11.28 64.34
N LEU F 292 -5.73 -11.03 64.09
CA LEU F 292 -6.38 -9.76 64.37
C LEU F 292 -7.71 -10.04 65.05
N ASP F 293 -7.92 -9.45 66.24
CA ASP F 293 -9.18 -9.52 66.97
C ASP F 293 -10.30 -9.18 65.99
N PRO F 294 -11.50 -9.77 66.15
CA PRO F 294 -12.57 -9.58 65.15
C PRO F 294 -12.77 -8.13 64.70
N GLU F 295 -13.06 -7.24 65.65
CA GLU F 295 -13.39 -5.85 65.29
C GLU F 295 -12.22 -5.12 64.64
N ILE F 296 -11.00 -5.66 64.72
CA ILE F 296 -9.83 -4.95 64.19
C ILE F 296 -9.92 -4.84 62.67
N GLU F 297 -10.25 -5.94 62.00
CA GLU F 297 -10.38 -5.93 60.54
C GLU F 297 -11.50 -5.03 60.05
N GLU F 298 -12.42 -4.62 60.93
CA GLU F 298 -13.56 -3.82 60.50
C GLU F 298 -13.16 -2.50 59.86
N MET F 299 -11.89 -2.11 59.95
CA MET F 299 -11.42 -0.87 59.30
C MET F 299 -11.16 -1.16 57.82
N ILE F 300 -12.24 -1.09 57.05
CA ILE F 300 -12.20 -1.28 55.60
C ILE F 300 -12.20 0.06 54.86
N ARG F 301 -12.71 1.12 55.48
CA ARG F 301 -12.66 2.46 54.90
C ARG F 301 -11.39 3.18 55.35
N THR F 307 -8.67 7.06 42.82
CA THR F 307 -9.09 5.69 42.53
C THR F 307 -8.85 5.34 41.07
N SER F 308 -7.58 5.46 40.66
CA SER F 308 -7.19 5.03 39.32
C SER F 308 -7.34 3.51 39.17
N ALA F 309 -6.90 2.77 40.19
CA ALA F 309 -6.88 1.31 40.21
C ALA F 309 -7.48 0.78 41.51
N GLY F 310 -8.68 1.25 41.84
CA GLY F 310 -9.33 0.86 43.08
C GLY F 310 -8.81 1.70 44.22
N SER F 311 -9.68 2.06 45.16
CA SER F 311 -9.28 2.92 46.27
C SER F 311 -8.01 2.39 46.91
N TYR F 312 -7.14 3.30 47.33
CA TYR F 312 -5.85 2.94 47.88
C TYR F 312 -5.77 3.10 49.39
N LEU F 313 -6.59 3.95 49.99
CA LEU F 313 -6.66 4.12 51.44
C LEU F 313 -7.76 5.14 51.72
N ALA F 314 -8.26 5.11 52.95
CA ALA F 314 -9.17 6.17 53.41
C ALA F 314 -8.98 6.61 54.85
N LEU F 315 -8.22 5.88 55.68
CA LEU F 315 -8.16 6.20 57.10
C LEU F 315 -7.17 7.33 57.38
N ASP F 316 -7.42 8.05 58.50
CA ASP F 316 -6.64 9.18 58.98
C ASP F 316 -5.48 8.71 59.85
N PRO F 317 -4.45 9.56 60.02
CA PRO F 317 -3.25 9.12 60.76
C PRO F 317 -3.48 8.77 62.23
N ASP F 318 -4.42 9.44 62.92
CA ASP F 318 -4.60 9.17 64.34
C ASP F 318 -5.32 7.87 64.61
N SER F 319 -6.12 7.37 63.66
CA SER F 319 -6.71 6.04 63.83
C SER F 319 -5.66 4.95 63.66
N VAL F 320 -4.62 5.23 62.88
CA VAL F 320 -3.59 4.24 62.58
C VAL F 320 -2.68 4.00 63.79
N ASN F 321 -2.34 5.07 64.52
CA ASN F 321 -1.46 4.96 65.68
C ASN F 321 -1.95 3.90 66.66
N LEU F 322 -3.28 3.75 66.78
CA LEU F 322 -3.84 2.74 67.67
C LEU F 322 -3.41 1.34 67.23
N ILE F 323 -3.49 1.06 65.93
CA ILE F 323 -3.02 -0.23 65.41
C ILE F 323 -1.52 -0.36 65.65
N LEU F 324 -0.76 0.67 65.27
CA LEU F 324 0.69 0.63 65.33
C LEU F 324 1.22 0.46 66.75
N LYS F 325 0.43 0.78 67.77
CA LYS F 325 0.87 0.57 69.14
C LYS F 325 0.22 -0.65 69.80
N SER F 326 -0.94 -1.10 69.31
CA SER F 326 -1.47 -2.38 69.79
C SER F 326 -0.63 -3.53 69.24
N MET F 327 0.09 -3.29 68.15
CA MET F 327 0.99 -4.30 67.59
C MET F 327 2.28 -4.43 68.38
N ARG F 328 2.79 -3.31 68.91
CA ARG F 328 4.08 -3.34 69.61
C ARG F 328 4.04 -4.30 70.79
N ASN F 329 3.21 -4.01 71.79
CA ASN F 329 3.15 -4.84 72.99
C ASN F 329 2.11 -5.97 72.87
N THR F 330 2.12 -6.66 71.73
CA THR F 330 1.32 -7.87 71.58
C THR F 330 2.16 -8.96 70.93
N ILE F 331 3.09 -8.58 70.06
CA ILE F 331 3.97 -9.50 69.34
C ILE F 331 5.38 -9.27 69.83
N THR F 332 6.13 -10.36 70.02
CA THR F 332 7.47 -10.31 70.58
C THR F 332 8.52 -10.51 69.49
N PRO F 333 9.58 -9.69 69.47
CA PRO F 333 10.56 -9.75 68.38
C PRO F 333 11.35 -11.05 68.37
N THR F 334 12.24 -11.19 67.39
CA THR F 334 13.01 -12.46 67.26
C THR F 334 14.53 -12.27 67.34
N PRO F 335 15.24 -13.32 67.81
CA PRO F 335 16.69 -13.30 67.93
C PRO F 335 17.38 -13.11 66.59
N ALA F 336 18.35 -12.19 66.53
CA ALA F 336 19.10 -11.89 65.28
C ALA F 336 19.60 -13.19 64.65
N GLY F 337 19.34 -13.38 63.36
CA GLY F 337 19.77 -14.60 62.64
C GLY F 337 18.63 -15.17 61.82
N GLY F 338 17.39 -14.79 62.15
CA GLY F 338 16.20 -15.29 61.43
C GLY F 338 14.93 -15.12 62.26
N GLN F 339 14.17 -16.21 62.42
CA GLN F 339 12.91 -16.20 63.21
C GLN F 339 12.02 -15.05 62.73
N PRO F 340 11.67 -14.98 61.43
CA PRO F 340 10.81 -13.90 60.90
C PRO F 340 9.38 -13.98 61.47
N PRO F 341 8.66 -12.85 61.57
CA PRO F 341 7.29 -12.84 62.10
C PRO F 341 6.25 -13.25 61.03
N VAL F 342 4.99 -13.36 61.44
CA VAL F 342 3.89 -13.75 60.50
C VAL F 342 2.56 -13.18 61.00
N LEU F 343 1.73 -12.68 60.08
CA LEU F 343 0.43 -12.11 60.43
C LEU F 343 -0.60 -12.55 59.40
N LEU F 344 -1.72 -13.10 59.87
CA LEU F 344 -2.74 -13.68 59.01
C LEU F 344 -4.00 -12.83 59.04
N THR F 345 -4.53 -12.50 57.86
CA THR F 345 -5.75 -11.69 57.75
C THR F 345 -6.63 -12.28 56.64
N ALA F 346 -7.62 -11.49 56.24
CA ALA F 346 -8.61 -11.89 55.24
C ALA F 346 -8.15 -11.51 53.84
N ILE F 347 -9.03 -11.67 52.85
CA ILE F 347 -8.64 -11.51 51.46
C ILE F 347 -8.63 -10.05 51.06
N ASP F 348 -9.65 -9.30 51.47
CA ASP F 348 -9.82 -7.92 51.04
C ASP F 348 -9.02 -6.92 51.85
N VAL F 349 -8.18 -7.35 52.80
CA VAL F 349 -7.48 -6.41 53.66
C VAL F 349 -5.96 -6.58 53.66
N ARG F 350 -5.43 -7.76 53.33
CA ARG F 350 -4.01 -8.01 53.60
C ARG F 350 -3.09 -7.07 52.82
N ARG F 351 -3.42 -6.81 51.54
CA ARG F 351 -2.57 -5.90 50.77
C ARG F 351 -2.56 -4.51 51.38
N TYR F 352 -3.68 -4.09 51.99
CA TYR F 352 -3.76 -2.79 52.63
C TYR F 352 -3.12 -2.79 54.01
N VAL F 353 -2.74 -3.96 54.54
CA VAL F 353 -2.15 -4.03 55.86
C VAL F 353 -0.64 -3.86 55.81
N ARG F 354 0.04 -4.49 54.84
CA ARG F 354 1.50 -4.38 54.75
C ARG F 354 1.93 -2.91 54.62
N LYS F 355 1.31 -2.16 53.71
CA LYS F 355 1.69 -0.76 53.51
C LYS F 355 1.56 0.06 54.78
N LEU F 356 0.96 -0.51 55.84
CA LEU F 356 0.80 0.18 57.11
C LEU F 356 1.94 -0.14 58.09
N ILE F 357 2.44 -1.37 58.08
CA ILE F 357 3.42 -1.82 59.05
C ILE F 357 4.81 -1.99 58.45
N GLU F 358 4.96 -1.92 57.12
CA GLU F 358 6.24 -2.09 56.45
C GLU F 358 7.22 -0.97 56.79
N THR F 359 6.77 0.09 57.45
CA THR F 359 7.65 1.15 57.88
C THR F 359 8.13 0.92 59.31
N GLU F 360 7.21 0.52 60.21
CA GLU F 360 7.63 0.18 61.56
C GLU F 360 8.29 -1.20 61.60
N PHE F 361 7.58 -2.23 61.13
CA PHE F 361 8.07 -3.61 61.14
C PHE F 361 8.16 -4.11 59.71
N PRO F 362 9.21 -3.69 58.99
CA PRO F 362 9.25 -3.95 57.54
C PRO F 362 9.23 -5.42 57.16
N ASP F 363 9.77 -6.29 58.02
CA ASP F 363 10.01 -7.67 57.68
C ASP F 363 8.89 -8.60 58.14
N ILE F 364 7.78 -8.06 58.63
CA ILE F 364 6.65 -8.90 59.02
C ILE F 364 5.90 -9.37 57.77
N ALA F 365 5.53 -10.65 57.75
CA ALA F 365 4.84 -11.25 56.61
C ALA F 365 3.33 -11.19 56.84
N VAL F 366 2.63 -10.51 55.94
CA VAL F 366 1.19 -10.36 56.04
C VAL F 366 0.59 -11.26 54.96
N ILE F 367 0.03 -12.41 55.38
CA ILE F 367 -0.56 -13.38 54.48
C ILE F 367 -2.05 -13.49 54.77
N SER F 368 -2.79 -14.08 53.83
CA SER F 368 -4.25 -14.16 53.88
C SER F 368 -4.71 -15.59 53.66
N TYR F 369 -5.94 -15.86 54.09
CA TYR F 369 -6.57 -17.16 53.90
C TYR F 369 -6.47 -17.61 52.44
N GLN F 370 -6.65 -16.68 51.50
CA GLN F 370 -6.56 -16.97 50.08
C GLN F 370 -5.21 -17.57 49.70
N GLU F 371 -4.21 -17.44 50.57
CA GLU F 371 -2.82 -17.74 50.25
C GLU F 371 -2.26 -18.95 50.99
N ILE F 372 -3.07 -19.64 51.80
CA ILE F 372 -2.61 -20.80 52.57
C ILE F 372 -3.40 -22.04 52.12
N LEU F 373 -2.81 -23.22 52.39
CA LEU F 373 -3.45 -24.49 52.06
C LEU F 373 -4.70 -24.71 52.91
N PRO F 374 -5.66 -25.50 52.42
CA PRO F 374 -6.86 -25.79 53.24
C PRO F 374 -6.55 -26.56 54.52
N GLU F 375 -5.56 -27.44 54.48
CA GLU F 375 -5.31 -28.41 55.54
C GLU F 375 -4.40 -27.91 56.65
N ILE F 376 -3.65 -26.83 56.44
CA ILE F 376 -2.59 -26.49 57.36
C ILE F 376 -3.19 -26.03 58.69
N ARG F 377 -2.74 -26.64 59.79
CA ARG F 377 -3.27 -26.32 61.10
C ARG F 377 -2.82 -24.93 61.51
N ILE F 378 -3.76 -24.09 61.93
CA ILE F 378 -3.50 -22.69 62.24
C ILE F 378 -3.40 -22.55 63.75
N GLN F 379 -2.16 -22.50 64.26
CA GLN F 379 -1.94 -22.29 65.68
C GLN F 379 -1.88 -20.80 65.94
N PRO F 380 -2.90 -20.20 66.58
CA PRO F 380 -2.88 -18.75 66.80
C PRO F 380 -2.02 -18.37 67.99
N LEU F 381 -1.07 -17.45 67.76
CA LEU F 381 -0.14 -16.99 68.82
C LEU F 381 -0.79 -15.84 69.60
N GLY F 382 -2.13 -15.83 69.68
CA GLY F 382 -2.87 -14.77 70.39
C GLY F 382 -3.57 -13.83 69.44
N ARG F 383 -4.47 -12.99 69.97
CA ARG F 383 -5.23 -12.02 69.14
C ARG F 383 -4.59 -10.63 69.25
N ILE F 384 -5.31 -9.59 68.84
CA ILE F 384 -4.80 -8.18 68.90
C ILE F 384 -5.90 -7.28 69.45
N ASP G 41 39.18 27.26 2.29
CA ASP G 41 38.80 28.00 3.49
C ASP G 41 37.36 27.65 3.94
N ASP G 42 37.20 26.42 4.44
CA ASP G 42 35.89 25.92 4.86
C ASP G 42 35.61 26.34 6.30
N TYR G 43 34.54 25.80 6.88
CA TYR G 43 34.19 26.13 8.24
C TYR G 43 35.10 25.40 9.22
N SER G 44 35.11 25.89 10.47
CA SER G 44 35.88 25.33 11.56
C SER G 44 34.97 25.15 12.76
N LEU G 45 35.14 24.05 13.47
CA LEU G 45 34.35 23.81 14.67
C LEU G 45 34.96 24.54 15.86
N THR G 46 34.13 25.25 16.61
CA THR G 46 34.59 25.97 17.79
C THR G 46 35.19 25.02 18.83
N LEU G 47 36.36 25.37 19.34
CA LEU G 47 37.06 24.54 20.33
C LEU G 47 36.45 24.72 21.71
N PRO G 48 35.93 23.67 22.34
CA PRO G 48 35.28 23.89 23.63
C PRO G 48 36.23 24.39 24.71
N VAL G 49 37.44 23.83 24.86
CA VAL G 49 38.33 24.37 25.88
C VAL G 49 39.75 24.58 25.33
N ILE G 50 40.24 25.80 25.52
CA ILE G 50 41.63 26.17 25.23
C ILE G 50 42.33 26.49 26.55
N LEU G 51 43.55 25.98 26.70
CA LEU G 51 44.45 26.34 27.80
C LEU G 51 45.65 27.05 27.19
N GLU G 52 45.77 28.35 27.45
CA GLU G 52 46.89 29.17 26.96
C GLU G 52 47.94 29.37 28.05
N LEU G 53 49.21 29.28 27.65
CA LEU G 53 50.32 29.35 28.59
C LEU G 53 51.31 30.44 28.19
N GLY G 54 51.80 31.17 29.19
CA GLY G 54 52.86 32.13 28.98
C GLY G 54 54.19 31.44 28.69
N LYS G 55 55.20 32.26 28.36
CA LYS G 55 56.45 31.69 27.84
C LYS G 55 57.03 30.62 28.77
N ASP G 56 57.09 30.90 30.07
CA ASP G 56 57.75 29.99 31.01
C ASP G 56 56.95 28.72 31.26
N LEU G 57 55.64 28.84 31.47
CA LEU G 57 54.79 27.66 31.59
C LEU G 57 54.88 26.80 30.33
N SER G 58 54.98 27.48 29.18
CA SER G 58 55.15 26.77 27.92
C SER G 58 56.43 25.95 27.94
N LYS G 59 57.52 26.53 28.45
CA LYS G 59 58.72 25.73 28.66
C LYS G 59 58.38 24.51 29.51
N LEU G 60 57.65 24.76 30.60
CA LEU G 60 57.37 23.72 31.59
C LEU G 60 56.75 22.46 30.98
N ILE G 61 55.80 22.64 30.04
CA ILE G 61 55.13 21.45 29.53
C ILE G 61 55.97 20.67 28.52
N GLN G 62 57.21 21.09 28.27
CA GLN G 62 58.07 20.39 27.31
C GLN G 62 58.84 19.19 27.88
N HIS G 63 59.10 19.13 29.19
CA HIS G 63 59.81 17.97 29.75
C HIS G 63 58.90 17.17 30.68
N LYS G 64 59.10 15.86 30.67
CA LYS G 64 58.35 14.92 31.50
C LYS G 64 58.73 15.10 32.97
N THR G 65 58.00 14.41 33.86
CA THR G 65 58.21 14.52 35.30
C THR G 65 59.22 13.48 35.79
N LYS G 66 59.30 13.29 37.11
CA LYS G 66 60.23 12.34 37.71
C LYS G 66 59.92 10.90 37.34
N SER G 67 58.78 10.63 36.70
CA SER G 67 58.41 9.30 36.27
C SER G 67 58.20 9.17 34.77
N GLY G 68 58.24 10.27 34.03
CA GLY G 68 57.96 10.25 32.61
C GLY G 68 56.59 10.77 32.24
N GLN G 69 55.89 11.43 33.15
CA GLN G 69 54.55 11.92 32.89
C GLN G 69 54.60 13.13 31.97
N SER G 70 53.81 13.09 30.90
CA SER G 70 53.63 14.22 30.01
C SER G 70 52.36 14.96 30.38
N PHE G 71 52.44 16.29 30.39
CA PHE G 71 51.25 17.08 30.71
C PHE G 71 50.13 16.81 29.72
N VAL G 72 50.47 16.78 28.42
CA VAL G 72 49.44 16.64 27.39
C VAL G 72 49.06 15.17 27.18
N ASP G 73 50.01 14.25 27.30
CA ASP G 73 49.72 12.85 27.02
C ASP G 73 49.24 12.08 28.24
N ASP G 74 49.61 12.51 29.45
CA ASP G 74 49.23 11.78 30.66
C ASP G 74 48.37 12.59 31.62
N MET G 75 48.82 13.77 32.03
CA MET G 75 48.12 14.46 33.13
C MET G 75 46.71 14.86 32.72
N ILE G 76 46.57 15.45 31.54
CA ILE G 76 45.27 15.91 31.03
C ILE G 76 44.34 14.71 30.73
N PRO G 77 44.79 13.70 29.98
CA PRO G 77 43.94 12.51 29.80
C PRO G 77 43.50 11.84 31.09
N LYS G 78 44.41 11.67 32.05
CA LYS G 78 44.03 11.07 33.33
C LYS G 78 43.02 11.92 34.06
N MET G 79 43.13 13.25 33.96
CA MET G 79 42.12 14.11 34.56
C MET G 79 40.77 13.89 33.93
N ARG G 80 40.73 13.79 32.61
CA ARG G 80 39.46 13.53 31.94
C ARG G 80 38.87 12.21 32.40
N GLN G 81 39.68 11.15 32.41
CA GLN G 81 39.16 9.85 32.84
C GLN G 81 38.59 9.94 34.25
N ALA G 82 39.29 10.63 35.15
CA ALA G 82 38.78 10.76 36.51
C ALA G 82 37.47 11.53 36.53
N LEU G 83 37.36 12.60 35.71
CA LEU G 83 36.13 13.37 35.64
C LEU G 83 34.94 12.53 35.17
N TYR G 84 35.23 11.59 34.25
CA TYR G 84 34.18 10.69 33.70
C TYR G 84 33.88 9.57 34.71
N GLN G 85 34.77 9.41 35.69
CA GLN G 85 34.60 8.36 36.74
C GLN G 85 33.96 8.99 37.99
N ASP G 86 33.94 10.33 38.06
CA ASP G 86 33.34 11.06 39.21
C ASP G 86 32.00 11.67 38.78
N ILE G 87 31.81 11.84 37.47
CA ILE G 87 30.54 12.43 36.93
C ILE G 87 30.23 11.78 35.58
N GLY G 88 28.94 11.67 35.24
CA GLY G 88 28.49 11.07 33.96
C GLY G 88 28.75 12.00 32.80
N ILE G 89 29.05 13.27 33.07
CA ILE G 89 29.32 14.27 32.01
C ILE G 89 30.65 13.93 31.32
N ARG G 90 30.63 13.79 29.99
CA ARG G 90 31.87 13.46 29.22
C ARG G 90 32.51 14.77 28.75
N TYR G 91 33.52 15.26 29.49
CA TYR G 91 34.21 16.53 29.15
C TYR G 91 35.04 16.33 27.88
N PRO G 92 35.27 17.38 27.07
CA PRO G 92 36.06 17.27 25.83
C PRO G 92 37.56 17.37 26.09
N GLY G 93 38.36 17.29 25.01
CA GLY G 93 39.81 17.35 25.10
C GLY G 93 40.26 18.79 25.28
N ILE G 94 41.53 18.96 25.66
CA ILE G 94 42.07 20.26 25.99
C ILE G 94 43.04 20.66 24.90
N HIS G 95 42.84 21.83 24.29
CA HIS G 95 43.82 22.29 23.30
C HIS G 95 44.76 23.29 23.95
N VAL G 96 46.05 22.97 23.99
CA VAL G 96 47.05 23.81 24.64
C VAL G 96 47.67 24.72 23.60
N ARG G 97 47.70 26.02 23.90
CA ARG G 97 48.29 27.07 23.07
C ARG G 97 49.50 27.62 23.84
N THR G 98 50.69 27.26 23.39
CA THR G 98 51.92 27.64 24.06
C THR G 98 52.42 28.99 23.55
N ASP G 99 53.23 29.64 24.41
CA ASP G 99 53.83 30.97 24.09
C ASP G 99 52.73 31.94 23.64
N SER G 100 51.78 32.24 24.53
CA SER G 100 50.68 33.19 24.22
C SER G 100 51.25 34.60 24.01
N PRO G 101 50.67 35.43 23.10
CA PRO G 101 51.17 36.78 22.87
C PRO G 101 50.73 37.75 23.96
N SER G 102 49.72 37.37 24.75
CA SER G 102 49.21 38.23 25.85
C SER G 102 49.33 37.49 27.19
N LEU G 103 50.56 37.11 27.57
CA LEU G 103 50.81 36.40 28.84
C LEU G 103 51.90 37.13 29.64
N GLU G 104 52.13 36.71 30.88
CA GLU G 104 53.16 37.35 31.75
C GLU G 104 54.23 36.31 32.11
N GLY G 105 54.51 35.37 31.20
CA GLY G 105 55.51 34.32 31.43
C GLY G 105 54.93 33.14 32.19
N TYR G 106 54.67 33.32 33.49
CA TYR G 106 54.10 32.24 34.33
C TYR G 106 52.61 32.51 34.58
N ASP G 107 51.89 32.89 33.52
CA ASP G 107 50.43 33.18 33.62
C ASP G 107 49.67 32.22 32.70
N TYR G 108 48.41 31.89 33.00
CA TYR G 108 47.68 30.96 32.13
C TYR G 108 46.22 31.35 32.00
N MET G 109 45.58 30.86 30.95
CA MET G 109 44.20 31.24 30.70
C MET G 109 43.39 30.05 30.20
N ILE G 110 42.16 29.95 30.69
CA ILE G 110 41.22 28.93 30.24
C ILE G 110 40.11 29.63 29.47
N LEU G 111 39.92 29.21 28.23
CA LEU G 111 38.92 29.78 27.34
C LEU G 111 37.83 28.75 27.09
N LEU G 112 36.58 29.18 27.30
CA LEU G 112 35.39 28.35 27.10
C LEU G 112 34.74 28.76 25.78
N ASN G 113 34.75 27.86 24.80
CA ASN G 113 34.16 28.13 23.50
C ASN G 113 34.82 29.36 22.88
N GLU G 114 36.14 29.45 23.01
CA GLU G 114 37.00 30.48 22.45
C GLU G 114 36.73 31.86 23.03
N VAL G 115 36.03 31.94 24.15
CA VAL G 115 35.87 33.17 24.94
C VAL G 115 36.66 32.99 26.23
N PRO G 116 37.50 33.95 26.61
CA PRO G 116 38.28 33.80 27.86
C PRO G 116 37.37 33.66 29.06
N TYR G 117 37.54 32.57 29.81
CA TYR G 117 36.72 32.28 30.97
C TYR G 117 37.39 32.63 32.28
N VAL G 118 38.65 32.24 32.43
CA VAL G 118 39.32 32.46 33.72
C VAL G 118 40.82 32.60 33.52
N ARG G 119 41.41 33.46 34.32
CA ARG G 119 42.82 33.82 34.22
C ARG G 119 43.50 33.40 35.52
N GLY G 120 44.65 32.75 35.40
CA GLY G 120 45.38 32.28 36.56
C GLY G 120 46.83 32.69 36.50
N LYS G 121 47.48 32.62 37.67
CA LYS G 121 48.89 32.91 37.81
C LYS G 121 49.55 31.79 38.59
N ILE G 122 50.84 31.61 38.35
CA ILE G 122 51.69 30.70 39.10
C ILE G 122 52.88 31.48 39.64
N PRO G 123 53.05 31.61 40.96
CA PRO G 123 54.24 32.28 41.48
C PRO G 123 55.48 31.55 41.04
N PRO G 124 56.40 32.24 40.36
CA PRO G 124 57.53 31.55 39.74
C PRO G 124 58.37 30.77 40.75
N HIS G 125 58.78 29.57 40.34
CA HIS G 125 59.72 28.75 41.10
C HIS G 125 59.17 28.36 42.47
N HIS G 126 57.89 28.00 42.51
CA HIS G 126 57.26 27.50 43.73
C HIS G 126 56.50 26.22 43.45
N VAL G 127 55.99 25.65 44.55
CA VAL G 127 55.07 24.52 44.57
C VAL G 127 53.94 24.86 45.52
N LEU G 128 52.75 24.30 45.29
CA LEU G 128 51.57 24.64 46.06
C LEU G 128 51.40 23.64 47.20
N THR G 129 50.91 24.11 48.35
CA THR G 129 50.64 23.24 49.49
C THR G 129 49.39 23.73 50.20
N ASN G 130 48.85 22.86 51.03
CA ASN G 130 47.66 23.16 51.82
C ASN G 130 47.95 23.25 53.32
N GLU G 131 49.21 23.43 53.71
CA GLU G 131 49.53 23.68 55.12
C GLU G 131 49.07 25.06 55.54
N VAL G 132 48.98 25.27 56.85
CA VAL G 132 48.64 26.57 57.40
C VAL G 132 49.93 27.27 57.80
N GLU G 133 49.85 28.60 57.90
CA GLU G 133 50.97 29.47 58.23
C GLU G 133 51.82 28.96 59.40
N ASP G 134 51.19 28.34 60.41
CA ASP G 134 51.92 27.94 61.60
C ASP G 134 52.86 26.76 61.33
N ASN G 135 52.39 25.75 60.59
CA ASN G 135 53.22 24.59 60.31
C ASN G 135 54.38 24.94 59.38
N LEU G 136 54.13 25.74 58.33
CA LEU G 136 55.21 26.18 57.46
C LEU G 136 56.20 27.07 58.20
N SER G 137 55.73 27.88 59.16
CA SER G 137 56.63 28.67 59.98
C SER G 137 57.58 27.77 60.77
N ARG G 138 57.07 26.64 61.28
CA ARG G 138 57.89 25.71 62.07
C ARG G 138 59.05 25.10 61.26
N TYR G 139 59.02 25.20 59.93
CA TYR G 139 60.01 24.56 59.08
C TYR G 139 60.88 25.56 58.33
N ASN G 140 61.03 26.79 58.83
CA ASN G 140 61.85 27.80 58.18
C ASN G 140 61.47 27.97 56.72
N LEU G 141 60.16 27.96 56.46
CA LEU G 141 59.67 28.02 55.09
C LEU G 141 58.92 29.31 54.84
N PRO G 142 59.49 30.28 54.15
CA PRO G 142 58.69 31.44 53.75
C PRO G 142 57.70 31.02 52.66
N PHE G 143 56.48 31.55 52.76
CA PHE G 143 55.43 31.12 51.84
C PHE G 143 54.67 32.33 51.31
N ILE G 144 53.97 32.09 50.21
CA ILE G 144 53.22 33.08 49.46
C ILE G 144 51.76 32.66 49.44
N THR G 145 50.86 33.59 49.73
CA THR G 145 49.42 33.30 49.63
C THR G 145 48.89 33.81 48.29
N TYR G 146 48.30 32.91 47.50
CA TYR G 146 47.69 33.26 46.23
C TYR G 146 46.63 32.23 45.92
N LYS G 147 45.37 32.66 45.75
CA LYS G 147 44.25 31.77 45.46
C LYS G 147 43.93 31.79 43.97
N ASN G 148 44.16 30.66 43.27
CA ASN G 148 43.85 30.60 41.83
C ASN G 148 42.35 30.44 41.58
N ALA G 149 41.70 29.55 42.32
CA ALA G 149 40.29 29.30 42.17
C ALA G 149 39.68 29.07 43.55
N ALA G 150 38.36 29.05 43.60
CA ALA G 150 37.65 28.93 44.86
C ALA G 150 38.01 27.64 45.60
N GLY G 151 38.06 26.53 44.89
CA GLY G 151 38.31 25.26 45.57
C GLY G 151 39.75 24.82 45.73
N LEU G 152 40.72 25.72 45.59
CA LEU G 152 42.10 25.28 45.59
C LEU G 152 42.90 25.74 46.81
N PRO G 153 43.96 25.01 47.16
CA PRO G 153 44.87 25.45 48.23
C PRO G 153 45.59 26.74 47.83
N SER G 154 46.21 27.38 48.83
CA SER G 154 46.83 28.66 48.52
C SER G 154 48.18 28.90 49.18
N ALA G 155 48.84 27.90 49.77
CA ALA G 155 50.10 28.17 50.49
C ALA G 155 51.28 27.74 49.62
N TRP G 156 51.86 28.67 48.87
CA TRP G 156 52.96 28.37 47.97
C TRP G 156 54.29 28.46 48.69
N VAL G 157 55.18 27.56 48.34
CA VAL G 157 56.46 27.37 49.02
C VAL G 157 57.51 27.20 47.96
N SER G 158 58.69 27.75 48.19
CA SER G 158 59.76 27.62 47.22
C SER G 158 59.95 26.16 46.82
N GLU G 159 60.12 25.93 45.51
CA GLU G 159 60.40 24.59 45.02
C GLU G 159 61.69 24.03 45.59
N ASP G 160 62.62 24.90 46.00
CA ASP G 160 63.84 24.43 46.65
C ASP G 160 63.53 23.62 47.90
N ALA G 161 62.35 23.76 48.47
CA ALA G 161 62.02 23.06 49.69
C ALA G 161 61.36 21.69 49.47
N LYS G 162 61.27 21.22 48.20
CA LYS G 162 60.65 19.91 47.94
C LYS G 162 61.17 18.87 48.93
N ALA G 163 62.50 18.82 49.07
CA ALA G 163 63.15 17.87 49.97
C ALA G 163 62.48 17.90 51.35
N ILE G 164 62.52 19.06 51.99
CA ILE G 164 61.93 19.21 53.31
C ILE G 164 60.48 18.76 53.30
N LEU G 165 59.71 19.24 52.31
CA LEU G 165 58.29 18.94 52.27
C LEU G 165 58.03 17.45 52.22
N GLU G 166 58.86 16.69 51.49
CA GLU G 166 58.62 15.25 51.46
C GLU G 166 58.96 14.61 52.79
N LYS G 167 60.12 14.97 53.36
CA LYS G 167 60.47 14.39 54.64
C LYS G 167 59.42 14.74 55.68
N ALA G 168 58.79 15.90 55.54
CA ALA G 168 57.72 16.27 56.44
C ALA G 168 56.40 15.64 56.08
N ALA G 169 56.36 14.88 54.97
CA ALA G 169 55.13 14.25 54.49
C ALA G 169 54.07 15.31 54.24
N ILE G 170 54.49 16.45 53.70
CA ILE G 170 53.59 17.51 53.31
C ILE G 170 53.31 17.37 51.82
N LYS G 171 52.03 17.26 51.48
CA LYS G 171 51.68 17.10 50.09
C LYS G 171 51.81 18.44 49.38
N TYR G 172 52.36 18.40 48.16
CA TYR G 172 52.46 19.61 47.35
C TYR G 172 52.15 19.30 45.89
N TRP G 173 51.78 20.33 45.15
CA TRP G 173 51.49 20.24 43.73
C TRP G 173 52.51 21.05 42.95
N THR G 174 53.04 20.43 41.90
CA THR G 174 53.87 21.13 40.95
C THR G 174 53.02 22.12 40.16
N PRO G 175 53.64 23.09 39.49
CA PRO G 175 52.83 24.04 38.70
C PRO G 175 51.87 23.39 37.72
N LEU G 176 52.32 22.38 36.98
CA LEU G 176 51.41 21.68 36.07
C LEU G 176 50.25 21.03 36.82
N GLU G 177 50.54 20.42 37.98
CA GLU G 177 49.47 19.81 38.75
C GLU G 177 48.47 20.86 39.25
N VAL G 178 48.93 22.08 39.51
CA VAL G 178 47.98 23.10 39.91
C VAL G 178 47.10 23.46 38.74
N ILE G 179 47.70 23.52 37.53
CA ILE G 179 46.92 23.75 36.32
C ILE G 179 45.83 22.67 36.19
N ILE G 180 46.19 21.41 36.45
CA ILE G 180 45.21 20.31 36.39
C ILE G 180 44.12 20.52 37.43
N LEU G 181 44.50 20.91 38.64
CA LEU G 181 43.50 21.21 39.66
C LEU G 181 42.52 22.27 39.17
N HIS G 182 43.04 23.32 38.55
CA HIS G 182 42.17 24.41 38.15
C HIS G 182 41.27 23.98 37.01
N LEU G 183 41.83 23.23 36.05
CA LEU G 183 41.03 22.65 34.98
C LEU G 183 39.91 21.78 35.54
N SER G 184 40.19 20.99 36.58
CA SER G 184 39.17 20.13 37.16
C SER G 184 38.06 20.94 37.79
N TYR G 185 38.42 21.93 38.60
CA TYR G 185 37.41 22.78 39.21
C TYR G 185 36.55 23.45 38.13
N PHE G 186 37.20 23.89 37.04
CA PHE G 186 36.49 24.53 35.94
C PHE G 186 35.46 23.59 35.31
N PHE G 187 35.90 22.38 34.98
CA PHE G 187 34.99 21.40 34.40
C PHE G 187 33.82 21.11 35.33
N HIS G 188 34.12 20.77 36.59
CA HIS G 188 33.10 20.46 37.57
C HIS G 188 32.05 21.55 37.65
N LYS G 189 32.48 22.81 37.68
CA LYS G 189 31.52 23.89 37.79
C LYS G 189 30.83 24.17 36.46
N SER G 190 31.38 23.70 35.34
CA SER G 190 30.83 24.05 34.04
C SER G 190 30.22 22.86 33.32
N SER G 191 29.80 21.84 34.08
CA SER G 191 29.29 20.60 33.50
C SER G 191 28.20 20.83 32.47
N GLN G 192 27.25 21.73 32.73
CA GLN G 192 26.18 21.93 31.74
C GLN G 192 26.72 22.30 30.36
N GLU G 193 27.85 23.01 30.29
CA GLU G 193 28.35 23.46 29.00
C GLU G 193 28.77 22.32 28.09
N PHE G 194 29.02 21.12 28.63
CA PHE G 194 29.57 20.05 27.81
C PHE G 194 28.58 18.89 27.67
N LEU G 195 27.35 19.05 28.15
CA LEU G 195 26.37 18.00 28.17
C LEU G 195 25.17 18.51 27.40
N GLY G 196 25.12 18.21 26.11
CA GLY G 196 23.97 18.59 25.32
C GLY G 196 23.35 17.41 24.59
N ILE G 197 22.54 17.70 23.59
CA ILE G 197 21.74 16.67 22.93
C ILE G 197 22.63 15.61 22.31
N GLN G 198 23.68 16.03 21.61
CA GLN G 198 24.51 15.03 20.94
C GLN G 198 25.20 14.14 21.96
N GLU G 199 25.63 14.72 23.09
CA GLU G 199 26.37 13.94 24.08
C GLU G 199 25.45 12.99 24.85
N VAL G 200 24.28 13.48 25.25
CA VAL G 200 23.31 12.63 25.91
C VAL G 200 22.92 11.49 24.99
N ARG G 201 22.79 11.78 23.69
CA ARG G 201 22.49 10.72 22.75
C ARG G 201 23.62 9.72 22.65
N SER G 202 24.86 10.19 22.66
CA SER G 202 25.99 9.28 22.53
C SER G 202 26.02 8.28 23.69
N MET G 203 25.81 8.77 24.92
CA MET G 203 25.83 7.87 26.07
C MET G 203 24.61 6.94 26.11
N ILE G 204 23.40 7.46 25.84
CA ILE G 204 22.25 6.56 25.76
C ILE G 204 22.51 5.49 24.73
N GLU G 205 23.21 5.81 23.64
CA GLU G 205 23.45 4.79 22.63
C GLU G 205 24.39 3.71 23.16
N PHE G 206 25.36 4.12 23.98
CA PHE G 206 26.21 3.12 24.63
C PHE G 206 25.41 2.28 25.64
N MET G 207 24.53 2.93 26.40
CA MET G 207 23.66 2.23 27.35
C MET G 207 22.75 1.21 26.66
N GLU G 208 22.27 1.55 25.44
CA GLU G 208 21.39 0.70 24.65
C GLU G 208 21.98 -0.68 24.38
N ARG G 209 23.30 -0.77 24.32
CA ARG G 209 23.92 -2.02 23.91
C ARG G 209 23.66 -3.14 24.91
N SER G 210 23.64 -2.83 26.20
CA SER G 210 23.41 -3.82 27.25
C SER G 210 22.09 -3.63 28.01
N PHE G 211 21.37 -2.52 27.80
CA PHE G 211 20.06 -2.31 28.40
C PHE G 211 19.07 -1.83 27.35
N PRO G 212 18.95 -2.57 26.25
CA PRO G 212 18.13 -2.07 25.14
C PRO G 212 16.68 -1.86 25.53
N ASP G 213 16.12 -2.76 26.34
CA ASP G 213 14.72 -2.68 26.70
CA ASP G 213 14.71 -2.65 26.66
C ASP G 213 14.44 -1.59 27.73
N LEU G 214 15.39 -1.37 28.65
CA LEU G 214 15.26 -0.25 29.59
C LEU G 214 15.34 1.08 28.86
N VAL G 215 16.31 1.20 27.94
CA VAL G 215 16.40 2.43 27.16
C VAL G 215 15.14 2.63 26.34
N LYS G 216 14.66 1.56 25.71
CA LYS G 216 13.43 1.64 24.94
C LYS G 216 12.28 2.16 25.80
N GLU G 217 12.19 1.64 27.03
CA GLU G 217 11.11 2.01 27.98
C GLU G 217 11.19 3.50 28.33
N VAL G 218 12.40 4.04 28.53
CA VAL G 218 12.54 5.45 28.90
C VAL G 218 12.34 6.36 27.68
N THR G 219 12.91 5.99 26.53
CA THR G 219 12.79 6.84 25.35
C THR G 219 11.37 6.86 24.81
N ARG G 220 10.58 5.83 25.10
CA ARG G 220 9.16 5.90 24.75
C ARG G 220 8.42 6.92 25.60
N LEU G 221 8.93 7.26 26.77
CA LEU G 221 8.20 8.16 27.67
C LEU G 221 8.82 9.54 27.75
N ILE G 222 10.12 9.65 27.49
CA ILE G 222 10.84 10.91 27.59
C ILE G 222 11.58 11.15 26.27
N PRO G 223 11.23 12.19 25.51
CA PRO G 223 12.02 12.48 24.30
C PRO G 223 13.43 12.92 24.68
N LEU G 224 14.34 12.73 23.73
CA LEU G 224 15.76 13.00 23.92
C LEU G 224 16.04 14.39 24.49
N GLN G 225 15.31 15.41 24.04
CA GLN G 225 15.59 16.75 24.55
C GLN G 225 15.24 16.87 26.03
N LYS G 226 14.09 16.31 26.44
CA LYS G 226 13.69 16.30 27.84
C LYS G 226 14.62 15.45 28.68
N LEU G 227 15.02 14.29 28.14
CA LEU G 227 16.03 13.48 28.81
C LEU G 227 17.31 14.29 29.05
N THR G 228 17.72 15.06 28.04
CA THR G 228 18.92 15.88 28.16
C THR G 228 18.74 16.95 29.25
N GLU G 229 17.59 17.62 29.25
CA GLU G 229 17.30 18.61 30.30
C GLU G 229 17.44 17.98 31.68
N ILE G 230 16.97 16.75 31.84
CA ILE G 230 17.03 16.11 33.14
C ILE G 230 18.48 15.84 33.55
N PHE G 231 19.27 15.26 32.64
CA PHE G 231 20.67 14.99 32.97
C PHE G 231 21.42 16.28 33.30
N LYS G 232 21.11 17.36 32.59
CA LYS G 232 21.73 18.62 32.87
C LYS G 232 21.37 19.14 34.26
N ARG G 233 20.09 19.02 34.65
CA ARG G 233 19.72 19.45 36.00
C ARG G 233 20.50 18.64 37.04
N LEU G 234 20.66 17.35 36.80
CA LEU G 234 21.43 16.52 37.73
C LEU G 234 22.85 17.03 37.87
N VAL G 235 23.58 17.16 36.76
CA VAL G 235 25.00 17.53 36.88
C VAL G 235 25.20 18.98 37.28
N GLN G 236 24.20 19.84 37.06
CA GLN G 236 24.31 21.22 37.52
C GLN G 236 24.52 21.29 39.03
N GLU G 237 23.96 20.34 39.76
CA GLU G 237 24.11 20.27 41.21
C GLU G 237 25.02 19.10 41.59
N GLN G 238 25.99 18.80 40.72
CA GLN G 238 27.09 17.87 41.01
C GLN G 238 26.62 16.45 41.26
N ILE G 239 25.40 16.12 40.87
CA ILE G 239 24.88 14.76 41.01
C ILE G 239 25.39 13.94 39.82
N SER G 240 26.16 12.91 40.09
CA SER G 240 26.76 12.14 39.02
C SER G 240 25.70 11.39 38.21
N ILE G 241 25.90 11.33 36.90
CA ILE G 241 25.01 10.55 36.05
C ILE G 241 25.79 9.37 35.50
N LYS G 242 26.80 8.92 36.25
CA LYS G 242 27.59 7.78 35.80
C LYS G 242 26.79 6.48 35.89
N ASP G 243 25.92 6.35 36.89
CA ASP G 243 25.12 5.15 37.10
C ASP G 243 23.80 5.25 36.31
N LEU G 244 23.92 4.98 35.00
CA LEU G 244 22.76 5.14 34.13
C LEU G 244 21.65 4.13 34.44
N ARG G 245 21.97 2.91 34.89
CA ARG G 245 20.88 1.99 35.18
C ARG G 245 19.99 2.53 36.28
N THR G 246 20.57 3.06 37.36
CA THR G 246 19.70 3.55 38.42
C THR G 246 18.83 4.71 37.94
N ILE G 247 19.43 5.64 37.20
CA ILE G 247 18.70 6.81 36.72
C ILE G 247 17.59 6.41 35.77
N LEU G 248 17.92 5.56 34.79
CA LEU G 248 16.93 5.12 33.82
C LEU G 248 15.86 4.28 34.47
N GLU G 249 16.26 3.40 35.39
CA GLU G 249 15.31 2.53 36.13
C GLU G 249 14.31 3.43 36.87
N SER G 250 14.81 4.53 37.44
CA SER G 250 13.96 5.49 38.16
C SER G 250 12.99 6.21 37.22
N LEU G 251 13.50 6.74 36.10
CA LEU G 251 12.67 7.43 35.12
C LEU G 251 11.61 6.48 34.54
N SER G 252 12.00 5.24 34.26
CA SER G 252 11.07 4.27 33.73
C SER G 252 9.94 4.02 34.72
N GLU G 253 10.22 4.14 36.01
CA GLU G 253 9.14 3.99 36.98
C GLU G 253 8.27 5.25 37.03
N TRP G 254 8.89 6.43 37.08
CA TRP G 254 8.12 7.64 37.39
C TRP G 254 7.52 8.32 36.17
N ALA G 255 8.11 8.19 34.98
CA ALA G 255 7.55 8.83 33.81
C ALA G 255 6.26 8.17 33.33
N GLN G 256 5.87 7.03 33.89
CA GLN G 256 4.55 6.51 33.61
C GLN G 256 3.49 7.49 34.09
N THR G 257 3.73 8.15 35.22
CA THR G 257 2.73 8.98 35.88
C THR G 257 3.00 10.47 35.82
N GLU G 258 4.27 10.90 35.90
CA GLU G 258 4.65 12.32 35.98
C GLU G 258 5.43 12.71 34.74
N LYS G 259 5.11 13.89 34.20
CA LYS G 259 5.80 14.36 33.00
C LYS G 259 6.67 15.57 33.24
N ASP G 260 6.45 16.34 34.31
CA ASP G 260 7.29 17.49 34.62
C ASP G 260 8.74 17.07 34.77
N THR G 261 9.62 17.73 34.02
CA THR G 261 11.03 17.34 34.03
C THR G 261 11.71 17.66 35.36
N VAL G 262 11.31 18.74 36.04
CA VAL G 262 11.99 19.04 37.30
C VAL G 262 11.57 18.02 38.36
N LEU G 263 10.30 17.64 38.38
CA LEU G 263 9.86 16.64 39.34
C LEU G 263 10.53 15.31 39.08
N LEU G 264 10.65 14.93 37.80
CA LEU G 264 11.38 13.71 37.49
C LEU G 264 12.81 13.80 37.98
N THR G 265 13.44 14.97 37.84
CA THR G 265 14.80 15.13 38.35
C THR G 265 14.84 14.92 39.86
N GLU G 266 13.85 15.45 40.58
CA GLU G 266 13.79 15.20 42.03
C GLU G 266 13.67 13.70 42.30
N TYR G 267 12.83 12.99 41.55
CA TYR G 267 12.71 11.55 41.76
C TYR G 267 14.04 10.83 41.49
N VAL G 268 14.73 11.19 40.42
CA VAL G 268 16.03 10.58 40.12
C VAL G 268 16.99 10.82 41.28
N ARG G 269 16.98 12.04 41.83
CA ARG G 269 17.81 12.31 42.99
C ARG G 269 17.47 11.36 44.12
N SER G 270 16.17 11.23 44.46
CA SER G 270 15.80 10.39 45.58
C SER G 270 16.22 8.94 45.36
N SER G 271 16.38 8.56 44.09
CA SER G 271 16.88 7.22 43.80
C SER G 271 18.39 7.10 43.92
N LEU G 272 19.11 8.22 43.92
CA LEU G 272 20.57 8.15 44.06
C LEU G 272 21.05 8.30 45.53
N LYS G 273 20.27 7.83 46.53
CA LYS G 273 20.58 7.97 47.96
C LYS G 273 22.01 7.58 48.32
N LEU G 274 22.42 6.37 47.94
CA LEU G 274 23.75 5.89 48.29
C LEU G 274 24.83 6.81 47.72
N TYR G 275 24.71 7.20 46.45
CA TYR G 275 25.70 8.12 45.88
C TYR G 275 25.75 9.44 46.64
N ILE G 276 24.58 10.04 46.88
CA ILE G 276 24.55 11.36 47.51
C ILE G 276 25.14 11.30 48.92
N SER G 277 24.76 10.26 49.67
CA SER G 277 25.29 10.08 51.02
C SER G 277 26.81 9.95 51.00
N PHE G 278 27.35 9.11 50.13
CA PHE G 278 28.80 8.94 50.07
C PHE G 278 29.50 10.21 49.63
N LYS G 279 28.92 10.93 48.67
CA LYS G 279 29.56 12.14 48.13
C LYS G 279 29.63 13.24 49.17
N PHE G 280 28.47 13.63 49.70
CA PHE G 280 28.39 14.79 50.55
C PHE G 280 28.72 14.46 52.00
N SER G 281 28.71 13.19 52.39
CA SER G 281 29.27 12.83 53.68
C SER G 281 30.78 12.64 53.58
N GLN G 282 31.34 12.98 52.41
CA GLN G 282 32.79 12.88 52.11
C GLN G 282 33.39 11.52 52.45
N GLY G 283 32.57 10.46 52.42
CA GLY G 283 33.05 9.11 52.62
C GLY G 283 33.23 8.70 54.06
N GLN G 284 32.55 9.36 55.00
CA GLN G 284 32.66 9.05 56.42
C GLN G 284 31.33 8.50 56.93
N SER G 285 31.34 8.06 58.18
CA SER G 285 30.14 7.42 58.71
C SER G 285 29.05 8.41 59.09
N ALA G 286 29.16 9.66 58.64
CA ALA G 286 28.26 10.69 59.13
C ALA G 286 28.44 11.96 58.32
N ILE G 287 27.36 12.42 57.70
CA ILE G 287 27.33 13.64 56.90
C ILE G 287 27.12 14.83 57.83
N SER G 288 27.94 15.87 57.65
CA SER G 288 27.86 17.09 58.43
C SER G 288 27.16 18.16 57.60
N VAL G 289 26.07 18.71 58.15
CA VAL G 289 25.15 19.54 57.40
C VAL G 289 24.73 20.75 58.22
N TYR G 290 24.24 21.77 57.51
CA TYR G 290 23.47 22.84 58.12
C TYR G 290 21.99 22.58 57.85
N LEU G 291 21.15 23.03 58.77
CA LEU G 291 19.71 22.84 58.68
C LEU G 291 19.05 24.21 58.54
N LEU G 292 17.77 24.19 58.21
CA LEU G 292 16.99 25.41 58.11
C LEU G 292 16.01 25.48 59.27
N ASP G 293 15.72 26.71 59.67
CA ASP G 293 14.66 26.91 60.65
C ASP G 293 13.36 26.33 60.11
N PRO G 294 12.53 25.74 60.96
CA PRO G 294 11.18 25.40 60.49
C PRO G 294 10.44 26.64 60.02
N GLU G 295 10.71 27.79 60.65
CA GLU G 295 10.09 29.04 60.24
C GLU G 295 10.45 29.36 58.79
N ILE G 296 11.72 29.19 58.43
CA ILE G 296 12.19 29.46 57.07
C ILE G 296 11.55 28.48 56.09
N GLU G 297 11.54 27.19 56.42
CA GLU G 297 10.93 26.21 55.53
C GLU G 297 9.46 26.50 55.32
N GLU G 298 8.74 26.92 56.36
CA GLU G 298 7.33 27.23 56.18
C GLU G 298 7.15 28.50 55.35
N MET G 299 8.06 29.46 55.50
CA MET G 299 8.00 30.67 54.68
C MET G 299 8.20 30.36 53.20
N ILE G 300 9.13 29.44 52.88
CA ILE G 300 9.34 29.07 51.49
C ILE G 300 8.17 28.24 50.94
N ARG G 301 7.46 27.51 51.81
CA ARG G 301 6.29 26.75 51.36
C ARG G 301 5.22 27.67 50.79
N GLY G 302 4.95 28.79 51.47
CA GLY G 302 3.95 29.73 51.03
C GLY G 302 4.37 30.64 49.90
N ALA G 303 5.49 30.33 49.23
CA ALA G 303 5.97 31.11 48.09
C ALA G 303 5.69 30.41 46.77
N ILE G 304 4.58 29.69 46.68
CA ILE G 304 4.29 28.84 45.54
C ILE G 304 2.92 29.16 44.93
N SER G 308 0.45 25.05 33.75
CA SER G 308 1.42 26.14 33.60
C SER G 308 1.95 26.61 34.94
N ALA G 309 1.65 27.86 35.30
CA ALA G 309 2.12 28.45 36.54
C ALA G 309 1.50 27.75 37.75
N GLY G 310 2.13 27.96 38.91
CA GLY G 310 1.65 27.38 40.15
C GLY G 310 2.74 26.80 41.02
N SER G 311 3.95 26.69 40.48
CA SER G 311 5.11 26.12 41.19
C SER G 311 6.38 26.95 40.94
N TYR G 312 6.27 28.27 41.13
CA TYR G 312 7.42 29.16 41.00
C TYR G 312 7.68 29.84 42.34
N LEU G 313 8.93 30.27 42.53
CA LEU G 313 9.37 30.84 43.82
C LEU G 313 8.97 32.31 43.88
N ALA G 314 7.93 32.60 44.67
CA ALA G 314 7.36 33.95 44.74
C ALA G 314 7.57 34.57 46.11
N LEU G 315 8.79 34.47 46.63
CA LEU G 315 9.08 34.99 47.97
C LEU G 315 9.40 36.47 47.94
N ASP G 316 9.01 37.15 49.02
CA ASP G 316 9.24 38.58 49.14
C ASP G 316 10.74 38.87 49.13
N PRO G 317 11.20 39.84 48.32
CA PRO G 317 12.63 40.24 48.32
C PRO G 317 13.28 40.33 49.70
N ASP G 318 12.70 41.13 50.62
CA ASP G 318 13.31 41.26 51.93
C ASP G 318 13.43 39.92 52.65
N SER G 319 12.52 38.97 52.36
CA SER G 319 12.62 37.66 53.00
C SER G 319 13.80 36.87 52.44
N VAL G 320 14.02 36.96 51.14
CA VAL G 320 15.21 36.35 50.55
C VAL G 320 16.46 36.97 51.14
N ASN G 321 16.43 38.27 51.39
CA ASN G 321 17.64 38.89 51.94
C ASN G 321 17.82 38.59 53.42
N LEU G 322 16.74 38.19 54.12
CA LEU G 322 16.91 37.77 55.50
C LEU G 322 17.47 36.35 55.53
N ILE G 323 17.17 35.53 54.51
CA ILE G 323 17.78 34.21 54.51
C ILE G 323 19.25 34.30 54.08
N LEU G 324 19.56 35.22 53.16
CA LEU G 324 20.96 35.42 52.76
C LEU G 324 21.78 35.98 53.94
N LYS G 325 21.22 36.94 54.69
CA LYS G 325 21.85 37.43 55.90
C LYS G 325 22.20 36.28 56.85
N SER G 326 21.19 35.46 57.17
CA SER G 326 21.39 34.40 58.15
C SER G 326 22.46 33.41 57.71
N MET G 327 22.51 33.09 56.41
CA MET G 327 23.53 32.17 55.93
C MET G 327 24.92 32.79 56.05
N ARG G 328 25.08 34.07 55.67
CA ARG G 328 26.39 34.70 55.84
C ARG G 328 26.84 34.68 57.29
N ASN G 329 25.89 34.85 58.21
CA ASN G 329 26.24 34.93 59.63
C ASN G 329 26.31 33.57 60.32
N THR G 330 25.99 32.48 59.63
CA THR G 330 26.01 31.15 60.24
C THR G 330 26.98 30.17 59.60
N ILE G 331 27.03 30.08 58.25
CA ILE G 331 27.88 29.09 57.59
C ILE G 331 29.35 29.36 57.87
N THR G 332 30.03 28.37 58.46
CA THR G 332 31.45 28.47 58.76
C THR G 332 32.25 28.62 57.47
N PRO G 333 33.07 29.66 57.34
CA PRO G 333 33.83 29.86 56.10
C PRO G 333 34.63 28.62 55.73
N THR G 334 34.44 28.16 54.50
CA THR G 334 35.03 26.92 54.03
C THR G 334 36.55 27.00 54.02
N PRO G 335 37.24 26.16 54.80
CA PRO G 335 38.69 26.36 55.01
C PRO G 335 39.49 26.12 53.74
N ALA G 336 40.79 26.41 53.85
CA ALA G 336 41.71 26.17 52.75
C ALA G 336 41.66 24.71 52.32
N GLY G 337 41.66 24.50 51.01
CA GLY G 337 41.53 23.17 50.43
C GLY G 337 40.21 22.94 49.74
N GLY G 338 39.16 23.68 50.12
CA GLY G 338 37.88 23.59 49.45
C GLY G 338 36.99 22.41 49.80
N GLN G 339 36.49 22.37 51.03
CA GLN G 339 35.54 21.34 51.47
C GLN G 339 34.18 22.00 51.69
N PRO G 340 33.31 22.05 50.69
CA PRO G 340 32.14 22.93 50.77
C PRO G 340 31.08 22.40 51.72
N PRO G 341 30.24 23.28 52.25
CA PRO G 341 29.20 22.85 53.18
C PRO G 341 27.97 22.32 52.46
N VAL G 342 27.13 21.64 53.22
CA VAL G 342 25.91 21.02 52.75
C VAL G 342 24.73 21.53 53.57
N LEU G 343 23.67 21.89 52.88
CA LEU G 343 22.46 22.39 53.51
C LEU G 343 21.35 21.37 53.32
N LEU G 344 20.87 20.80 54.43
CA LEU G 344 19.84 19.77 54.44
C LEU G 344 18.48 20.39 54.74
N THR G 345 17.54 20.19 53.82
CA THR G 345 16.23 20.81 53.87
C THR G 345 15.16 19.74 53.71
N ALA G 346 13.88 20.14 53.82
CA ALA G 346 12.77 19.22 53.60
C ALA G 346 12.66 18.82 52.13
N ILE G 347 11.95 17.72 51.88
CA ILE G 347 11.86 17.18 50.53
C ILE G 347 11.28 18.21 49.57
N ASP G 348 10.11 18.73 49.92
CA ASP G 348 9.34 19.59 49.02
C ASP G 348 9.90 21.01 48.85
N VAL G 349 10.95 21.41 49.58
CA VAL G 349 11.48 22.77 49.39
C VAL G 349 12.87 22.81 48.80
N ARG G 350 13.59 21.67 48.77
CA ARG G 350 15.01 21.72 48.46
C ARG G 350 15.29 22.43 47.15
N ARG G 351 14.60 22.07 46.06
CA ARG G 351 14.92 22.69 44.77
C ARG G 351 14.78 24.21 44.84
N TYR G 352 13.73 24.68 45.53
CA TYR G 352 13.54 26.13 45.62
C TYR G 352 14.70 26.75 46.38
N VAL G 353 15.12 26.11 47.47
CA VAL G 353 16.24 26.61 48.26
C VAL G 353 17.47 26.80 47.37
N ARG G 354 17.77 25.81 46.51
CA ARG G 354 18.90 25.99 45.60
C ARG G 354 18.72 27.24 44.74
N LYS G 355 17.58 27.35 44.06
CA LYS G 355 17.36 28.51 43.19
C LYS G 355 17.36 29.82 43.96
N LEU G 356 17.36 29.75 45.29
CA LEU G 356 17.35 30.94 46.12
C LEU G 356 18.75 31.33 46.59
N ILE G 357 19.63 30.34 46.77
CA ILE G 357 20.97 30.59 47.28
C ILE G 357 22.04 30.44 46.22
N GLU G 358 21.67 29.97 45.01
CA GLU G 358 22.65 29.62 44.00
C GLU G 358 23.48 30.82 43.53
N THR G 359 22.97 32.04 43.66
CA THR G 359 23.71 33.17 43.13
C THR G 359 24.86 33.55 44.06
N GLU G 360 24.60 33.62 45.37
CA GLU G 360 25.61 33.98 46.35
C GLU G 360 26.40 32.80 46.89
N PHE G 361 25.79 31.62 46.96
CA PHE G 361 26.42 30.40 47.47
C PHE G 361 26.36 29.33 46.40
N PRO G 362 27.12 29.49 45.31
CA PRO G 362 26.97 28.55 44.18
C PRO G 362 27.49 27.16 44.50
N ASP G 363 28.44 27.04 45.43
CA ASP G 363 29.05 25.76 45.73
C ASP G 363 28.40 25.04 46.92
N ILE G 364 27.37 25.62 47.54
CA ILE G 364 26.65 24.94 48.60
C ILE G 364 25.67 23.93 47.99
N ALA G 365 25.84 22.66 48.32
CA ALA G 365 24.91 21.63 47.87
C ALA G 365 23.70 21.57 48.80
N VAL G 366 22.51 21.65 48.22
CA VAL G 366 21.26 21.52 48.96
C VAL G 366 20.73 20.12 48.74
N ILE G 367 20.62 19.33 49.81
CA ILE G 367 20.07 17.98 49.74
C ILE G 367 18.86 17.89 50.66
N SER G 368 18.10 16.81 50.51
CA SER G 368 16.87 16.60 51.28
C SER G 368 16.90 15.24 51.94
N TYR G 369 16.01 15.05 52.93
CA TYR G 369 15.98 13.77 53.66
C TYR G 369 15.69 12.61 52.74
N GLN G 370 15.00 12.87 51.63
CA GLN G 370 14.67 11.84 50.65
C GLN G 370 15.90 11.32 49.92
N GLU G 371 17.04 11.99 50.07
CA GLU G 371 18.22 11.73 49.25
C GLU G 371 19.38 11.17 50.04
N ILE G 372 19.20 10.94 51.35
CA ILE G 372 20.22 10.31 52.17
C ILE G 372 19.68 9.01 52.73
N LEU G 373 20.60 8.11 53.06
CA LEU G 373 20.25 6.80 53.59
C LEU G 373 19.60 6.88 54.98
N PRO G 374 18.61 6.03 55.28
CA PRO G 374 18.01 6.07 56.61
C PRO G 374 19.01 5.83 57.73
N GLU G 375 20.11 5.14 57.44
CA GLU G 375 21.11 4.73 58.44
C GLU G 375 22.28 5.71 58.59
N ILE G 376 22.21 6.91 57.99
CA ILE G 376 23.32 7.87 58.09
C ILE G 376 23.16 8.75 59.33
N ARG G 377 24.28 9.03 60.00
CA ARG G 377 24.29 9.93 61.14
C ARG G 377 24.32 11.39 60.67
N ILE G 378 23.38 12.19 61.14
CA ILE G 378 23.26 13.58 60.72
C ILE G 378 23.83 14.49 61.80
N GLN G 379 25.01 15.05 61.56
CA GLN G 379 25.59 15.97 62.51
C GLN G 379 25.24 17.40 62.14
N PRO G 380 24.45 18.10 62.96
CA PRO G 380 24.21 19.53 62.71
C PRO G 380 25.46 20.37 62.95
N LEU G 381 25.71 21.30 62.03
CA LEU G 381 26.71 22.35 62.21
C LEU G 381 26.08 23.68 62.60
N GLY G 382 24.77 23.79 62.49
CA GLY G 382 24.09 25.03 62.78
C GLY G 382 22.74 25.06 62.10
N ARG G 383 22.01 26.15 62.32
CA ARG G 383 20.67 26.32 61.79
C ARG G 383 20.47 27.75 61.27
N ILE G 384 20.01 27.86 60.02
CA ILE G 384 19.68 29.15 59.43
C ILE G 384 18.46 29.72 60.15
N GLN G 385 18.64 30.84 60.85
CA GLN G 385 17.57 31.39 61.68
C GLN G 385 17.35 32.87 61.38
N ILE G 386 16.56 33.55 62.22
CA ILE G 386 16.32 34.98 62.05
C ILE G 386 16.23 35.70 63.41
N ASN H 39 31.33 29.55 -22.74
CA ASN H 39 31.18 31.00 -22.60
C ASN H 39 29.90 31.53 -23.27
N PRO H 40 29.76 31.40 -24.62
CA PRO H 40 28.67 32.11 -25.31
C PRO H 40 27.28 31.63 -24.90
N ASP H 41 27.04 30.33 -25.00
CA ASP H 41 25.75 29.77 -24.66
C ASP H 41 25.67 29.30 -23.20
N ASP H 42 26.66 29.60 -22.37
CA ASP H 42 26.66 29.18 -20.98
C ASP H 42 26.44 30.34 -20.02
N TYR H 43 25.70 30.07 -18.95
CA TYR H 43 25.47 31.07 -17.92
C TYR H 43 26.71 31.18 -17.05
N SER H 44 26.85 32.30 -16.39
CA SER H 44 28.00 32.54 -15.53
C SER H 44 27.50 33.07 -14.20
N LEU H 45 28.18 32.67 -13.15
CA LEU H 45 27.78 33.08 -11.83
C LEU H 45 28.30 34.48 -11.56
N THR H 46 27.43 35.36 -11.08
CA THR H 46 27.82 36.71 -10.72
C THR H 46 28.87 36.67 -9.61
N LEU H 47 29.96 37.44 -9.76
CA LEU H 47 31.03 37.48 -8.73
C LEU H 47 30.64 38.40 -7.58
N PRO H 48 30.49 37.88 -6.36
CA PRO H 48 30.01 38.72 -5.26
C PRO H 48 30.88 39.92 -4.87
N VAL H 49 32.22 39.81 -4.85
CA VAL H 49 33.08 40.92 -4.44
C VAL H 49 34.23 41.14 -5.43
N ILE H 50 34.30 42.36 -5.97
CA ILE H 50 35.37 42.79 -6.87
C ILE H 50 36.13 43.94 -6.26
N LEU H 51 37.46 43.89 -6.33
CA LEU H 51 38.32 45.03 -6.00
C LEU H 51 39.09 45.46 -7.25
N GLU H 52 38.75 46.63 -7.82
CA GLU H 52 39.45 47.17 -8.99
C GLU H 52 40.46 48.23 -8.55
N LEU H 53 41.63 48.24 -9.19
CA LEU H 53 42.74 49.09 -8.78
C LEU H 53 43.33 49.91 -9.94
N GLY H 54 43.70 51.15 -9.61
CA GLY H 54 44.40 52.01 -10.55
C GLY H 54 45.81 51.55 -10.83
N LYS H 55 46.46 52.20 -11.81
CA LYS H 55 47.77 51.75 -12.27
C LYS H 55 48.76 51.62 -11.12
N ASP H 56 48.83 52.66 -10.28
CA ASP H 56 49.85 52.73 -9.24
C ASP H 56 49.56 51.72 -8.13
N LEU H 57 48.31 51.69 -7.67
CA LEU H 57 47.92 50.72 -6.66
C LEU H 57 48.13 49.30 -7.16
N SER H 58 47.92 49.07 -8.45
CA SER H 58 48.19 47.76 -9.05
C SER H 58 49.67 47.41 -8.97
N LYS H 59 50.55 48.36 -9.32
CA LYS H 59 51.97 48.08 -9.10
C LYS H 59 52.27 47.81 -7.63
N LEU H 60 51.54 48.45 -6.73
CA LEU H 60 51.81 48.32 -5.30
C LEU H 60 51.66 46.89 -4.80
N ILE H 61 50.65 46.16 -5.31
CA ILE H 61 50.42 44.81 -4.78
C ILE H 61 51.42 43.79 -5.32
N GLN H 62 52.35 44.22 -6.17
CA GLN H 62 53.42 43.33 -6.63
C GLN H 62 54.57 43.32 -5.62
N HIS H 63 54.94 44.50 -5.11
CA HIS H 63 55.96 44.58 -4.07
C HIS H 63 55.43 43.88 -2.82
N LYS H 64 55.99 42.72 -2.51
CA LYS H 64 55.73 42.07 -1.24
C LYS H 64 56.30 42.97 -0.15
N THR H 65 55.42 43.66 0.59
CA THR H 65 55.88 44.58 1.62
C THR H 65 56.88 43.88 2.53
N LYS H 66 58.03 44.53 2.74
CA LYS H 66 59.19 43.85 3.29
C LYS H 66 58.89 43.21 4.64
N SER H 67 58.57 44.02 5.65
CA SER H 67 58.12 43.46 6.91
C SER H 67 56.84 42.63 6.71
N GLY H 68 55.98 43.07 5.81
CA GLY H 68 54.76 42.33 5.57
C GLY H 68 54.95 41.15 4.66
N GLN H 69 54.00 40.97 3.74
CA GLN H 69 53.89 39.78 2.91
C GLN H 69 53.16 40.19 1.63
N SER H 70 52.62 39.19 0.91
CA SER H 70 51.84 39.43 -0.30
C SER H 70 50.43 39.92 0.03
N PHE H 71 49.96 40.90 -0.74
CA PHE H 71 48.63 41.46 -0.55
C PHE H 71 47.52 40.44 -0.81
N VAL H 72 47.60 39.72 -1.92
CA VAL H 72 46.49 38.83 -2.30
C VAL H 72 46.59 37.48 -1.61
N ASP H 73 47.82 37.02 -1.33
CA ASP H 73 48.02 35.68 -0.78
C ASP H 73 47.99 35.66 0.75
N ASP H 74 48.31 36.78 1.40
CA ASP H 74 48.34 36.85 2.86
C ASP H 74 47.36 37.86 3.44
N MET H 75 47.40 39.13 3.01
CA MET H 75 46.60 40.16 3.68
C MET H 75 45.11 39.88 3.50
N ILE H 76 44.68 39.50 2.30
CA ILE H 76 43.26 39.20 2.09
C ILE H 76 42.83 37.95 2.86
N PRO H 77 43.52 36.81 2.75
CA PRO H 77 43.11 35.66 3.59
C PRO H 77 43.12 35.98 5.07
N LYS H 78 44.13 36.69 5.58
CA LYS H 78 44.14 37.02 7.02
C LYS H 78 42.91 37.86 7.37
N MET H 79 42.52 38.77 6.48
CA MET H 79 41.32 39.56 6.76
C MET H 79 40.05 38.70 6.75
N ARG H 80 39.95 37.81 5.78
CA ARG H 80 38.79 36.92 5.75
C ARG H 80 38.73 36.07 7.02
N GLN H 81 39.84 35.46 7.40
CA GLN H 81 39.76 34.62 8.61
C GLN H 81 39.43 35.47 9.83
N ALA H 82 39.99 36.66 9.92
CA ALA H 82 39.63 37.52 11.04
C ALA H 82 38.13 37.77 11.08
N LEU H 83 37.53 38.02 9.91
CA LEU H 83 36.10 38.22 9.85
C LEU H 83 35.34 36.96 10.25
N TYR H 84 35.82 35.79 9.83
CA TYR H 84 35.16 34.55 10.22
C TYR H 84 35.31 34.27 11.72
N GLN H 85 36.47 34.57 12.30
CA GLN H 85 36.57 34.34 13.73
C GLN H 85 35.71 35.35 14.49
N ASP H 86 35.63 36.58 13.98
CA ASP H 86 34.92 37.65 14.69
C ASP H 86 33.41 37.52 14.61
N ILE H 87 32.90 37.02 13.48
CA ILE H 87 31.48 36.87 13.27
C ILE H 87 31.31 35.50 12.62
N GLY H 88 30.17 34.90 12.78
CA GLY H 88 30.17 33.54 12.25
C GLY H 88 30.25 33.37 10.73
N ILE H 89 30.35 34.42 9.97
CA ILE H 89 30.16 34.36 8.52
C ILE H 89 31.46 34.01 7.81
N ARG H 90 31.34 33.22 6.75
CA ARG H 90 32.46 32.83 5.88
C ARG H 90 32.35 33.68 4.62
N TYR H 91 32.93 34.87 4.64
CA TYR H 91 32.76 35.87 3.57
C TYR H 91 33.37 35.41 2.25
N PRO H 92 32.79 35.82 1.11
CA PRO H 92 33.27 35.33 -0.18
C PRO H 92 34.66 35.84 -0.48
N GLY H 93 35.30 35.18 -1.44
CA GLY H 93 36.62 35.57 -1.86
C GLY H 93 36.65 36.92 -2.56
N ILE H 94 37.85 37.43 -2.74
CA ILE H 94 38.07 38.73 -3.35
C ILE H 94 38.58 38.48 -4.76
N HIS H 95 37.91 39.06 -5.75
CA HIS H 95 38.41 39.02 -7.12
C HIS H 95 39.09 40.37 -7.36
N VAL H 96 40.38 40.33 -7.68
CA VAL H 96 41.19 41.53 -7.82
C VAL H 96 41.42 41.82 -9.30
N ARG H 97 40.75 42.85 -9.82
CA ARG H 97 40.93 43.24 -11.22
C ARG H 97 42.25 44.01 -11.32
N THR H 98 43.23 43.38 -11.97
CA THR H 98 44.63 43.79 -11.86
C THR H 98 44.85 45.27 -12.17
N ASP H 99 44.26 45.77 -13.26
CA ASP H 99 44.55 47.12 -13.75
C ASP H 99 43.26 47.76 -14.24
N SER H 100 42.64 48.59 -13.38
CA SER H 100 41.31 49.14 -13.69
C SER H 100 41.35 50.14 -14.84
N PRO H 101 40.42 50.05 -15.80
CA PRO H 101 40.41 51.05 -16.89
C PRO H 101 39.91 52.42 -16.46
N SER H 102 38.94 52.49 -15.56
CA SER H 102 38.34 53.74 -15.08
C SER H 102 39.00 54.20 -13.79
N LEU H 103 40.31 54.24 -13.79
CA LEU H 103 41.07 54.48 -12.57
C LEU H 103 41.28 55.96 -12.29
N GLU H 104 42.17 56.22 -11.34
CA GLU H 104 42.93 57.46 -11.17
C GLU H 104 44.36 57.12 -10.77
N GLY H 105 44.77 55.86 -10.97
CA GLY H 105 46.09 55.36 -10.60
C GLY H 105 46.19 55.12 -9.11
N TYR H 106 45.59 56.04 -8.36
CA TYR H 106 45.59 56.03 -6.91
C TYR H 106 44.20 55.79 -6.35
N ASP H 107 43.32 55.24 -7.19
CA ASP H 107 41.96 54.87 -6.82
C ASP H 107 41.75 53.37 -6.69
N TYR H 108 40.71 53.06 -5.94
CA TYR H 108 40.25 51.70 -5.84
C TYR H 108 38.74 51.68 -5.82
N MET H 109 38.18 50.55 -6.20
CA MET H 109 36.74 50.42 -6.26
C MET H 109 36.35 49.06 -5.71
N ILE H 110 35.29 49.06 -4.90
CA ILE H 110 34.70 47.85 -4.36
C ILE H 110 33.34 47.74 -5.03
N LEU H 111 33.13 46.62 -5.72
CA LEU H 111 31.91 46.31 -6.43
C LEU H 111 31.23 45.13 -5.75
N LEU H 112 29.94 45.30 -5.43
CA LEU H 112 29.12 44.29 -4.80
C LEU H 112 28.22 43.67 -5.86
N ASN H 113 28.46 42.39 -6.17
CA ASN H 113 27.70 41.66 -7.19
C ASN H 113 27.81 42.34 -8.55
N GLU H 114 29.05 42.70 -8.93
CA GLU H 114 29.45 43.29 -10.20
C GLU H 114 28.87 44.70 -10.39
N VAL H 115 28.34 45.31 -9.33
CA VAL H 115 27.90 46.70 -9.29
C VAL H 115 28.83 47.52 -8.40
N PRO H 116 29.30 48.68 -8.82
CA PRO H 116 30.16 49.51 -7.96
C PRO H 116 29.46 49.95 -6.69
N TYR H 117 30.05 49.60 -5.55
CA TYR H 117 29.53 49.98 -4.24
C TYR H 117 30.26 51.17 -3.65
N VAL H 118 31.60 51.23 -3.71
CA VAL H 118 32.31 52.37 -3.14
C VAL H 118 33.65 52.60 -3.84
N ARG H 119 33.92 53.87 -4.15
CA ARG H 119 35.18 54.34 -4.71
C ARG H 119 36.02 54.97 -3.61
N GLY H 120 37.32 54.68 -3.59
CA GLY H 120 38.21 55.25 -2.61
C GLY H 120 39.48 55.79 -3.22
N LYS H 121 40.03 56.80 -2.57
CA LYS H 121 41.28 57.44 -2.95
C LYS H 121 42.36 57.22 -1.90
N ILE H 122 43.59 57.06 -2.36
CA ILE H 122 44.77 56.94 -1.52
C ILE H 122 45.69 58.12 -1.84
N PRO H 123 45.95 59.03 -0.89
CA PRO H 123 46.92 60.12 -1.15
C PRO H 123 48.32 59.59 -1.40
N PRO H 124 48.93 59.96 -2.51
CA PRO H 124 50.19 59.31 -2.93
C PRO H 124 51.32 59.51 -1.93
N HIS H 125 52.06 58.43 -1.68
CA HIS H 125 53.26 58.47 -0.85
C HIS H 125 52.94 58.97 0.55
N HIS H 126 51.82 58.47 1.09
CA HIS H 126 51.37 58.81 2.43
C HIS H 126 51.05 57.54 3.21
N VAL H 127 50.77 57.74 4.49
CA VAL H 127 50.25 56.72 5.37
C VAL H 127 49.12 57.36 6.17
N LEU H 128 48.16 56.53 6.57
CA LEU H 128 46.96 57.00 7.26
C LEU H 128 47.10 56.89 8.77
N THR H 129 46.49 57.83 9.49
CA THR H 129 46.47 57.82 10.95
C THR H 129 45.10 58.29 11.44
N ASN H 130 44.84 57.97 12.71
CA ASN H 130 43.64 58.34 13.43
C ASN H 130 43.93 59.39 14.51
N GLU H 131 45.03 60.11 14.39
CA GLU H 131 45.33 61.16 15.36
C GLU H 131 44.52 62.41 15.05
N VAL H 132 44.23 63.17 16.10
CA VAL H 132 43.47 64.40 15.95
C VAL H 132 44.36 65.48 15.35
N GLU H 133 43.71 66.51 14.77
CA GLU H 133 44.46 67.60 14.16
C GLU H 133 45.27 68.39 15.18
N ASP H 134 45.00 68.21 16.48
CA ASP H 134 45.85 68.84 17.49
C ASP H 134 47.11 68.02 17.73
N ASN H 135 46.96 66.73 18.04
CA ASN H 135 48.11 65.89 18.34
C ASN H 135 49.07 65.82 17.15
N LEU H 136 48.56 66.01 15.93
CA LEU H 136 49.42 66.06 14.76
C LEU H 136 50.14 67.39 14.60
N SER H 137 49.77 68.41 15.37
CA SER H 137 50.62 69.59 15.45
C SER H 137 51.81 69.38 16.40
N ARG H 138 51.99 68.15 16.87
CA ARG H 138 53.24 67.71 17.52
C ARG H 138 54.29 67.49 16.43
N TYR H 139 54.56 68.57 15.70
CA TYR H 139 55.46 68.60 14.54
C TYR H 139 55.18 67.47 13.55
N ASN H 140 53.93 67.42 13.12
CA ASN H 140 53.53 66.64 11.96
C ASN H 140 52.56 67.44 11.14
N LEU H 141 52.73 68.77 11.13
CA LEU H 141 51.96 69.77 10.41
C LEU H 141 51.48 69.19 9.07
N PRO H 142 52.37 68.60 8.23
CA PRO H 142 51.87 68.08 6.95
C PRO H 142 50.91 66.92 7.14
N PHE H 143 49.64 67.21 6.89
CA PHE H 143 48.57 66.24 6.98
C PHE H 143 47.48 66.64 6.00
N ILE H 144 46.67 65.65 5.63
CA ILE H 144 45.59 65.80 4.67
C ILE H 144 44.36 65.11 5.23
N THR H 145 43.21 65.78 5.17
CA THR H 145 41.96 65.18 5.62
C THR H 145 41.25 64.60 4.41
N TYR H 146 40.96 63.30 4.47
CA TYR H 146 40.15 62.62 3.45
C TYR H 146 39.61 61.36 4.11
N LYS H 147 38.31 61.31 4.33
CA LYS H 147 37.70 60.15 4.98
C LYS H 147 37.05 59.29 3.90
N ASN H 148 37.59 58.08 3.69
CA ASN H 148 37.05 57.18 2.68
C ASN H 148 35.72 56.61 3.12
N ALA H 149 35.62 56.24 4.39
CA ALA H 149 34.40 55.65 4.94
C ALA H 149 34.16 56.18 6.35
N ALA H 150 32.93 55.98 6.81
CA ALA H 150 32.54 56.51 8.12
C ALA H 150 33.39 55.93 9.24
N GLY H 151 33.80 54.67 9.12
CA GLY H 151 34.54 53.99 10.17
C GLY H 151 36.04 53.91 10.02
N LEU H 152 36.62 54.74 9.16
CA LEU H 152 38.06 54.70 8.97
C LEU H 152 38.73 55.98 9.45
N PRO H 153 40.02 55.93 9.75
CA PRO H 153 40.76 57.16 10.02
C PRO H 153 40.78 58.06 8.80
N SER H 154 41.16 59.32 9.00
CA SER H 154 41.18 60.29 7.91
C SER H 154 42.37 61.25 7.93
N ALA H 155 43.39 61.06 8.78
CA ALA H 155 44.50 62.01 8.88
C ALA H 155 45.73 61.43 8.18
N TRP H 156 45.94 61.83 6.92
CA TRP H 156 47.05 61.30 6.13
C TRP H 156 48.31 62.13 6.36
N VAL H 157 49.44 61.43 6.42
CA VAL H 157 50.73 62.03 6.77
C VAL H 157 51.79 61.46 5.82
N SER H 158 52.72 62.29 5.40
CA SER H 158 53.78 61.83 4.50
C SER H 158 54.53 60.62 5.04
N GLU H 159 54.75 59.63 4.17
CA GLU H 159 55.49 58.43 4.54
C GLU H 159 56.93 58.73 4.96
N ASP H 160 57.51 59.84 4.47
CA ASP H 160 58.87 60.18 4.87
C ASP H 160 59.03 60.31 6.38
N ALA H 161 57.94 60.36 7.13
CA ALA H 161 57.94 60.52 8.58
C ALA H 161 57.91 59.20 9.36
N LYS H 162 58.08 58.04 8.70
CA LYS H 162 57.98 56.75 9.41
C LYS H 162 58.75 56.73 10.74
N ALA H 163 60.02 57.17 10.72
CA ALA H 163 60.85 57.22 11.93
C ALA H 163 60.18 58.04 13.05
N ILE H 164 59.81 59.29 12.75
CA ILE H 164 59.24 60.15 13.80
C ILE H 164 58.02 59.52 14.42
N LEU H 165 57.08 59.06 13.57
CA LEU H 165 55.85 58.43 14.06
C LEU H 165 56.15 57.24 14.98
N GLU H 166 57.20 56.47 14.66
CA GLU H 166 57.50 55.31 15.51
C GLU H 166 58.04 55.73 16.87
N LYS H 167 58.68 56.90 16.95
CA LYS H 167 59.14 57.40 18.24
C LYS H 167 58.02 58.07 19.03
N ALA H 168 56.85 58.31 18.42
CA ALA H 168 55.74 58.95 19.10
C ALA H 168 54.58 58.00 19.39
N ALA H 169 54.70 56.73 18.98
CA ALA H 169 53.67 55.72 19.19
C ALA H 169 52.33 56.11 18.55
N ILE H 170 52.39 56.72 17.37
CA ILE H 170 51.19 57.02 16.59
C ILE H 170 51.04 55.94 15.52
N LYS H 171 49.99 55.13 15.64
CA LYS H 171 49.77 54.01 14.73
C LYS H 171 49.48 54.55 13.34
N TYR H 172 50.11 53.98 12.32
CA TYR H 172 49.82 54.35 10.95
C TYR H 172 49.58 53.11 10.08
N TRP H 173 48.83 53.30 9.01
CA TRP H 173 48.51 52.24 8.06
C TRP H 173 49.11 52.56 6.70
N THR H 174 49.78 51.58 6.11
CA THR H 174 50.22 51.70 4.73
C THR H 174 49.01 51.69 3.80
N PRO H 175 49.16 52.18 2.55
CA PRO H 175 48.00 52.18 1.63
C PRO H 175 47.33 50.82 1.47
N LEU H 176 48.11 49.75 1.31
CA LEU H 176 47.52 48.43 1.21
C LEU H 176 46.71 48.08 2.46
N GLU H 177 47.24 48.43 3.62
CA GLU H 177 46.50 48.21 4.86
C GLU H 177 45.25 49.07 4.91
N VAL H 178 45.28 50.24 4.28
CA VAL H 178 44.06 51.05 4.26
C VAL H 178 43.03 50.36 3.38
N ILE H 179 43.47 49.72 2.29
CA ILE H 179 42.54 48.94 1.48
C ILE H 179 41.94 47.80 2.30
N ILE H 180 42.77 47.10 3.08
CA ILE H 180 42.27 46.03 3.93
C ILE H 180 41.28 46.58 4.94
N LEU H 181 41.61 47.72 5.54
CA LEU H 181 40.69 48.37 6.47
C LEU H 181 39.35 48.66 5.81
N HIS H 182 39.36 49.16 4.59
CA HIS H 182 38.11 49.54 3.95
C HIS H 182 37.30 48.29 3.56
N LEU H 183 37.98 47.28 3.05
CA LEU H 183 37.35 45.99 2.79
C LEU H 183 36.68 45.43 4.04
N SER H 184 37.37 45.51 5.19
CA SER H 184 36.81 44.99 6.43
C SER H 184 35.59 45.80 6.86
N TYR H 185 35.69 47.13 6.80
CA TYR H 185 34.53 47.94 7.13
C TYR H 185 33.33 47.56 6.25
N PHE H 186 33.58 47.37 4.94
CA PHE H 186 32.53 47.00 4.01
C PHE H 186 31.90 45.66 4.38
N PHE H 187 32.71 44.64 4.59
CA PHE H 187 32.16 43.34 4.99
C PHE H 187 31.33 43.45 6.27
N HIS H 188 31.90 44.04 7.33
CA HIS H 188 31.13 44.27 8.56
C HIS H 188 29.78 44.92 8.26
N LYS H 189 29.80 46.01 7.51
CA LYS H 189 28.57 46.78 7.25
C LYS H 189 27.61 46.07 6.33
N SER H 190 28.06 45.05 5.59
CA SER H 190 27.29 44.37 4.56
C SER H 190 26.95 42.92 4.90
N SER H 191 26.89 42.56 6.17
CA SER H 191 26.75 41.15 6.53
C SER H 191 25.53 40.52 5.88
N GLN H 192 24.39 41.20 5.92
CA GLN H 192 23.15 40.65 5.39
C GLN H 192 23.29 40.22 3.94
N GLU H 193 24.19 40.86 3.19
CA GLU H 193 24.42 40.51 1.78
C GLU H 193 25.07 39.15 1.57
N PHE H 194 25.70 38.58 2.58
CA PHE H 194 26.42 37.32 2.39
C PHE H 194 25.87 36.21 3.27
N LEU H 195 24.75 36.44 3.95
CA LEU H 195 24.19 35.45 4.85
C LEU H 195 22.74 35.20 4.46
N GLY H 196 22.54 34.19 3.61
CA GLY H 196 21.20 33.80 3.18
C GLY H 196 20.97 32.31 3.34
N ILE H 197 19.94 31.78 2.65
CA ILE H 197 19.53 30.39 2.85
C ILE H 197 20.68 29.43 2.57
N GLN H 198 21.35 29.58 1.44
CA GLN H 198 22.38 28.61 1.05
C GLN H 198 23.57 28.63 2.00
N GLU H 199 23.94 29.81 2.50
CA GLU H 199 25.10 29.89 3.37
C GLU H 199 24.79 29.35 4.77
N VAL H 200 23.60 29.70 5.31
CA VAL H 200 23.21 29.13 6.60
C VAL H 200 23.14 27.63 6.48
N ARG H 201 22.67 27.14 5.33
CA ARG H 201 22.59 25.71 5.12
C ARG H 201 23.98 25.09 5.12
N SER H 202 24.95 25.70 4.44
CA SER H 202 26.27 25.09 4.42
C SER H 202 26.82 25.00 5.83
N MET H 203 26.52 26.01 6.67
CA MET H 203 26.94 25.97 8.06
C MET H 203 26.30 24.79 8.80
N ILE H 204 24.98 24.66 8.67
CA ILE H 204 24.30 23.56 9.33
C ILE H 204 24.85 22.22 8.85
N GLU H 205 25.17 22.13 7.56
CA GLU H 205 25.75 20.90 7.03
C GLU H 205 27.07 20.59 7.70
N PHE H 206 27.89 21.63 7.92
CA PHE H 206 29.14 21.39 8.64
C PHE H 206 28.88 20.88 10.06
N MET H 207 27.88 21.45 10.74
CA MET H 207 27.53 20.94 12.07
C MET H 207 27.05 19.48 12.03
N GLU H 208 26.33 19.09 10.98
CA GLU H 208 25.81 17.72 10.91
C GLU H 208 26.90 16.68 11.08
N ARG H 209 28.13 17.00 10.68
CA ARG H 209 29.17 15.99 10.67
C ARG H 209 29.47 15.45 12.07
N SER H 210 29.47 16.32 13.09
CA SER H 210 29.71 15.83 14.43
C SER H 210 28.52 15.98 15.36
N PHE H 211 27.47 16.69 14.97
CA PHE H 211 26.30 16.85 15.82
C PHE H 211 25.03 16.49 15.04
N PRO H 212 24.98 15.32 14.41
CA PRO H 212 23.83 15.00 13.57
C PRO H 212 22.51 15.00 14.34
N ASP H 213 22.52 14.50 15.57
CA ASP H 213 21.31 14.44 16.37
C ASP H 213 20.84 15.83 16.83
N LEU H 214 21.78 16.72 17.14
CA LEU H 214 21.42 18.08 17.53
C LEU H 214 20.88 18.87 16.34
N VAL H 215 21.51 18.72 15.18
CA VAL H 215 20.98 19.35 13.98
C VAL H 215 19.60 18.81 13.68
N LYS H 216 19.41 17.48 13.78
CA LYS H 216 18.09 16.89 13.54
C LYS H 216 17.05 17.48 14.50
N GLU H 217 17.40 17.67 15.76
CA GLU H 217 16.45 18.26 16.70
C GLU H 217 16.09 19.68 16.31
N VAL H 218 17.08 20.47 15.86
CA VAL H 218 16.76 21.84 15.51
C VAL H 218 15.93 21.87 14.24
N THR H 219 16.31 21.04 13.28
CA THR H 219 15.69 21.03 11.95
C THR H 219 14.26 20.51 11.97
N ARG H 220 13.94 19.60 12.88
CA ARG H 220 12.56 19.16 13.01
C ARG H 220 11.65 20.29 13.50
N LEU H 221 12.21 21.33 14.13
CA LEU H 221 11.41 22.38 14.73
C LEU H 221 11.50 23.72 14.04
N ILE H 222 12.57 23.99 13.30
CA ILE H 222 12.75 25.28 12.64
C ILE H 222 13.09 25.02 11.19
N PRO H 223 12.25 25.39 10.24
CA PRO H 223 12.67 25.21 8.84
C PRO H 223 13.83 26.13 8.53
N LEU H 224 14.61 25.73 7.53
CA LEU H 224 15.83 26.44 7.15
C LEU H 224 15.63 27.93 6.95
N GLN H 225 14.47 28.33 6.40
CA GLN H 225 14.27 29.77 6.16
C GLN H 225 14.18 30.54 7.47
N LYS H 226 13.49 29.97 8.46
CA LYS H 226 13.34 30.60 9.76
C LYS H 226 14.68 30.61 10.51
N LEU H 227 15.46 29.53 10.38
CA LEU H 227 16.81 29.48 10.92
C LEU H 227 17.67 30.59 10.35
N THR H 228 17.59 30.78 9.03
CA THR H 228 18.34 31.84 8.37
C THR H 228 17.92 33.20 8.89
N GLU H 229 16.62 33.42 9.06
CA GLU H 229 16.12 34.66 9.64
C GLU H 229 16.71 34.88 11.04
N ILE H 230 16.81 33.82 11.84
CA ILE H 230 17.31 33.94 13.20
C ILE H 230 18.78 34.32 13.21
N PHE H 231 19.60 33.63 12.41
CA PHE H 231 21.03 33.97 12.34
C PHE H 231 21.23 35.39 11.81
N LYS H 232 20.39 35.79 10.85
CA LYS H 232 20.49 37.14 10.32
C LYS H 232 20.18 38.15 11.41
N ARG H 233 19.17 37.87 12.24
CA ARG H 233 18.87 38.79 13.33
C ARG H 233 20.05 38.88 14.30
N LEU H 234 20.71 37.75 14.55
CA LEU H 234 21.88 37.77 15.43
C LEU H 234 23.00 38.65 14.85
N VAL H 235 23.41 38.40 13.61
CA VAL H 235 24.53 39.17 13.07
C VAL H 235 24.14 40.61 12.79
N GLN H 236 22.83 40.92 12.68
CA GLN H 236 22.43 42.32 12.49
C GLN H 236 22.89 43.20 13.65
N GLU H 237 22.99 42.61 14.85
CA GLU H 237 23.41 43.35 16.07
C GLU H 237 24.85 42.96 16.46
N GLN H 238 25.60 42.42 15.50
CA GLN H 238 26.98 42.01 15.68
C GLN H 238 27.11 41.05 16.87
N ILE H 239 26.40 39.93 16.75
CA ILE H 239 26.51 38.80 17.69
C ILE H 239 27.05 37.63 16.89
N SER H 240 28.25 37.18 17.22
CA SER H 240 28.89 36.16 16.40
C SER H 240 28.06 34.90 16.40
N ILE H 241 28.00 34.24 15.24
CA ILE H 241 27.30 32.96 15.11
C ILE H 241 28.39 31.91 14.85
N LYS H 242 29.60 32.16 15.35
CA LYS H 242 30.66 31.19 15.18
C LYS H 242 30.46 29.96 16.09
N ASP H 243 29.89 30.14 17.30
CA ASP H 243 29.69 29.04 18.24
C ASP H 243 28.38 28.34 17.93
N LEU H 244 28.42 27.52 16.88
CA LEU H 244 27.20 26.89 16.40
C LEU H 244 26.61 25.92 17.42
N ARG H 245 27.44 25.21 18.19
CA ARG H 245 26.86 24.29 19.16
C ARG H 245 26.04 25.05 20.21
N THR H 246 26.51 26.20 20.69
CA THR H 246 25.74 26.93 21.70
C THR H 246 24.42 27.42 21.14
N ILE H 247 24.46 28.02 19.95
CA ILE H 247 23.25 28.55 19.33
C ILE H 247 22.27 27.42 19.06
N LEU H 248 22.76 26.32 18.47
CA LEU H 248 21.88 25.20 18.17
C LEU H 248 21.33 24.58 19.44
N GLU H 249 22.16 24.40 20.47
CA GLU H 249 21.69 23.81 21.73
C GLU H 249 20.60 24.68 22.36
N SER H 250 20.75 26.00 22.29
CA SER H 250 19.72 26.90 22.78
C SER H 250 18.42 26.74 22.01
N LEU H 251 18.51 26.78 20.67
CA LEU H 251 17.32 26.61 19.84
C LEU H 251 16.67 25.25 20.11
N SER H 252 17.47 24.21 20.24
CA SER H 252 16.93 22.89 20.50
C SER H 252 16.15 22.87 21.80
N GLU H 253 16.54 23.72 22.75
CA GLU H 253 15.75 23.80 23.97
C GLU H 253 14.49 24.64 23.80
N TRP H 254 14.60 25.83 23.20
CA TRP H 254 13.47 26.75 23.28
C TRP H 254 12.45 26.59 22.15
N ALA H 255 12.84 26.09 20.97
CA ALA H 255 11.86 25.91 19.91
C ALA H 255 10.91 24.70 20.15
N GLN H 256 10.95 24.08 21.34
CA GLN H 256 10.00 23.01 21.62
C GLN H 256 8.58 23.55 21.73
N THR H 257 8.43 24.78 22.22
CA THR H 257 7.14 25.35 22.54
C THR H 257 6.90 26.67 21.81
N GLU H 258 7.96 27.45 21.60
CA GLU H 258 7.88 28.81 21.09
C GLU H 258 8.43 28.81 19.68
N LYS H 259 7.65 29.36 18.74
CA LYS H 259 8.03 29.37 17.32
C LYS H 259 8.30 30.76 16.77
N ASP H 260 8.02 31.82 17.53
CA ASP H 260 8.33 33.19 17.13
C ASP H 260 9.84 33.33 16.90
N THR H 261 10.23 33.78 15.70
CA THR H 261 11.65 33.86 15.37
C THR H 261 12.35 34.93 16.18
N VAL H 262 11.64 36.00 16.55
CA VAL H 262 12.25 37.07 17.33
C VAL H 262 12.49 36.61 18.77
N LEU H 263 11.53 35.89 19.36
CA LEU H 263 11.72 35.38 20.71
C LEU H 263 12.83 34.33 20.76
N LEU H 264 12.89 33.46 19.74
CA LEU H 264 14.00 32.52 19.67
C LEU H 264 15.35 33.25 19.56
N THR H 265 15.40 34.34 18.79
CA THR H 265 16.64 35.09 18.74
C THR H 265 17.01 35.64 20.11
N GLU H 266 16.00 36.13 20.83
CA GLU H 266 16.18 36.67 22.20
C GLU H 266 16.77 35.58 23.11
N TYR H 267 16.23 34.36 23.03
CA TYR H 267 16.72 33.25 23.85
C TYR H 267 18.16 32.91 23.49
N VAL H 268 18.49 32.87 22.19
CA VAL H 268 19.86 32.58 21.77
C VAL H 268 20.82 33.64 22.36
N ARG H 269 20.42 34.91 22.33
CA ARG H 269 21.26 35.94 22.94
C ARG H 269 21.52 35.61 24.40
N SER H 270 20.46 35.34 25.16
CA SER H 270 20.61 35.07 26.59
C SER H 270 21.43 33.82 26.84
N SER H 271 21.51 32.91 25.87
CA SER H 271 22.42 31.78 26.03
C SER H 271 23.86 32.15 25.72
N LEU H 272 24.08 33.29 25.04
CA LEU H 272 25.43 33.76 24.75
C LEU H 272 25.99 34.76 25.77
N LYS H 273 25.57 34.65 27.05
CA LYS H 273 25.99 35.59 28.10
C LYS H 273 27.48 35.81 28.14
N LEU H 274 28.27 34.74 28.15
CA LEU H 274 29.72 34.89 28.25
C LEU H 274 30.27 35.65 27.05
N TYR H 275 29.85 35.27 25.83
CA TYR H 275 30.33 35.97 24.64
C TYR H 275 29.98 37.46 24.69
N ILE H 276 28.73 37.77 25.04
CA ILE H 276 28.27 39.15 25.02
C ILE H 276 29.00 39.97 26.08
N SER H 277 29.14 39.43 27.29
CA SER H 277 29.88 40.14 28.32
C SER H 277 31.31 40.43 27.86
N PHE H 278 32.00 39.43 27.33
CA PHE H 278 33.38 39.68 26.92
C PHE H 278 33.49 40.68 25.76
N LYS H 279 32.59 40.58 24.76
CA LYS H 279 32.64 41.48 23.61
C LYS H 279 32.42 42.94 24.00
N PHE H 280 31.30 43.22 24.67
CA PHE H 280 30.90 44.60 24.91
C PHE H 280 31.59 45.22 26.11
N SER H 281 32.21 44.42 26.98
CA SER H 281 33.10 44.96 28.01
C SER H 281 34.53 45.08 27.50
N GLN H 282 34.79 44.71 26.24
CA GLN H 282 36.14 44.79 25.64
C GLN H 282 37.22 44.09 26.47
N GLY H 283 36.84 43.03 27.18
CA GLY H 283 37.77 42.18 27.90
C GLY H 283 38.22 42.62 29.27
N GLN H 284 37.46 43.48 29.95
CA GLN H 284 37.78 43.96 31.30
C GLN H 284 36.46 44.16 32.03
N SER H 285 36.55 44.37 33.34
CA SER H 285 35.36 44.58 34.14
C SER H 285 34.87 46.02 33.98
N ALA H 286 33.78 46.35 34.65
CA ALA H 286 33.12 47.66 34.54
C ALA H 286 32.89 48.05 33.07
N ILE H 287 32.01 47.27 32.42
CA ILE H 287 31.61 47.57 31.05
C ILE H 287 31.06 48.97 30.93
N SER H 288 31.47 49.69 29.88
CA SER H 288 31.08 51.09 29.69
C SER H 288 29.82 51.19 28.86
N VAL H 289 28.77 51.77 29.46
CA VAL H 289 27.42 51.76 28.90
C VAL H 289 26.75 53.09 29.14
N TYR H 290 25.70 53.35 28.34
CA TYR H 290 24.68 54.34 28.65
C TYR H 290 23.47 53.57 29.17
N LEU H 291 22.66 54.25 30.00
CA LEU H 291 21.44 53.63 30.58
C LEU H 291 20.24 54.55 30.32
N LEU H 292 19.04 53.96 30.25
CA LEU H 292 17.80 54.74 30.02
C LEU H 292 17.18 55.14 31.36
N ASP H 293 16.24 56.09 31.34
CA ASP H 293 15.57 56.57 32.58
C ASP H 293 14.69 55.44 33.14
N PRO H 294 14.54 55.33 34.48
CA PRO H 294 13.71 54.27 35.09
C PRO H 294 12.31 54.23 34.45
N GLU H 295 11.83 55.38 33.97
CA GLU H 295 10.51 55.48 33.35
C GLU H 295 10.56 55.19 31.85
N ILE H 296 11.67 55.49 31.16
CA ILE H 296 11.75 55.13 29.75
C ILE H 296 11.63 53.61 29.60
N GLU H 297 12.32 52.87 30.46
CA GLU H 297 12.26 51.41 30.46
C GLU H 297 10.84 50.93 30.77
N GLU H 298 10.29 51.36 31.90
CA GLU H 298 8.95 50.91 32.31
C GLU H 298 7.84 51.50 31.44
N MET H 299 8.13 52.49 30.60
CA MET H 299 7.11 53.14 29.79
C MET H 299 6.74 52.31 28.56
N ILE H 300 7.73 51.73 27.89
CA ILE H 300 7.47 50.89 26.74
C ILE H 300 6.92 49.53 27.19
N PRO H 317 4.10 55.84 18.00
CA PRO H 317 3.15 56.96 18.13
C PRO H 317 3.86 58.32 18.25
N ASP H 318 3.42 59.14 19.22
CA ASP H 318 4.06 60.43 19.48
C ASP H 318 5.49 60.25 20.01
N SER H 319 5.92 59.01 20.20
CA SER H 319 7.25 58.67 20.70
C SER H 319 8.38 59.02 19.75
N VAL H 320 8.09 59.15 18.44
CA VAL H 320 9.11 59.45 17.44
C VAL H 320 9.90 60.71 17.81
N ASN H 321 9.24 61.72 18.35
CA ASN H 321 9.91 62.94 18.77
C ASN H 321 9.82 63.11 20.28
N LEU H 322 9.93 61.99 21.00
CA LEU H 322 9.91 61.98 22.45
C LEU H 322 11.24 61.65 23.09
N ILE H 323 12.08 60.85 22.43
CA ILE H 323 13.35 60.40 23.00
C ILE H 323 14.57 60.88 22.20
N LEU H 324 14.38 61.35 20.96
CA LEU H 324 15.48 61.75 20.10
C LEU H 324 16.31 62.89 20.70
N LYS H 325 15.67 63.91 21.25
CA LYS H 325 16.40 65.06 21.77
C LYS H 325 17.12 64.77 23.09
N SER H 326 16.79 63.65 23.76
CA SER H 326 17.59 63.23 24.90
C SER H 326 18.74 62.34 24.46
N MET H 327 18.54 61.54 23.41
CA MET H 327 19.63 60.70 22.90
C MET H 327 20.74 61.53 22.26
N ARG H 328 20.38 62.46 21.37
CA ARG H 328 21.38 63.22 20.63
C ARG H 328 22.29 64.04 21.54
N ASN H 329 21.75 64.60 22.62
CA ASN H 329 22.52 65.47 23.52
C ASN H 329 23.22 64.70 24.64
N THR H 330 23.11 63.37 24.66
CA THR H 330 23.72 62.53 25.68
C THR H 330 24.75 61.57 25.10
N ILE H 331 25.11 61.71 23.82
CA ILE H 331 25.95 60.74 23.12
C ILE H 331 27.35 61.31 22.88
N THR H 332 28.33 60.40 22.80
CA THR H 332 29.71 60.72 22.44
C THR H 332 30.07 59.97 21.16
N PRO H 333 30.25 60.65 20.01
CA PRO H 333 30.49 60.08 18.67
C PRO H 333 31.68 59.11 18.57
N PRO H 340 33.20 51.40 20.56
CA PRO H 340 31.79 51.60 20.20
C PRO H 340 30.91 51.76 21.46
N PRO H 341 29.75 52.39 21.33
CA PRO H 341 28.90 52.63 22.51
C PRO H 341 28.06 51.40 22.86
N VAL H 342 27.61 51.38 24.12
CA VAL H 342 26.80 50.28 24.65
C VAL H 342 25.60 50.85 25.39
N LEU H 343 24.44 50.24 25.19
CA LEU H 343 23.21 50.59 25.90
C LEU H 343 22.66 49.39 26.66
N LEU H 344 22.58 49.50 27.99
CA LEU H 344 22.02 48.44 28.83
C LEU H 344 20.57 48.77 29.15
N THR H 345 19.66 47.82 28.93
CA THR H 345 18.23 47.97 29.18
C THR H 345 17.69 46.76 29.95
N ALA H 346 16.42 46.82 30.30
CA ALA H 346 15.71 45.73 30.97
C ALA H 346 15.45 44.57 30.00
N ILE H 347 15.08 43.42 30.57
CA ILE H 347 14.88 42.20 29.76
C ILE H 347 13.78 42.42 28.74
N ASP H 348 12.58 42.72 29.23
CA ASP H 348 11.34 42.79 28.46
C ASP H 348 11.27 43.98 27.51
N VAL H 349 12.25 44.87 27.46
CA VAL H 349 12.20 46.02 26.57
C VAL H 349 13.34 46.06 25.56
N ARG H 350 14.38 45.24 25.72
CA ARG H 350 15.59 45.45 24.92
C ARG H 350 15.29 45.42 23.43
N ARG H 351 14.59 44.37 22.95
CA ARG H 351 14.32 44.25 21.52
C ARG H 351 13.53 45.45 21.00
N TYR H 352 12.59 45.94 21.80
CA TYR H 352 11.81 47.09 21.39
C TYR H 352 12.71 48.32 21.29
N VAL H 353 13.61 48.49 22.26
CA VAL H 353 14.56 49.62 22.24
C VAL H 353 15.42 49.58 20.98
N ARG H 354 15.99 48.41 20.67
CA ARG H 354 16.79 48.30 19.45
C ARG H 354 15.96 48.67 18.23
N LYS H 355 14.73 48.15 18.14
CA LYS H 355 13.93 48.46 16.95
C LYS H 355 13.56 49.95 16.90
N LEU H 356 13.51 50.62 18.04
CA LEU H 356 13.17 52.05 18.04
C LEU H 356 14.36 52.94 17.68
N ILE H 357 15.59 52.53 17.98
CA ILE H 357 16.71 53.43 17.74
C ILE H 357 17.54 53.06 16.50
N GLU H 358 17.24 51.92 15.85
CA GLU H 358 18.11 51.42 14.78
C GLU H 358 18.17 52.36 13.58
N THR H 359 17.16 53.19 13.37
CA THR H 359 17.15 54.01 12.16
C THR H 359 18.07 55.22 12.32
N GLU H 360 18.04 55.89 13.47
CA GLU H 360 18.91 57.03 13.68
C GLU H 360 20.26 56.67 14.28
N PHE H 361 20.32 55.66 15.16
CA PHE H 361 21.56 55.21 15.80
C PHE H 361 21.74 53.71 15.55
N PRO H 362 22.06 53.33 14.31
CA PRO H 362 22.09 51.90 13.96
C PRO H 362 23.21 51.10 14.63
N ASP H 363 24.31 51.75 15.04
CA ASP H 363 25.47 51.06 15.59
C ASP H 363 25.50 51.03 17.12
N ILE H 364 24.52 51.62 17.80
CA ILE H 364 24.45 51.55 19.25
C ILE H 364 23.92 50.17 19.64
N ALA H 365 24.66 49.44 20.48
CA ALA H 365 24.27 48.11 20.93
C ALA H 365 23.31 48.16 22.12
N VAL H 366 22.17 47.49 21.99
CA VAL H 366 21.17 47.40 23.06
C VAL H 366 21.25 46.02 23.70
N ILE H 367 21.64 45.97 24.99
CA ILE H 367 21.79 44.70 25.73
C ILE H 367 20.90 44.74 26.97
N SER H 368 20.65 43.55 27.54
CA SER H 368 19.75 43.39 28.70
C SER H 368 20.46 42.64 29.83
N TYR H 369 19.85 42.70 31.03
CA TYR H 369 20.40 42.03 32.20
C TYR H 369 20.57 40.53 31.98
N GLN H 370 19.71 39.94 31.14
CA GLN H 370 19.73 38.52 30.81
C GLN H 370 20.90 38.13 29.93
N GLU H 371 21.61 39.12 29.39
CA GLU H 371 22.64 38.87 28.39
C GLU H 371 24.04 39.22 28.89
N ILE H 372 24.16 39.70 30.11
CA ILE H 372 25.46 39.96 30.72
C ILE H 372 25.59 39.04 31.92
N LEU H 373 26.84 38.80 32.31
CA LEU H 373 27.12 37.96 33.46
C LEU H 373 26.57 38.65 34.71
N PRO H 374 25.98 37.90 35.66
CA PRO H 374 25.49 38.53 36.89
C PRO H 374 26.59 39.23 37.68
N GLU H 375 27.84 38.84 37.49
CA GLU H 375 28.98 39.28 38.28
C GLU H 375 29.72 40.49 37.70
N ILE H 376 29.23 41.10 36.66
CA ILE H 376 29.90 42.29 36.14
C ILE H 376 29.30 43.54 36.77
N ARG H 377 30.11 44.56 36.96
CA ARG H 377 29.64 45.85 37.43
C ARG H 377 29.60 46.83 36.26
N ILE H 378 28.90 47.94 36.48
CA ILE H 378 28.45 48.80 35.38
C ILE H 378 28.92 50.23 35.63
N GLN H 379 29.69 50.78 34.67
CA GLN H 379 30.19 52.15 34.69
C GLN H 379 29.41 52.99 33.66
N PRO H 380 28.45 53.84 34.08
CA PRO H 380 27.53 54.58 33.21
C PRO H 380 28.20 55.70 32.40
N ASN I 39 14.48 17.60 -45.85
CA ASN I 39 15.01 16.31 -46.38
C ASN I 39 15.12 15.31 -45.23
N PRO I 40 14.92 15.72 -43.97
CA PRO I 40 15.01 14.80 -42.83
C PRO I 40 13.72 14.00 -42.63
N ASP I 41 12.66 14.38 -43.34
CA ASP I 41 11.34 13.69 -43.25
C ASP I 41 10.93 13.58 -41.77
N ASP I 42 10.97 14.70 -41.05
CA ASP I 42 10.59 14.72 -39.61
C ASP I 42 10.63 16.22 -39.27
N TYR I 43 10.50 16.56 -37.99
CA TYR I 43 10.15 17.93 -37.50
C TYR I 43 11.45 18.70 -37.19
N SER I 44 11.53 19.93 -37.68
CA SER I 44 12.72 20.80 -37.46
C SER I 44 12.36 21.95 -36.52
N LEU I 45 13.32 22.41 -35.72
CA LEU I 45 13.10 23.51 -34.79
C LEU I 45 13.23 24.86 -35.49
N THR I 46 12.23 25.73 -35.28
CA THR I 46 12.28 27.08 -35.86
C THR I 46 13.48 27.86 -35.32
N LEU I 47 14.23 28.51 -36.22
CA LEU I 47 15.42 29.28 -35.84
C LEU I 47 15.03 30.63 -35.26
N PRO I 48 15.42 30.95 -34.03
CA PRO I 48 14.99 32.22 -33.44
C PRO I 48 15.49 33.48 -34.15
N VAL I 49 16.78 33.55 -34.51
CA VAL I 49 17.35 34.77 -35.13
C VAL I 49 18.19 34.42 -36.37
N ILE I 50 17.82 35.00 -37.52
CA ILE I 50 18.59 34.88 -38.74
C ILE I 50 19.05 36.25 -39.22
N LEU I 51 20.30 36.34 -39.67
CA LEU I 51 20.85 37.52 -40.33
C LEU I 51 21.19 37.13 -41.75
N GLU I 52 20.46 37.70 -42.72
CA GLU I 52 20.70 37.47 -44.14
C GLU I 52 21.48 38.63 -44.73
N LEU I 53 22.44 38.30 -45.59
CA LEU I 53 23.37 39.27 -46.17
C LEU I 53 23.41 39.13 -47.68
N GLY I 54 23.46 40.26 -48.38
CA GLY I 54 23.65 40.27 -49.80
C GLY I 54 25.06 39.86 -50.19
N LYS I 55 25.30 39.84 -51.50
CA LYS I 55 26.55 39.30 -52.02
C LYS I 55 27.75 40.04 -51.45
N ASP I 56 27.68 41.35 -51.43
CA ASP I 56 28.82 42.18 -51.05
C ASP I 56 29.09 42.13 -49.55
N LEU I 57 28.06 42.29 -48.73
CA LEU I 57 28.25 42.11 -47.29
C LEU I 57 28.73 40.70 -46.97
N SER I 58 28.24 39.71 -47.72
CA SER I 58 28.73 38.34 -47.53
C SER I 58 30.23 38.26 -47.79
N LYS I 59 30.70 38.89 -48.87
CA LYS I 59 32.14 38.96 -49.09
C LYS I 59 32.83 39.60 -47.89
N LEU I 60 32.17 40.61 -47.30
CA LEU I 60 32.77 41.35 -46.19
C LEU I 60 32.98 40.46 -44.96
N ILE I 61 32.04 39.58 -44.65
CA ILE I 61 32.19 38.76 -43.44
C ILE I 61 33.23 37.65 -43.61
N GLN I 62 33.89 37.60 -44.77
CA GLN I 62 34.92 36.58 -44.95
C GLN I 62 36.25 37.00 -44.36
N HIS I 63 36.51 38.31 -44.29
CA HIS I 63 37.82 38.86 -43.99
C HIS I 63 37.91 39.36 -42.55
N LYS I 64 39.02 39.03 -41.89
CA LYS I 64 39.25 39.41 -40.51
C LYS I 64 39.58 40.90 -40.41
N THR I 65 38.98 41.56 -39.42
CA THR I 65 39.17 43.00 -39.26
C THR I 65 40.62 43.31 -38.87
N LYS I 66 40.92 44.61 -38.85
CA LYS I 66 42.27 45.09 -38.49
C LYS I 66 42.65 44.46 -37.15
N SER I 67 41.72 44.47 -36.19
CA SER I 67 42.00 43.92 -34.87
C SER I 67 42.45 42.46 -34.94
N GLY I 68 42.18 41.77 -36.04
CA GLY I 68 42.51 40.36 -36.16
C GLY I 68 41.45 39.44 -35.60
N GLN I 69 40.18 39.75 -35.83
CA GLN I 69 39.06 39.00 -35.31
C GLN I 69 38.01 38.76 -36.38
N SER I 70 37.03 37.94 -36.05
CA SER I 70 36.05 37.39 -36.99
C SER I 70 34.65 37.89 -36.66
N PHE I 71 33.87 38.19 -37.70
CA PHE I 71 32.48 38.61 -37.49
C PHE I 71 31.68 37.49 -36.83
N VAL I 72 31.82 36.26 -37.34
CA VAL I 72 30.98 35.18 -36.83
C VAL I 72 31.57 34.54 -35.59
N ASP I 73 32.90 34.47 -35.49
CA ASP I 73 33.51 33.76 -34.38
C ASP I 73 33.83 34.66 -33.19
N ASP I 74 33.98 35.97 -33.39
CA ASP I 74 34.31 36.89 -32.29
C ASP I 74 33.27 37.97 -32.05
N MET I 75 32.88 38.74 -33.08
CA MET I 75 32.06 39.93 -32.83
C MET I 75 30.67 39.57 -32.29
N ILE I 76 30.00 38.60 -32.88
CA ILE I 76 28.64 38.19 -32.48
C ILE I 76 28.70 37.54 -31.11
N PRO I 77 29.61 36.59 -30.88
CA PRO I 77 29.75 36.08 -29.50
C PRO I 77 29.98 37.18 -28.46
N LYS I 78 30.86 38.14 -28.74
CA LYS I 78 31.12 39.21 -27.78
C LYS I 78 29.88 40.09 -27.55
N MET I 79 29.13 40.36 -28.61
CA MET I 79 27.92 41.15 -28.44
C MET I 79 26.91 40.41 -27.56
N ARG I 80 26.76 39.11 -27.79
CA ARG I 80 25.85 38.33 -26.97
C ARG I 80 26.30 38.35 -25.52
N GLN I 81 27.60 38.13 -25.28
CA GLN I 81 28.13 38.18 -23.91
C GLN I 81 27.87 39.51 -23.25
N ALA I 82 28.01 40.61 -23.99
CA ALA I 82 27.72 41.90 -23.39
C ALA I 82 26.25 42.00 -23.03
N LEU I 83 25.36 41.58 -23.93
CA LEU I 83 23.94 41.66 -23.62
C LEU I 83 23.61 40.83 -22.39
N TYR I 84 24.19 39.63 -22.32
CA TYR I 84 23.97 38.71 -21.18
C TYR I 84 24.67 39.29 -19.94
N GLN I 85 25.51 40.30 -20.14
CA GLN I 85 26.24 40.95 -19.03
C GLN I 85 25.44 42.18 -18.56
N ASP I 86 24.62 42.74 -19.46
CA ASP I 86 23.78 43.92 -19.14
C ASP I 86 22.40 43.44 -18.67
N ILE I 87 21.78 42.54 -19.44
CA ILE I 87 20.43 42.00 -19.09
C ILE I 87 20.60 40.55 -18.62
N GLY I 88 19.65 40.04 -17.82
CA GLY I 88 19.72 38.67 -17.30
C GLY I 88 19.23 37.65 -18.32
N ILE I 89 19.45 37.92 -19.61
CA ILE I 89 19.01 37.00 -20.69
C ILE I 89 20.16 36.46 -21.52
N ARG I 90 20.14 35.17 -21.75
CA ARG I 90 21.05 34.50 -22.68
C ARG I 90 20.38 34.49 -24.05
N TYR I 91 20.80 35.40 -24.92
CA TYR I 91 20.21 35.52 -26.22
C TYR I 91 20.67 34.38 -27.14
N PRO I 92 19.81 33.93 -28.06
CA PRO I 92 20.18 32.81 -28.93
C PRO I 92 21.30 33.18 -29.89
N GLY I 93 21.90 32.14 -30.45
CA GLY I 93 22.89 32.35 -31.47
C GLY I 93 22.22 32.92 -32.70
N ILE I 94 23.07 33.42 -33.59
CA ILE I 94 22.63 34.09 -34.81
C ILE I 94 22.98 33.20 -35.99
N HIS I 95 21.98 32.83 -36.79
CA HIS I 95 22.22 32.07 -38.01
CA HIS I 95 22.24 32.06 -38.01
C HIS I 95 22.44 33.04 -39.17
N VAL I 96 23.62 32.97 -39.80
CA VAL I 96 24.01 33.90 -40.87
C VAL I 96 23.83 33.22 -42.22
N ARG I 97 22.88 33.71 -43.02
CA ARG I 97 22.69 33.24 -44.39
C ARG I 97 23.28 34.27 -45.34
N THR I 98 24.21 33.83 -46.20
CA THR I 98 24.90 34.71 -47.15
C THR I 98 24.37 34.51 -48.57
N ASP I 99 24.79 35.43 -49.44
CA ASP I 99 24.31 35.54 -50.83
C ASP I 99 22.80 35.34 -50.90
N SER I 100 22.10 36.26 -50.23
CA SER I 100 20.66 36.21 -50.11
C SER I 100 19.99 36.50 -51.45
N PRO I 101 18.97 35.74 -51.81
CA PRO I 101 18.30 35.99 -53.09
C PRO I 101 17.52 37.29 -53.13
N SER I 102 16.94 37.73 -52.02
CA SER I 102 16.08 38.90 -52.06
C SER I 102 16.83 40.21 -51.76
N LEU I 103 17.98 40.14 -51.13
CA LEU I 103 18.71 41.35 -50.78
C LEU I 103 19.65 41.79 -51.89
N GLU I 104 19.92 43.10 -51.93
CA GLU I 104 20.96 43.56 -52.83
C GLU I 104 22.32 43.36 -52.17
N GLY I 105 23.37 43.56 -52.95
CA GLY I 105 24.72 43.33 -52.45
C GLY I 105 25.00 43.95 -51.10
N TYR I 106 24.45 45.13 -50.83
CA TYR I 106 24.78 45.90 -49.64
C TYR I 106 23.63 46.01 -48.64
N ASP I 107 22.64 45.12 -48.74
CA ASP I 107 21.51 45.07 -47.83
C ASP I 107 21.66 43.92 -46.84
N TYR I 108 20.99 44.05 -45.69
CA TYR I 108 20.94 42.95 -44.73
C TYR I 108 19.54 42.91 -44.14
N MET I 109 19.17 41.74 -43.61
CA MET I 109 17.85 41.55 -43.04
C MET I 109 17.97 40.71 -41.78
N ILE I 110 17.18 41.06 -40.76
CA ILE I 110 17.11 40.30 -39.50
C ILE I 110 15.73 39.65 -39.43
N LEU I 111 15.72 38.34 -39.28
CA LEU I 111 14.50 37.55 -39.20
C LEU I 111 14.31 36.99 -37.78
N LEU I 112 13.15 37.28 -37.22
CA LEU I 112 12.76 36.79 -35.90
C LEU I 112 11.81 35.61 -36.10
N ASN I 113 12.26 34.42 -35.72
CA ASN I 113 11.46 33.20 -35.87
C ASN I 113 11.12 32.97 -37.33
N GLU I 114 12.13 33.14 -38.19
CA GLU I 114 12.06 32.90 -39.65
C GLU I 114 11.04 33.80 -40.35
N VAL I 115 10.62 34.86 -39.68
CA VAL I 115 9.83 35.95 -40.26
C VAL I 115 10.69 37.20 -40.36
N PRO I 116 10.71 37.90 -41.48
CA PRO I 116 11.51 39.14 -41.56
C PRO I 116 11.03 40.19 -40.58
N TYR I 117 11.94 40.63 -39.72
CA TYR I 117 11.69 41.66 -38.72
C TYR I 117 12.16 43.04 -39.16
N VAL I 118 13.38 43.13 -39.71
CA VAL I 118 13.93 44.44 -40.06
C VAL I 118 14.89 44.32 -41.22
N ARG I 119 14.92 45.38 -42.03
CA ARG I 119 15.84 45.47 -43.15
C ARG I 119 16.74 46.70 -42.99
N GLY I 120 18.01 46.55 -43.36
CA GLY I 120 18.92 47.67 -43.32
C GLY I 120 19.82 47.67 -44.54
N LYS I 121 20.45 48.82 -44.77
CA LYS I 121 21.43 49.00 -45.85
C LYS I 121 22.77 49.46 -45.27
N ILE I 122 23.83 49.22 -46.02
CA ILE I 122 25.16 49.73 -45.71
C ILE I 122 25.59 50.61 -46.89
N PRO I 123 25.83 51.91 -46.69
CA PRO I 123 26.32 52.74 -47.79
C PRO I 123 27.65 52.19 -48.28
N PRO I 124 27.73 51.84 -49.56
CA PRO I 124 28.89 51.08 -50.05
C PRO I 124 30.20 51.84 -49.89
N HIS I 125 31.22 51.12 -49.41
CA HIS I 125 32.58 51.64 -49.31
C HIS I 125 32.65 52.88 -48.42
N HIS I 126 31.91 52.83 -47.31
CA HIS I 126 31.92 53.85 -46.29
C HIS I 126 32.12 53.21 -44.92
N VAL I 127 32.33 54.08 -43.96
CA VAL I 127 32.38 53.75 -42.54
C VAL I 127 31.51 54.79 -41.84
N LEU I 128 30.99 54.43 -40.69
CA LEU I 128 30.07 55.29 -39.99
C LEU I 128 30.83 56.12 -38.97
N THR I 129 30.38 57.35 -38.73
CA THR I 129 30.99 58.18 -37.69
C THR I 129 29.87 58.93 -36.98
N ASN I 130 30.22 59.48 -35.81
CA ASN I 130 29.31 60.33 -35.06
C ASN I 130 29.74 61.79 -35.04
N GLU I 131 30.68 62.17 -35.89
CA GLU I 131 31.07 63.58 -35.97
C GLU I 131 29.88 64.40 -36.45
N VAL I 132 29.88 65.68 -36.07
CA VAL I 132 28.84 66.60 -36.51
C VAL I 132 29.06 66.90 -37.98
N GLU I 133 27.96 66.98 -38.74
CA GLU I 133 28.05 67.17 -40.18
C GLU I 133 28.70 68.50 -40.54
N ASP I 134 28.44 69.56 -39.77
CA ASP I 134 29.13 70.82 -40.02
C ASP I 134 30.65 70.61 -39.93
N ASN I 135 31.11 69.87 -38.92
CA ASN I 135 32.53 69.57 -38.78
C ASN I 135 33.05 68.76 -39.96
N LEU I 136 32.30 67.75 -40.41
CA LEU I 136 32.74 66.96 -41.56
C LEU I 136 32.88 67.81 -42.82
N SER I 137 31.91 68.70 -43.07
CA SER I 137 32.02 69.57 -44.23
C SER I 137 33.20 70.54 -44.09
N ARG I 138 33.54 70.92 -42.84
CA ARG I 138 34.72 71.76 -42.64
C ARG I 138 36.00 71.04 -43.02
N TYR I 139 36.05 69.73 -42.76
CA TYR I 139 37.24 68.94 -43.04
C TYR I 139 37.26 68.40 -44.47
N ASN I 140 36.37 68.92 -45.32
CA ASN I 140 36.21 68.50 -46.72
CA ASN I 140 36.23 68.50 -46.72
C ASN I 140 36.11 66.98 -46.82
N LEU I 141 35.08 66.45 -46.18
CA LEU I 141 34.75 65.03 -46.21
C LEU I 141 33.32 64.90 -46.69
N PRO I 142 33.07 64.39 -47.89
CA PRO I 142 31.68 64.14 -48.29
C PRO I 142 31.10 63.05 -47.39
N PHE I 143 29.88 63.29 -46.92
CA PHE I 143 29.18 62.38 -46.01
C PHE I 143 27.77 62.06 -46.51
N ILE I 144 27.23 60.98 -45.96
CA ILE I 144 25.91 60.45 -46.26
C ILE I 144 25.11 60.37 -44.97
N THR I 145 23.87 60.85 -44.97
CA THR I 145 23.03 60.72 -43.78
C THR I 145 22.17 59.47 -43.92
N TYR I 146 22.35 58.51 -43.01
CA TYR I 146 21.57 57.28 -42.97
C TYR I 146 21.61 56.70 -41.56
N LYS I 147 20.46 56.64 -40.91
CA LYS I 147 20.34 56.13 -39.54
C LYS I 147 19.86 54.69 -39.59
N ASN I 148 20.71 53.74 -39.14
CA ASN I 148 20.35 52.31 -39.19
C ASN I 148 19.28 51.92 -38.18
N ALA I 149 19.39 52.38 -36.93
CA ALA I 149 18.43 52.05 -35.90
C ALA I 149 18.22 53.29 -35.03
N ALA I 150 17.24 53.22 -34.14
CA ALA I 150 16.80 54.41 -33.39
C ALA I 150 17.92 55.12 -32.63
N GLY I 151 18.92 54.40 -32.13
CA GLY I 151 19.91 55.12 -31.34
C GLY I 151 21.30 55.34 -31.93
N LEU I 152 21.44 55.24 -33.24
CA LEU I 152 22.74 55.11 -33.87
C LEU I 152 23.19 56.37 -34.58
N PRO I 153 24.49 56.53 -34.79
CA PRO I 153 25.00 57.65 -35.58
C PRO I 153 24.49 57.57 -37.01
N SER I 154 24.61 58.67 -37.74
CA SER I 154 24.03 58.71 -39.08
C SER I 154 24.89 59.40 -40.15
N ALA I 155 26.16 59.73 -39.85
CA ALA I 155 27.05 60.42 -40.78
C ALA I 155 28.10 59.45 -41.34
N TRP I 156 27.85 58.94 -42.54
CA TRP I 156 28.74 58.01 -43.21
C TRP I 156 29.79 58.76 -44.04
N VAL I 157 30.99 58.21 -44.06
CA VAL I 157 32.16 58.82 -44.67
C VAL I 157 32.91 57.76 -45.45
N SER I 158 33.48 58.13 -46.59
CA SER I 158 34.20 57.15 -47.41
C SER I 158 35.26 56.42 -46.58
N GLU I 159 35.39 55.11 -46.81
CA GLU I 159 36.37 54.31 -46.10
C GLU I 159 37.80 54.78 -46.36
N ASP I 160 38.05 55.44 -47.49
CA ASP I 160 39.38 56.01 -47.70
C ASP I 160 39.77 56.99 -46.61
N ALA I 161 38.80 57.48 -45.83
CA ALA I 161 39.14 58.48 -44.82
C ALA I 161 39.56 57.85 -43.52
N LYS I 162 39.56 56.52 -43.44
CA LYS I 162 39.96 55.85 -42.20
C LYS I 162 41.29 56.40 -41.72
N ALA I 163 42.26 56.47 -42.64
CA ALA I 163 43.58 57.00 -42.31
C ALA I 163 43.48 58.32 -41.56
N ILE I 164 42.90 59.35 -42.19
CA ILE I 164 42.91 60.65 -41.51
C ILE I 164 42.05 60.57 -40.26
N LEU I 165 40.97 59.79 -40.31
CA LEU I 165 40.11 59.70 -39.14
C LEU I 165 40.90 59.18 -37.95
N GLU I 166 41.81 58.22 -38.20
CA GLU I 166 42.61 57.69 -37.11
C GLU I 166 43.60 58.73 -36.62
N LYS I 167 44.19 59.51 -37.53
CA LYS I 167 45.15 60.54 -37.14
C LYS I 167 44.47 61.68 -36.39
N ALA I 168 43.19 61.93 -36.66
CA ALA I 168 42.48 63.08 -36.13
C ALA I 168 41.65 62.77 -34.89
N ALA I 169 41.71 61.54 -34.38
CA ALA I 169 40.92 61.11 -33.22
C ALA I 169 39.43 61.16 -33.50
N ILE I 170 39.05 60.77 -34.72
CA ILE I 170 37.66 60.63 -35.13
C ILE I 170 37.28 59.16 -35.00
N LYS I 171 36.22 58.85 -34.26
CA LYS I 171 35.82 57.47 -34.07
C LYS I 171 35.02 56.97 -35.27
N TYR I 172 35.31 55.75 -35.73
CA TYR I 172 34.50 55.18 -36.79
C TYR I 172 34.17 53.71 -36.53
N TRP I 173 33.09 53.25 -37.18
CA TRP I 173 32.66 51.86 -37.13
C TRP I 173 32.73 51.27 -38.52
N THR I 174 33.35 50.09 -38.63
CA THR I 174 33.29 49.38 -39.90
C THR I 174 31.86 48.88 -40.12
N PRO I 175 31.48 48.62 -41.39
CA PRO I 175 30.11 48.16 -41.66
C PRO I 175 29.69 46.97 -40.81
N LEU I 176 30.61 46.01 -40.61
CA LEU I 176 30.32 44.89 -39.73
C LEU I 176 30.00 45.38 -38.32
N GLU I 177 30.72 46.38 -37.82
CA GLU I 177 30.41 46.90 -36.50
C GLU I 177 29.06 47.59 -36.46
N VAL I 178 28.64 48.21 -37.56
CA VAL I 178 27.31 48.82 -37.57
C VAL I 178 26.25 47.73 -37.55
N ILE I 179 26.46 46.66 -38.32
CA ILE I 179 25.52 45.54 -38.27
C ILE I 179 25.43 44.97 -36.86
N ILE I 180 26.57 44.89 -36.17
CA ILE I 180 26.55 44.41 -34.80
C ILE I 180 25.74 45.35 -33.90
N LEU I 181 26.00 46.66 -34.01
CA LEU I 181 25.24 47.64 -33.24
C LEU I 181 23.74 47.45 -33.44
N HIS I 182 23.32 47.19 -34.69
CA HIS I 182 21.90 47.05 -35.02
C HIS I 182 21.34 45.74 -34.47
N LEU I 183 22.09 44.64 -34.61
CA LEU I 183 21.70 43.39 -33.96
C LEU I 183 21.50 43.61 -32.47
N SER I 184 22.38 44.41 -31.86
CA SER I 184 22.28 44.66 -30.43
C SER I 184 21.00 45.43 -30.10
N TYR I 185 20.70 46.48 -30.88
CA TYR I 185 19.45 47.20 -30.68
C TYR I 185 18.27 46.25 -30.76
N PHE I 186 18.29 45.35 -31.76
CA PHE I 186 17.23 44.37 -31.97
C PHE I 186 17.08 43.44 -30.78
N PHE I 187 18.17 42.78 -30.38
CA PHE I 187 18.12 41.90 -29.23
C PHE I 187 17.56 42.62 -28.01
N HIS I 188 17.94 43.89 -27.83
CA HIS I 188 17.45 44.68 -26.71
C HIS I 188 15.95 44.92 -26.79
N LYS I 189 15.46 45.42 -27.94
CA LYS I 189 14.02 45.67 -28.05
C LYS I 189 13.20 44.39 -27.97
N SER I 190 13.81 43.24 -28.22
CA SER I 190 13.07 42.00 -28.38
C SER I 190 13.29 41.02 -27.24
N SER I 191 13.64 41.54 -26.06
CA SER I 191 14.02 40.68 -24.96
C SER I 191 12.94 39.66 -24.61
N GLN I 192 11.69 40.12 -24.47
CA GLN I 192 10.65 39.17 -24.06
C GLN I 192 10.58 37.95 -24.96
N GLU I 193 10.97 38.09 -26.23
CA GLU I 193 10.98 36.98 -27.18
C GLU I 193 11.92 35.85 -26.81
N PHE I 194 12.90 36.09 -25.93
CA PHE I 194 13.88 35.05 -25.63
C PHE I 194 13.84 34.65 -24.18
N LEU I 195 12.85 35.12 -23.43
CA LEU I 195 12.76 34.84 -22.02
C LEU I 195 11.39 34.24 -21.74
N GLY I 196 11.31 32.92 -21.83
CA GLY I 196 10.11 32.22 -21.52
C GLY I 196 10.38 31.07 -20.57
N ILE I 197 9.41 30.16 -20.49
CA ILE I 197 9.43 29.13 -19.46
C ILE I 197 10.69 28.28 -19.55
N GLN I 198 11.01 27.76 -20.74
CA GLN I 198 12.18 26.90 -20.81
C GLN I 198 13.45 27.66 -20.44
N GLU I 199 13.54 28.93 -20.82
CA GLU I 199 14.78 29.68 -20.60
C GLU I 199 14.93 30.03 -19.13
N VAL I 200 13.83 30.42 -18.49
CA VAL I 200 13.87 30.66 -17.06
C VAL I 200 14.28 29.39 -16.33
N ARG I 201 13.74 28.26 -16.74
CA ARG I 201 14.18 27.00 -16.17
C ARG I 201 15.68 26.80 -16.37
N SER I 202 16.22 27.17 -17.52
CA SER I 202 17.65 26.98 -17.76
C SER I 202 18.48 27.81 -16.78
N MET I 203 18.03 29.03 -16.49
CA MET I 203 18.71 29.87 -15.52
C MET I 203 18.64 29.23 -14.14
N ILE I 204 17.44 28.81 -13.73
CA ILE I 204 17.29 28.21 -12.41
C ILE I 204 18.17 26.98 -12.28
N GLU I 205 18.23 26.15 -13.32
CA GLU I 205 19.08 24.95 -13.28
C GLU I 205 20.54 25.32 -13.07
N PHE I 206 21.00 26.37 -13.75
CA PHE I 206 22.39 26.78 -13.55
C PHE I 206 22.61 27.26 -12.11
N MET I 207 21.63 27.96 -11.56
CA MET I 207 21.68 28.39 -10.17
C MET I 207 21.75 27.19 -9.22
N GLU I 208 21.02 26.11 -9.55
CA GLU I 208 20.95 24.90 -8.71
C GLU I 208 22.32 24.30 -8.43
N ARG I 209 23.29 24.53 -9.32
CA ARG I 209 24.59 23.89 -9.17
C ARG I 209 25.32 24.38 -7.92
N SER I 210 25.24 25.67 -7.60
CA SER I 210 25.87 26.21 -6.40
C SER I 210 24.88 26.73 -5.37
N PHE I 211 23.61 26.85 -5.69
CA PHE I 211 22.62 27.28 -4.72
C PHE I 211 21.42 26.32 -4.70
N PRO I 212 21.67 25.02 -4.52
CA PRO I 212 20.56 24.08 -4.59
C PRO I 212 19.47 24.32 -3.56
N ASP I 213 19.83 24.61 -2.30
CA ASP I 213 18.85 24.77 -1.24
CA ASP I 213 18.76 24.72 -1.32
C ASP I 213 18.08 26.09 -1.38
N LEU I 214 18.76 27.14 -1.84
CA LEU I 214 18.07 28.40 -2.09
C LEU I 214 17.04 28.24 -3.22
N VAL I 215 17.43 27.56 -4.30
CA VAL I 215 16.50 27.30 -5.40
C VAL I 215 15.33 26.44 -4.92
N LYS I 216 15.63 25.36 -4.19
CA LYS I 216 14.58 24.48 -3.66
C LYS I 216 13.57 25.27 -2.82
N GLU I 217 14.11 26.18 -1.99
CA GLU I 217 13.26 27.03 -1.11
C GLU I 217 12.58 28.12 -1.94
N VAL I 218 13.05 28.31 -3.18
CA VAL I 218 12.47 29.34 -4.10
C VAL I 218 11.51 28.65 -5.07
N THR I 219 11.64 27.33 -5.22
CA THR I 219 10.76 26.55 -6.13
C THR I 219 9.68 25.81 -5.32
N ARG I 220 9.67 26.02 -4.00
CA ARG I 220 8.67 25.37 -3.11
C ARG I 220 7.53 26.35 -2.80
N LEU I 221 7.66 27.60 -3.28
CA LEU I 221 6.64 28.61 -3.04
C LEU I 221 6.11 29.25 -4.31
N ILE I 222 6.91 29.28 -5.36
CA ILE I 222 6.54 29.96 -6.60
C ILE I 222 6.74 28.93 -7.71
N PRO I 223 5.68 28.50 -8.38
CA PRO I 223 5.87 27.58 -9.51
C PRO I 223 6.57 28.28 -10.66
N LEU I 224 7.23 27.46 -11.49
CA LEU I 224 8.06 27.95 -12.60
C LEU I 224 7.36 28.97 -13.49
N GLN I 225 6.06 28.74 -13.75
CA GLN I 225 5.27 29.64 -14.63
C GLN I 225 5.21 31.04 -13.99
N LYS I 226 4.93 31.10 -12.69
CA LYS I 226 4.83 32.37 -11.95
C LYS I 226 6.20 33.03 -11.85
N LEU I 227 7.24 32.23 -11.65
CA LEU I 227 8.60 32.74 -11.64
C LEU I 227 8.94 33.42 -12.96
N THR I 228 8.56 32.77 -14.08
CA THR I 228 8.80 33.33 -15.40
C THR I 228 8.06 34.65 -15.58
N GLU I 229 6.81 34.72 -15.13
CA GLU I 229 6.12 36.01 -15.18
C GLU I 229 6.91 37.08 -14.43
N ILE I 230 7.47 36.73 -13.26
CA ILE I 230 8.18 37.74 -12.46
C ILE I 230 9.46 38.22 -13.15
N PHE I 231 10.27 37.28 -13.65
CA PHE I 231 11.48 37.69 -14.37
C PHE I 231 11.11 38.54 -15.58
N LYS I 232 10.03 38.20 -16.25
CA LYS I 232 9.63 38.97 -17.42
C LYS I 232 9.21 40.38 -17.02
N ARG I 233 8.48 40.55 -15.91
CA ARG I 233 8.12 41.90 -15.52
C ARG I 233 9.37 42.73 -15.25
N LEU I 234 10.34 42.10 -14.58
CA LEU I 234 11.57 42.80 -14.27
C LEU I 234 12.24 43.30 -15.55
N VAL I 235 12.49 42.40 -16.51
CA VAL I 235 13.22 42.86 -17.70
C VAL I 235 12.38 43.79 -18.55
N GLN I 236 11.05 43.69 -18.47
CA GLN I 236 10.18 44.61 -19.19
C GLN I 236 10.41 46.04 -18.74
N GLU I 237 10.80 46.23 -17.47
CA GLU I 237 11.08 47.60 -17.02
C GLU I 237 12.59 47.88 -16.89
N GLN I 238 13.39 47.16 -17.69
CA GLN I 238 14.84 47.37 -17.81
C GLN I 238 15.59 47.05 -16.53
N ILE I 239 15.12 46.09 -15.75
CA ILE I 239 15.79 45.66 -14.53
C ILE I 239 16.55 44.36 -14.81
N SER I 240 17.87 44.39 -14.64
CA SER I 240 18.67 43.23 -14.96
C SER I 240 18.34 42.05 -14.04
N ILE I 241 18.34 40.84 -14.60
CA ILE I 241 18.12 39.64 -13.79
C ILE I 241 19.41 38.83 -13.77
N LYS I 242 20.55 39.52 -13.90
CA LYS I 242 21.81 38.82 -13.84
C LYS I 242 22.13 38.41 -12.40
N ASP I 243 21.74 39.22 -11.42
CA ASP I 243 22.05 38.92 -10.03
C ASP I 243 20.99 37.98 -9.46
N LEU I 244 21.10 36.72 -9.86
CA LEU I 244 20.10 35.73 -9.46
C LEU I 244 20.11 35.47 -7.97
N ARG I 245 21.26 35.54 -7.30
CA ARG I 245 21.25 35.28 -5.87
C ARG I 245 20.41 36.32 -5.15
N THR I 246 20.52 37.58 -5.54
CA THR I 246 19.75 38.61 -4.85
C THR I 246 18.26 38.40 -5.07
N ILE I 247 17.88 38.16 -6.32
CA ILE I 247 16.47 38.03 -6.66
C ILE I 247 15.88 36.81 -5.97
N LEU I 248 16.58 35.67 -6.03
CA LEU I 248 16.08 34.47 -5.37
C LEU I 248 16.01 34.66 -3.86
N GLU I 249 17.03 35.24 -3.25
CA GLU I 249 16.99 35.48 -1.81
C GLU I 249 15.81 36.38 -1.43
N SER I 250 15.55 37.40 -2.23
CA SER I 250 14.42 38.28 -1.94
C SER I 250 13.10 37.54 -2.06
N LEU I 251 12.91 36.79 -3.15
CA LEU I 251 11.68 36.00 -3.33
C LEU I 251 11.52 35.00 -2.21
N SER I 252 12.61 34.34 -1.81
CA SER I 252 12.54 33.37 -0.73
C SER I 252 12.05 34.01 0.56
N GLU I 253 12.37 35.29 0.78
CA GLU I 253 11.84 35.94 1.97
C GLU I 253 10.37 36.33 1.79
N TRP I 254 10.02 36.94 0.64
CA TRP I 254 8.68 37.52 0.56
C TRP I 254 7.60 36.54 0.12
N ALA I 255 7.94 35.45 -0.56
CA ALA I 255 6.93 34.50 -0.95
C ALA I 255 6.38 33.70 0.23
N GLN I 256 7.02 33.73 1.41
CA GLN I 256 6.46 33.03 2.56
C GLN I 256 5.07 33.56 2.94
N THR I 257 4.71 34.76 2.49
CA THR I 257 3.47 35.40 2.94
C THR I 257 2.62 35.95 1.80
N GLU I 258 3.27 36.36 0.70
CA GLU I 258 2.62 37.05 -0.41
C GLU I 258 2.58 36.19 -1.65
N LYS I 259 1.39 36.02 -2.22
CA LYS I 259 1.19 35.24 -3.42
C LYS I 259 1.20 36.09 -4.69
N ASP I 260 0.79 37.35 -4.60
CA ASP I 260 0.65 38.19 -5.78
C ASP I 260 1.97 38.33 -6.52
N THR I 261 1.95 38.03 -7.82
CA THR I 261 3.18 38.10 -8.61
C THR I 261 3.65 39.55 -8.78
N VAL I 262 2.73 40.50 -8.85
CA VAL I 262 3.13 41.89 -9.04
C VAL I 262 3.80 42.44 -7.77
N LEU I 263 3.27 42.08 -6.59
CA LEU I 263 3.87 42.53 -5.33
C LEU I 263 5.24 41.89 -5.11
N LEU I 264 5.38 40.60 -5.44
CA LEU I 264 6.69 39.98 -5.36
C LEU I 264 7.68 40.68 -6.28
N THR I 265 7.22 41.08 -7.47
CA THR I 265 8.08 41.82 -8.37
C THR I 265 8.53 43.13 -7.73
N GLU I 266 7.59 43.82 -7.06
CA GLU I 266 7.96 45.07 -6.40
C GLU I 266 9.04 44.84 -5.36
N TYR I 267 8.88 43.78 -4.55
CA TYR I 267 9.87 43.49 -3.51
C TYR I 267 11.23 43.21 -4.12
N VAL I 268 11.29 42.44 -5.21
CA VAL I 268 12.58 42.17 -5.84
C VAL I 268 13.23 43.47 -6.29
N ARG I 269 12.42 44.35 -6.92
CA ARG I 269 12.95 45.63 -7.35
C ARG I 269 13.54 46.39 -6.18
N SER I 270 12.77 46.55 -5.11
CA SER I 270 13.25 47.29 -3.95
C SER I 270 14.44 46.61 -3.30
N SER I 271 14.62 45.31 -3.55
CA SER I 271 15.80 44.64 -3.06
C SER I 271 17.01 44.91 -3.93
N LEU I 272 16.80 45.35 -5.17
CA LEU I 272 17.93 45.67 -6.03
C LEU I 272 18.33 47.15 -5.95
N LYS I 273 18.14 47.79 -4.80
CA LYS I 273 18.41 49.22 -4.64
C LYS I 273 19.73 49.65 -5.26
N LEU I 274 20.80 48.92 -4.96
CA LEU I 274 22.12 49.30 -5.46
C LEU I 274 22.16 49.31 -6.98
N TYR I 275 21.67 48.23 -7.60
CA TYR I 275 21.65 48.15 -9.07
C TYR I 275 20.82 49.27 -9.66
N ILE I 276 19.62 49.47 -9.11
CA ILE I 276 18.72 50.47 -9.68
C ILE I 276 19.32 51.85 -9.55
N SER I 277 19.87 52.18 -8.37
CA SER I 277 20.50 53.47 -8.14
C SER I 277 21.65 53.69 -9.10
N PHE I 278 22.53 52.71 -9.25
CA PHE I 278 23.66 52.90 -10.15
C PHE I 278 23.19 53.05 -11.60
N LYS I 279 22.22 52.24 -12.03
CA LYS I 279 21.80 52.27 -13.43
C LYS I 279 21.11 53.58 -13.77
N PHE I 280 20.05 53.93 -13.02
CA PHE I 280 19.26 55.11 -13.37
C PHE I 280 19.87 56.41 -12.87
N SER I 281 20.84 56.37 -11.93
CA SER I 281 21.66 57.52 -11.62
C SER I 281 22.85 57.55 -12.56
N GLN I 282 22.86 56.63 -13.53
CA GLN I 282 23.91 56.54 -14.56
C GLN I 282 25.33 56.57 -14.00
N GLY I 283 25.53 56.08 -12.77
CA GLY I 283 26.85 55.95 -12.19
C GLY I 283 27.42 57.22 -11.60
N GLN I 284 26.56 58.19 -11.25
CA GLN I 284 27.00 59.47 -10.71
C GLN I 284 26.53 59.58 -9.26
N SER I 285 26.95 60.66 -8.63
CA SER I 285 26.60 60.81 -7.21
C SER I 285 25.17 61.24 -7.01
N ALA I 286 24.40 61.43 -8.07
CA ALA I 286 23.08 62.03 -7.97
C ALA I 286 22.21 61.61 -9.15
N ILE I 287 21.10 60.96 -8.86
CA ILE I 287 20.15 60.60 -9.90
C ILE I 287 19.31 61.81 -10.24
N SER I 288 19.18 62.12 -11.53
CA SER I 288 18.36 63.25 -11.98
C SER I 288 17.01 62.70 -12.44
N VAL I 289 15.93 63.17 -11.80
CA VAL I 289 14.62 62.57 -11.94
C VAL I 289 13.56 63.65 -12.06
N TYR I 290 12.39 63.24 -12.56
CA TYR I 290 11.18 64.04 -12.48
C TYR I 290 10.35 63.55 -11.31
N LEU I 291 9.58 64.45 -10.72
CA LEU I 291 8.73 64.18 -9.58
C LEU I 291 7.28 64.44 -9.94
N LEU I 292 6.40 64.16 -8.99
CA LEU I 292 4.97 64.38 -9.11
C LEU I 292 4.51 65.52 -8.20
N ASP I 293 3.24 65.88 -8.38
CA ASP I 293 2.48 66.67 -7.43
C ASP I 293 1.90 65.72 -6.37
N PRO I 294 1.92 66.09 -5.08
CA PRO I 294 1.22 65.24 -4.09
C PRO I 294 -0.23 65.00 -4.48
N GLU I 295 -0.84 65.99 -5.13
CA GLU I 295 -2.19 65.89 -5.65
C GLU I 295 -2.31 64.76 -6.68
N ILE I 296 -1.32 64.64 -7.57
CA ILE I 296 -1.36 63.57 -8.57
C ILE I 296 -1.24 62.21 -7.91
N GLU I 297 -0.30 62.06 -6.97
CA GLU I 297 -0.11 60.77 -6.30
C GLU I 297 -1.40 60.32 -5.63
N GLU I 298 -1.91 61.17 -4.73
CA GLU I 298 -3.07 60.77 -3.96
C GLU I 298 -4.34 60.73 -4.81
N MET I 299 -4.37 61.36 -5.98
CA MET I 299 -5.47 61.13 -6.91
C MET I 299 -5.35 59.76 -7.57
N ILE I 300 -4.11 59.34 -7.88
CA ILE I 300 -3.91 58.01 -8.45
C ILE I 300 -4.22 56.92 -7.43
N ARG I 301 -4.22 57.26 -6.13
CA ARG I 301 -4.62 56.26 -5.15
C ARG I 301 -6.12 55.88 -5.24
N GLY I 302 -6.88 56.40 -6.20
CA GLY I 302 -8.26 56.02 -6.41
C GLY I 302 -8.45 55.17 -7.66
N ALA I 303 -9.70 54.75 -7.86
CA ALA I 303 -10.12 53.89 -8.98
C ALA I 303 -9.08 52.80 -9.26
N ILE I 304 -8.69 52.08 -8.19
CA ILE I 304 -7.56 51.14 -8.21
C ILE I 304 -8.04 49.73 -8.57
N LYS I 305 -7.12 48.96 -9.13
CA LYS I 305 -7.28 47.59 -9.62
C LYS I 305 -6.38 46.65 -8.80
N GLN I 306 -6.19 45.44 -9.31
CA GLN I 306 -5.26 44.44 -8.73
C GLN I 306 -5.81 43.78 -7.47
N PRO I 317 -10.83 57.47 -15.45
CA PRO I 317 -11.04 57.55 -16.91
C PRO I 317 -10.69 58.94 -17.46
N ASP I 318 -11.49 59.94 -17.07
CA ASP I 318 -11.24 61.31 -17.49
C ASP I 318 -9.95 61.88 -16.89
N SER I 319 -9.52 61.35 -15.73
CA SER I 319 -8.33 61.84 -15.05
C SER I 319 -7.04 61.49 -15.78
N VAL I 320 -7.00 60.32 -16.43
CA VAL I 320 -5.84 59.91 -17.21
C VAL I 320 -5.49 60.96 -18.27
N ASN I 321 -6.51 61.59 -18.85
CA ASN I 321 -6.30 62.53 -19.93
C ASN I 321 -5.78 63.86 -19.43
N LEU I 322 -5.94 64.12 -18.13
CA LEU I 322 -5.36 65.27 -17.46
C LEU I 322 -3.93 64.99 -17.01
N ILE I 323 -3.65 63.73 -16.70
CA ILE I 323 -2.32 63.35 -16.23
C ILE I 323 -1.33 63.35 -17.39
N LEU I 324 -1.77 62.97 -18.59
CA LEU I 324 -0.85 62.99 -19.73
C LEU I 324 -0.34 64.40 -20.06
N LYS I 325 -1.24 65.40 -20.00
CA LYS I 325 -0.96 66.72 -20.57
C LYS I 325 0.29 67.34 -19.96
N SER I 326 0.34 67.46 -18.64
CA SER I 326 1.45 68.18 -18.02
C SER I 326 2.78 67.47 -18.27
N MET I 327 2.75 66.13 -18.34
CA MET I 327 3.97 65.39 -18.61
C MET I 327 4.51 65.65 -20.01
N ARG I 328 3.64 65.67 -21.02
CA ARG I 328 4.13 65.67 -22.40
C ARG I 328 5.10 66.82 -22.70
N ASN I 329 4.82 68.02 -22.23
CA ASN I 329 5.65 69.18 -22.55
C ASN I 329 6.73 69.51 -21.52
N THR I 330 6.87 68.71 -20.44
CA THR I 330 7.90 68.99 -19.46
C THR I 330 8.99 67.92 -19.42
N ILE I 331 8.70 66.72 -19.93
CA ILE I 331 9.78 65.76 -20.20
C ILE I 331 10.45 66.27 -21.48
N THR I 332 11.55 67.01 -21.31
CA THR I 332 12.35 67.50 -22.42
C THR I 332 12.65 66.34 -23.37
N PRO I 333 12.20 66.41 -24.65
CA PRO I 333 12.39 65.26 -25.55
C PRO I 333 13.84 64.79 -25.54
N THR I 334 14.02 63.58 -25.02
CA THR I 334 15.29 63.00 -24.59
C THR I 334 16.45 63.32 -25.53
N PRO I 335 17.46 64.06 -25.05
CA PRO I 335 18.68 64.37 -25.81
C PRO I 335 19.64 63.18 -25.90
N GLN I 339 20.30 59.00 -23.16
CA GLN I 339 19.66 58.09 -22.20
C GLN I 339 18.31 58.61 -21.74
N PRO I 340 17.38 57.70 -21.49
CA PRO I 340 16.02 58.10 -21.17
C PRO I 340 15.93 58.69 -19.77
N PRO I 341 14.86 59.44 -19.50
CA PRO I 341 14.69 60.07 -18.19
C PRO I 341 14.17 59.09 -17.15
N VAL I 342 14.21 59.54 -15.90
CA VAL I 342 13.78 58.74 -14.77
C VAL I 342 12.68 59.50 -14.04
N LEU I 343 11.61 58.80 -13.71
CA LEU I 343 10.48 59.40 -13.00
C LEU I 343 10.38 58.75 -11.62
N LEU I 344 10.67 59.52 -10.58
CA LEU I 344 10.69 59.03 -9.20
C LEU I 344 9.38 59.41 -8.52
N THR I 345 8.69 58.41 -7.98
CA THR I 345 7.40 58.61 -7.32
C THR I 345 7.40 57.89 -5.98
N ALA I 346 6.32 58.08 -5.22
CA ALA I 346 6.16 57.36 -3.97
C ALA I 346 5.88 55.88 -4.25
N ILE I 347 6.11 55.05 -3.23
CA ILE I 347 6.06 53.60 -3.40
C ILE I 347 4.68 53.14 -3.86
N ASP I 348 3.64 53.49 -3.09
CA ASP I 348 2.31 52.88 -3.26
C ASP I 348 1.66 53.16 -4.61
N VAL I 349 2.30 53.97 -5.46
CA VAL I 349 1.76 54.26 -6.78
C VAL I 349 2.64 53.74 -7.91
N ARG I 350 3.88 53.33 -7.63
CA ARG I 350 4.87 53.17 -8.69
C ARG I 350 4.38 52.25 -9.80
N ARG I 351 4.00 51.02 -9.47
CA ARG I 351 3.64 50.07 -10.51
C ARG I 351 2.47 50.61 -11.34
N TYR I 352 1.49 51.23 -10.68
CA TYR I 352 0.36 51.74 -11.44
C TYR I 352 0.80 52.86 -12.36
N VAL I 353 1.68 53.73 -11.88
CA VAL I 353 2.21 54.80 -12.73
C VAL I 353 2.80 54.21 -13.99
N ARG I 354 3.55 53.10 -13.84
CA ARG I 354 4.12 52.44 -15.02
C ARG I 354 3.03 52.09 -16.03
N LYS I 355 2.03 51.29 -15.61
CA LYS I 355 0.99 50.89 -16.55
C LYS I 355 0.19 52.07 -17.08
N LEU I 356 0.45 53.26 -16.55
CA LEU I 356 -0.28 54.45 -16.99
C LEU I 356 0.42 55.17 -18.14
N ILE I 357 1.75 55.10 -18.19
CA ILE I 357 2.52 55.81 -19.21
C ILE I 357 3.20 54.87 -20.20
N GLU I 358 3.10 53.55 -19.98
CA GLU I 358 3.93 52.62 -20.75
C GLU I 358 3.61 52.66 -22.24
N THR I 359 2.43 53.14 -22.62
CA THR I 359 2.06 53.15 -24.03
C THR I 359 2.64 54.38 -24.75
N GLU I 360 2.54 55.57 -24.14
CA GLU I 360 3.07 56.80 -24.74
C GLU I 360 4.52 57.10 -24.40
N PHE I 361 4.95 56.77 -23.18
CA PHE I 361 6.32 57.00 -22.73
C PHE I 361 6.90 55.67 -22.30
N PRO I 362 7.13 54.76 -23.25
CA PRO I 362 7.50 53.39 -22.87
C PRO I 362 8.86 53.28 -22.25
N ASP I 363 9.76 54.22 -22.56
CA ASP I 363 11.16 54.14 -22.15
C ASP I 363 11.47 54.91 -20.88
N ILE I 364 10.49 55.58 -20.27
CA ILE I 364 10.71 56.29 -19.02
C ILE I 364 10.75 55.27 -17.89
N ALA I 365 11.84 55.27 -17.11
CA ALA I 365 11.98 54.38 -15.97
C ALA I 365 11.22 54.97 -14.78
N VAL I 366 10.26 54.22 -14.25
CA VAL I 366 9.49 54.65 -13.10
C VAL I 366 10.05 53.91 -11.88
N ILE I 367 10.68 54.65 -10.97
CA ILE I 367 11.24 54.06 -9.77
C ILE I 367 10.67 54.78 -8.55
N SER I 368 10.84 54.16 -7.38
CA SER I 368 10.33 54.69 -6.12
C SER I 368 11.45 54.79 -5.09
N TYR I 369 11.15 55.52 -4.02
CA TYR I 369 12.13 55.74 -2.94
C TYR I 369 12.63 54.43 -2.35
N GLN I 370 11.81 53.38 -2.39
CA GLN I 370 12.16 52.05 -1.91
C GLN I 370 13.23 51.37 -2.77
N GLU I 371 13.54 51.93 -3.94
CA GLU I 371 14.41 51.30 -4.93
C GLU I 371 15.71 52.05 -5.16
N ILE I 372 15.93 53.16 -4.46
CA ILE I 372 17.18 53.90 -4.53
C ILE I 372 17.82 53.87 -3.15
N LEU I 373 19.14 54.07 -3.15
CA LEU I 373 19.90 54.08 -1.89
C LEU I 373 19.47 55.27 -1.01
N PRO I 374 19.46 55.10 0.31
CA PRO I 374 19.11 56.24 1.19
C PRO I 374 20.04 57.43 1.05
N GLU I 375 21.30 57.21 0.66
CA GLU I 375 22.30 58.28 0.60
C GLU I 375 22.44 58.91 -0.78
N ILE I 376 21.56 58.60 -1.72
CA ILE I 376 21.69 59.14 -3.06
C ILE I 376 21.07 60.53 -3.11
N ARG I 377 21.62 61.39 -3.97
CA ARG I 377 21.21 62.79 -4.07
C ARG I 377 20.22 62.98 -5.21
N ILE I 378 19.11 63.63 -4.91
CA ILE I 378 18.00 63.79 -5.87
C ILE I 378 18.04 65.19 -6.48
N GLN I 379 18.04 65.25 -7.81
CA GLN I 379 18.05 66.50 -8.57
C GLN I 379 16.73 66.64 -9.33
N PRO I 380 15.70 67.24 -8.73
CA PRO I 380 14.40 67.36 -9.42
C PRO I 380 14.50 68.13 -10.73
N LEU I 381 13.57 67.81 -11.64
CA LEU I 381 13.50 68.47 -12.95
C LEU I 381 12.14 69.08 -13.27
N GLY I 382 11.06 68.61 -12.64
CA GLY I 382 9.74 69.17 -12.85
C GLY I 382 8.65 68.25 -12.35
N ARG I 383 7.67 68.81 -11.67
CA ARG I 383 6.58 68.05 -11.07
C ARG I 383 5.30 68.50 -11.78
N ILE I 384 4.99 67.80 -12.86
CA ILE I 384 3.91 68.21 -13.76
C ILE I 384 2.57 68.04 -13.06
N GLN I 385 1.66 69.00 -13.29
CA GLN I 385 0.33 69.01 -12.66
C GLN I 385 -0.74 69.64 -13.56
#